data_3BP9
#
_entry.id   3BP9
#
_cell.length_a   86.264
_cell.length_b   86.832
_cell.length_c   152.360
_cell.angle_alpha   89.120
_cell.angle_beta   90.040
_cell.angle_gamma   60.260
#
_symmetry.space_group_name_H-M   'P 1'
#
loop_
_entity.id
_entity.type
_entity.pdbx_description
1 polymer 'Gag protein'
2 non-polymer 'ISOPROPYL ALCOHOL'
3 non-polymer GLYCEROL
4 water water
#
_entity_poly.entity_id   1
_entity_poly.type   'polypeptide(L)'
_entity_poly.pdbx_seq_one_letter_code
;PLRLGGNGQLQYWPFSSSDLYNWKNNNPSFSEDPGKLTALIESVLTTHQPTWDDCQQLLGTLLTGEEKQRVLLEARKAVR
GNDGRPTQLPNEVDAAFPLERPDWDYTTTEGRNHLVLYRQLLLAGLQNAGRSLEHHHHHH
;
_entity_poly.pdbx_strand_id   A,B,C,D,E,F,G,H,I,J,K,L,M,N,O,P,Q,R,S,T,U,V,X,Y
#
# COMPACT_ATOMS: atom_id res chain seq x y z
N PRO A 1 -38.51 -4.65 0.99
CA PRO A 1 -38.01 -5.30 2.19
C PRO A 1 -38.75 -4.97 3.48
N LEU A 2 -38.70 -5.88 4.44
CA LEU A 2 -39.35 -5.66 5.74
C LEU A 2 -38.30 -5.63 6.86
N ARG A 3 -38.54 -4.79 7.87
CA ARG A 3 -37.71 -4.78 9.09
C ARG A 3 -38.33 -3.91 10.23
N LEU A 4 -37.96 -4.20 11.50
CA LEU A 4 -38.30 -3.32 12.65
C LEU A 4 -37.45 -2.02 12.65
N GLY A 5 -38.07 -0.88 12.96
CA GLY A 5 -37.37 0.43 12.87
C GLY A 5 -36.59 0.84 14.11
N GLY A 6 -36.19 2.11 14.17
CA GLY A 6 -35.46 2.67 15.33
C GLY A 6 -36.28 2.74 16.64
N ASN A 7 -37.61 2.59 16.49
CA ASN A 7 -38.54 2.44 17.60
C ASN A 7 -39.44 1.18 17.47
N GLY A 8 -39.11 0.27 16.57
CA GLY A 8 -39.77 -1.04 16.55
C GLY A 8 -41.23 -1.13 16.14
N GLN A 9 -41.51 -0.94 14.84
CA GLN A 9 -42.73 -1.49 14.16
C GLN A 9 -42.45 -1.97 12.70
N LEU A 10 -42.57 -3.30 12.47
CA LEU A 10 -42.25 -4.03 11.20
C LEU A 10 -42.67 -3.27 9.96
N GLN A 11 -41.68 -2.70 9.27
CA GLN A 11 -41.89 -1.67 8.26
C GLN A 11 -41.32 -2.07 6.88
N TYR A 12 -41.71 -1.31 5.85
CA TYR A 12 -41.50 -1.69 4.44
C TYR A 12 -40.68 -0.66 3.72
N TRP A 13 -39.76 -1.13 2.89
CA TRP A 13 -39.11 -0.24 1.95
C TRP A 13 -38.71 -0.95 0.65
N PRO A 14 -38.91 -0.31 -0.49
CA PRO A 14 -38.61 -0.97 -1.74
C PRO A 14 -37.17 -1.42 -1.91
N PHE A 15 -36.94 -2.45 -2.68
CA PHE A 15 -35.58 -2.75 -3.04
C PHE A 15 -35.01 -1.50 -3.69
N SER A 16 -33.74 -1.24 -3.46
CA SER A 16 -33.05 -0.23 -4.22
C SER A 16 -32.64 -0.83 -5.55
N SER A 17 -32.91 -0.12 -6.63
CA SER A 17 -32.55 -0.64 -7.94
C SER A 17 -31.07 -1.08 -8.07
N SER A 18 -30.17 -0.41 -7.34
CA SER A 18 -28.75 -0.77 -7.28
C SER A 18 -28.49 -2.14 -6.77
N ASP A 19 -29.28 -2.58 -5.83
CA ASP A 19 -29.05 -3.86 -5.26
C ASP A 19 -29.44 -4.93 -6.29
N LEU A 20 -30.59 -4.75 -6.92
CA LEU A 20 -31.10 -5.72 -7.90
C LEU A 20 -30.19 -5.89 -9.12
N TYR A 21 -29.53 -4.82 -9.57
CA TYR A 21 -28.67 -4.91 -10.75
C TYR A 21 -27.24 -5.32 -10.35
N ASN A 22 -26.81 -4.95 -9.13
CA ASN A 22 -25.53 -5.47 -8.61
C ASN A 22 -25.62 -7.00 -8.49
N TRP A 23 -26.74 -7.49 -7.96
CA TRP A 23 -26.93 -8.94 -7.88
C TRP A 23 -26.86 -9.60 -9.29
N LYS A 24 -27.56 -9.00 -10.26
CA LYS A 24 -27.56 -9.45 -11.63
C LYS A 24 -26.16 -9.41 -12.22
N ASN A 25 -25.48 -8.28 -12.09
CA ASN A 25 -24.17 -8.12 -12.75
C ASN A 25 -22.96 -8.84 -12.14
N ASN A 26 -23.04 -9.30 -10.90
CA ASN A 26 -21.88 -9.93 -10.28
C ASN A 26 -21.99 -11.44 -10.24
N ASN A 27 -23.10 -11.97 -10.72
CA ASN A 27 -23.25 -13.40 -10.79
C ASN A 27 -23.57 -13.78 -12.22
N PRO A 28 -23.29 -15.04 -12.58
CA PRO A 28 -23.79 -15.54 -13.87
C PRO A 28 -25.31 -15.74 -13.88
N SER A 29 -25.86 -15.83 -15.08
CA SER A 29 -27.29 -16.05 -15.27
C SER A 29 -27.70 -17.34 -14.59
N PHE A 30 -29.00 -17.49 -14.40
CA PHE A 30 -29.48 -18.65 -13.70
C PHE A 30 -29.06 -19.92 -14.42
N SER A 31 -29.16 -19.90 -15.74
CA SER A 31 -28.95 -21.10 -16.56
C SER A 31 -27.50 -21.58 -16.44
N GLU A 32 -26.57 -20.87 -17.07
CA GLU A 32 -25.11 -21.00 -16.79
C GLU A 32 -24.73 -21.77 -15.53
N ASP A 33 -25.21 -21.32 -14.38
CA ASP A 33 -24.77 -21.87 -13.08
C ASP A 33 -25.78 -21.56 -11.97
N PRO A 34 -26.88 -22.31 -11.87
CA PRO A 34 -28.01 -21.98 -10.98
C PRO A 34 -27.73 -21.86 -9.49
N GLY A 35 -26.65 -22.48 -9.02
CA GLY A 35 -26.28 -22.44 -7.60
C GLY A 35 -25.95 -21.07 -7.06
N LYS A 36 -25.32 -20.25 -7.89
CA LYS A 36 -24.98 -18.88 -7.53
C LYS A 36 -26.20 -18.07 -7.15
N LEU A 37 -27.09 -17.86 -8.13
CA LEU A 37 -28.31 -17.06 -7.92
C LEU A 37 -29.31 -17.67 -6.95
N THR A 38 -29.25 -18.99 -6.76
CA THR A 38 -30.09 -19.65 -5.73
C THR A 38 -29.50 -19.34 -4.34
N ALA A 39 -28.18 -19.39 -4.26
CA ALA A 39 -27.49 -19.14 -2.99
C ALA A 39 -27.73 -17.70 -2.65
N LEU A 40 -27.66 -16.83 -3.66
CA LEU A 40 -27.93 -15.42 -3.46
C LEU A 40 -29.39 -15.24 -3.00
N ILE A 41 -30.34 -15.69 -3.81
CA ILE A 41 -31.72 -15.36 -3.49
C ILE A 41 -32.00 -15.88 -2.13
N GLU A 42 -31.46 -17.06 -1.82
CA GLU A 42 -31.76 -17.67 -0.53
C GLU A 42 -31.50 -16.68 0.60
N SER A 43 -30.29 -16.15 0.58
CA SER A 43 -29.83 -15.19 1.54
C SER A 43 -30.76 -14.00 1.62
N VAL A 44 -31.01 -13.37 0.49
CA VAL A 44 -31.87 -12.18 0.45
C VAL A 44 -33.29 -12.48 0.96
N LEU A 45 -33.77 -13.70 0.70
CA LEU A 45 -35.08 -14.06 1.22
C LEU A 45 -35.07 -13.91 2.76
N THR A 46 -33.90 -14.05 3.40
CA THR A 46 -33.80 -13.85 4.85
C THR A 46 -33.37 -12.42 5.29
N THR A 47 -32.23 -11.94 4.83
CA THR A 47 -31.73 -10.67 5.27
C THR A 47 -32.72 -9.53 4.95
N HIS A 48 -33.31 -9.55 3.77
CA HIS A 48 -34.27 -8.51 3.34
C HIS A 48 -35.72 -8.84 3.55
N GLN A 49 -36.05 -10.11 3.83
CA GLN A 49 -37.41 -10.43 4.27
C GLN A 49 -38.51 -9.88 3.32
N PRO A 50 -38.37 -10.13 2.02
CA PRO A 50 -39.17 -9.46 1.00
C PRO A 50 -40.65 -9.73 1.09
N THR A 51 -41.49 -8.76 0.67
CA THR A 51 -42.94 -9.01 0.48
C THR A 51 -43.17 -9.91 -0.75
N TRP A 52 -44.41 -10.21 -1.06
CA TRP A 52 -44.74 -10.93 -2.29
C TRP A 52 -44.31 -10.10 -3.47
N ASP A 53 -44.74 -8.83 -3.47
CA ASP A 53 -44.32 -7.90 -4.52
C ASP A 53 -42.80 -7.79 -4.61
N ASP A 54 -42.10 -7.67 -3.49
CA ASP A 54 -40.64 -7.70 -3.54
C ASP A 54 -40.13 -8.99 -4.24
N CYS A 55 -40.75 -10.13 -3.96
CA CYS A 55 -40.25 -11.35 -4.64
C CYS A 55 -40.40 -11.34 -6.15
N GLN A 56 -41.49 -10.71 -6.63
CA GLN A 56 -41.74 -10.62 -8.08
C GLN A 56 -40.65 -9.84 -8.78
N GLN A 57 -40.27 -8.72 -8.16
CA GLN A 57 -39.17 -7.88 -8.65
C GLN A 57 -37.90 -8.66 -8.62
N LEU A 58 -37.74 -9.44 -7.58
CA LEU A 58 -36.48 -10.13 -7.38
C LEU A 58 -36.32 -11.12 -8.53
N LEU A 59 -37.36 -11.93 -8.77
CA LEU A 59 -37.32 -12.93 -9.84
C LEU A 59 -37.35 -12.26 -11.25
N GLY A 60 -38.16 -11.21 -11.39
CA GLY A 60 -38.20 -10.46 -12.64
C GLY A 60 -36.85 -9.90 -13.07
N THR A 61 -36.00 -9.59 -12.11
CA THR A 61 -34.78 -8.93 -12.45
C THR A 61 -33.69 -9.94 -12.70
N LEU A 62 -33.64 -10.96 -11.86
CA LEU A 62 -32.51 -11.90 -11.87
C LEU A 62 -32.68 -13.04 -12.87
N LEU A 63 -33.94 -13.46 -13.10
CA LEU A 63 -34.29 -14.57 -14.02
C LEU A 63 -34.87 -14.10 -15.38
N THR A 64 -34.50 -14.78 -16.46
CA THR A 64 -35.25 -14.66 -17.70
C THR A 64 -36.66 -15.21 -17.49
N GLY A 65 -37.67 -14.61 -18.13
CA GLY A 65 -39.07 -15.04 -17.97
C GLY A 65 -39.27 -16.53 -18.14
N GLU A 66 -38.45 -17.14 -19.00
CA GLU A 66 -38.46 -18.58 -19.17
C GLU A 66 -38.10 -19.19 -17.84
N GLU A 67 -36.85 -18.93 -17.38
CA GLU A 67 -36.38 -19.39 -16.07
C GLU A 67 -37.37 -19.09 -14.93
N LYS A 68 -37.86 -17.86 -14.85
CA LYS A 68 -38.83 -17.54 -13.81
C LYS A 68 -39.99 -18.51 -13.88
N GLN A 69 -40.47 -18.78 -15.09
CA GLN A 69 -41.66 -19.59 -15.30
C GLN A 69 -41.44 -21.01 -14.77
N ARG A 70 -40.31 -21.61 -15.15
CA ARG A 70 -39.85 -22.87 -14.56
C ARG A 70 -39.99 -22.85 -13.05
N VAL A 71 -39.42 -21.82 -12.43
CA VAL A 71 -39.29 -21.73 -10.98
C VAL A 71 -40.62 -21.63 -10.30
N LEU A 72 -41.50 -20.79 -10.84
CA LEU A 72 -42.85 -20.68 -10.31
C LEU A 72 -43.53 -22.03 -10.36
N LEU A 73 -43.25 -22.78 -11.43
CA LEU A 73 -43.87 -24.10 -11.64
C LEU A 73 -43.42 -25.10 -10.53
N GLU A 74 -42.12 -25.13 -10.28
CA GLU A 74 -41.54 -26.04 -9.29
C GLU A 74 -41.91 -25.66 -7.87
N ALA A 75 -42.08 -24.37 -7.63
CA ALA A 75 -42.49 -23.85 -6.33
C ALA A 75 -43.90 -24.33 -6.05
N ARG A 76 -44.67 -24.50 -7.12
CA ARG A 76 -46.05 -25.02 -7.08
C ARG A 76 -46.03 -26.54 -6.90
N LYS A 77 -45.22 -27.19 -7.74
CA LYS A 77 -44.91 -28.61 -7.57
C LYS A 77 -44.58 -28.96 -6.12
N ALA A 78 -43.76 -28.13 -5.46
CA ALA A 78 -43.32 -28.45 -4.09
C ALA A 78 -44.37 -28.21 -3.00
N VAL A 79 -45.55 -27.69 -3.34
CA VAL A 79 -46.57 -27.42 -2.32
C VAL A 79 -47.13 -28.72 -1.80
N ARG A 80 -47.32 -28.76 -0.48
CA ARG A 80 -47.71 -29.99 0.21
C ARG A 80 -49.04 -29.76 0.93
N GLY A 81 -49.79 -30.87 1.04
CA GLY A 81 -51.05 -30.90 1.73
C GLY A 81 -50.81 -31.10 3.20
N ASN A 82 -51.85 -30.90 4.01
CA ASN A 82 -51.80 -31.19 5.43
C ASN A 82 -51.31 -32.63 5.65
N ASP A 83 -51.51 -33.50 4.66
CA ASP A 83 -51.04 -34.88 4.69
C ASP A 83 -49.54 -35.05 4.35
N GLY A 84 -48.90 -33.97 3.89
CA GLY A 84 -47.45 -33.99 3.68
C GLY A 84 -47.08 -34.59 2.36
N ARG A 85 -48.03 -34.58 1.44
CA ARG A 85 -47.85 -35.18 0.12
C ARG A 85 -48.02 -34.10 -0.93
N PRO A 86 -47.44 -34.32 -2.13
CA PRO A 86 -47.78 -33.54 -3.31
C PRO A 86 -49.27 -33.22 -3.41
N THR A 87 -49.62 -31.98 -3.72
CA THR A 87 -51.02 -31.61 -4.03
C THR A 87 -51.07 -30.62 -5.13
N GLN A 88 -51.68 -31.05 -6.22
CA GLN A 88 -52.01 -30.19 -7.34
C GLN A 88 -53.49 -29.82 -7.25
N LEU A 89 -54.07 -29.76 -6.05
CA LEU A 89 -55.45 -29.27 -5.90
C LEU A 89 -55.43 -27.79 -6.18
N PRO A 90 -55.90 -27.37 -7.38
CA PRO A 90 -55.79 -25.99 -7.84
C PRO A 90 -55.85 -24.90 -6.76
N ASN A 91 -56.76 -24.99 -5.79
CA ASN A 91 -56.84 -23.93 -4.78
C ASN A 91 -55.77 -24.09 -3.71
N GLU A 92 -55.42 -25.34 -3.38
CA GLU A 92 -54.32 -25.59 -2.45
C GLU A 92 -53.00 -24.96 -2.95
N VAL A 93 -52.68 -25.19 -4.22
CA VAL A 93 -51.44 -24.67 -4.83
C VAL A 93 -51.40 -23.14 -4.83
N ASP A 94 -52.57 -22.51 -4.75
CA ASP A 94 -52.69 -21.06 -4.81
C ASP A 94 -52.78 -20.38 -3.45
N ALA A 95 -53.31 -21.03 -2.42
CA ALA A 95 -53.17 -20.47 -1.04
C ALA A 95 -51.68 -20.34 -0.67
N ALA A 96 -50.92 -21.37 -1.01
CA ALA A 96 -49.50 -21.45 -0.61
C ALA A 96 -48.56 -20.60 -1.50
N PHE A 97 -48.86 -20.58 -2.79
CA PHE A 97 -48.03 -19.93 -3.74
C PHE A 97 -48.85 -19.30 -4.83
N PRO A 98 -49.52 -18.16 -4.53
CA PRO A 98 -50.31 -17.41 -5.52
C PRO A 98 -49.44 -16.88 -6.66
N LEU A 99 -49.94 -17.03 -7.89
CA LEU A 99 -49.30 -16.48 -9.06
C LEU A 99 -49.65 -15.01 -9.21
N GLU A 100 -50.78 -14.60 -8.61
CA GLU A 100 -51.21 -13.22 -8.67
C GLU A 100 -51.25 -12.67 -7.24
N ARG A 101 -51.04 -11.35 -7.11
CA ARG A 101 -50.81 -10.72 -5.83
C ARG A 101 -51.89 -11.10 -4.85
N PRO A 102 -51.50 -11.68 -3.71
CA PRO A 102 -52.42 -11.97 -2.61
C PRO A 102 -52.49 -10.80 -1.67
N ASP A 103 -53.56 -10.63 -0.92
CA ASP A 103 -53.56 -9.55 0.08
C ASP A 103 -53.15 -10.03 1.49
N TRP A 104 -52.08 -10.83 1.54
CA TRP A 104 -51.38 -11.19 2.78
C TRP A 104 -51.03 -9.93 3.55
N ASP A 105 -51.47 -9.84 4.81
CA ASP A 105 -51.14 -8.69 5.65
C ASP A 105 -49.90 -9.01 6.49
N TYR A 106 -48.79 -8.32 6.20
CA TYR A 106 -47.50 -8.68 6.80
C TYR A 106 -47.46 -8.34 8.31
N THR A 107 -48.34 -7.42 8.74
CA THR A 107 -48.44 -7.04 10.16
C THR A 107 -49.28 -8.01 11.03
N THR A 108 -49.52 -9.24 10.53
CA THR A 108 -50.35 -10.23 11.24
C THR A 108 -49.88 -11.66 11.01
N THR A 109 -50.25 -12.55 11.92
CA THR A 109 -49.74 -13.92 11.98
C THR A 109 -49.88 -14.75 10.71
N GLU A 110 -51.08 -14.75 10.11
CA GLU A 110 -51.33 -15.53 8.90
C GLU A 110 -50.55 -14.99 7.68
N GLY A 111 -50.44 -13.66 7.59
CA GLY A 111 -49.66 -13.05 6.51
C GLY A 111 -48.17 -13.38 6.60
N ARG A 112 -47.63 -13.18 7.80
CA ARG A 112 -46.20 -13.36 8.00
C ARG A 112 -45.90 -14.85 7.77
N ASN A 113 -46.85 -15.70 8.14
CA ASN A 113 -46.66 -17.14 7.96
C ASN A 113 -46.82 -17.55 6.50
N HIS A 114 -47.71 -16.86 5.79
CA HIS A 114 -47.87 -17.06 4.33
C HIS A 114 -46.59 -16.62 3.61
N LEU A 115 -46.09 -15.45 4.02
CA LEU A 115 -44.80 -14.96 3.55
C LEU A 115 -43.73 -16.06 3.71
N VAL A 116 -43.51 -16.52 4.95
CA VAL A 116 -42.52 -17.56 5.23
C VAL A 116 -42.65 -18.70 4.24
N LEU A 117 -43.86 -19.23 4.15
CA LEU A 117 -44.11 -20.41 3.30
C LEU A 117 -43.81 -20.10 1.83
N TYR A 118 -44.24 -18.90 1.39
CA TYR A 118 -43.93 -18.40 0.03
C TYR A 118 -42.45 -18.46 -0.27
N ARG A 119 -41.61 -18.02 0.67
CA ARG A 119 -40.17 -17.97 0.45
C ARG A 119 -39.55 -19.37 0.43
N GLN A 120 -39.94 -20.19 1.39
CA GLN A 120 -39.48 -21.59 1.41
C GLN A 120 -39.80 -22.24 0.07
N LEU A 121 -41.10 -22.25 -0.22
CA LEU A 121 -41.64 -22.66 -1.52
C LEU A 121 -40.85 -22.10 -2.70
N LEU A 122 -40.56 -20.78 -2.69
CA LEU A 122 -39.78 -20.15 -3.79
C LEU A 122 -38.41 -20.76 -3.89
N LEU A 123 -37.72 -20.85 -2.75
CA LEU A 123 -36.37 -21.48 -2.68
C LEU A 123 -36.40 -22.95 -3.19
N ALA A 124 -37.34 -23.74 -2.67
CA ALA A 124 -37.67 -25.08 -3.25
C ALA A 124 -37.71 -25.06 -4.79
N GLY A 125 -38.53 -24.13 -5.29
CA GLY A 125 -38.64 -23.87 -6.72
C GLY A 125 -37.33 -23.54 -7.42
N LEU A 126 -36.46 -22.77 -6.77
CA LEU A 126 -35.19 -22.36 -7.41
C LEU A 126 -34.27 -23.54 -7.59
N GLN A 127 -34.04 -24.25 -6.50
CA GLN A 127 -33.21 -25.46 -6.49
C GLN A 127 -33.73 -26.49 -7.49
N ASN A 128 -35.04 -26.82 -7.36
CA ASN A 128 -35.67 -27.81 -8.24
C ASN A 128 -35.43 -27.49 -9.71
N ALA A 129 -35.80 -26.28 -10.15
CA ALA A 129 -35.53 -25.86 -11.53
C ALA A 129 -34.02 -25.86 -11.86
N GLY A 130 -33.18 -25.85 -10.82
CA GLY A 130 -31.75 -26.09 -11.00
C GLY A 130 -31.47 -27.57 -11.22
N ARG A 131 -32.15 -28.42 -10.45
CA ARG A 131 -32.12 -29.89 -10.64
C ARG A 131 -33.01 -30.34 -11.83
N PRO B 1 -42.62 8.50 -4.21
CA PRO B 1 -43.03 7.34 -3.42
C PRO B 1 -43.80 7.64 -2.14
N LEU B 2 -44.72 6.77 -1.75
CA LEU B 2 -45.33 6.83 -0.43
C LEU B 2 -45.07 5.53 0.36
N ARG B 3 -44.96 5.67 1.68
CA ARG B 3 -44.93 4.50 2.55
C ARG B 3 -45.43 4.91 3.92
N LEU B 4 -45.98 3.95 4.69
CA LEU B 4 -46.52 4.21 6.07
C LEU B 4 -45.40 4.35 7.13
N LEU B 10 -47.96 8.05 7.01
CA LEU B 10 -47.94 7.93 5.55
C LEU B 10 -47.09 9.02 4.95
N GLN B 11 -45.89 8.66 4.48
CA GLN B 11 -44.80 9.59 4.21
C GLN B 11 -44.37 9.63 2.73
N TYR B 12 -44.05 10.84 2.24
CA TYR B 12 -43.70 11.05 0.83
C TYR B 12 -42.22 11.22 0.69
N TRP B 13 -41.66 10.64 -0.37
CA TRP B 13 -40.28 10.97 -0.73
C TRP B 13 -40.06 10.79 -2.25
N PRO B 14 -39.39 11.75 -2.92
CA PRO B 14 -39.25 11.61 -4.37
C PRO B 14 -38.41 10.44 -4.78
N PHE B 15 -38.59 10.01 -6.01
CA PHE B 15 -37.76 8.97 -6.57
C PHE B 15 -36.34 9.43 -6.53
N SER B 16 -35.45 8.51 -6.23
CA SER B 16 -34.05 8.72 -6.52
C SER B 16 -33.81 8.66 -8.05
N SER B 17 -32.93 9.47 -8.58
CA SER B 17 -32.77 9.54 -10.04
C SER B 17 -31.93 8.37 -10.52
N SER B 18 -31.01 7.88 -9.69
CA SER B 18 -30.42 6.56 -9.92
C SER B 18 -31.42 5.49 -10.16
N ASP B 19 -32.53 5.48 -9.44
CA ASP B 19 -33.46 4.42 -9.63
C ASP B 19 -34.17 4.57 -11.01
N LEU B 20 -34.55 5.80 -11.37
CA LEU B 20 -35.27 5.98 -12.62
C LEU B 20 -34.33 5.72 -13.83
N TYR B 21 -33.06 6.08 -13.77
CA TYR B 21 -32.15 5.80 -14.89
C TYR B 21 -31.64 4.36 -14.92
N ASN B 22 -31.53 3.68 -13.79
CA ASN B 22 -31.15 2.27 -13.84
C ASN B 22 -32.25 1.51 -14.56
N TRP B 23 -33.50 1.89 -14.29
CA TRP B 23 -34.63 1.20 -14.86
C TRP B 23 -34.66 1.41 -16.39
N LYS B 24 -34.41 2.63 -16.83
CA LYS B 24 -34.29 2.96 -18.23
C LYS B 24 -33.10 2.20 -18.85
N ASN B 25 -31.90 2.39 -18.32
CA ASN B 25 -30.71 1.72 -18.83
C ASN B 25 -30.69 0.19 -18.89
N ASN B 26 -31.55 -0.49 -18.14
CA ASN B 26 -31.45 -1.94 -17.98
C ASN B 26 -32.57 -2.68 -18.67
N ASN B 27 -33.32 -1.94 -19.47
CA ASN B 27 -34.40 -2.47 -20.23
C ASN B 27 -34.37 -1.79 -21.58
N PRO B 28 -35.03 -2.38 -22.58
CA PRO B 28 -35.25 -1.74 -23.86
C PRO B 28 -36.40 -0.79 -23.82
N SER B 29 -36.52 -0.07 -24.93
CA SER B 29 -37.60 0.85 -25.21
C SER B 29 -38.94 0.17 -25.03
N PHE B 30 -39.97 0.95 -24.77
CA PHE B 30 -41.30 0.42 -24.61
C PHE B 30 -41.77 -0.09 -25.96
N SER B 31 -41.27 0.55 -27.02
CA SER B 31 -41.63 0.15 -28.40
C SER B 31 -40.99 -1.17 -28.79
N GLU B 32 -39.72 -1.38 -28.43
CA GLU B 32 -39.09 -2.71 -28.65
C GLU B 32 -39.79 -3.82 -27.93
N ASP B 33 -40.43 -3.56 -26.80
CA ASP B 33 -40.81 -4.65 -25.89
C ASP B 33 -41.72 -4.15 -24.77
N PRO B 34 -42.95 -3.76 -25.09
CA PRO B 34 -43.78 -3.10 -24.09
C PRO B 34 -43.99 -3.94 -22.82
N GLY B 35 -44.03 -5.26 -22.95
CA GLY B 35 -44.18 -6.16 -21.78
C GLY B 35 -43.06 -6.07 -20.74
N LYS B 36 -41.88 -5.60 -21.15
CA LYS B 36 -40.76 -5.40 -20.24
C LYS B 36 -41.07 -4.23 -19.33
N LEU B 37 -40.90 -3.01 -19.84
CA LEU B 37 -41.16 -1.78 -19.08
C LEU B 37 -42.52 -1.78 -18.40
N THR B 38 -43.50 -2.46 -19.01
CA THR B 38 -44.81 -2.60 -18.40
C THR B 38 -44.82 -3.43 -17.13
N ALA B 39 -44.02 -4.49 -17.06
CA ALA B 39 -43.96 -5.32 -15.87
C ALA B 39 -43.20 -4.54 -14.79
N LEU B 40 -42.15 -3.84 -15.19
CA LEU B 40 -41.43 -2.96 -14.27
C LEU B 40 -42.35 -1.89 -13.68
N ILE B 41 -43.00 -1.10 -14.54
CA ILE B 41 -43.79 0.01 -14.05
C ILE B 41 -44.86 -0.55 -13.16
N GLU B 42 -45.48 -1.64 -13.59
CA GLU B 42 -46.59 -2.19 -12.86
C GLU B 42 -46.18 -2.46 -11.45
N SER B 43 -45.01 -3.04 -11.31
CA SER B 43 -44.53 -3.45 -10.02
C SER B 43 -44.22 -2.21 -9.19
N VAL B 44 -43.45 -1.29 -9.77
CA VAL B 44 -43.19 -0.01 -9.10
C VAL B 44 -44.46 0.72 -8.70
N LEU B 45 -45.56 0.50 -9.42
CA LEU B 45 -46.83 1.08 -9.04
C LEU B 45 -47.30 0.58 -7.67
N THR B 46 -47.03 -0.69 -7.37
CA THR B 46 -47.38 -1.21 -6.06
C THR B 46 -46.32 -0.89 -5.00
N THR B 47 -45.04 -1.09 -5.32
CA THR B 47 -44.02 -1.07 -4.30
C THR B 47 -43.63 0.34 -3.83
N HIS B 48 -43.66 1.31 -4.75
CA HIS B 48 -43.24 2.67 -4.42
C HIS B 48 -44.46 3.57 -4.29
N GLN B 49 -45.67 2.99 -4.41
CA GLN B 49 -46.90 3.76 -4.24
C GLN B 49 -46.79 5.20 -4.78
N PRO B 50 -46.50 5.38 -6.07
CA PRO B 50 -46.19 6.68 -6.62
C PRO B 50 -47.40 7.57 -6.65
N THR B 51 -47.16 8.88 -6.46
CA THR B 51 -48.18 9.90 -6.63
C THR B 51 -48.35 10.25 -8.12
N TRP B 52 -49.28 11.14 -8.43
CA TRP B 52 -49.47 11.57 -9.81
C TRP B 52 -48.15 12.12 -10.34
N ASP B 53 -47.45 12.94 -9.56
CA ASP B 53 -46.17 13.48 -10.06
C ASP B 53 -45.09 12.43 -10.25
N ASP B 54 -44.98 11.52 -9.30
CA ASP B 54 -44.11 10.36 -9.44
C ASP B 54 -44.41 9.64 -10.74
N CYS B 55 -45.70 9.35 -10.96
CA CYS B 55 -46.10 8.75 -12.25
C CYS B 55 -45.62 9.54 -13.44
N GLN B 56 -45.70 10.86 -13.36
CA GLN B 56 -45.25 11.69 -14.44
C GLN B 56 -43.79 11.47 -14.68
N GLN B 57 -42.99 11.30 -13.63
CA GLN B 57 -41.53 11.13 -13.82
C GLN B 57 -41.20 9.74 -14.31
N LEU B 58 -41.89 8.74 -13.76
CA LEU B 58 -41.79 7.38 -14.29
C LEU B 58 -42.00 7.37 -15.81
N LEU B 59 -43.15 7.86 -16.25
CA LEU B 59 -43.48 7.87 -17.68
C LEU B 59 -42.51 8.71 -18.49
N GLY B 60 -42.20 9.88 -17.96
CA GLY B 60 -41.37 10.85 -18.66
C GLY B 60 -39.96 10.38 -18.80
N THR B 61 -39.50 9.58 -17.84
CA THR B 61 -38.14 9.10 -17.90
C THR B 61 -38.05 7.84 -18.74
N LEU B 62 -39.00 6.91 -18.64
CA LEU B 62 -38.88 5.59 -19.33
C LEU B 62 -39.57 5.50 -20.70
N LEU B 63 -40.24 6.56 -21.12
CA LEU B 63 -40.94 6.57 -22.41
C LEU B 63 -40.50 7.78 -23.23
N THR B 64 -40.50 7.62 -24.54
CA THR B 64 -40.38 8.75 -25.44
C THR B 64 -41.69 9.48 -25.35
N GLY B 65 -41.71 10.77 -25.71
CA GLY B 65 -42.96 11.57 -25.75
C GLY B 65 -44.11 10.95 -26.55
N GLU B 66 -43.81 10.29 -27.67
CA GLU B 66 -44.82 9.65 -28.53
C GLU B 66 -45.52 8.53 -27.77
N GLU B 67 -44.72 7.72 -27.11
CA GLU B 67 -45.19 6.56 -26.36
C GLU B 67 -46.02 7.00 -25.14
N LYS B 68 -45.54 7.99 -24.42
CA LYS B 68 -46.23 8.49 -23.23
C LYS B 68 -47.61 8.96 -23.60
N GLN B 69 -47.68 9.66 -24.72
CA GLN B 69 -48.90 10.30 -25.18
C GLN B 69 -49.90 9.26 -25.61
N ARG B 70 -49.45 8.19 -26.26
CA ARG B 70 -50.30 7.06 -26.56
C ARG B 70 -50.84 6.39 -25.30
N VAL B 71 -49.91 5.96 -24.42
CA VAL B 71 -50.22 5.35 -23.13
C VAL B 71 -51.27 6.15 -22.41
N LEU B 72 -51.04 7.47 -22.32
CA LEU B 72 -51.99 8.41 -21.67
C LEU B 72 -53.34 8.47 -22.37
N LEU B 73 -53.31 8.49 -23.71
CA LEU B 73 -54.54 8.46 -24.50
C LEU B 73 -55.30 7.20 -24.16
N GLU B 74 -54.60 6.07 -24.12
CA GLU B 74 -55.26 4.78 -23.81
C GLU B 74 -55.78 4.69 -22.40
N ALA B 75 -55.04 5.22 -21.44
CA ALA B 75 -55.51 5.16 -20.07
C ALA B 75 -56.86 5.90 -20.01
N ARG B 76 -56.91 7.03 -20.69
CA ARG B 76 -58.12 7.88 -20.66
C ARG B 76 -59.29 7.22 -21.35
N LYS B 77 -59.05 6.44 -22.41
CA LYS B 77 -60.20 5.74 -22.97
C LYS B 77 -60.54 4.38 -22.33
N ALA B 78 -59.85 4.02 -21.24
CA ALA B 78 -60.36 2.97 -20.36
C ALA B 78 -61.21 3.47 -19.23
N VAL B 79 -61.40 4.78 -19.06
CA VAL B 79 -62.13 5.30 -17.85
C VAL B 79 -63.55 4.73 -17.71
N ARG B 80 -63.97 4.52 -16.46
CA ARG B 80 -65.30 4.02 -16.13
C ARG B 80 -66.03 4.87 -15.07
N GLY B 81 -67.34 5.00 -15.22
CA GLY B 81 -68.19 5.59 -14.17
C GLY B 81 -68.19 4.76 -12.90
N ASN B 82 -69.06 5.11 -11.95
CA ASN B 82 -69.12 4.41 -10.66
C ASN B 82 -69.90 3.10 -10.74
N ASP B 83 -70.72 2.96 -11.79
CA ASP B 83 -71.47 1.72 -12.02
C ASP B 83 -70.65 0.66 -12.77
N GLY B 84 -69.38 0.94 -13.07
CA GLY B 84 -68.54 -0.02 -13.77
C GLY B 84 -68.59 0.12 -15.26
N ARG B 85 -69.56 0.87 -15.80
CA ARG B 85 -69.74 0.97 -17.24
C ARG B 85 -68.75 1.99 -17.78
N PRO B 86 -68.24 1.76 -19.00
CA PRO B 86 -67.40 2.72 -19.71
C PRO B 86 -68.00 4.11 -19.85
N THR B 87 -67.14 5.11 -20.07
CA THR B 87 -67.57 6.52 -20.25
C THR B 87 -66.52 7.36 -20.93
N GLN B 88 -66.97 8.36 -21.69
CA GLN B 88 -66.11 9.45 -22.21
C GLN B 88 -66.74 10.83 -22.01
N LEU B 89 -67.73 10.93 -21.14
CA LEU B 89 -68.11 12.25 -20.66
C LEU B 89 -66.84 13.03 -20.20
N PRO B 90 -66.47 14.13 -20.85
CA PRO B 90 -65.17 14.75 -20.54
C PRO B 90 -64.84 15.05 -19.07
N ASN B 91 -65.82 15.34 -18.22
CA ASN B 91 -65.48 15.65 -16.83
C ASN B 91 -65.30 14.40 -15.97
N GLU B 92 -65.69 13.26 -16.54
CA GLU B 92 -65.60 11.96 -15.88
C GLU B 92 -64.22 11.44 -16.06
N VAL B 93 -63.73 11.61 -17.28
CA VAL B 93 -62.40 11.23 -17.67
C VAL B 93 -61.42 12.07 -16.86
N ASP B 94 -61.52 13.39 -17.05
CA ASP B 94 -60.61 14.34 -16.43
C ASP B 94 -60.56 14.13 -14.94
N ALA B 95 -61.66 13.75 -14.29
CA ALA B 95 -61.64 13.49 -12.86
C ALA B 95 -60.88 12.24 -12.50
N ALA B 96 -60.82 11.26 -13.40
CA ALA B 96 -60.31 9.95 -13.04
C ALA B 96 -58.84 9.81 -13.42
N PHE B 97 -58.52 10.34 -14.60
CA PHE B 97 -57.18 10.35 -15.13
C PHE B 97 -56.85 11.74 -15.68
N PRO B 98 -56.56 12.71 -14.81
CA PRO B 98 -56.18 14.06 -15.31
C PRO B 98 -54.80 14.15 -16.01
N LEU B 99 -54.74 15.01 -17.01
CA LEU B 99 -53.49 15.31 -17.70
C LEU B 99 -52.76 16.46 -16.98
N GLU B 100 -53.46 17.24 -16.19
CA GLU B 100 -52.84 18.30 -15.42
C GLU B 100 -52.94 17.92 -13.98
N ARG B 101 -52.15 18.60 -13.15
CA ARG B 101 -51.93 18.15 -11.81
C ARG B 101 -53.21 18.21 -11.00
N PRO B 102 -53.67 17.07 -10.48
CA PRO B 102 -54.81 17.07 -9.59
C PRO B 102 -54.42 17.55 -8.22
N ASP B 103 -55.42 17.83 -7.40
CA ASP B 103 -55.17 18.22 -6.01
C ASP B 103 -55.51 17.06 -5.10
N TRP B 104 -55.05 15.86 -5.42
CA TRP B 104 -55.38 14.71 -4.60
C TRP B 104 -54.58 14.78 -3.33
N ASP B 105 -55.27 14.50 -2.22
CA ASP B 105 -54.66 14.49 -0.90
C ASP B 105 -54.46 13.05 -0.46
N TYR B 106 -53.20 12.61 -0.34
CA TYR B 106 -52.92 11.19 -0.09
C TYR B 106 -53.18 10.75 1.35
N THR B 107 -53.48 11.70 2.25
CA THR B 107 -53.80 11.37 3.66
C THR B 107 -55.25 10.97 3.89
N THR B 108 -56.10 11.12 2.87
CA THR B 108 -57.55 10.82 3.02
C THR B 108 -58.00 9.59 2.21
N THR B 109 -59.27 9.22 2.34
CA THR B 109 -59.88 8.17 1.49
C THR B 109 -59.93 8.66 0.02
N GLU B 110 -60.70 9.73 -0.18
CA GLU B 110 -60.98 10.31 -1.51
C GLU B 110 -59.71 10.45 -2.40
N GLY B 111 -58.63 10.92 -1.81
CA GLY B 111 -57.37 11.07 -2.52
C GLY B 111 -56.67 9.74 -2.72
N ARG B 112 -56.67 8.90 -1.69
CA ARG B 112 -56.07 7.58 -1.80
C ARG B 112 -56.75 6.78 -2.93
N ASN B 113 -58.06 6.67 -2.85
CA ASN B 113 -58.85 6.08 -3.94
C ASN B 113 -58.56 6.69 -5.29
N HIS B 114 -58.41 8.00 -5.36
CA HIS B 114 -58.18 8.65 -6.64
C HIS B 114 -56.86 8.21 -7.27
N LEU B 115 -55.95 7.76 -6.41
CA LEU B 115 -54.59 7.40 -6.78
C LEU B 115 -54.50 5.93 -7.20
N VAL B 116 -55.14 5.05 -6.44
CA VAL B 116 -55.35 3.68 -6.82
C VAL B 116 -56.03 3.62 -8.19
N LEU B 117 -57.07 4.43 -8.41
CA LEU B 117 -57.70 4.44 -9.71
C LEU B 117 -56.70 4.90 -10.77
N TYR B 118 -55.99 5.99 -10.52
CA TYR B 118 -55.04 6.55 -11.50
C TYR B 118 -54.00 5.52 -11.97
N ARG B 119 -53.46 4.77 -11.01
CA ARG B 119 -52.45 3.72 -11.32
C ARG B 119 -53.02 2.59 -12.15
N GLN B 120 -54.19 2.08 -11.75
CA GLN B 120 -54.93 1.05 -12.51
C GLN B 120 -55.11 1.44 -13.97
N LEU B 121 -55.60 2.66 -14.20
CA LEU B 121 -55.85 3.17 -15.55
C LEU B 121 -54.54 3.32 -16.32
N LEU B 122 -53.49 3.76 -15.64
CA LEU B 122 -52.20 3.99 -16.31
C LEU B 122 -51.71 2.65 -16.79
N LEU B 123 -51.90 1.63 -15.97
CA LEU B 123 -51.52 0.26 -16.31
C LEU B 123 -52.40 -0.26 -17.45
N ALA B 124 -53.70 -0.06 -17.33
CA ALA B 124 -54.60 -0.33 -18.45
C ALA B 124 -54.02 0.32 -19.72
N GLY B 125 -53.54 1.57 -19.59
CA GLY B 125 -53.02 2.33 -20.70
C GLY B 125 -51.73 1.82 -21.28
N LEU B 126 -50.86 1.29 -20.40
CA LEU B 126 -49.61 0.65 -20.82
C LEU B 126 -49.91 -0.68 -21.52
N GLN B 127 -50.87 -1.42 -21.01
CA GLN B 127 -51.22 -2.70 -21.63
C GLN B 127 -51.79 -2.43 -23.02
N ASN B 128 -52.85 -1.64 -23.07
CA ASN B 128 -53.52 -1.41 -24.34
C ASN B 128 -52.64 -0.69 -25.36
N ALA B 129 -51.56 -0.02 -24.94
CA ALA B 129 -50.67 0.68 -25.89
C ALA B 129 -49.49 -0.19 -26.33
N GLY B 130 -49.29 -1.35 -25.71
CA GLY B 130 -48.35 -2.33 -26.23
C GLY B 130 -49.12 -3.40 -26.98
N ARG B 131 -49.98 -3.02 -27.92
CA ARG B 131 -50.76 -3.86 -28.82
C ARG B 131 -51.25 -3.08 -30.03
N PRO C 1 -34.43 20.65 -0.88
CA PRO C 1 -35.77 20.17 -0.86
C PRO C 1 -36.45 20.33 0.47
N LEU C 2 -37.76 20.51 0.42
CA LEU C 2 -38.62 20.56 1.58
C LEU C 2 -39.58 19.38 1.51
N ARG C 3 -39.87 18.80 2.67
CA ARG C 3 -40.96 17.85 2.77
C ARG C 3 -41.43 17.76 4.23
N LEU C 4 -42.48 17.00 4.47
CA LEU C 4 -42.93 16.78 5.85
C LEU C 4 -42.06 15.72 6.46
N GLY C 5 -41.67 15.93 7.72
CA GLY C 5 -41.05 14.87 8.52
C GLY C 5 -42.08 14.25 9.45
N GLY C 6 -41.71 13.14 10.09
CA GLY C 6 -42.64 12.38 10.96
C GLY C 6 -43.23 13.13 12.16
N ASN C 7 -43.34 14.46 12.02
CA ASN C 7 -44.05 15.34 12.96
C ASN C 7 -44.96 16.38 12.25
N GLY C 8 -45.11 16.25 10.93
CA GLY C 8 -45.90 17.17 10.13
C GLY C 8 -45.35 18.58 10.09
N GLN C 9 -44.08 18.74 10.47
CA GLN C 9 -43.36 19.98 10.23
C GLN C 9 -42.45 19.82 9.01
N LEU C 10 -42.45 20.85 8.16
CA LEU C 10 -41.61 20.87 6.97
C LEU C 10 -40.18 20.78 7.43
N GLN C 11 -39.37 20.19 6.59
CA GLN C 11 -38.05 19.75 6.95
C GLN C 11 -37.18 19.90 5.71
N TYR C 12 -36.03 20.55 5.86
CA TYR C 12 -35.16 20.80 4.76
C TYR C 12 -34.14 19.68 4.63
N TRP C 13 -33.82 19.31 3.39
CA TRP C 13 -32.64 18.50 3.11
C TRP C 13 -32.10 18.97 1.77
N PRO C 14 -30.79 19.12 1.63
CA PRO C 14 -30.33 19.54 0.29
C PRO C 14 -30.43 18.45 -0.80
N PHE C 15 -30.48 18.90 -2.05
CA PHE C 15 -30.33 18.04 -3.19
C PHE C 15 -29.10 17.26 -2.97
N SER C 16 -29.12 16.00 -3.35
CA SER C 16 -27.91 15.22 -3.52
C SER C 16 -27.26 15.63 -4.85
N SER C 17 -25.92 15.67 -4.91
CA SER C 17 -25.26 16.05 -6.17
C SER C 17 -25.52 15.03 -7.30
N SER C 18 -25.65 13.77 -6.94
CA SER C 18 -25.95 12.68 -7.88
C SER C 18 -27.17 12.91 -8.77
N ASP C 19 -28.24 13.35 -8.13
CA ASP C 19 -29.46 13.67 -8.78
C ASP C 19 -29.26 14.84 -9.77
N LEU C 20 -28.64 15.91 -9.28
CA LEU C 20 -28.41 17.07 -10.10
C LEU C 20 -27.55 16.67 -11.29
N TYR C 21 -26.47 15.94 -11.07
CA TYR C 21 -25.62 15.62 -12.23
C TYR C 21 -26.23 14.53 -13.14
N ASN C 22 -26.97 13.59 -12.55
CA ASN C 22 -27.71 12.66 -13.38
C ASN C 22 -28.62 13.40 -14.34
N TRP C 23 -29.47 14.27 -13.78
CA TRP C 23 -30.39 15.09 -14.56
C TRP C 23 -29.69 15.79 -15.74
N LYS C 24 -28.45 16.18 -15.52
CA LYS C 24 -27.71 16.91 -16.52
C LYS C 24 -27.32 15.99 -17.64
N ASN C 25 -26.76 14.85 -17.26
CA ASN C 25 -26.15 13.94 -18.22
C ASN C 25 -27.14 13.17 -19.01
N ASN C 26 -28.30 12.93 -18.45
CA ASN C 26 -29.27 12.11 -19.12
C ASN C 26 -30.26 12.94 -19.90
N ASN C 27 -29.96 14.20 -20.13
CA ASN C 27 -30.80 15.00 -20.98
C ASN C 27 -29.94 15.89 -21.85
N PRO C 28 -30.49 16.29 -22.99
CA PRO C 28 -29.83 17.28 -23.81
C PRO C 28 -29.83 18.63 -23.13
N SER C 29 -28.89 19.49 -23.54
CA SER C 29 -28.90 20.88 -23.13
C SER C 29 -30.30 21.49 -23.11
N PHE C 30 -30.38 22.72 -22.62
CA PHE C 30 -31.63 23.51 -22.69
C PHE C 30 -31.87 24.05 -24.11
N SER C 31 -30.81 24.53 -24.75
CA SER C 31 -30.97 25.07 -26.10
C SER C 31 -31.32 23.97 -27.12
N GLU C 32 -30.63 22.82 -27.14
CA GLU C 32 -30.97 21.74 -28.07
C GLU C 32 -32.36 21.18 -27.89
N ASP C 33 -32.90 21.22 -26.67
CA ASP C 33 -34.22 20.59 -26.41
C ASP C 33 -34.84 21.21 -25.15
N PRO C 34 -35.38 22.44 -25.28
CA PRO C 34 -35.69 23.23 -24.10
C PRO C 34 -36.83 22.66 -23.28
N GLY C 35 -37.79 22.00 -23.94
CA GLY C 35 -38.94 21.39 -23.25
C GLY C 35 -38.64 20.05 -22.57
N LYS C 36 -37.45 19.50 -22.84
CA LYS C 36 -36.99 18.30 -22.12
C LYS C 36 -36.64 18.71 -20.68
N LEU C 37 -35.65 19.58 -20.54
CA LEU C 37 -35.26 20.08 -19.22
C LEU C 37 -36.40 20.79 -18.49
N THR C 38 -37.27 21.47 -19.23
CA THR C 38 -38.42 22.19 -18.68
C THR C 38 -39.39 21.21 -18.08
N ALA C 39 -39.60 20.11 -18.76
CA ALA C 39 -40.51 19.10 -18.25
C ALA C 39 -39.95 18.59 -16.91
N LEU C 40 -38.62 18.43 -16.85
CA LEU C 40 -37.97 17.83 -15.69
C LEU C 40 -37.92 18.80 -14.55
N ILE C 41 -37.30 19.96 -14.80
CA ILE C 41 -37.26 20.98 -13.77
C ILE C 41 -38.67 21.20 -13.23
N GLU C 42 -39.67 21.19 -14.10
CA GLU C 42 -41.01 21.42 -13.67
C GLU C 42 -41.50 20.32 -12.74
N SER C 43 -41.41 19.08 -13.14
CA SER C 43 -41.77 18.04 -12.23
C SER C 43 -41.07 18.23 -10.86
N VAL C 44 -39.75 18.46 -10.89
CA VAL C 44 -38.95 18.60 -9.65
C VAL C 44 -39.44 19.79 -8.80
N LEU C 45 -39.91 20.88 -9.44
CA LEU C 45 -40.38 22.04 -8.71
C LEU C 45 -41.50 21.61 -7.77
N THR C 46 -42.29 20.61 -8.14
CA THR C 46 -43.25 20.00 -7.21
C THR C 46 -42.67 18.83 -6.35
N THR C 47 -41.98 17.87 -6.95
CA THR C 47 -41.63 16.68 -6.16
C THR C 47 -40.64 16.93 -5.01
N HIS C 48 -39.70 17.83 -5.26
CA HIS C 48 -38.64 18.20 -4.34
C HIS C 48 -38.90 19.51 -3.59
N GLN C 49 -39.99 20.19 -3.94
CA GLN C 49 -40.46 21.43 -3.26
C GLN C 49 -39.30 22.38 -2.98
N PRO C 50 -38.50 22.70 -3.98
CA PRO C 50 -37.22 23.35 -3.71
C PRO C 50 -37.34 24.76 -3.15
N THR C 51 -36.40 25.17 -2.32
CA THR C 51 -36.32 26.55 -1.87
C THR C 51 -35.67 27.42 -2.92
N TRP C 52 -35.65 28.71 -2.63
CA TRP C 52 -34.98 29.67 -3.48
C TRP C 52 -33.61 29.13 -3.77
N ASP C 53 -32.90 28.67 -2.74
CA ASP C 53 -31.50 28.25 -2.90
C ASP C 53 -31.41 26.98 -3.70
N ASP C 54 -32.26 26.02 -3.38
CA ASP C 54 -32.41 24.83 -4.18
C ASP C 54 -32.58 25.15 -5.68
N CYS C 55 -33.39 26.17 -6.00
CA CYS C 55 -33.59 26.58 -7.40
C CYS C 55 -32.29 27.08 -8.00
N GLN C 56 -31.48 27.82 -7.21
CA GLN C 56 -30.25 28.31 -7.78
C GLN C 56 -29.38 27.10 -8.10
N GLN C 57 -29.42 26.05 -7.31
CA GLN C 57 -28.60 24.90 -7.65
C GLN C 57 -29.15 24.20 -8.86
N LEU C 58 -30.45 23.97 -8.90
CA LEU C 58 -31.04 23.39 -10.10
C LEU C 58 -30.56 24.16 -11.32
N LEU C 59 -30.81 25.48 -11.33
CA LEU C 59 -30.57 26.34 -12.48
C LEU C 59 -29.10 26.41 -12.84
N GLY C 60 -28.26 26.65 -11.83
CA GLY C 60 -26.82 26.73 -11.99
C GLY C 60 -26.19 25.47 -12.53
N THR C 61 -26.83 24.33 -12.38
CA THR C 61 -26.23 23.05 -12.70
C THR C 61 -26.68 22.66 -14.07
N LEU C 62 -27.99 22.78 -14.32
CA LEU C 62 -28.60 22.37 -15.57
C LEU C 62 -28.56 23.41 -16.69
N LEU C 63 -28.16 24.65 -16.43
CA LEU C 63 -28.10 25.68 -17.48
C LEU C 63 -26.74 26.34 -17.61
N THR C 64 -26.43 26.75 -18.83
CA THR C 64 -25.24 27.56 -19.10
C THR C 64 -25.54 28.93 -18.51
N GLY C 65 -24.51 29.71 -18.21
CA GLY C 65 -24.67 31.02 -17.57
C GLY C 65 -25.69 31.95 -18.22
N GLU C 66 -25.72 31.92 -19.56
CA GLU C 66 -26.60 32.80 -20.33
C GLU C 66 -27.89 32.13 -20.76
N GLU C 67 -27.93 30.79 -20.82
CA GLU C 67 -29.23 30.12 -20.76
C GLU C 67 -29.99 30.59 -19.49
N LYS C 68 -29.28 30.67 -18.37
CA LYS C 68 -29.86 30.99 -17.09
C LYS C 68 -30.29 32.44 -17.01
N GLN C 69 -29.45 33.35 -17.52
CA GLN C 69 -29.79 34.76 -17.47
C GLN C 69 -31.06 35.06 -18.28
N ARG C 70 -31.21 34.45 -19.46
CA ARG C 70 -32.48 34.52 -20.20
C ARG C 70 -33.69 34.06 -19.38
N VAL C 71 -33.52 32.95 -18.67
CA VAL C 71 -34.59 32.35 -17.90
C VAL C 71 -35.07 33.33 -16.85
N LEU C 72 -34.12 33.96 -16.15
CA LEU C 72 -34.45 34.93 -15.11
C LEU C 72 -35.03 36.25 -15.64
N LEU C 73 -34.46 36.71 -16.75
CA LEU C 73 -34.98 37.89 -17.45
C LEU C 73 -36.43 37.67 -17.75
N GLU C 74 -36.74 36.46 -18.19
CA GLU C 74 -38.10 36.13 -18.57
C GLU C 74 -39.02 35.88 -17.39
N ALA C 75 -38.53 35.18 -16.38
CA ALA C 75 -39.30 34.99 -15.16
C ALA C 75 -39.72 36.36 -14.62
N ARG C 76 -38.76 37.27 -14.54
CA ARG C 76 -38.98 38.62 -14.06
C ARG C 76 -39.95 39.47 -14.93
N LYS C 77 -39.87 39.27 -16.25
CA LYS C 77 -40.79 39.91 -17.18
C LYS C 77 -42.22 39.44 -17.02
N ALA C 78 -42.41 38.28 -16.40
CA ALA C 78 -43.75 37.71 -16.20
C ALA C 78 -44.42 38.07 -14.85
N VAL C 79 -43.81 38.95 -14.08
CA VAL C 79 -44.33 39.22 -12.74
C VAL C 79 -45.65 39.95 -12.90
N ARG C 80 -46.61 39.68 -12.01
CA ARG C 80 -47.89 40.37 -11.99
C ARG C 80 -47.97 41.14 -10.71
N GLY C 81 -48.73 42.23 -10.75
CA GLY C 81 -49.09 43.00 -9.58
C GLY C 81 -50.23 42.39 -8.79
N ASN C 82 -50.46 42.94 -7.61
CA ASN C 82 -51.61 42.70 -6.75
CA ASN C 82 -51.58 42.46 -6.80
C ASN C 82 -52.93 42.62 -7.49
N ASP C 83 -53.01 43.48 -8.51
CA ASP C 83 -54.21 43.64 -9.32
C ASP C 83 -54.44 42.49 -10.30
N GLY C 84 -53.50 41.54 -10.38
CA GLY C 84 -53.55 40.41 -11.34
C GLY C 84 -52.93 40.76 -12.67
N ARG C 85 -52.36 41.96 -12.78
CA ARG C 85 -51.99 42.51 -14.08
C ARG C 85 -50.48 42.68 -14.16
N PRO C 86 -49.92 42.68 -15.37
CA PRO C 86 -48.46 42.74 -15.43
C PRO C 86 -47.88 43.95 -14.70
N THR C 87 -46.70 43.78 -14.13
CA THR C 87 -45.97 44.94 -13.59
C THR C 87 -44.50 44.79 -13.85
N GLN C 88 -43.89 45.90 -14.21
CA GLN C 88 -42.48 45.97 -14.36
C GLN C 88 -41.90 46.99 -13.38
N LEU C 89 -42.64 47.36 -12.32
CA LEU C 89 -42.12 48.22 -11.25
C LEU C 89 -40.91 47.52 -10.55
N PRO C 90 -39.75 48.17 -10.56
CA PRO C 90 -38.59 47.42 -10.06
C PRO C 90 -38.80 46.70 -8.72
N ASN C 91 -39.51 47.31 -7.77
CA ASN C 91 -39.63 46.75 -6.41
C ASN C 91 -40.55 45.58 -6.32
N GLU C 92 -41.60 45.58 -7.14
CA GLU C 92 -42.50 44.46 -7.16
C GLU C 92 -41.90 43.29 -7.91
N VAL C 93 -41.01 43.58 -8.83
CA VAL C 93 -40.39 42.56 -9.66
C VAL C 93 -39.43 41.82 -8.80
N ASP C 94 -38.66 42.59 -8.04
CA ASP C 94 -37.73 42.05 -7.09
C ASP C 94 -38.41 41.32 -5.98
N ALA C 95 -39.55 41.79 -5.52
CA ALA C 95 -40.19 41.10 -4.42
C ALA C 95 -40.71 39.70 -4.85
N ALA C 96 -41.17 39.57 -6.09
CA ALA C 96 -41.75 38.28 -6.56
C ALA C 96 -40.68 37.26 -6.99
N PHE C 97 -39.63 37.77 -7.62
CA PHE C 97 -38.60 36.97 -8.21
C PHE C 97 -37.25 37.63 -8.00
N PRO C 98 -36.80 37.69 -6.73
CA PRO C 98 -35.54 38.35 -6.33
C PRO C 98 -34.35 37.66 -6.94
N LEU C 99 -33.34 38.43 -7.35
CA LEU C 99 -32.05 37.89 -7.83
C LEU C 99 -31.05 37.50 -6.73
N GLU C 100 -31.15 38.14 -5.54
CA GLU C 100 -30.30 37.82 -4.36
C GLU C 100 -31.14 37.15 -3.28
N ARG C 101 -30.51 36.28 -2.52
CA ARG C 101 -31.23 35.43 -1.57
C ARG C 101 -32.19 36.28 -0.79
N PRO C 102 -33.49 35.96 -0.86
CA PRO C 102 -34.41 36.63 0.00
C PRO C 102 -34.40 36.00 1.37
N ASP C 103 -35.29 36.47 2.22
CA ASP C 103 -35.40 36.06 3.61
C ASP C 103 -36.71 35.34 3.81
N TRP C 104 -37.17 34.63 2.82
CA TRP C 104 -38.48 34.02 2.93
C TRP C 104 -38.39 32.98 3.97
N ASP C 105 -39.19 33.06 5.05
CA ASP C 105 -39.18 32.01 6.09
C ASP C 105 -40.21 30.95 5.77
N TYR C 106 -39.71 29.79 5.40
CA TYR C 106 -40.54 28.72 4.84
C TYR C 106 -41.55 28.10 5.85
N THR C 107 -41.50 28.52 7.12
CA THR C 107 -42.46 28.02 8.11
C THR C 107 -43.71 28.91 8.26
N THR C 108 -43.71 30.08 7.61
CA THR C 108 -44.87 30.99 7.56
C THR C 108 -45.63 30.94 6.21
N THR C 109 -46.89 31.34 6.22
CA THR C 109 -47.67 31.41 4.98
C THR C 109 -47.05 32.34 3.95
N GLU C 110 -46.44 33.43 4.41
CA GLU C 110 -45.90 34.44 3.51
C GLU C 110 -44.71 33.92 2.73
N GLY C 111 -43.83 33.21 3.44
CA GLY C 111 -42.65 32.60 2.81
C GLY C 111 -43.01 31.47 1.88
N ARG C 112 -43.97 30.64 2.29
CA ARG C 112 -44.37 29.51 1.47
C ARG C 112 -45.01 29.99 0.21
N ASN C 113 -45.94 30.95 0.34
CA ASN C 113 -46.58 31.55 -0.84
C ASN C 113 -45.58 32.25 -1.74
N HIS C 114 -44.60 32.94 -1.15
CA HIS C 114 -43.55 33.55 -1.94
C HIS C 114 -42.82 32.50 -2.73
N LEU C 115 -42.63 31.33 -2.13
CA LEU C 115 -41.95 30.24 -2.80
C LEU C 115 -42.80 29.69 -3.90
N VAL C 116 -44.08 29.50 -3.63
CA VAL C 116 -45.00 29.02 -4.66
C VAL C 116 -44.95 29.90 -5.89
N LEU C 117 -45.00 31.21 -5.68
CA LEU C 117 -44.93 32.22 -6.73
C LEU C 117 -43.60 32.17 -7.43
N TYR C 118 -42.53 32.09 -6.68
CA TYR C 118 -41.22 31.98 -7.27
C TYR C 118 -41.09 30.87 -8.34
N ARG C 119 -41.66 29.70 -8.05
CA ARG C 119 -41.48 28.53 -8.89
C ARG C 119 -42.36 28.66 -10.11
N GLN C 120 -43.60 29.07 -9.89
CA GLN C 120 -44.50 29.43 -10.99
C GLN C 120 -43.83 30.39 -11.93
N LEU C 121 -43.22 31.45 -11.38
CA LEU C 121 -42.51 32.45 -12.17
C LEU C 121 -41.28 31.87 -12.85
N LEU C 122 -40.58 30.94 -12.19
CA LEU C 122 -39.39 30.34 -12.77
C LEU C 122 -39.83 29.52 -13.94
N LEU C 123 -40.89 28.73 -13.73
CA LEU C 123 -41.45 27.87 -14.80
C LEU C 123 -41.81 28.69 -16.02
N ALA C 124 -42.55 29.78 -15.82
CA ALA C 124 -42.92 30.65 -16.90
C ALA C 124 -41.66 31.24 -17.53
N GLY C 125 -40.62 31.42 -16.73
CA GLY C 125 -39.34 31.88 -17.27
C GLY C 125 -38.72 30.85 -18.19
N LEU C 126 -38.81 29.58 -17.84
CA LEU C 126 -38.22 28.53 -18.67
C LEU C 126 -39.02 28.45 -19.95
N GLN C 127 -40.34 28.42 -19.83
CA GLN C 127 -41.22 28.31 -21.00
C GLN C 127 -40.98 29.44 -22.00
N ASN C 128 -41.08 30.68 -21.54
CA ASN C 128 -40.83 31.81 -22.44
C ASN C 128 -39.41 31.76 -23.00
N ALA C 129 -38.40 31.52 -22.15
CA ALA C 129 -37.00 31.52 -22.58
C ALA C 129 -36.83 30.54 -23.72
N GLY C 130 -37.49 29.39 -23.61
CA GLY C 130 -37.43 28.34 -24.62
C GLY C 130 -37.97 28.74 -25.99
N ARG C 131 -39.24 29.11 -26.02
CA ARG C 131 -39.92 29.44 -27.31
C ARG C 131 -39.18 30.48 -28.15
N PRO D 1 -22.41 19.08 7.61
CA PRO D 1 -23.54 19.92 7.40
C PRO D 1 -24.46 19.98 8.58
N LEU D 2 -25.26 21.06 8.66
CA LEU D 2 -26.29 21.22 9.68
C LEU D 2 -27.61 21.52 9.04
N ARG D 3 -28.67 21.13 9.73
CA ARG D 3 -30.03 21.50 9.34
C ARG D 3 -30.94 21.44 10.57
N LEU D 4 -32.14 22.00 10.48
CA LEU D 4 -33.10 21.95 11.58
C LEU D 4 -33.62 20.54 11.71
N GLY D 5 -33.50 19.97 12.91
CA GLY D 5 -33.97 18.57 13.13
C GLY D 5 -35.40 18.42 13.63
N GLY D 6 -35.93 17.20 13.58
CA GLY D 6 -37.26 16.90 14.11
C GLY D 6 -37.49 17.40 15.53
N ASN D 7 -36.44 17.41 16.36
CA ASN D 7 -36.54 17.94 17.73
C ASN D 7 -36.52 19.47 17.85
N GLY D 8 -36.36 20.20 16.74
CA GLY D 8 -36.25 21.67 16.77
C GLY D 8 -34.86 22.21 17.09
N GLN D 9 -33.91 21.32 17.39
CA GLN D 9 -32.47 21.69 17.49
C GLN D 9 -31.75 21.37 16.16
N LEU D 10 -30.66 22.09 15.91
CA LEU D 10 -29.83 21.84 14.75
C LEU D 10 -29.29 20.42 14.87
N GLN D 11 -28.87 19.86 13.74
CA GLN D 11 -28.33 18.51 13.71
C GLN D 11 -27.25 18.38 12.64
N TYR D 12 -26.17 17.70 13.02
CA TYR D 12 -24.97 17.58 12.23
C TYR D 12 -24.96 16.25 11.47
N TRP D 13 -24.51 16.29 10.20
CA TRP D 13 -24.12 15.08 9.51
C TRP D 13 -22.98 15.46 8.56
N PRO D 14 -21.95 14.63 8.47
CA PRO D 14 -20.84 14.98 7.59
C PRO D 14 -21.18 14.90 6.12
N PHE D 15 -20.34 15.53 5.30
CA PHE D 15 -20.49 15.48 3.86
C PHE D 15 -20.35 14.08 3.38
N SER D 16 -21.08 13.75 2.32
CA SER D 16 -20.83 12.52 1.59
C SER D 16 -19.63 12.80 0.72
N SER D 17 -18.69 11.87 0.62
CA SER D 17 -17.50 12.14 -0.18
C SER D 17 -17.88 12.22 -1.65
N SER D 18 -19.01 11.65 -1.99
CA SER D 18 -19.54 11.77 -3.34
C SER D 18 -19.91 13.18 -3.73
N ASP D 19 -20.59 13.89 -2.84
CA ASP D 19 -20.92 15.27 -3.11
C ASP D 19 -19.64 16.10 -3.34
N LEU D 20 -18.66 15.95 -2.48
CA LEU D 20 -17.43 16.71 -2.60
C LEU D 20 -16.65 16.35 -3.88
N TYR D 21 -16.42 15.06 -4.15
CA TYR D 21 -15.68 14.71 -5.34
C TYR D 21 -16.52 15.03 -6.62
N ASN D 22 -17.83 14.80 -6.60
CA ASN D 22 -18.64 15.26 -7.72
C ASN D 22 -18.53 16.78 -7.94
N TRP D 23 -18.64 17.55 -6.87
CA TRP D 23 -18.40 18.98 -6.98
C TRP D 23 -17.00 19.25 -7.60
N LYS D 24 -15.98 18.49 -7.27
CA LYS D 24 -14.64 18.77 -7.85
C LYS D 24 -14.56 18.51 -9.35
N ASN D 25 -15.20 17.43 -9.77
CA ASN D 25 -15.02 16.87 -11.10
C ASN D 25 -15.88 17.52 -12.14
N ASN D 26 -17.00 18.09 -11.75
CA ASN D 26 -17.91 18.67 -12.71
C ASN D 26 -17.74 20.16 -12.78
N ASN D 27 -16.57 20.64 -12.36
CA ASN D 27 -16.23 22.04 -12.49
C ASN D 27 -14.79 22.31 -12.91
N PRO D 28 -14.58 23.49 -13.51
CA PRO D 28 -13.22 23.94 -13.63
C PRO D 28 -12.68 24.23 -12.23
N SER D 29 -11.36 24.12 -12.08
CA SER D 29 -10.67 24.57 -10.88
C SER D 29 -11.01 26.02 -10.57
N PHE D 30 -10.57 26.49 -9.41
CA PHE D 30 -10.78 27.88 -9.00
C PHE D 30 -10.02 28.84 -9.93
N SER D 31 -8.83 28.42 -10.36
CA SER D 31 -8.01 29.29 -11.18
C SER D 31 -8.56 29.39 -12.60
N GLU D 32 -8.78 28.26 -13.28
CA GLU D 32 -9.41 28.31 -14.62
C GLU D 32 -10.61 29.28 -14.63
N ASP D 33 -11.63 28.98 -13.82
CA ASP D 33 -12.85 29.79 -13.73
C ASP D 33 -13.25 29.96 -12.25
N PRO D 34 -12.67 30.94 -11.58
CA PRO D 34 -12.93 31.06 -10.13
C PRO D 34 -14.38 31.33 -9.79
N GLY D 35 -15.09 32.01 -10.68
CA GLY D 35 -16.49 32.31 -10.46
C GLY D 35 -17.41 31.11 -10.47
N LYS D 36 -17.04 30.02 -11.12
CA LYS D 36 -17.95 28.87 -11.14
C LYS D 36 -17.91 28.07 -9.83
N LEU D 37 -16.71 27.89 -9.25
CA LEU D 37 -16.58 27.22 -7.94
C LEU D 37 -17.13 28.11 -6.83
N THR D 38 -16.99 29.43 -7.03
CA THR D 38 -17.45 30.40 -6.03
C THR D 38 -18.97 30.34 -5.91
N ALA D 39 -19.65 30.28 -7.05
CA ALA D 39 -21.08 30.21 -7.05
C ALA D 39 -21.55 28.89 -6.39
N LEU D 40 -20.75 27.82 -6.56
CA LEU D 40 -21.07 26.54 -5.98
C LEU D 40 -20.90 26.56 -4.47
N ILE D 41 -19.72 27.03 -4.05
CA ILE D 41 -19.41 27.09 -2.61
C ILE D 41 -20.39 28.03 -1.89
N GLU D 42 -20.59 29.20 -2.47
CA GLU D 42 -21.57 30.09 -1.96
C GLU D 42 -22.87 29.35 -1.77
N SER D 43 -23.40 28.69 -2.78
CA SER D 43 -24.70 27.98 -2.60
C SER D 43 -24.62 26.95 -1.46
N VAL D 44 -23.63 26.07 -1.54
CA VAL D 44 -23.47 25.06 -0.52
C VAL D 44 -23.38 25.64 0.88
N LEU D 45 -22.67 26.77 0.98
CA LEU D 45 -22.58 27.46 2.27
C LEU D 45 -23.95 27.78 2.82
N THR D 46 -24.94 28.10 1.99
CA THR D 46 -26.33 28.20 2.50
C THR D 46 -27.01 26.80 2.61
N THR D 47 -27.06 26.02 1.52
CA THR D 47 -27.91 24.84 1.54
C THR D 47 -27.44 23.80 2.56
N HIS D 48 -26.14 23.65 2.74
CA HIS D 48 -25.55 22.65 3.64
C HIS D 48 -25.15 23.19 5.03
N GLN D 49 -25.24 24.52 5.25
CA GLN D 49 -25.03 25.12 6.57
C GLN D 49 -23.78 24.49 7.23
N PRO D 50 -22.63 24.49 6.54
CA PRO D 50 -21.44 23.80 7.00
C PRO D 50 -20.82 24.39 8.26
N THR D 51 -20.36 23.54 9.18
CA THR D 51 -19.55 23.94 10.34
C THR D 51 -18.19 24.41 9.86
N TRP D 52 -17.38 24.89 10.80
CA TRP D 52 -15.99 25.23 10.54
C TRP D 52 -15.19 24.08 9.88
N ASP D 53 -15.28 22.89 10.48
CA ASP D 53 -14.63 21.72 9.93
C ASP D 53 -15.14 21.35 8.57
N ASP D 54 -16.45 21.49 8.36
CA ASP D 54 -17.04 21.27 7.05
C ASP D 54 -16.35 22.12 6.01
N CYS D 55 -16.19 23.41 6.30
CA CYS D 55 -15.54 24.31 5.35
C CYS D 55 -14.13 23.91 5.07
N GLN D 56 -13.43 23.44 6.09
CA GLN D 56 -12.07 22.95 5.87
C GLN D 56 -12.07 21.83 4.84
N GLN D 57 -13.02 20.92 4.94
CA GLN D 57 -13.18 19.87 3.96
C GLN D 57 -13.59 20.41 2.60
N LEU D 58 -14.56 21.32 2.60
CA LEU D 58 -15.00 21.91 1.34
C LEU D 58 -13.78 22.56 0.64
N LEU D 59 -12.99 23.33 1.38
CA LEU D 59 -11.92 24.10 0.76
C LEU D 59 -10.77 23.21 0.33
N GLY D 60 -10.43 22.27 1.19
CA GLY D 60 -9.33 21.36 0.95
C GLY D 60 -9.58 20.55 -0.28
N THR D 61 -10.81 20.12 -0.48
CA THR D 61 -11.13 19.25 -1.60
C THR D 61 -11.22 20.07 -2.89
N LEU D 62 -11.85 21.25 -2.82
CA LEU D 62 -12.11 22.06 -4.01
C LEU D 62 -10.97 23.01 -4.43
N LEU D 63 -9.95 23.16 -3.60
CA LEU D 63 -8.88 24.08 -3.93
C LEU D 63 -7.53 23.45 -3.68
N THR D 64 -6.53 23.92 -4.44
CA THR D 64 -5.14 23.62 -4.19
C THR D 64 -4.72 24.31 -2.90
N GLY D 65 -3.53 23.96 -2.41
CA GLY D 65 -2.91 24.69 -1.32
C GLY D 65 -2.77 26.15 -1.66
N GLU D 66 -2.38 26.48 -2.88
CA GLU D 66 -2.07 27.89 -3.19
C GLU D 66 -3.36 28.68 -3.07
N GLU D 67 -4.36 28.24 -3.83
CA GLU D 67 -5.68 28.86 -3.85
C GLU D 67 -6.28 28.95 -2.44
N LYS D 68 -6.10 27.93 -1.61
CA LYS D 68 -6.70 27.96 -0.27
C LYS D 68 -6.09 29.07 0.61
N GLN D 69 -4.76 29.21 0.55
CA GLN D 69 -4.10 30.20 1.39
C GLN D 69 -4.42 31.62 0.91
N ARG D 70 -4.60 31.78 -0.41
CA ARG D 70 -5.03 33.07 -0.94
C ARG D 70 -6.44 33.45 -0.42
N VAL D 71 -7.37 32.49 -0.47
CA VAL D 71 -8.72 32.67 0.05
C VAL D 71 -8.73 32.90 1.55
N LEU D 72 -7.90 32.13 2.26
CA LEU D 72 -7.79 32.32 3.70
C LEU D 72 -7.21 33.72 4.03
N LEU D 73 -6.23 34.20 3.25
CA LEU D 73 -5.73 35.58 3.43
C LEU D 73 -6.81 36.64 3.22
N GLU D 74 -7.47 36.60 2.08
CA GLU D 74 -8.53 37.53 1.78
C GLU D 74 -9.69 37.45 2.77
N ALA D 75 -10.08 36.25 3.18
CA ALA D 75 -11.16 36.14 4.14
C ALA D 75 -10.77 36.96 5.36
N ARG D 76 -9.49 36.89 5.71
CA ARG D 76 -8.98 37.54 6.90
C ARG D 76 -8.74 39.04 6.73
N LYS D 77 -8.51 39.45 5.49
CA LYS D 77 -8.43 40.86 5.12
C LYS D 77 -9.81 41.52 5.06
N ALA D 78 -10.91 40.81 5.24
CA ALA D 78 -12.25 41.42 5.16
C ALA D 78 -12.94 41.47 6.49
N VAL D 79 -12.21 41.22 7.57
CA VAL D 79 -12.82 41.22 8.91
C VAL D 79 -13.11 42.65 9.37
N ARG D 80 -14.22 42.85 10.06
CA ARG D 80 -14.63 44.17 10.49
C ARG D 80 -14.68 44.26 12.01
N GLY D 81 -14.40 45.44 12.56
CA GLY D 81 -14.54 45.64 13.99
C GLY D 81 -15.99 45.80 14.41
N ASN D 82 -16.18 45.95 15.72
CA ASN D 82 -17.48 46.29 16.34
C ASN D 82 -18.09 47.63 15.88
N ASP D 83 -17.33 48.39 15.09
CA ASP D 83 -17.77 49.67 14.48
C ASP D 83 -18.13 49.54 12.98
N GLY D 84 -17.81 48.40 12.34
CA GLY D 84 -18.21 48.14 10.95
C GLY D 84 -17.09 48.42 9.96
N ARG D 85 -15.93 48.78 10.48
CA ARG D 85 -14.84 49.19 9.63
C ARG D 85 -13.78 48.08 9.63
N PRO D 86 -12.86 48.10 8.64
CA PRO D 86 -11.79 47.14 8.56
C PRO D 86 -10.98 47.07 9.84
N THR D 87 -10.42 45.90 10.11
CA THR D 87 -9.58 45.73 11.29
C THR D 87 -8.52 44.75 10.93
N GLN D 88 -7.32 45.01 11.42
CA GLN D 88 -6.21 44.06 11.32
C GLN D 88 -5.76 43.64 12.76
N LEU D 89 -6.58 43.94 13.75
CA LEU D 89 -6.26 43.56 15.12
C LEU D 89 -6.32 42.04 15.25
N PRO D 90 -5.16 41.37 15.50
CA PRO D 90 -5.07 39.91 15.57
C PRO D 90 -6.18 39.26 16.37
N ASN D 91 -6.47 39.79 17.55
CA ASN D 91 -7.52 39.16 18.35
C ASN D 91 -8.90 39.22 17.68
N GLU D 92 -9.17 40.31 16.97
CA GLU D 92 -10.44 40.44 16.25
C GLU D 92 -10.48 39.62 14.95
N VAL D 93 -9.34 39.50 14.27
CA VAL D 93 -9.28 38.75 13.03
C VAL D 93 -9.44 37.26 13.34
N ASP D 94 -8.52 36.71 14.15
CA ASP D 94 -8.66 35.38 14.73
C ASP D 94 -10.03 35.08 15.26
N ALA D 95 -10.63 35.98 16.02
CA ALA D 95 -11.92 35.62 16.62
C ALA D 95 -12.99 35.38 15.53
N ALA D 96 -12.95 36.18 14.45
CA ALA D 96 -13.94 36.06 13.36
C ALA D 96 -13.63 34.99 12.30
N PHE D 97 -12.33 34.82 11.99
CA PHE D 97 -11.88 33.88 11.00
C PHE D 97 -10.61 33.18 11.47
N PRO D 98 -10.76 32.21 12.42
CA PRO D 98 -9.64 31.44 12.97
C PRO D 98 -9.11 30.42 11.98
N LEU D 99 -7.78 30.25 11.94
CA LEU D 99 -7.15 29.22 11.12
C LEU D 99 -7.17 27.88 11.83
N GLU D 100 -7.61 27.88 13.09
CA GLU D 100 -7.72 26.66 13.89
C GLU D 100 -9.07 26.45 14.53
N ARG D 101 -9.41 25.20 14.80
CA ARG D 101 -10.77 24.84 15.20
C ARG D 101 -11.18 25.73 16.35
N PRO D 102 -12.26 26.52 16.19
CA PRO D 102 -12.87 27.17 17.34
C PRO D 102 -13.79 26.21 18.05
N ASP D 103 -14.36 26.62 19.17
CA ASP D 103 -15.45 25.89 19.78
C ASP D 103 -16.63 26.81 19.76
N TRP D 104 -17.20 26.91 18.58
CA TRP D 104 -18.52 27.47 18.42
C TRP D 104 -19.55 26.35 18.67
N ASP D 105 -20.50 26.62 19.55
CA ASP D 105 -21.60 25.73 19.81
C ASP D 105 -22.81 26.25 19.03
N TYR D 106 -23.26 25.45 18.05
CA TYR D 106 -24.39 25.85 17.22
C TYR D 106 -25.78 25.74 17.89
N THR D 107 -25.77 25.26 19.15
CA THR D 107 -26.97 25.26 20.01
C THR D 107 -27.17 26.61 20.78
N THR D 108 -26.33 27.61 20.47
CA THR D 108 -26.38 28.93 21.10
C THR D 108 -26.30 30.03 20.03
N THR D 109 -26.91 31.19 20.33
CA THR D 109 -26.83 32.38 19.49
C THR D 109 -25.37 32.71 19.12
N GLU D 110 -24.49 32.58 20.10
CA GLU D 110 -23.09 32.98 20.02
C GLU D 110 -22.39 32.13 18.97
N GLY D 111 -22.60 30.83 19.03
CA GLY D 111 -21.99 29.91 18.09
C GLY D 111 -22.61 30.01 16.72
N ARG D 112 -23.93 30.04 16.61
CA ARG D 112 -24.55 30.24 15.30
C ARG D 112 -24.11 31.53 14.62
N ASN D 113 -24.10 32.63 15.38
CA ASN D 113 -23.63 33.92 14.86
C ASN D 113 -22.20 33.86 14.35
N HIS D 114 -21.33 33.15 15.05
CA HIS D 114 -19.99 32.94 14.55
C HIS D 114 -19.96 32.08 13.30
N LEU D 115 -20.90 31.13 13.16
CA LEU D 115 -20.94 30.37 11.92
C LEU D 115 -21.39 31.26 10.75
N VAL D 116 -22.53 31.93 10.89
CA VAL D 116 -22.94 32.92 9.88
C VAL D 116 -21.79 33.81 9.46
N LEU D 117 -21.17 34.52 10.41
CA LEU D 117 -20.04 35.40 10.12
C LEU D 117 -18.90 34.72 9.37
N TYR D 118 -18.50 33.53 9.84
CA TYR D 118 -17.37 32.82 9.23
C TYR D 118 -17.68 32.50 7.78
N ARG D 119 -18.85 31.95 7.52
CA ARG D 119 -19.31 31.72 6.15
C ARG D 119 -19.32 32.97 5.25
N GLN D 120 -19.85 34.07 5.77
CA GLN D 120 -19.81 35.34 5.06
C GLN D 120 -18.39 35.80 4.69
N LEU D 121 -17.46 35.70 5.65
CA LEU D 121 -16.09 36.07 5.43
C LEU D 121 -15.42 35.13 4.43
N LEU D 122 -15.74 33.84 4.51
CA LEU D 122 -15.17 32.85 3.55
C LEU D 122 -15.59 33.15 2.12
N LEU D 123 -16.85 33.50 1.95
CA LEU D 123 -17.37 33.94 0.67
C LEU D 123 -16.65 35.18 0.14
N ALA D 124 -16.48 36.18 1.02
CA ALA D 124 -15.76 37.41 0.66
C ALA D 124 -14.37 37.09 0.18
N GLY D 125 -13.74 36.14 0.89
CA GLY D 125 -12.43 35.62 0.54
C GLY D 125 -12.38 35.02 -0.85
N LEU D 126 -13.32 34.14 -1.16
CA LEU D 126 -13.34 33.48 -2.48
C LEU D 126 -13.49 34.54 -3.54
N GLN D 127 -14.45 35.43 -3.34
CA GLN D 127 -14.72 36.49 -4.31
C GLN D 127 -13.53 37.40 -4.55
N ASN D 128 -12.80 37.73 -3.48
CA ASN D 128 -11.65 38.66 -3.61
C ASN D 128 -10.40 37.95 -4.12
N ALA D 129 -10.07 36.78 -3.58
CA ALA D 129 -8.96 35.99 -4.15
C ALA D 129 -9.21 35.71 -5.63
N GLY D 130 -10.48 35.64 -6.00
CA GLY D 130 -10.87 35.27 -7.34
C GLY D 130 -10.69 36.36 -8.37
N ARG D 131 -10.73 37.62 -7.93
CA ARG D 131 -10.57 38.79 -8.78
C ARG D 131 -9.12 39.27 -8.78
N PRO E 1 -18.64 5.80 12.60
CA PRO E 1 -18.83 7.21 12.93
C PRO E 1 -19.89 7.41 14.02
N LEU E 2 -19.81 8.54 14.70
CA LEU E 2 -20.76 8.86 15.76
C LEU E 2 -21.35 10.23 15.53
N ARG E 3 -22.64 10.35 15.77
CA ARG E 3 -23.33 11.63 15.72
C ARG E 3 -24.66 11.58 16.51
N LEU E 4 -25.29 12.73 16.68
CA LEU E 4 -26.60 12.76 17.32
C LEU E 4 -27.68 12.64 16.25
N GLY E 5 -28.62 11.73 16.43
CA GLY E 5 -29.79 11.67 15.55
C GLY E 5 -30.73 12.84 15.86
N GLY E 6 -31.67 13.09 14.93
CA GLY E 6 -32.66 14.18 15.05
C GLY E 6 -33.61 13.98 16.24
N ASN E 7 -33.54 12.77 16.81
CA ASN E 7 -34.03 12.44 18.16
C ASN E 7 -33.15 12.94 19.33
N GLY E 8 -31.86 13.23 19.08
CA GLY E 8 -30.99 13.84 20.08
C GLY E 8 -30.32 12.92 21.10
N GLN E 9 -29.51 11.96 20.63
CA GLN E 9 -28.61 11.13 21.48
C GLN E 9 -27.56 10.38 20.60
N LEU E 10 -26.36 10.16 21.15
CA LEU E 10 -25.15 9.96 20.32
C LEU E 10 -25.09 8.59 19.65
N GLN E 11 -25.53 8.53 18.39
CA GLN E 11 -25.72 7.26 17.65
C GLN E 11 -24.57 6.81 16.67
N TYR E 12 -24.49 5.49 16.42
CA TYR E 12 -23.40 4.86 15.65
C TYR E 12 -23.88 4.40 14.31
N TRP E 13 -23.05 4.62 13.28
CA TRP E 13 -23.26 4.04 11.96
CA TRP E 13 -23.26 4.04 11.95
C TRP E 13 -21.87 3.71 11.36
N PRO E 14 -21.75 2.58 10.65
CA PRO E 14 -20.41 2.26 10.11
C PRO E 14 -20.03 3.12 8.92
N PHE E 15 -18.73 3.34 8.73
CA PHE E 15 -18.24 3.95 7.50
C PHE E 15 -18.84 3.21 6.30
N SER E 16 -19.27 3.96 5.31
CA SER E 16 -19.65 3.36 4.04
C SER E 16 -18.37 3.14 3.20
N SER E 17 -18.33 2.06 2.46
CA SER E 17 -17.12 1.74 1.78
C SER E 17 -16.79 2.80 0.70
N SER E 18 -17.81 3.37 0.08
CA SER E 18 -17.62 4.48 -0.85
C SER E 18 -16.75 5.61 -0.32
N ASP E 19 -17.00 6.10 0.89
CA ASP E 19 -16.16 7.18 1.38
C ASP E 19 -14.75 6.70 1.49
N LEU E 20 -14.59 5.54 2.10
CA LEU E 20 -13.28 4.98 2.34
C LEU E 20 -12.46 4.80 1.05
N TYR E 21 -13.03 4.08 0.08
CA TYR E 21 -12.36 3.90 -1.20
C TYR E 21 -12.22 5.22 -1.97
N ASN E 22 -13.17 6.14 -1.86
CA ASN E 22 -12.97 7.47 -2.46
C ASN E 22 -11.86 8.25 -1.82
N TRP E 23 -11.76 8.22 -0.51
CA TRP E 23 -10.63 8.88 0.20
C TRP E 23 -9.31 8.26 -0.23
N LYS E 24 -9.30 6.98 -0.50
CA LYS E 24 -8.07 6.31 -0.89
C LYS E 24 -7.66 6.73 -2.30
N ASN E 25 -8.58 6.59 -3.25
CA ASN E 25 -8.33 6.85 -4.66
C ASN E 25 -8.17 8.31 -5.06
N ASN E 26 -8.56 9.27 -4.23
CA ASN E 26 -8.39 10.68 -4.56
C ASN E 26 -7.24 11.35 -3.84
N ASN E 27 -6.41 10.56 -3.18
CA ASN E 27 -5.22 11.06 -2.53
C ASN E 27 -4.04 10.14 -2.82
N PRO E 28 -2.79 10.63 -2.64
CA PRO E 28 -1.60 9.77 -2.77
C PRO E 28 -1.42 8.93 -1.53
N SER E 29 -0.51 7.97 -1.57
CA SER E 29 -0.22 7.19 -0.37
C SER E 29 0.41 8.05 0.73
N PHE E 30 0.45 7.50 1.93
CA PHE E 30 0.96 8.23 3.09
C PHE E 30 2.44 8.55 2.92
N SER E 31 3.17 7.59 2.35
CA SER E 31 4.60 7.72 2.11
C SER E 31 4.94 8.74 1.03
N GLU E 32 4.11 8.87 0.01
CA GLU E 32 4.39 9.85 -1.06
C GLU E 32 4.09 11.29 -0.69
N ASP E 33 3.14 11.53 0.23
CA ASP E 33 2.68 12.89 0.58
C ASP E 33 1.85 12.80 1.89
N PRO E 34 2.55 12.59 3.02
CA PRO E 34 1.89 12.31 4.29
C PRO E 34 0.97 13.44 4.78
N GLY E 35 1.15 14.64 4.25
CA GLY E 35 0.37 15.81 4.63
C GLY E 35 -1.07 15.73 4.16
N LYS E 36 -1.27 15.36 2.90
CA LYS E 36 -2.63 15.22 2.36
C LYS E 36 -3.45 14.25 3.21
N LEU E 37 -2.97 13.01 3.35
CA LEU E 37 -3.72 11.97 4.07
C LEU E 37 -3.86 12.29 5.53
N THR E 38 -2.85 12.89 6.12
CA THR E 38 -2.98 13.35 7.50
C THR E 38 -4.06 14.43 7.60
N ALA E 39 -4.10 15.32 6.62
CA ALA E 39 -5.10 16.39 6.64
C ALA E 39 -6.52 15.81 6.50
N LEU E 40 -6.67 14.84 5.60
CA LEU E 40 -7.93 14.13 5.47
C LEU E 40 -8.32 13.41 6.74
N ILE E 41 -7.38 12.65 7.30
CA ILE E 41 -7.68 11.81 8.46
C ILE E 41 -8.03 12.68 9.63
N GLU E 42 -7.24 13.72 9.86
CA GLU E 42 -7.55 14.72 10.89
C GLU E 42 -8.95 15.29 10.77
N SER E 43 -9.32 15.67 9.56
CA SER E 43 -10.66 16.20 9.31
C SER E 43 -11.73 15.19 9.66
N VAL E 44 -11.67 14.02 9.00
CA VAL E 44 -12.57 12.90 9.28
C VAL E 44 -12.64 12.55 10.78
N LEU E 45 -11.50 12.57 11.45
CA LEU E 45 -11.45 12.44 12.92
C LEU E 45 -12.40 13.32 13.68
N THR E 46 -12.57 14.58 13.28
CA THR E 46 -13.60 15.42 13.90
C THR E 46 -14.94 15.30 13.25
N THR E 47 -15.02 15.28 11.90
CA THR E 47 -16.36 15.29 11.28
C THR E 47 -17.12 13.98 11.46
N HIS E 48 -16.40 12.87 11.56
CA HIS E 48 -17.02 11.59 11.65
C HIS E 48 -17.01 11.01 13.06
N GLN E 49 -16.28 11.64 13.97
CA GLN E 49 -16.23 11.16 15.37
C GLN E 49 -16.11 9.62 15.45
N PRO E 50 -15.10 9.06 14.79
CA PRO E 50 -14.93 7.60 14.66
C PRO E 50 -14.73 6.91 15.98
N THR E 51 -15.29 5.72 16.20
CA THR E 51 -14.94 4.92 17.36
C THR E 51 -13.53 4.37 17.16
N TRP E 52 -13.06 3.61 18.16
CA TRP E 52 -11.80 2.90 18.07
C TRP E 52 -11.77 2.00 16.87
N ASP E 53 -12.77 1.15 16.73
CA ASP E 53 -12.87 0.30 15.53
C ASP E 53 -12.91 1.09 14.26
N ASP E 54 -13.75 2.12 14.21
CA ASP E 54 -13.77 2.97 12.99
C ASP E 54 -12.34 3.36 12.67
N CYS E 55 -11.55 3.76 13.67
CA CYS E 55 -10.19 4.19 13.37
C CYS E 55 -9.37 3.10 12.71
N GLN E 56 -9.54 1.85 13.14
CA GLN E 56 -8.69 0.77 12.57
C GLN E 56 -9.03 0.58 11.10
N GLN E 57 -10.32 0.67 10.82
CA GLN E 57 -10.84 0.59 9.46
C GLN E 57 -10.25 1.74 8.63
N LEU E 58 -10.37 2.95 9.18
CA LEU E 58 -9.82 4.14 8.57
C LEU E 58 -8.35 3.93 8.24
N LEU E 59 -7.53 3.73 9.28
CA LEU E 59 -6.10 3.54 9.09
C LEU E 59 -5.75 2.37 8.16
N GLY E 60 -6.42 1.23 8.37
CA GLY E 60 -6.20 0.01 7.58
C GLY E 60 -6.48 0.22 6.11
N THR E 61 -7.56 0.91 5.79
CA THR E 61 -7.93 1.14 4.40
C THR E 61 -6.96 2.11 3.70
N LEU E 62 -6.51 3.14 4.42
CA LEU E 62 -5.78 4.24 3.79
C LEU E 62 -4.30 4.11 3.94
N LEU E 63 -3.82 3.19 4.76
CA LEU E 63 -2.38 3.04 5.02
C LEU E 63 -1.95 1.60 4.78
N THR E 64 -0.75 1.40 4.29
CA THR E 64 -0.09 0.09 4.36
C THR E 64 0.06 -0.32 5.84
N GLY E 65 0.09 -1.63 6.13
CA GLY E 65 0.39 -2.13 7.48
C GLY E 65 1.69 -1.54 8.01
N GLU E 66 2.66 -1.38 7.12
CA GLU E 66 3.94 -0.78 7.49
C GLU E 66 3.71 0.65 8.01
N GLU E 67 3.10 1.48 7.17
CA GLU E 67 2.70 2.82 7.58
C GLU E 67 1.88 2.80 8.90
N LYS E 68 0.83 1.97 8.97
CA LYS E 68 -0.05 1.86 10.16
C LYS E 68 0.72 1.49 11.45
N GLN E 69 1.67 0.56 11.32
CA GLN E 69 2.63 0.27 12.38
C GLN E 69 3.31 1.56 12.88
N ARG E 70 4.11 2.19 12.02
CA ARG E 70 4.74 3.46 12.35
C ARG E 70 3.78 4.39 13.10
N VAL E 71 2.63 4.68 12.50
CA VAL E 71 1.67 5.61 13.07
C VAL E 71 1.25 5.19 14.48
N LEU E 72 0.96 3.91 14.68
CA LEU E 72 0.52 3.47 16.00
C LEU E 72 1.63 3.54 17.07
N LEU E 73 2.89 3.27 16.72
CA LEU E 73 3.99 3.40 17.69
C LEU E 73 4.08 4.84 18.14
N GLU E 74 4.26 5.71 17.15
CA GLU E 74 4.36 7.13 17.39
C GLU E 74 3.22 7.66 18.22
N ALA E 75 2.00 7.19 17.96
CA ALA E 75 0.89 7.62 18.77
C ALA E 75 1.13 7.19 20.20
N ARG E 76 1.49 5.91 20.42
CA ARG E 76 1.75 5.37 21.77
C ARG E 76 2.93 6.10 22.44
N LYS E 77 3.87 6.49 21.59
CA LYS E 77 5.07 7.22 21.99
C LYS E 77 4.75 8.59 22.55
N ALA E 78 3.49 9.04 22.46
CA ALA E 78 3.09 10.40 22.76
C ALA E 78 2.07 10.49 23.87
N VAL E 79 1.85 9.40 24.61
CA VAL E 79 0.87 9.37 25.71
C VAL E 79 1.36 10.20 26.89
N ARG E 80 0.42 10.71 27.66
CA ARG E 80 0.72 11.58 28.80
C ARG E 80 0.01 11.09 30.06
N GLY E 81 0.71 11.13 31.18
CA GLY E 81 0.14 10.73 32.44
C GLY E 81 -0.75 11.79 33.05
N ASN E 82 -1.44 11.40 34.12
CA ASN E 82 -2.46 12.25 34.76
C ASN E 82 -1.96 13.58 35.34
N ASP E 83 -0.64 13.73 35.51
CA ASP E 83 -0.03 15.02 35.86
C ASP E 83 0.10 15.96 34.62
N GLY E 84 0.08 15.38 33.44
CA GLY E 84 0.18 16.15 32.19
C GLY E 84 1.54 16.05 31.55
N ARG E 85 2.28 14.99 31.86
CA ARG E 85 3.64 14.89 31.41
C ARG E 85 3.88 13.58 30.66
N PRO E 86 4.90 13.55 29.78
CA PRO E 86 5.23 12.29 29.10
C PRO E 86 5.37 11.12 30.08
N THR E 87 4.54 10.10 29.90
CA THR E 87 4.65 8.85 30.64
C THR E 87 4.87 7.74 29.63
N GLN E 88 5.71 6.79 29.98
CA GLN E 88 5.83 5.58 29.18
C GLN E 88 5.54 4.39 30.07
N LEU E 89 4.77 4.62 31.14
CA LEU E 89 4.44 3.55 32.06
C LEU E 89 3.37 2.71 31.40
N PRO E 90 3.69 1.42 31.18
CA PRO E 90 2.85 0.63 30.28
C PRO E 90 1.39 0.60 30.63
N ASN E 91 1.02 0.63 31.90
CA ASN E 91 -0.41 0.71 32.24
C ASN E 91 -1.09 2.00 31.71
N GLU E 92 -0.30 3.06 31.55
CA GLU E 92 -0.87 4.37 31.17
C GLU E 92 -0.97 4.47 29.66
N VAL E 93 0.05 3.97 28.97
CA VAL E 93 0.07 3.90 27.55
C VAL E 93 -1.08 2.99 27.03
N ASP E 94 -1.34 1.87 27.69
CA ASP E 94 -2.39 0.97 27.21
C ASP E 94 -3.76 1.48 27.59
N ALA E 95 -3.84 2.34 28.60
CA ALA E 95 -5.14 2.95 28.95
C ALA E 95 -5.54 4.04 27.92
N ALA E 96 -4.58 4.83 27.50
CA ALA E 96 -4.85 5.91 26.55
C ALA E 96 -4.87 5.44 25.08
N PHE E 97 -3.91 4.60 24.71
CA PHE E 97 -3.76 4.18 23.31
C PHE E 97 -3.66 2.66 23.20
N PRO E 98 -4.80 1.97 23.44
CA PRO E 98 -4.83 0.53 23.35
C PRO E 98 -4.61 -0.01 21.94
N LEU E 99 -3.60 -0.86 21.81
CA LEU E 99 -3.41 -1.70 20.64
C LEU E 99 -4.52 -2.73 20.44
N GLU E 100 -5.25 -3.11 21.49
CA GLU E 100 -6.31 -4.10 21.29
C GLU E 100 -7.63 -3.51 21.67
N ARG E 101 -8.68 -3.93 20.97
CA ARG E 101 -10.00 -3.37 21.15
C ARG E 101 -10.30 -3.17 22.63
N PRO E 102 -10.54 -1.92 23.08
CA PRO E 102 -10.77 -1.69 24.49
C PRO E 102 -12.24 -1.65 24.81
N ASP E 103 -12.61 -1.62 26.07
CA ASP E 103 -14.02 -1.73 26.45
C ASP E 103 -14.63 -0.32 26.69
N TRP E 104 -14.70 0.49 25.63
CA TRP E 104 -15.15 1.90 25.73
C TRP E 104 -16.61 2.07 25.28
N ASP E 105 -17.47 2.58 26.16
CA ASP E 105 -18.90 2.74 25.88
C ASP E 105 -19.23 4.18 25.44
N TYR E 106 -19.41 4.41 24.15
CA TYR E 106 -19.58 5.77 23.67
C TYR E 106 -20.82 6.46 24.22
N THR E 107 -21.72 5.72 24.90
CA THR E 107 -22.88 6.37 25.54
C THR E 107 -22.58 6.76 26.99
N THR E 108 -21.37 6.49 27.44
CA THR E 108 -20.93 6.92 28.75
C THR E 108 -19.92 8.04 28.62
N THR E 109 -19.76 8.81 29.68
CA THR E 109 -18.79 9.91 29.71
C THR E 109 -17.34 9.48 29.53
N GLU E 110 -16.91 8.51 30.33
CA GLU E 110 -15.53 8.02 30.27
C GLU E 110 -15.20 7.38 28.92
N GLY E 111 -16.21 6.72 28.33
CA GLY E 111 -16.11 6.21 26.99
C GLY E 111 -15.76 7.31 26.01
N ARG E 112 -16.59 8.35 25.98
CA ARG E 112 -16.40 9.51 25.08
C ARG E 112 -15.06 10.22 25.24
N ASN E 113 -14.62 10.37 26.48
CA ASN E 113 -13.37 11.07 26.74
C ASN E 113 -12.18 10.21 26.31
N HIS E 114 -12.30 8.89 26.46
CA HIS E 114 -11.25 7.99 25.98
C HIS E 114 -11.07 8.11 24.49
N LEU E 115 -12.18 8.28 23.78
CA LEU E 115 -12.11 8.49 22.34
C LEU E 115 -11.45 9.81 21.99
N VAL E 116 -11.88 10.89 22.65
CA VAL E 116 -11.38 12.22 22.30
C VAL E 116 -9.90 12.10 22.35
N LEU E 117 -9.42 11.58 23.47
CA LEU E 117 -7.99 11.39 23.72
C LEU E 117 -7.32 10.53 22.67
N TYR E 118 -7.95 9.39 22.37
CA TYR E 118 -7.40 8.42 21.43
C TYR E 118 -7.16 9.03 20.08
N ARG E 119 -8.19 9.74 19.60
CA ARG E 119 -8.08 10.49 18.35
C ARG E 119 -6.99 11.53 18.36
N GLN E 120 -6.87 12.34 19.41
CA GLN E 120 -5.72 13.29 19.51
C GLN E 120 -4.36 12.60 19.43
N LEU E 121 -4.18 11.47 20.12
CA LEU E 121 -2.91 10.74 20.07
C LEU E 121 -2.72 10.21 18.67
N LEU E 122 -3.80 9.66 18.09
CA LEU E 122 -3.76 9.17 16.72
C LEU E 122 -3.17 10.24 15.77
N LEU E 123 -3.64 11.49 15.90
CA LEU E 123 -3.15 12.61 15.09
C LEU E 123 -1.68 12.94 15.33
N ALA E 124 -1.31 12.96 16.60
CA ALA E 124 0.10 13.12 16.95
C ALA E 124 0.89 12.02 16.20
N GLY E 125 0.38 10.80 16.24
CA GLY E 125 1.04 9.70 15.57
C GLY E 125 1.17 9.86 14.08
N LEU E 126 0.08 10.23 13.40
CA LEU E 126 0.18 10.49 11.97
C LEU E 126 1.21 11.61 11.73
N GLN E 127 1.08 12.73 12.46
CA GLN E 127 1.99 13.85 12.30
C GLN E 127 3.42 13.43 12.47
N ASN E 128 3.69 12.71 13.54
CA ASN E 128 5.09 12.34 13.88
C ASN E 128 5.66 11.24 13.00
N ALA E 129 4.88 10.19 12.74
CA ALA E 129 5.19 9.26 11.67
C ALA E 129 5.44 10.02 10.37
N GLY E 130 4.65 11.06 10.13
CA GLY E 130 4.76 11.91 8.95
C GLY E 130 6.16 12.43 8.75
N ARG E 131 6.57 13.35 9.62
CA ARG E 131 7.90 13.99 9.57
C ARG E 131 9.04 13.08 9.05
N SER E 132 9.23 11.91 9.67
CA SER E 132 10.29 10.95 9.23
C SER E 132 10.10 10.48 7.78
N PRO F 1 -26.54 -6.19 9.28
CA PRO F 1 -25.81 -5.60 10.37
C PRO F 1 -26.67 -5.30 11.57
N LEU F 2 -26.04 -5.15 12.74
CA LEU F 2 -26.73 -4.73 13.95
C LEU F 2 -26.08 -3.48 14.53
N ARG F 3 -26.91 -2.60 15.08
CA ARG F 3 -26.40 -1.48 15.86
C ARG F 3 -27.34 -1.01 16.98
N LEU F 4 -26.79 -0.22 17.87
CA LEU F 4 -27.54 0.31 19.01
C LEU F 4 -28.54 1.38 18.54
N GLY F 5 -29.82 1.07 18.64
CA GLY F 5 -30.86 1.99 18.20
C GLY F 5 -31.11 3.09 19.23
N GLY F 6 -31.97 4.03 18.86
CA GLY F 6 -32.25 5.17 19.72
C GLY F 6 -32.97 4.71 20.98
N ASN F 7 -33.97 3.87 20.81
CA ASN F 7 -34.66 3.25 21.95
C ASN F 7 -33.75 2.36 22.82
N GLY F 8 -32.45 2.34 22.57
CA GLY F 8 -31.55 1.48 23.32
C GLY F 8 -31.59 0.01 22.94
N GLN F 9 -32.45 -0.38 21.97
CA GLN F 9 -32.48 -1.75 21.44
C GLN F 9 -31.67 -1.85 20.14
N LEU F 10 -31.08 -3.02 19.96
CA LEU F 10 -30.34 -3.33 18.75
C LEU F 10 -31.34 -3.43 17.61
N GLN F 11 -30.87 -2.99 16.45
CA GLN F 11 -31.68 -2.72 15.26
C GLN F 11 -30.93 -3.40 14.10
N TYR F 12 -31.67 -4.13 13.28
CA TYR F 12 -31.12 -4.82 12.14
C TYR F 12 -31.36 -4.05 10.86
N TRP F 13 -30.36 -4.06 9.99
CA TRP F 13 -30.56 -3.68 8.61
C TRP F 13 -29.59 -4.49 7.70
N PRO F 14 -30.02 -4.86 6.49
CA PRO F 14 -29.19 -5.67 5.61
C PRO F 14 -27.92 -5.01 5.16
N PHE F 15 -26.95 -5.81 4.75
CA PHE F 15 -25.82 -5.23 4.04
C PHE F 15 -26.30 -4.50 2.76
N SER F 16 -25.53 -3.51 2.36
CA SER F 16 -25.67 -2.87 1.07
C SER F 16 -24.77 -3.68 0.16
N SER F 17 -25.26 -4.02 -1.03
CA SER F 17 -24.48 -4.80 -2.00
C SER F 17 -23.27 -4.07 -2.48
N SER F 18 -23.33 -2.75 -2.51
CA SER F 18 -22.18 -1.98 -2.86
C SER F 18 -21.05 -2.11 -1.89
N ASP F 19 -21.37 -2.24 -0.60
CA ASP F 19 -20.31 -2.51 0.39
C ASP F 19 -19.64 -3.85 0.07
N LEU F 20 -20.43 -4.90 -0.05
CA LEU F 20 -19.85 -6.25 -0.24
C LEU F 20 -19.03 -6.35 -1.52
N TYR F 21 -19.62 -5.94 -2.65
CA TYR F 21 -18.90 -5.91 -3.95
C TYR F 21 -17.70 -4.98 -3.97
N ASN F 22 -17.78 -3.82 -3.30
CA ASN F 22 -16.58 -3.00 -3.14
C ASN F 22 -15.51 -3.73 -2.35
N TRP F 23 -15.91 -4.42 -1.27
CA TRP F 23 -14.93 -5.21 -0.51
C TRP F 23 -14.26 -6.27 -1.41
N LYS F 24 -15.05 -6.93 -2.25
CA LYS F 24 -14.52 -7.97 -3.13
C LYS F 24 -13.59 -7.38 -4.18
N ASN F 25 -14.04 -6.29 -4.79
CA ASN F 25 -13.30 -5.70 -5.90
C ASN F 25 -12.08 -4.89 -5.55
N ASN F 26 -11.91 -4.53 -4.29
CA ASN F 26 -10.74 -3.73 -3.85
C ASN F 26 -9.76 -4.58 -3.10
N ASN F 27 -9.97 -5.90 -3.13
CA ASN F 27 -9.05 -6.83 -2.49
C ASN F 27 -8.78 -8.06 -3.34
N PRO F 28 -7.59 -8.67 -3.16
CA PRO F 28 -7.34 -9.95 -3.83
C PRO F 28 -8.22 -11.03 -3.21
N SER F 29 -8.32 -12.16 -3.89
CA SER F 29 -9.09 -13.31 -3.41
C SER F 29 -8.37 -13.91 -2.23
N PHE F 30 -9.15 -14.58 -1.41
CA PHE F 30 -8.65 -15.15 -0.19
C PHE F 30 -7.49 -16.12 -0.45
N SER F 31 -7.67 -16.99 -1.45
CA SER F 31 -6.64 -17.93 -1.87
C SER F 31 -5.39 -17.23 -2.40
N GLU F 32 -5.58 -16.16 -3.16
CA GLU F 32 -4.47 -15.37 -3.73
C GLU F 32 -3.68 -14.62 -2.65
N ASP F 33 -4.33 -14.25 -1.55
CA ASP F 33 -3.68 -13.67 -0.36
C ASP F 33 -4.72 -13.51 0.76
N PRO F 34 -4.65 -14.36 1.80
CA PRO F 34 -5.70 -14.39 2.82
C PRO F 34 -5.66 -13.34 3.95
N GLY F 35 -4.53 -12.69 4.19
CA GLY F 35 -4.47 -11.61 5.20
C GLY F 35 -5.43 -10.48 4.90
N LYS F 36 -5.39 -10.00 3.67
CA LYS F 36 -6.25 -8.90 3.22
C LYS F 36 -7.74 -9.10 3.51
N LEU F 37 -8.37 -10.15 2.96
CA LEU F 37 -9.80 -10.42 3.25
C LEU F 37 -10.04 -10.78 4.73
N THR F 38 -9.07 -11.40 5.38
CA THR F 38 -9.21 -11.70 6.80
C THR F 38 -9.31 -10.37 7.54
N ALA F 39 -8.35 -9.49 7.35
CA ALA F 39 -8.33 -8.18 8.04
C ALA F 39 -9.61 -7.38 7.74
N LEU F 40 -10.14 -7.49 6.54
CA LEU F 40 -11.35 -6.78 6.19
C LEU F 40 -12.49 -7.39 6.97
N ILE F 41 -12.64 -8.70 6.86
CA ILE F 41 -13.71 -9.39 7.55
C ILE F 41 -13.64 -9.11 9.03
N GLU F 42 -12.42 -9.16 9.58
CA GLU F 42 -12.26 -8.99 11.02
C GLU F 42 -12.85 -7.66 11.47
N SER F 43 -12.48 -6.59 10.76
CA SER F 43 -13.00 -5.24 11.00
C SER F 43 -14.51 -5.19 10.87
N VAL F 44 -15.01 -5.57 9.69
CA VAL F 44 -16.45 -5.59 9.41
C VAL F 44 -17.21 -6.35 10.50
N LEU F 45 -16.66 -7.51 10.93
CA LEU F 45 -17.28 -8.26 12.05
C LEU F 45 -17.56 -7.36 13.25
N THR F 46 -16.71 -6.36 13.54
CA THR F 46 -17.03 -5.44 14.66
C THR F 46 -17.81 -4.20 14.26
N THR F 47 -17.42 -3.50 13.19
CA THR F 47 -18.15 -2.28 12.83
C THR F 47 -19.62 -2.60 12.45
N HIS F 48 -19.82 -3.62 11.63
CA HIS F 48 -21.18 -3.94 11.17
C HIS F 48 -21.94 -4.92 12.07
N GLN F 49 -21.27 -5.45 13.08
CA GLN F 49 -21.91 -6.35 14.07
C GLN F 49 -22.88 -7.39 13.43
N PRO F 50 -22.39 -8.19 12.47
CA PRO F 50 -23.24 -9.04 11.61
C PRO F 50 -24.01 -10.13 12.32
N THR F 51 -25.24 -10.43 11.89
CA THR F 51 -25.94 -11.62 12.37
C THR F 51 -25.35 -12.87 11.72
N TRP F 52 -25.90 -14.03 12.08
CA TRP F 52 -25.43 -15.29 11.48
C TRP F 52 -25.64 -15.23 9.97
N ASP F 53 -26.85 -14.86 9.57
CA ASP F 53 -27.11 -14.63 8.16
C ASP F 53 -26.19 -13.66 7.49
N ASP F 54 -25.93 -12.52 8.12
CA ASP F 54 -25.02 -11.56 7.50
C ASP F 54 -23.65 -12.17 7.24
N CYS F 55 -23.16 -13.01 8.15
CA CYS F 55 -21.88 -13.66 7.92
C CYS F 55 -21.97 -14.62 6.75
N GLN F 56 -23.10 -15.31 6.61
CA GLN F 56 -23.31 -16.18 5.47
C GLN F 56 -23.16 -15.31 4.23
N GLN F 57 -23.78 -14.13 4.23
CA GLN F 57 -23.67 -13.20 3.12
C GLN F 57 -22.27 -12.76 2.95
N LEU F 58 -21.60 -12.32 4.00
CA LEU F 58 -20.22 -11.93 3.83
C LEU F 58 -19.47 -13.03 3.14
N LEU F 59 -19.41 -14.19 3.81
CA LEU F 59 -18.48 -15.25 3.39
C LEU F 59 -18.82 -15.69 1.98
N GLY F 60 -20.13 -15.78 1.69
CA GLY F 60 -20.64 -16.11 0.35
C GLY F 60 -20.20 -15.22 -0.80
N THR F 61 -20.15 -13.91 -0.57
CA THR F 61 -19.84 -12.93 -1.59
C THR F 61 -18.32 -12.80 -1.80
N LEU F 62 -17.56 -12.97 -0.73
CA LEU F 62 -16.12 -12.71 -0.75
C LEU F 62 -15.23 -13.96 -0.88
N LEU F 63 -15.79 -15.13 -0.63
CA LEU F 63 -15.04 -16.36 -0.76
C LEU F 63 -15.74 -17.29 -1.72
N THR F 64 -14.94 -18.06 -2.44
CA THR F 64 -15.47 -19.19 -3.20
C THR F 64 -15.98 -20.24 -2.24
N GLY F 65 -16.97 -21.02 -2.69
CA GLY F 65 -17.50 -22.17 -1.95
C GLY F 65 -16.47 -23.05 -1.26
N GLU F 66 -15.33 -23.29 -1.90
CA GLU F 66 -14.28 -24.20 -1.37
C GLU F 66 -13.33 -23.53 -0.39
N GLU F 67 -13.21 -22.22 -0.47
CA GLU F 67 -12.56 -21.44 0.59
C GLU F 67 -13.51 -21.34 1.80
N LYS F 68 -14.77 -21.03 1.56
CA LYS F 68 -15.75 -21.00 2.66
C LYS F 68 -15.73 -22.31 3.48
N GLN F 69 -15.84 -23.46 2.82
CA GLN F 69 -15.87 -24.75 3.54
C GLN F 69 -14.58 -24.99 4.40
N ARG F 70 -13.41 -24.70 3.85
CA ARG F 70 -12.15 -24.68 4.63
C ARG F 70 -12.21 -23.80 5.88
N VAL F 71 -12.83 -22.64 5.76
CA VAL F 71 -12.91 -21.65 6.83
C VAL F 71 -13.93 -22.13 7.85
N LEU F 72 -15.04 -22.70 7.39
CA LEU F 72 -16.09 -23.14 8.30
C LEU F 72 -15.63 -24.37 9.06
N LEU F 73 -14.89 -25.24 8.40
CA LEU F 73 -14.28 -26.40 9.09
C LEU F 73 -13.26 -26.02 10.15
N GLU F 74 -12.55 -24.91 9.94
CA GLU F 74 -11.48 -24.51 10.87
C GLU F 74 -12.07 -23.88 12.07
N ALA F 75 -13.20 -23.21 11.85
CA ALA F 75 -13.92 -22.51 12.88
C ALA F 75 -14.48 -23.51 13.85
N ARG F 76 -14.97 -24.62 13.29
CA ARG F 76 -15.48 -25.71 14.08
C ARG F 76 -14.34 -26.38 14.86
N LYS F 77 -13.22 -26.60 14.20
CA LYS F 77 -12.09 -27.17 14.90
C LYS F 77 -11.67 -26.27 16.06
N ALA F 78 -11.88 -24.94 15.98
CA ALA F 78 -11.53 -24.05 17.12
C ALA F 78 -12.53 -24.01 18.28
N VAL F 79 -13.67 -24.69 18.17
CA VAL F 79 -14.63 -24.78 19.29
C VAL F 79 -13.94 -25.37 20.52
N ARG F 80 -14.36 -24.90 21.70
CA ARG F 80 -13.83 -25.30 23.01
C ARG F 80 -14.96 -25.52 24.02
N GLY F 81 -14.77 -26.51 24.92
CA GLY F 81 -15.79 -26.87 25.90
C GLY F 81 -15.60 -26.06 27.15
N ASN F 82 -16.55 -26.11 28.07
CA ASN F 82 -16.47 -25.51 29.39
C ASN F 82 -15.12 -25.75 30.13
N ASP F 83 -14.39 -26.81 29.79
CA ASP F 83 -13.13 -27.11 30.46
C ASP F 83 -11.92 -26.51 29.77
N GLY F 84 -12.15 -25.66 28.78
CA GLY F 84 -11.04 -25.02 28.05
C GLY F 84 -10.39 -25.83 26.95
N ARG F 85 -10.90 -27.03 26.69
CA ARG F 85 -10.28 -27.96 25.73
C ARG F 85 -11.07 -28.15 24.43
N PRO F 86 -10.39 -28.64 23.40
CA PRO F 86 -11.10 -28.93 22.19
C PRO F 86 -12.26 -29.84 22.52
N THR F 87 -13.37 -29.71 21.81
CA THR F 87 -14.41 -30.70 21.94
C THR F 87 -14.86 -30.99 20.56
N GLN F 88 -14.94 -32.28 20.20
CA GLN F 88 -15.64 -32.68 18.95
C GLN F 88 -17.01 -33.36 19.19
N LEU F 89 -17.59 -33.22 20.41
CA LEU F 89 -18.99 -33.56 20.67
C LEU F 89 -19.90 -32.73 19.76
N PRO F 90 -20.59 -33.38 18.80
CA PRO F 90 -21.38 -32.61 17.79
C PRO F 90 -22.40 -31.65 18.38
N ASN F 91 -23.06 -32.01 19.47
CA ASN F 91 -24.01 -31.10 20.09
C ASN F 91 -23.28 -29.83 20.57
N GLU F 92 -22.04 -29.98 21.00
CA GLU F 92 -21.24 -28.84 21.47
C GLU F 92 -20.73 -28.00 20.30
N VAL F 93 -20.15 -28.66 19.31
CA VAL F 93 -19.71 -27.98 18.11
C VAL F 93 -20.84 -27.15 17.46
N ASP F 94 -22.06 -27.71 17.39
CA ASP F 94 -23.17 -27.12 16.63
C ASP F 94 -23.85 -26.01 17.40
N ALA F 95 -23.75 -26.05 18.73
CA ALA F 95 -24.28 -24.96 19.55
C ALA F 95 -23.39 -23.69 19.43
N ALA F 96 -22.08 -23.85 19.20
CA ALA F 96 -21.19 -22.69 19.16
C ALA F 96 -21.03 -22.16 17.74
N PHE F 97 -20.85 -23.07 16.78
CA PHE F 97 -20.65 -22.71 15.40
C PHE F 97 -21.63 -23.49 14.52
N PRO F 98 -22.90 -23.07 14.45
CA PRO F 98 -23.87 -23.79 13.60
C PRO F 98 -23.61 -23.65 12.11
N LEU F 99 -23.87 -24.73 11.36
CA LEU F 99 -23.86 -24.67 9.89
C LEU F 99 -25.23 -24.36 9.35
N GLU F 100 -26.27 -24.55 10.18
CA GLU F 100 -27.64 -24.26 9.78
C GLU F 100 -28.17 -23.12 10.62
N ARG F 101 -28.94 -22.25 9.98
CA ARG F 101 -29.48 -21.08 10.67
C ARG F 101 -29.95 -21.45 12.08
N PRO F 102 -29.35 -20.81 13.11
CA PRO F 102 -29.86 -20.91 14.47
C PRO F 102 -30.92 -19.87 14.66
N ASP F 103 -31.66 -19.94 15.76
CA ASP F 103 -32.51 -18.82 16.15
C ASP F 103 -31.95 -18.14 17.40
N TRP F 104 -30.76 -17.60 17.25
CA TRP F 104 -30.23 -16.69 18.23
C TRP F 104 -31.06 -15.43 18.15
N ASP F 105 -31.30 -14.80 19.28
CA ASP F 105 -32.14 -13.60 19.36
C ASP F 105 -31.26 -12.47 19.86
N TYR F 106 -30.86 -11.59 18.95
CA TYR F 106 -29.92 -10.52 19.25
C TYR F 106 -30.43 -9.51 20.29
N THR F 107 -31.73 -9.47 20.57
CA THR F 107 -32.29 -8.68 21.71
C THR F 107 -32.13 -9.27 23.13
N THR F 108 -31.53 -10.46 23.24
CA THR F 108 -31.32 -11.11 24.54
C THR F 108 -29.85 -11.43 24.74
N THR F 109 -29.47 -11.62 26.00
CA THR F 109 -28.10 -11.83 26.40
C THR F 109 -27.47 -13.09 25.76
N GLU F 110 -28.15 -14.22 25.86
CA GLU F 110 -27.51 -15.44 25.40
C GLU F 110 -27.40 -15.48 23.88
N GLY F 111 -28.33 -14.81 23.19
CA GLY F 111 -28.24 -14.63 21.75
C GLY F 111 -27.04 -13.77 21.43
N ARG F 112 -26.93 -12.64 22.12
CA ARG F 112 -25.75 -11.80 22.01
C ARG F 112 -24.43 -12.52 22.31
N ASN F 113 -24.41 -13.41 23.30
CA ASN F 113 -23.17 -14.17 23.57
C ASN F 113 -22.89 -15.12 22.44
N HIS F 114 -23.91 -15.81 21.96
CA HIS F 114 -23.69 -16.72 20.84
C HIS F 114 -23.10 -16.00 19.63
N LEU F 115 -23.64 -14.82 19.33
CA LEU F 115 -23.14 -14.03 18.22
C LEU F 115 -21.72 -13.63 18.45
N VAL F 116 -21.37 -13.14 19.65
CA VAL F 116 -19.96 -12.81 19.95
C VAL F 116 -19.08 -14.03 19.69
N LEU F 117 -19.50 -15.18 20.18
CA LEU F 117 -18.70 -16.40 20.05
C LEU F 117 -18.54 -16.81 18.60
N TYR F 118 -19.67 -16.78 17.87
CA TYR F 118 -19.69 -17.18 16.43
C TYR F 118 -18.67 -16.38 15.68
N ARG F 119 -18.67 -15.08 15.93
CA ARG F 119 -17.75 -14.16 15.27
C ARG F 119 -16.29 -14.39 15.58
N GLN F 120 -15.97 -14.62 16.86
CA GLN F 120 -14.62 -15.02 17.27
C GLN F 120 -14.20 -16.29 16.52
N LEU F 121 -15.06 -17.32 16.52
CA LEU F 121 -14.74 -18.59 15.83
C LEU F 121 -14.50 -18.41 14.35
N LEU F 122 -15.39 -17.65 13.70
CA LEU F 122 -15.30 -17.35 12.25
C LEU F 122 -13.95 -16.72 11.92
N LEU F 123 -13.47 -15.86 12.80
CA LEU F 123 -12.15 -15.26 12.65
C LEU F 123 -11.09 -16.34 12.77
N ALA F 124 -11.09 -17.04 13.90
CA ALA F 124 -10.21 -18.20 14.10
C ALA F 124 -10.20 -19.02 12.81
N GLY F 125 -11.39 -19.32 12.29
CA GLY F 125 -11.55 -20.01 11.00
C GLY F 125 -10.75 -19.39 9.87
N LEU F 126 -11.04 -18.13 9.56
CA LEU F 126 -10.33 -17.43 8.49
C LEU F 126 -8.83 -17.40 8.71
N GLN F 127 -8.40 -17.18 9.95
CA GLN F 127 -6.95 -17.07 10.30
C GLN F 127 -6.18 -18.36 10.08
N ASN F 128 -6.74 -19.47 10.57
CA ASN F 128 -6.09 -20.76 10.44
C ASN F 128 -6.16 -21.28 8.99
N ALA F 129 -7.32 -21.21 8.34
CA ALA F 129 -7.38 -21.57 6.92
C ALA F 129 -6.35 -20.78 6.05
N GLY F 130 -6.05 -19.54 6.44
CA GLY F 130 -5.00 -18.72 5.79
C GLY F 130 -3.59 -19.23 6.07
N ARG F 131 -3.28 -19.51 7.33
CA ARG F 131 -2.10 -20.29 7.68
C ARG F 131 -2.29 -21.77 7.28
N PRO G 1 -8.60 20.01 54.88
CA PRO G 1 -7.25 19.63 55.25
C PRO G 1 -6.36 19.19 54.08
N LEU G 2 -5.04 19.22 54.30
CA LEU G 2 -4.07 18.73 53.32
C LEU G 2 -3.20 17.59 53.89
N ARG G 3 -2.82 16.64 53.05
CA ARG G 3 -1.88 15.56 53.41
C ARG G 3 -1.33 14.82 52.18
N LEU G 4 -0.06 14.39 52.21
CA LEU G 4 0.46 13.34 51.29
C LEU G 4 -0.30 12.02 51.56
N GLY G 5 -0.76 11.32 50.50
CA GLY G 5 -1.72 10.21 50.70
C GLY G 5 -1.52 8.84 50.04
N GLY G 6 -0.59 8.01 50.54
CA GLY G 6 -0.50 6.59 50.10
C GLY G 6 0.32 6.33 48.82
N ASN G 7 0.32 7.35 47.96
CA ASN G 7 1.17 7.47 46.77
C ASN G 7 1.46 8.97 46.62
N GLY G 8 2.47 9.45 47.35
CA GLY G 8 2.78 10.87 47.46
C GLY G 8 2.28 11.75 46.33
N LEU G 10 -0.71 14.19 47.80
CA LEU G 10 -1.30 15.23 46.95
C LEU G 10 -1.98 16.39 47.69
N GLN G 11 -2.80 16.00 48.65
CA GLN G 11 -4.25 16.15 48.51
C GLN G 11 -5.06 16.87 49.57
N TYR G 12 -6.33 17.09 49.20
CA TYR G 12 -7.22 17.92 49.94
C TYR G 12 -8.43 17.13 50.30
N TRP G 13 -8.91 17.31 51.52
CA TRP G 13 -10.22 16.84 51.86
C TRP G 13 -10.86 17.84 52.84
N PRO G 14 -12.17 18.04 52.73
CA PRO G 14 -12.89 18.93 53.61
C PRO G 14 -12.90 18.49 55.05
N PHE G 15 -12.92 19.41 55.99
CA PHE G 15 -13.11 19.01 57.37
C PHE G 15 -14.40 18.21 57.39
N SER G 16 -14.46 17.15 58.18
CA SER G 16 -15.74 16.54 58.46
C SER G 16 -16.47 17.43 59.47
N SER G 17 -17.79 17.54 59.32
CA SER G 17 -18.58 18.39 60.19
C SER G 17 -18.61 17.92 61.66
N SER G 18 -18.43 16.63 61.90
CA SER G 18 -18.26 16.08 63.25
C SER G 18 -17.09 16.71 63.90
N ASP G 19 -16.01 16.82 63.18
CA ASP G 19 -14.83 17.28 63.81
C ASP G 19 -15.09 18.70 64.29
N LEU G 20 -15.57 19.56 63.40
CA LEU G 20 -15.84 20.95 63.76
C LEU G 20 -16.79 21.09 64.94
N TYR G 21 -17.84 20.28 64.99
CA TYR G 21 -18.83 20.47 66.05
C TYR G 21 -18.42 19.80 67.33
N ASN G 22 -17.65 18.70 67.25
CA ASN G 22 -17.00 18.13 68.44
C ASN G 22 -16.08 19.18 69.09
N TRP G 23 -15.23 19.81 68.27
CA TRP G 23 -14.37 20.88 68.78
C TRP G 23 -15.11 22.04 69.49
N LYS G 24 -16.27 22.44 68.98
CA LYS G 24 -17.12 23.45 69.60
C LYS G 24 -17.74 22.89 70.91
N ASN G 25 -18.47 21.78 70.79
CA ASN G 25 -19.17 21.19 71.92
C ASN G 25 -18.38 20.78 73.15
N ASN G 26 -17.10 20.45 73.00
CA ASN G 26 -16.27 19.99 74.14
C ASN G 26 -15.38 21.03 74.77
N ASN G 27 -15.37 22.21 74.18
CA ASN G 27 -14.54 23.26 74.71
C ASN G 27 -15.40 24.45 75.09
N PRO G 28 -15.01 25.19 76.16
CA PRO G 28 -15.57 26.51 76.37
C PRO G 28 -15.40 27.40 75.14
N SER G 29 -16.20 28.47 75.11
CA SER G 29 -16.20 29.42 74.02
C SER G 29 -14.89 30.18 74.00
N PHE G 30 -14.75 31.10 73.08
CA PHE G 30 -13.53 31.87 73.05
C PHE G 30 -13.55 32.95 74.14
N SER G 31 -14.73 33.49 74.41
CA SER G 31 -14.90 34.52 75.45
C SER G 31 -14.60 33.86 76.82
N GLU G 32 -15.59 33.16 77.38
CA GLU G 32 -15.41 32.24 78.52
C GLU G 32 -13.96 31.96 78.91
N ASP G 33 -13.19 31.41 77.97
CA ASP G 33 -11.82 30.95 78.25
C ASP G 33 -10.98 30.78 76.97
N PRO G 34 -10.39 31.88 76.48
CA PRO G 34 -9.68 31.88 75.20
C PRO G 34 -8.58 30.85 75.07
N GLY G 35 -8.04 30.39 76.18
CA GLY G 35 -6.91 29.46 76.14
C GLY G 35 -7.19 28.16 75.41
N LYS G 36 -8.40 27.64 75.66
CA LYS G 36 -8.81 26.34 75.18
C LYS G 36 -8.88 26.24 73.63
N LEU G 37 -9.79 27.00 73.00
CA LEU G 37 -9.91 26.99 71.52
C LEU G 37 -8.64 27.51 70.82
N THR G 38 -7.82 28.29 71.52
CA THR G 38 -6.56 28.76 70.94
C THR G 38 -5.60 27.59 70.87
N ALA G 39 -5.64 26.77 71.91
CA ALA G 39 -4.81 25.60 72.02
C ALA G 39 -5.27 24.60 70.97
N LEU G 40 -6.57 24.41 70.85
CA LEU G 40 -7.09 23.51 69.84
C LEU G 40 -6.71 24.04 68.47
N ILE G 41 -7.10 25.27 68.17
CA ILE G 41 -6.88 25.76 66.81
C ILE G 41 -5.43 25.59 66.52
N GLU G 42 -4.58 25.91 67.49
CA GLU G 42 -3.14 25.76 67.25
C GLU G 42 -2.82 24.38 66.71
N SER G 43 -3.24 23.38 67.47
CA SER G 43 -3.01 21.98 67.13
C SER G 43 -3.45 21.67 65.70
N VAL G 44 -4.70 21.96 65.37
CA VAL G 44 -5.29 21.62 64.06
C VAL G 44 -4.57 22.34 62.94
N LEU G 45 -4.12 23.56 63.23
CA LEU G 45 -3.38 24.33 62.25
C LEU G 45 -2.20 23.50 61.78
N THR G 46 -1.60 22.68 62.64
CA THR G 46 -0.48 21.80 62.19
C THR G 46 -0.93 20.41 61.69
N THR G 47 -1.71 19.68 62.49
CA THR G 47 -2.06 18.32 62.17
C THR G 47 -2.92 18.22 60.89
N HIS G 48 -3.91 19.11 60.76
CA HIS G 48 -4.76 19.14 59.56
C HIS G 48 -4.28 20.03 58.43
N GLN G 49 -3.25 20.83 58.65
CA GLN G 49 -2.68 21.64 57.56
C GLN G 49 -3.75 22.38 56.67
N PRO G 50 -4.64 23.14 57.29
CA PRO G 50 -5.86 23.60 56.62
C PRO G 50 -5.62 24.65 55.58
N THR G 51 -6.40 24.66 54.50
CA THR G 51 -6.31 25.70 53.44
C THR G 51 -6.81 27.05 53.94
N TRP G 52 -6.85 28.05 53.07
CA TRP G 52 -7.50 29.32 53.44
C TRP G 52 -8.96 29.06 53.71
N ASP G 53 -9.61 28.37 52.77
CA ASP G 53 -11.02 28.06 52.97
C ASP G 53 -11.31 27.24 54.22
N ASP G 54 -10.40 26.30 54.54
CA ASP G 54 -10.51 25.54 55.76
C ASP G 54 -10.45 26.47 56.99
N CYS G 55 -9.51 27.40 57.04
CA CYS G 55 -9.46 28.31 58.22
C CYS G 55 -10.71 29.15 58.39
N GLN G 56 -11.35 29.52 57.28
CA GLN G 56 -12.62 30.28 57.35
C GLN G 56 -13.65 29.47 58.07
N GLN G 57 -13.71 28.17 57.77
CA GLN G 57 -14.69 27.28 58.42
C GLN G 57 -14.40 27.09 59.88
N LEU G 58 -13.14 26.92 60.22
CA LEU G 58 -12.74 26.78 61.64
C LEU G 58 -13.17 28.00 62.42
N LEU G 59 -12.77 29.16 61.91
CA LEU G 59 -13.02 30.41 62.65
C LEU G 59 -14.54 30.62 62.71
N GLY G 60 -15.20 30.45 61.57
CA GLY G 60 -16.66 30.55 61.44
C GLY G 60 -17.41 29.67 62.41
N THR G 61 -16.87 28.51 62.69
CA THR G 61 -17.62 27.52 63.44
C THR G 61 -17.31 27.61 64.90
N LEU G 62 -16.07 27.93 65.22
CA LEU G 62 -15.63 27.86 66.62
C LEU G 62 -15.84 29.21 67.36
N LEU G 63 -15.85 30.31 66.59
CA LEU G 63 -15.93 31.70 67.09
C LEU G 63 -17.24 32.39 66.70
N THR G 64 -17.70 33.32 67.54
CA THR G 64 -18.75 34.26 67.14
C THR G 64 -18.17 35.27 66.16
N GLY G 65 -19.03 35.99 65.44
CA GLY G 65 -18.60 37.00 64.46
C GLY G 65 -17.75 38.12 65.07
N GLU G 66 -18.01 38.44 66.33
CA GLU G 66 -17.23 39.46 67.03
C GLU G 66 -15.83 38.92 67.24
N GLU G 67 -15.76 37.82 68.01
CA GLU G 67 -14.52 37.07 68.20
C GLU G 67 -13.77 36.91 66.87
N LYS G 68 -14.44 36.38 65.86
CA LYS G 68 -13.81 36.26 64.57
C LYS G 68 -13.25 37.62 64.16
N GLN G 69 -14.01 38.68 64.41
CA GLN G 69 -13.60 39.99 63.92
C GLN G 69 -12.39 40.52 64.67
N ARG G 70 -12.47 40.51 66.00
CA ARG G 70 -11.30 40.74 66.84
C ARG G 70 -10.10 39.94 66.29
N VAL G 71 -10.26 38.62 66.14
CA VAL G 71 -9.14 37.75 65.75
C VAL G 71 -8.57 38.14 64.40
N LEU G 72 -9.43 38.43 63.43
CA LEU G 72 -8.96 38.87 62.12
C LEU G 72 -8.19 40.18 62.26
N LEU G 73 -8.74 41.12 63.04
CA LEU G 73 -8.07 42.40 63.31
C LEU G 73 -6.61 42.19 63.76
N GLU G 74 -6.44 41.37 64.79
CA GLU G 74 -5.14 41.15 65.44
C GLU G 74 -4.11 40.50 64.54
N ALA G 75 -4.56 39.55 63.75
CA ALA G 75 -3.71 38.83 62.79
C ALA G 75 -3.20 39.79 61.71
N ARG G 76 -4.07 40.75 61.38
CA ARG G 76 -3.71 41.89 60.53
C ARG G 76 -2.75 42.84 61.27
N LYS G 77 -3.11 43.18 62.52
CA LYS G 77 -2.21 43.95 63.44
C LYS G 77 -0.83 43.34 63.51
N ALA G 78 -0.76 42.02 63.62
CA ALA G 78 0.54 41.32 63.75
C ALA G 78 1.37 41.18 62.47
N VAL G 79 0.81 41.53 61.32
CA VAL G 79 1.56 41.42 60.08
C VAL G 79 2.81 42.29 60.18
N ARG G 80 3.86 41.85 59.49
CA ARG G 80 5.17 42.42 59.65
C ARG G 80 5.76 42.68 58.25
N GLY G 81 6.48 43.81 58.15
CA GLY G 81 7.16 44.23 56.94
C GLY G 81 8.54 43.61 56.86
N ASN G 82 9.16 43.74 55.70
CA ASN G 82 10.56 43.42 55.41
C ASN G 82 11.52 43.81 56.56
N ASP G 83 11.21 44.93 57.20
CA ASP G 83 12.07 45.53 58.23
C ASP G 83 11.78 44.98 59.64
N GLY G 84 10.89 43.98 59.72
CA GLY G 84 10.57 43.34 60.98
C GLY G 84 9.74 44.19 61.92
N ARG G 85 9.02 45.17 61.35
CA ARG G 85 8.21 46.10 62.14
C ARG G 85 6.73 46.04 61.71
N PRO G 86 5.83 46.56 62.54
CA PRO G 86 4.43 46.77 62.15
C PRO G 86 4.25 47.36 60.77
N THR G 87 3.23 46.90 60.04
CA THR G 87 2.83 47.56 58.80
C THR G 87 1.33 47.55 58.68
N GLN G 88 0.77 48.75 58.73
CA GLN G 88 -0.63 48.95 58.37
C GLN G 88 -0.73 49.36 56.91
N LEU G 89 0.28 49.01 56.08
CA LEU G 89 0.22 49.31 54.65
C LEU G 89 -0.71 48.32 53.98
N PRO G 90 -1.92 48.79 53.56
CA PRO G 90 -2.99 48.00 52.94
C PRO G 90 -2.62 46.83 52.00
N ASN G 91 -1.61 46.94 51.14
CA ASN G 91 -1.29 45.83 50.26
C ASN G 91 -0.35 44.81 50.92
N GLU G 92 0.38 45.30 51.92
CA GLU G 92 1.26 44.45 52.72
C GLU G 92 0.42 43.57 53.64
N VAL G 93 -0.51 44.21 54.35
CA VAL G 93 -1.42 43.52 55.26
C VAL G 93 -2.19 42.40 54.54
N ASP G 94 -2.58 42.69 53.30
CA ASP G 94 -3.42 41.76 52.52
C ASP G 94 -2.71 40.67 51.74
N ALA G 95 -1.45 40.89 51.34
CA ALA G 95 -0.64 39.75 50.81
C ALA G 95 -0.44 38.67 51.90
N ALA G 96 -0.33 39.12 53.15
CA ALA G 96 -0.06 38.24 54.31
C ALA G 96 -1.32 37.56 54.85
N PHE G 97 -2.36 38.36 54.97
CA PHE G 97 -3.56 37.95 55.60
C PHE G 97 -4.76 38.48 54.84
N PRO G 98 -4.99 37.97 53.62
CA PRO G 98 -6.22 38.28 52.87
C PRO G 98 -7.49 38.07 53.69
N LEU G 99 -8.36 39.08 53.67
CA LEU G 99 -9.71 38.96 54.17
C LEU G 99 -10.59 38.24 53.15
N GLU G 100 -10.13 38.16 51.91
CA GLU G 100 -10.88 37.50 50.86
C GLU G 100 -10.03 36.42 50.19
N ARG G 101 -10.70 35.38 49.70
CA ARG G 101 -10.06 34.18 49.21
C ARG G 101 -9.01 34.55 48.18
N PRO G 102 -7.76 34.17 48.43
CA PRO G 102 -6.69 34.38 47.48
C PRO G 102 -6.50 33.17 46.59
N ASP G 103 -5.84 33.33 45.45
CA ASP G 103 -5.59 32.18 44.55
C ASP G 103 -4.24 31.44 44.84
N TRP G 104 -3.79 31.48 46.11
CA TRP G 104 -2.64 30.71 46.59
C TRP G 104 -2.66 29.28 46.15
N ASP G 105 -1.67 28.85 45.39
CA ASP G 105 -1.60 27.46 44.95
C ASP G 105 -0.86 26.63 46.00
N TYR G 106 -1.54 25.61 46.55
CA TYR G 106 -0.94 24.77 47.60
C TYR G 106 0.06 23.73 47.03
N THR G 107 -0.06 23.40 45.73
CA THR G 107 0.88 22.50 45.05
C THR G 107 2.15 23.23 44.53
N THR G 108 2.55 24.31 45.18
CA THR G 108 3.70 25.13 44.76
C THR G 108 4.24 25.96 45.91
N THR G 109 5.56 26.15 45.96
CA THR G 109 6.22 26.78 47.09
C THR G 109 5.48 28.03 47.64
N GLU G 110 5.46 29.15 46.90
CA GLU G 110 4.98 30.42 47.51
C GLU G 110 3.55 30.36 48.12
N GLY G 111 2.72 29.46 47.60
CA GLY G 111 1.43 29.15 48.24
C GLY G 111 1.55 28.50 49.61
N ARG G 112 2.37 27.45 49.72
CA ARG G 112 2.53 26.80 51.01
C ARG G 112 3.09 27.80 52.04
N ASN G 113 3.95 28.72 51.59
CA ASN G 113 4.55 29.68 52.52
C ASN G 113 3.56 30.80 52.90
N HIS G 114 2.72 31.21 51.94
CA HIS G 114 1.60 32.09 52.27
C HIS G 114 0.67 31.42 53.28
N LEU G 115 0.34 30.14 52.98
CA LEU G 115 -0.38 29.32 53.93
C LEU G 115 0.28 29.33 55.32
N VAL G 116 1.54 28.88 55.40
CA VAL G 116 2.31 28.94 56.68
C VAL G 116 2.11 30.27 57.41
N LEU G 117 2.41 31.36 56.71
CA LEU G 117 2.35 32.71 57.26
C LEU G 117 0.96 33.06 57.71
N TYR G 118 -0.02 32.73 56.87
CA TYR G 118 -1.44 32.88 57.21
C TYR G 118 -1.77 32.22 58.54
N ARG G 119 -1.30 30.99 58.70
CA ARG G 119 -1.56 30.22 59.92
C ARG G 119 -0.84 30.81 61.15
N GLN G 120 0.44 31.14 60.98
CA GLN G 120 1.18 31.81 62.07
C GLN G 120 0.45 33.07 62.47
N LEU G 121 0.17 33.87 61.45
CA LEU G 121 -0.54 35.13 61.65
C LEU G 121 -1.89 34.93 62.35
N LEU G 122 -2.64 33.88 61.95
CA LEU G 122 -3.93 33.51 62.59
C LEU G 122 -3.74 33.21 64.06
N LEU G 123 -2.70 32.46 64.37
CA LEU G 123 -2.40 32.06 65.76
C LEU G 123 -2.04 33.32 66.59
N ALA G 124 -1.04 34.04 66.13
CA ALA G 124 -0.83 35.45 66.55
C ALA G 124 -2.17 36.11 66.87
N GLY G 125 -3.03 36.15 65.86
CA GLY G 125 -4.37 36.71 65.96
C GLY G 125 -5.21 36.22 67.14
N LEU G 126 -5.22 34.90 67.35
CA LEU G 126 -6.03 34.32 68.46
C LEU G 126 -5.47 34.68 69.84
N GLN G 127 -4.18 34.45 70.03
CA GLN G 127 -3.48 34.79 71.28
C GLN G 127 -3.76 36.26 71.72
N ASN G 128 -3.44 37.21 70.84
CA ASN G 128 -3.58 38.64 71.17
C ASN G 128 -5.03 39.07 71.40
N ALA G 129 -5.94 38.63 70.53
CA ALA G 129 -7.35 38.88 70.76
C ALA G 129 -7.81 38.28 72.09
N GLY G 130 -7.02 37.33 72.63
CA GLY G 130 -7.23 36.75 73.96
C GLY G 130 -6.61 37.57 75.07
N ARG G 131 -5.49 38.28 74.77
CA ARG G 131 -4.94 39.32 75.62
C ARG G 131 -5.52 40.69 75.28
N PRO H 1 -19.88 16.12 46.19
CA PRO H 1 -18.58 16.76 46.25
C PRO H 1 -17.63 16.31 45.15
N LEU H 2 -16.74 17.20 44.71
CA LEU H 2 -15.63 16.85 43.83
C LEU H 2 -14.28 17.14 44.51
N ARG H 3 -13.32 16.22 44.36
CA ARG H 3 -11.93 16.42 44.79
C ARG H 3 -11.06 15.75 43.72
N LEU H 4 -9.84 16.28 43.46
CA LEU H 4 -8.90 15.75 42.42
C LEU H 4 -7.92 14.74 43.04
N GLY H 8 -4.51 11.10 39.37
CA GLY H 8 -5.10 12.29 40.03
C GLY H 8 -6.00 13.15 39.13
N GLN H 9 -7.19 12.61 38.78
CA GLN H 9 -8.21 13.31 38.01
C GLN H 9 -9.46 13.57 38.86
N LEU H 10 -10.35 14.49 38.43
CA LEU H 10 -11.42 15.03 39.28
C LEU H 10 -12.41 13.90 39.64
N GLN H 11 -12.68 13.73 40.95
CA GLN H 11 -13.36 12.56 41.54
C GLN H 11 -14.63 12.86 42.40
N TYR H 12 -15.71 12.14 42.13
CA TYR H 12 -17.00 12.40 42.74
C TYR H 12 -17.30 11.50 43.92
N TRP H 13 -17.89 12.07 44.95
CA TRP H 13 -18.57 11.27 45.98
C TRP H 13 -19.72 12.11 46.65
N PRO H 14 -20.86 11.46 46.94
CA PRO H 14 -22.00 12.19 47.44
C PRO H 14 -21.76 12.69 48.83
N PHE H 15 -22.52 13.67 49.25
CA PHE H 15 -22.44 14.16 50.63
C PHE H 15 -22.77 13.02 51.56
N SER H 16 -22.10 13.05 52.70
CA SER H 16 -22.54 12.27 53.85
C SER H 16 -23.82 12.89 54.44
N SER H 17 -24.75 12.07 54.90
CA SER H 17 -26.03 12.59 55.39
C SER H 17 -25.85 13.24 56.76
N SER H 18 -24.90 12.74 57.57
CA SER H 18 -24.41 13.43 58.77
C SER H 18 -23.97 14.85 58.57
N ASP H 19 -23.16 15.08 57.55
CA ASP H 19 -22.70 16.41 57.30
C ASP H 19 -23.89 17.34 57.01
N LEU H 20 -24.81 16.90 56.16
CA LEU H 20 -25.92 17.77 55.78
C LEU H 20 -26.90 17.97 56.94
N TYR H 21 -27.11 16.99 57.81
CA TYR H 21 -27.97 17.25 58.95
C TYR H 21 -27.26 18.02 60.07
N ASN H 22 -25.97 17.78 60.28
CA ASN H 22 -25.26 18.53 61.31
C ASN H 22 -25.36 19.98 61.00
N TRP H 23 -25.26 20.30 59.71
CA TRP H 23 -25.29 21.68 59.23
C TRP H 23 -26.67 22.32 59.49
N LYS H 24 -27.73 21.59 59.21
CA LYS H 24 -29.06 22.03 59.53
C LYS H 24 -29.21 22.29 61.04
N ASN H 25 -28.99 21.26 61.85
CA ASN H 25 -29.17 21.35 63.31
C ASN H 25 -28.37 22.37 64.07
N ASN H 26 -27.26 22.85 63.54
CA ASN H 26 -26.36 23.73 64.30
C ASN H 26 -26.46 25.16 63.82
N ASN H 27 -27.56 25.40 63.11
CA ASN H 27 -27.83 26.70 62.59
C ASN H 27 -29.32 27.01 62.63
N PRO H 28 -29.65 28.28 62.59
CA PRO H 28 -31.05 28.63 62.52
C PRO H 28 -31.50 28.52 61.12
N SER H 29 -32.82 28.57 60.93
CA SER H 29 -33.43 28.62 59.63
C SER H 29 -32.85 29.74 58.80
N PHE H 30 -33.03 29.65 57.49
CA PHE H 30 -32.50 30.68 56.59
C PHE H 30 -33.32 31.95 56.79
N SER H 31 -34.61 31.77 57.11
CA SER H 31 -35.50 32.92 57.31
C SER H 31 -35.16 33.70 58.57
N GLU H 32 -34.79 32.99 59.63
CA GLU H 32 -34.44 33.64 60.87
C GLU H 32 -33.09 34.32 60.86
N ASP H 33 -32.24 34.08 59.88
CA ASP H 33 -30.85 34.55 59.93
C ASP H 33 -30.12 34.12 58.65
N PRO H 34 -30.43 34.74 57.53
CA PRO H 34 -29.93 34.25 56.24
C PRO H 34 -28.41 34.38 56.07
N GLY H 35 -27.80 35.25 56.85
CA GLY H 35 -26.35 35.47 56.80
C GLY H 35 -25.51 34.27 57.20
N LYS H 36 -26.02 33.43 58.10
CA LYS H 36 -25.26 32.30 58.60
C LYS H 36 -25.33 31.12 57.65
N LEU H 37 -26.53 30.67 57.30
CA LEU H 37 -26.64 29.56 56.34
C LEU H 37 -25.98 29.88 55.00
N THR H 38 -25.98 31.16 54.62
CA THR H 38 -25.26 31.62 53.45
C THR H 38 -23.76 31.56 53.62
N ALA H 39 -23.27 31.85 54.82
CA ALA H 39 -21.84 31.82 55.08
C ALA H 39 -21.42 30.34 55.03
N LEU H 40 -22.24 29.50 55.62
CA LEU H 40 -22.04 28.07 55.53
C LEU H 40 -22.03 27.54 54.09
N ILE H 41 -23.14 27.76 53.38
CA ILE H 41 -23.31 27.22 52.04
C ILE H 41 -22.19 27.76 51.16
N GLU H 42 -21.81 29.01 51.39
CA GLU H 42 -20.81 29.63 50.53
C GLU H 42 -19.47 28.92 50.68
N SER H 43 -19.12 28.55 51.90
CA SER H 43 -17.87 27.83 52.16
C SER H 43 -18.00 26.47 51.48
N VAL H 44 -19.11 25.79 51.74
CA VAL H 44 -19.29 24.44 51.15
C VAL H 44 -19.27 24.45 49.65
N LEU H 45 -19.69 25.54 49.03
CA LEU H 45 -19.61 25.67 47.58
C LEU H 45 -18.16 25.62 47.10
N THR H 46 -17.24 26.09 47.92
CA THR H 46 -15.81 25.98 47.59
C THR H 46 -15.15 24.68 48.07
N THR H 47 -15.37 24.31 49.33
CA THR H 47 -14.58 23.25 49.94
C THR H 47 -15.01 21.88 49.43
N HIS H 48 -16.25 21.77 49.02
CA HIS H 48 -16.83 20.50 48.61
C HIS H 48 -17.11 20.42 47.11
N GLN H 49 -16.80 21.49 46.38
CA GLN H 49 -17.08 21.55 44.94
C GLN H 49 -18.33 20.76 44.53
N PRO H 50 -19.50 21.14 45.00
CA PRO H 50 -20.68 20.36 44.78
C PRO H 50 -21.13 20.41 43.34
N THR H 51 -21.75 19.35 42.85
CA THR H 51 -22.32 19.34 41.51
C THR H 51 -23.72 19.96 41.57
N TRP H 52 -24.42 19.98 40.43
CA TRP H 52 -25.76 20.50 40.37
C TRP H 52 -26.59 19.70 41.31
N ASP H 53 -26.46 18.39 41.27
CA ASP H 53 -27.27 17.55 42.17
C ASP H 53 -26.91 17.75 43.61
N ASP H 54 -25.62 17.82 43.90
CA ASP H 54 -25.19 18.13 45.25
C ASP H 54 -25.86 19.41 45.74
N CYS H 55 -25.84 20.48 44.92
CA CYS H 55 -26.51 21.74 45.29
C CYS H 55 -28.00 21.56 45.57
N GLN H 56 -28.64 20.64 44.88
CA GLN H 56 -30.02 20.36 45.14
C GLN H 56 -30.17 19.78 46.53
N GLN H 57 -29.22 18.92 46.95
CA GLN H 57 -29.29 18.32 48.29
C GLN H 57 -29.04 19.37 49.34
N LEU H 58 -27.94 20.11 49.23
CA LEU H 58 -27.73 21.27 50.11
C LEU H 58 -29.01 22.07 50.32
N LEU H 59 -29.57 22.59 49.23
CA LEU H 59 -30.70 23.51 49.33
C LEU H 59 -31.90 22.78 49.88
N GLY H 60 -32.03 21.53 49.47
CA GLY H 60 -33.17 20.72 49.85
C GLY H 60 -33.18 20.50 51.33
N THR H 61 -32.00 20.26 51.89
CA THR H 61 -31.88 19.93 53.29
C THR H 61 -31.92 21.18 54.18
N LEU H 62 -31.21 22.25 53.80
CA LEU H 62 -31.08 23.44 54.66
C LEU H 62 -32.18 24.50 54.47
N LEU H 63 -33.02 24.37 53.45
CA LEU H 63 -34.13 25.31 53.23
C LEU H 63 -35.46 24.61 53.13
N THR H 64 -36.49 25.27 53.64
CA THR H 64 -37.86 24.97 53.30
C THR H 64 -38.08 25.27 51.81
N GLY H 65 -39.16 24.72 51.24
CA GLY H 65 -39.51 24.95 49.82
C GLY H 65 -39.76 26.43 49.48
N GLU H 66 -40.51 27.12 50.32
CA GLU H 66 -40.73 28.57 50.17
C GLU H 66 -39.40 29.27 50.01
N GLU H 67 -38.46 28.99 50.90
CA GLU H 67 -37.13 29.57 50.86
C GLU H 67 -36.34 29.11 49.62
N LYS H 68 -36.35 27.81 49.36
CA LYS H 68 -35.61 27.28 48.22
C LYS H 68 -36.05 28.00 46.95
N GLN H 69 -37.37 28.15 46.77
CA GLN H 69 -37.90 28.69 45.52
C GLN H 69 -37.53 30.12 45.36
N ARG H 70 -37.50 30.82 46.49
CA ARG H 70 -37.10 32.19 46.50
C ARG H 70 -35.67 32.32 46.03
N VAL H 71 -34.78 31.52 46.61
CA VAL H 71 -33.37 31.49 46.24
C VAL H 71 -33.21 31.24 44.76
N LEU H 72 -33.91 30.24 44.24
CA LEU H 72 -33.74 29.84 42.83
C LEU H 72 -34.26 30.94 41.91
N LEU H 73 -35.41 31.52 42.25
CA LEU H 73 -35.94 32.71 41.59
C LEU H 73 -34.85 33.75 41.50
N GLU H 74 -34.31 34.12 42.65
CA GLU H 74 -33.29 35.17 42.75
C GLU H 74 -32.01 34.83 42.03
N ALA H 75 -31.66 33.55 41.94
CA ALA H 75 -30.42 33.18 41.25
C ALA H 75 -30.60 33.39 39.77
N ARG H 76 -31.73 32.89 39.27
CA ARG H 76 -32.07 33.02 37.86
C ARG H 76 -32.21 34.45 37.39
N LYS H 77 -32.69 35.36 38.24
CA LYS H 77 -32.79 36.73 37.76
C LYS H 77 -31.50 37.56 37.93
N ALA H 78 -30.42 36.93 38.38
CA ALA H 78 -29.12 37.52 38.31
C ALA H 78 -28.37 37.05 37.09
N VAL H 79 -28.96 36.24 36.22
CA VAL H 79 -28.17 35.64 35.11
C VAL H 79 -27.62 36.75 34.22
N ARG H 80 -26.44 36.51 33.63
CA ARG H 80 -25.79 37.47 32.75
C ARG H 80 -25.35 36.84 31.46
N GLY H 81 -25.54 37.53 30.35
CA GLY H 81 -25.04 37.07 29.05
C GLY H 81 -23.52 37.01 28.97
N ASN H 82 -23.00 36.48 27.87
CA ASN H 82 -21.55 36.32 27.63
C ASN H 82 -20.74 37.58 27.86
N ASP H 83 -21.33 38.72 27.48
CA ASP H 83 -20.74 40.04 27.70
C ASP H 83 -20.93 40.59 29.12
N GLY H 84 -21.58 39.83 29.99
CA GLY H 84 -21.78 40.28 31.37
C GLY H 84 -22.86 41.34 31.54
N ARG H 85 -23.69 41.55 30.50
CA ARG H 85 -24.85 42.42 30.65
C ARG H 85 -25.93 41.53 31.18
N PRO H 86 -26.77 42.06 32.07
CA PRO H 86 -27.88 41.24 32.53
C PRO H 86 -28.68 40.68 31.38
N THR H 87 -29.30 39.53 31.57
CA THR H 87 -30.23 38.95 30.58
C THR H 87 -31.31 38.15 31.25
N GLN H 88 -32.46 38.13 30.60
CA GLN H 88 -33.62 37.40 31.09
C GLN H 88 -34.31 36.71 29.92
N LEU H 89 -33.58 36.59 28.81
CA LEU H 89 -33.98 35.72 27.69
C LEU H 89 -34.03 34.21 28.12
N PRO H 90 -35.17 33.54 27.93
CA PRO H 90 -35.28 32.24 28.63
C PRO H 90 -34.18 31.17 28.33
N ASN H 91 -33.68 31.08 27.12
CA ASN H 91 -32.57 30.15 26.80
C ASN H 91 -31.27 30.46 27.54
N GLU H 92 -31.08 31.75 27.83
CA GLU H 92 -29.83 32.21 28.43
C GLU H 92 -29.85 31.86 29.92
N VAL H 93 -31.02 32.07 30.53
CA VAL H 93 -31.29 31.75 31.92
C VAL H 93 -31.15 30.25 32.18
N ASP H 94 -31.85 29.45 31.37
CA ASP H 94 -31.86 28.00 31.54
C ASP H 94 -30.49 27.40 31.23
N ALA H 95 -29.69 27.98 30.36
CA ALA H 95 -28.34 27.47 30.15
C ALA H 95 -27.38 27.80 31.31
N ALA H 96 -27.72 28.75 32.16
CA ALA H 96 -26.80 29.22 33.17
C ALA H 96 -27.19 28.69 34.55
N PHE H 97 -28.48 28.72 34.84
CA PHE H 97 -29.01 28.21 36.06
C PHE H 97 -30.23 27.34 35.77
N PRO H 98 -30.03 26.10 35.34
CA PRO H 98 -31.21 25.23 35.07
C PRO H 98 -31.98 24.75 36.32
N LEU H 99 -33.29 24.63 36.18
CA LEU H 99 -34.15 24.12 37.23
C LEU H 99 -34.26 22.58 37.19
N GLU H 100 -33.99 21.98 36.02
CA GLU H 100 -33.97 20.52 35.88
C GLU H 100 -32.57 20.07 35.57
N ARG H 101 -32.32 18.80 35.83
CA ARG H 101 -30.97 18.31 35.82
C ARG H 101 -30.37 18.59 34.46
N PRO H 102 -29.20 19.25 34.46
CA PRO H 102 -28.37 19.43 33.30
C PRO H 102 -27.38 18.31 33.11
N ASP H 103 -26.71 18.31 31.97
CA ASP H 103 -25.78 17.27 31.61
C ASP H 103 -24.37 17.80 31.59
N TRP H 104 -23.99 18.51 32.62
CA TRP H 104 -22.65 19.06 32.69
C TRP H 104 -21.72 17.92 32.99
N ASP H 105 -20.67 17.81 32.19
CA ASP H 105 -19.58 16.87 32.45
C ASP H 105 -18.49 17.61 33.21
N TYR H 106 -18.21 17.18 34.44
CA TYR H 106 -17.22 17.87 35.28
C TYR H 106 -15.76 17.62 34.91
N THR H 107 -15.48 16.76 33.93
CA THR H 107 -14.08 16.44 33.55
C THR H 107 -13.52 17.40 32.51
N THR H 108 -14.43 17.99 31.73
CA THR H 108 -14.11 18.98 30.67
C THR H 108 -14.06 20.43 31.17
N THR H 109 -14.05 21.39 30.25
CA THR H 109 -14.00 22.84 30.57
C THR H 109 -15.39 23.49 30.52
N GLU H 110 -16.06 23.33 29.39
CA GLU H 110 -17.48 23.71 29.27
C GLU H 110 -18.27 23.28 30.53
N GLY H 111 -18.00 22.08 31.02
CA GLY H 111 -18.71 21.53 32.15
C GLY H 111 -18.27 22.18 33.43
N ARG H 112 -16.96 22.25 33.64
CA ARG H 112 -16.41 22.91 34.81
C ARG H 112 -16.91 24.34 34.94
N ASN H 113 -16.81 25.09 33.84
CA ASN H 113 -17.27 26.48 33.82
C ASN H 113 -18.76 26.61 34.18
N HIS H 114 -19.58 25.79 33.55
CA HIS H 114 -21.01 25.82 33.84
C HIS H 114 -21.31 25.67 35.33
N LEU H 115 -20.44 24.96 36.03
CA LEU H 115 -20.60 24.64 37.43
C LEU H 115 -20.13 25.80 38.32
N VAL H 116 -18.98 26.36 37.99
CA VAL H 116 -18.52 27.57 38.63
C VAL H 116 -19.60 28.65 38.52
N LEU H 117 -20.17 28.83 37.32
CA LEU H 117 -21.23 29.81 37.14
C LEU H 117 -22.44 29.53 38.00
N TYR H 118 -22.94 28.29 37.97
CA TYR H 118 -24.10 27.86 38.79
C TYR H 118 -23.97 28.21 40.25
N ARG H 119 -22.80 27.88 40.81
CA ARG H 119 -22.47 28.13 42.21
C ARG H 119 -22.44 29.61 42.54
N GLN H 120 -21.76 30.38 41.69
CA GLN H 120 -21.78 31.85 41.79
C GLN H 120 -23.21 32.37 41.77
N LEU H 121 -24.03 31.93 40.81
CA LEU H 121 -25.41 32.40 40.79
C LEU H 121 -26.15 31.89 42.00
N LEU H 122 -26.02 30.62 42.38
CA LEU H 122 -26.72 30.19 43.59
C LEU H 122 -26.35 31.12 44.75
N LEU H 123 -25.08 31.52 44.86
CA LEU H 123 -24.65 32.44 45.91
C LEU H 123 -25.34 33.80 45.81
N ALA H 124 -25.26 34.44 44.64
CA ALA H 124 -26.06 35.65 44.36
C ALA H 124 -27.51 35.46 44.79
N GLY H 125 -28.05 34.26 44.50
CA GLY H 125 -29.41 33.87 44.86
C GLY H 125 -29.69 33.84 46.34
N LEU H 126 -28.75 33.28 47.11
CA LEU H 126 -28.89 33.26 48.58
C LEU H 126 -28.73 34.66 49.15
N GLN H 127 -27.73 35.38 48.66
CA GLN H 127 -27.55 36.75 49.10
C GLN H 127 -28.82 37.57 48.88
N ASN H 128 -29.29 37.64 47.62
CA ASN H 128 -30.43 38.50 47.32
C ASN H 128 -31.66 38.09 48.10
N ALA H 129 -31.96 36.79 48.19
CA ALA H 129 -33.15 36.36 48.96
C ALA H 129 -33.00 36.74 50.44
N GLY H 130 -31.78 36.72 50.97
CA GLY H 130 -31.53 37.24 52.32
C GLY H 130 -32.09 38.63 52.57
N ARG H 131 -31.94 39.55 51.61
CA ARG H 131 -32.44 40.96 51.69
C ARG H 131 -33.93 41.13 51.27
N PRO I 1 -24.45 1.62 46.08
CA PRO I 1 -24.06 2.77 45.32
C PRO I 1 -22.97 2.47 44.30
N LEU I 2 -23.06 3.13 43.16
CA LEU I 2 -22.07 2.98 42.08
C LEU I 2 -21.38 4.32 41.84
N ARG I 3 -20.08 4.30 41.60
CA ARG I 3 -19.36 5.51 41.19
C ARG I 3 -18.05 5.16 40.52
N LEU I 4 -17.49 6.11 39.78
CA LEU I 4 -16.19 5.87 39.13
C LEU I 4 -15.13 5.79 40.20
N GLY I 5 -14.42 4.66 40.23
CA GLY I 5 -13.32 4.50 41.17
C GLY I 5 -12.12 5.28 40.68
N GLY I 6 -11.13 5.45 41.58
CA GLY I 6 -9.92 6.24 41.34
C GLY I 6 -9.27 6.19 39.96
N ASN I 7 -9.68 5.23 39.11
CA ASN I 7 -9.21 5.15 37.71
C ASN I 7 -10.36 5.00 36.68
N GLY I 8 -11.55 5.46 37.03
CA GLY I 8 -12.68 5.40 36.10
C GLY I 8 -13.26 4.02 35.81
N GLN I 9 -12.84 3.01 36.57
CA GLN I 9 -13.54 1.73 36.56
C GLN I 9 -14.76 1.89 37.49
N LEU I 10 -15.94 1.41 37.07
CA LEU I 10 -17.15 1.52 37.89
C LEU I 10 -17.02 0.64 39.09
N GLN I 11 -17.47 1.13 40.24
CA GLN I 11 -17.09 0.55 41.50
C GLN I 11 -18.28 0.54 42.47
N TYR I 12 -18.56 -0.59 43.10
CA TYR I 12 -19.68 -0.69 44.00
C TYR I 12 -19.29 -0.53 45.49
N TRP I 13 -20.21 -0.02 46.27
CA TRP I 13 -20.01 0.15 47.70
C TRP I 13 -21.40 0.27 48.27
N PRO I 14 -21.66 -0.34 49.41
CA PRO I 14 -23.05 -0.29 49.91
C PRO I 14 -23.42 1.00 50.61
N PHE I 15 -24.71 1.34 50.61
CA PHE I 15 -25.23 2.36 51.51
C PHE I 15 -24.69 2.06 52.89
N SER I 16 -24.21 3.09 53.57
CA SER I 16 -24.01 3.07 55.02
C SER I 16 -25.40 3.13 55.67
N SER I 17 -25.66 2.34 56.72
CA SER I 17 -26.97 2.38 57.37
C SER I 17 -27.27 3.74 58.04
N SER I 18 -26.23 4.42 58.48
CA SER I 18 -26.33 5.79 58.99
C SER I 18 -27.09 6.76 58.10
N ASP I 19 -26.74 6.72 56.83
CA ASP I 19 -27.41 7.48 55.81
C ASP I 19 -28.87 7.03 55.62
N LEU I 20 -29.12 5.73 55.61
CA LEU I 20 -30.45 5.27 55.37
C LEU I 20 -31.33 5.67 56.57
N TYR I 21 -30.83 5.46 57.79
CA TYR I 21 -31.65 5.82 58.97
C TYR I 21 -31.73 7.35 59.18
N ASN I 22 -30.67 8.06 58.86
CA ASN I 22 -30.75 9.50 58.90
C ASN I 22 -31.86 10.03 58.01
N TRP I 23 -31.87 9.50 56.78
CA TRP I 23 -32.85 9.93 55.79
C TRP I 23 -34.26 9.63 56.30
N LYS I 24 -34.40 8.56 57.06
CA LYS I 24 -35.68 8.17 57.61
C LYS I 24 -36.17 9.15 58.67
N ASN I 25 -35.28 9.54 59.57
CA ASN I 25 -35.68 10.27 60.78
C ASN I 25 -35.87 11.76 60.54
N ASN I 26 -35.17 12.31 59.58
CA ASN I 26 -35.21 13.73 59.40
C ASN I 26 -36.23 14.09 58.37
N ASN I 27 -37.05 13.12 57.99
CA ASN I 27 -38.18 13.38 57.12
C ASN I 27 -39.39 12.62 57.64
N PRO I 28 -40.59 13.12 57.32
CA PRO I 28 -41.83 12.41 57.61
C PRO I 28 -42.09 11.26 56.66
N SER I 29 -42.88 10.29 57.12
CA SER I 29 -43.28 9.19 56.26
C SER I 29 -43.81 9.63 54.88
N PHE I 30 -43.72 8.72 53.93
CA PHE I 30 -44.28 8.88 52.59
C PHE I 30 -45.79 9.26 52.62
N SER I 31 -46.56 8.56 53.46
CA SER I 31 -47.99 8.77 53.55
C SER I 31 -48.30 10.19 53.99
N GLU I 32 -47.61 10.71 55.01
CA GLU I 32 -47.80 12.09 55.53
C GLU I 32 -47.44 13.20 54.56
N ASP I 33 -46.47 12.95 53.68
CA ASP I 33 -45.84 14.03 52.93
C ASP I 33 -45.01 13.43 51.79
N PRO I 34 -45.69 13.07 50.69
CA PRO I 34 -45.07 12.18 49.74
C PRO I 34 -44.01 12.85 48.89
N GLY I 35 -44.13 14.16 48.74
CA GLY I 35 -43.22 14.93 47.90
C GLY I 35 -41.86 15.12 48.54
N LYS I 36 -41.81 15.00 49.86
CA LYS I 36 -40.54 15.07 50.60
C LYS I 36 -39.66 13.89 50.25
N LEU I 37 -40.06 12.68 50.64
CA LEU I 37 -39.21 11.49 50.38
C LEU I 37 -38.91 11.31 48.90
N THR I 38 -39.90 11.62 48.07
CA THR I 38 -39.77 11.57 46.63
C THR I 38 -38.68 12.51 46.19
N ALA I 39 -38.62 13.68 46.77
CA ALA I 39 -37.56 14.58 46.37
C ALA I 39 -36.23 13.99 46.80
N LEU I 40 -36.19 13.34 47.97
CA LEU I 40 -34.95 12.76 48.49
C LEU I 40 -34.52 11.55 47.70
N ILE I 41 -35.39 10.53 47.68
CA ILE I 41 -35.07 9.33 46.96
C ILE I 41 -34.60 9.73 45.56
N GLU I 42 -35.31 10.65 44.90
CA GLU I 42 -35.02 11.01 43.53
C GLU I 42 -33.62 11.56 43.40
N SER I 43 -33.29 12.49 44.26
CA SER I 43 -31.94 12.99 44.28
C SER I 43 -30.94 11.83 44.42
N VAL I 44 -31.16 10.99 45.43
CA VAL I 44 -30.24 9.86 45.71
C VAL I 44 -30.13 8.90 44.50
N LEU I 45 -31.20 8.73 43.72
CA LEU I 45 -31.11 7.87 42.56
C LEU I 45 -30.04 8.41 41.63
N THR I 46 -29.83 9.73 41.55
CA THR I 46 -28.66 10.25 40.80
C THR I 46 -27.38 10.21 41.61
N THR I 47 -27.38 10.81 42.81
CA THR I 47 -26.11 10.99 43.51
C THR I 47 -25.42 9.68 43.90
N HIS I 48 -26.20 8.69 44.33
CA HIS I 48 -25.69 7.38 44.78
C HIS I 48 -25.73 6.25 43.72
N GLN I 49 -26.37 6.54 42.58
CA GLN I 49 -26.41 5.64 41.39
C GLN I 49 -26.76 4.22 41.79
N PRO I 50 -27.82 4.05 42.57
CA PRO I 50 -28.06 2.77 43.22
C PRO I 50 -28.28 1.62 42.27
N THR I 51 -27.88 0.42 42.65
CA THR I 51 -28.26 -0.78 41.93
C THR I 51 -29.67 -1.15 42.32
N TRP I 52 -30.17 -2.20 41.66
CA TRP I 52 -31.45 -2.77 42.00
C TRP I 52 -31.51 -3.09 43.47
N ASP I 53 -30.45 -3.70 44.02
CA ASP I 53 -30.47 -4.07 45.45
C ASP I 53 -30.54 -2.82 46.33
N ASP I 54 -29.58 -1.92 46.09
CA ASP I 54 -29.57 -0.62 46.72
C ASP I 54 -31.00 -0.03 46.77
N CYS I 55 -31.74 -0.05 45.67
CA CYS I 55 -33.13 0.48 45.67
C CYS I 55 -34.03 -0.29 46.64
N GLN I 56 -33.86 -1.60 46.73
CA GLN I 56 -34.68 -2.33 47.66
C GLN I 56 -34.38 -1.81 49.04
N GLN I 57 -33.12 -1.59 49.38
CA GLN I 57 -32.80 -1.08 50.71
C GLN I 57 -33.32 0.32 50.88
N LEU I 58 -33.23 1.15 49.85
CA LEU I 58 -33.79 2.48 49.96
C LEU I 58 -35.27 2.33 50.33
N LEU I 59 -36.04 1.62 49.47
CA LEU I 59 -37.50 1.45 49.59
C LEU I 59 -37.92 0.76 50.90
N GLY I 60 -37.29 -0.36 51.21
CA GLY I 60 -37.57 -1.06 52.47
C GLY I 60 -37.32 -0.29 53.76
N THR I 61 -36.55 0.78 53.72
CA THR I 61 -36.17 1.49 54.92
C THR I 61 -37.04 2.74 55.08
N LEU I 62 -37.29 3.40 53.95
CA LEU I 62 -38.02 4.64 53.88
C LEU I 62 -39.52 4.47 53.71
N LEU I 63 -39.99 3.27 53.39
CA LEU I 63 -41.43 3.00 53.24
C LEU I 63 -41.91 1.84 54.13
N THR I 64 -43.16 1.96 54.57
CA THR I 64 -43.87 0.84 55.22
C THR I 64 -44.07 -0.18 54.12
N GLY I 65 -44.49 -1.38 54.48
CA GLY I 65 -44.73 -2.44 53.51
C GLY I 65 -45.81 -2.13 52.49
N GLU I 66 -46.87 -1.45 52.93
CA GLU I 66 -48.02 -1.18 52.07
C GLU I 66 -47.87 0.10 51.26
N GLU I 67 -47.08 1.05 51.74
CA GLU I 67 -46.61 2.14 50.89
C GLU I 67 -45.71 1.63 49.72
N LYS I 68 -44.87 0.61 49.98
CA LYS I 68 -43.96 0.08 49.00
C LYS I 68 -44.68 -0.75 47.94
N GLN I 69 -45.75 -1.44 48.37
CA GLN I 69 -46.76 -1.99 47.48
C GLN I 69 -47.14 -1.01 46.38
N ARG I 70 -47.83 0.07 46.77
CA ARG I 70 -48.38 0.96 45.77
C ARG I 70 -47.29 1.50 44.85
N VAL I 71 -46.13 1.83 45.42
CA VAL I 71 -45.04 2.41 44.66
C VAL I 71 -44.62 1.45 43.57
N LEU I 72 -44.40 0.20 43.96
CA LEU I 72 -44.02 -0.83 43.02
C LEU I 72 -45.10 -1.17 41.99
N LEU I 73 -46.37 -1.21 42.42
CA LEU I 73 -47.49 -1.53 41.54
C LEU I 73 -47.57 -0.44 40.52
N GLU I 74 -47.39 0.78 40.98
CA GLU I 74 -47.44 1.95 40.12
C GLU I 74 -46.23 2.07 39.20
N ALA I 75 -45.06 1.71 39.68
CA ALA I 75 -43.88 1.77 38.84
C ALA I 75 -44.11 0.83 37.65
N ARG I 76 -44.70 -0.33 37.94
CA ARG I 76 -45.07 -1.30 36.91
C ARG I 76 -46.21 -0.86 35.96
N LYS I 77 -47.22 -0.13 36.47
CA LYS I 77 -48.28 0.42 35.63
C LYS I 77 -47.72 1.36 34.59
N ALA I 78 -46.51 1.85 34.80
CA ALA I 78 -45.95 2.87 33.93
C ALA I 78 -44.98 2.35 32.89
N VAL I 79 -44.88 1.03 32.73
CA VAL I 79 -43.87 0.44 31.84
C VAL I 79 -44.26 0.62 30.40
N ARG I 80 -43.26 0.87 29.56
CA ARG I 80 -43.50 1.15 28.18
C ARG I 80 -42.82 0.17 27.32
N GLY I 81 -43.46 -0.09 26.18
CA GLY I 81 -42.97 -1.01 25.17
C GLY I 81 -41.83 -0.44 24.38
N ASN I 82 -41.21 -1.28 23.55
CA ASN I 82 -40.12 -0.82 22.66
C ASN I 82 -40.61 0.24 21.70
N ASP I 83 -41.94 0.22 21.46
CA ASP I 83 -42.61 1.21 20.65
C ASP I 83 -42.86 2.58 21.32
N GLY I 84 -42.41 2.76 22.56
CA GLY I 84 -42.64 4.02 23.32
C GLY I 84 -44.02 4.14 23.96
N ARG I 85 -44.84 3.09 23.82
CA ARG I 85 -46.26 3.13 24.22
C ARG I 85 -46.50 2.25 25.45
N PRO I 86 -47.58 2.53 26.20
CA PRO I 86 -47.70 1.74 27.43
C PRO I 86 -47.85 0.24 27.16
N THR I 87 -47.51 -0.59 28.15
CA THR I 87 -47.68 -2.04 27.97
C THR I 87 -47.82 -2.66 29.32
N GLN I 88 -48.93 -3.35 29.53
CA GLN I 88 -49.07 -4.29 30.63
C GLN I 88 -48.84 -5.73 30.23
N LEU I 89 -48.03 -6.02 29.21
CA LEU I 89 -47.61 -7.41 28.91
C LEU I 89 -46.70 -7.97 30.02
N PRO I 90 -47.15 -9.03 30.68
CA PRO I 90 -46.36 -9.59 31.78
C PRO I 90 -44.85 -9.63 31.53
N ASN I 91 -44.42 -10.21 30.42
CA ASN I 91 -42.97 -10.38 30.19
C ASN I 91 -42.25 -9.06 30.14
N GLU I 92 -42.84 -8.09 29.44
CA GLU I 92 -42.23 -6.76 29.29
C GLU I 92 -42.23 -5.93 30.56
N VAL I 93 -43.22 -6.15 31.42
CA VAL I 93 -43.37 -5.44 32.67
C VAL I 93 -42.32 -5.91 33.66
N ASP I 94 -42.20 -7.23 33.80
CA ASP I 94 -41.07 -7.83 34.49
C ASP I 94 -39.68 -7.55 33.96
N ALA I 95 -39.48 -7.38 32.67
CA ALA I 95 -38.12 -7.16 32.22
C ALA I 95 -37.63 -5.74 32.62
N ALA I 96 -38.58 -4.80 32.70
CA ALA I 96 -38.26 -3.38 32.92
C ALA I 96 -38.10 -3.11 34.42
N PHE I 97 -39.05 -3.69 35.18
CA PHE I 97 -39.22 -3.41 36.58
C PHE I 97 -39.53 -4.69 37.34
N PRO I 98 -38.52 -5.60 37.43
CA PRO I 98 -38.67 -6.93 38.04
C PRO I 98 -38.81 -6.83 39.53
N LEU I 99 -39.67 -7.67 40.10
CA LEU I 99 -39.87 -7.77 41.56
C LEU I 99 -38.81 -8.63 42.23
N GLU I 100 -38.21 -9.59 41.51
CA GLU I 100 -37.12 -10.40 42.07
C GLU I 100 -35.77 -10.03 41.44
N ARG I 101 -34.71 -10.21 42.19
CA ARG I 101 -33.41 -9.74 41.76
C ARG I 101 -33.15 -10.06 40.30
N PRO I 102 -32.91 -9.03 39.47
CA PRO I 102 -32.57 -9.30 38.11
C PRO I 102 -31.11 -9.66 38.02
N ASP I 103 -30.70 -9.96 36.81
CA ASP I 103 -29.37 -10.40 36.57
C ASP I 103 -28.72 -9.39 35.68
N TRP I 104 -28.79 -8.14 36.08
CA TRP I 104 -28.26 -7.08 35.26
C TRP I 104 -26.84 -6.85 35.62
N ASP I 105 -25.93 -6.83 34.64
CA ASP I 105 -24.51 -6.57 34.92
C ASP I 105 -24.13 -5.14 34.62
N TYR I 106 -23.80 -4.38 35.66
CA TYR I 106 -23.55 -2.93 35.54
C TYR I 106 -22.32 -2.53 34.73
N THR I 107 -21.51 -3.52 34.32
CA THR I 107 -20.37 -3.22 33.46
C THR I 107 -20.73 -3.37 31.98
N THR I 108 -22.00 -3.60 31.66
CA THR I 108 -22.45 -3.64 30.25
C THR I 108 -23.53 -2.60 29.93
N THR I 109 -23.60 -2.19 28.68
CA THR I 109 -24.57 -1.16 28.29
C THR I 109 -26.01 -1.58 28.56
N GLU I 110 -26.31 -2.87 28.32
CA GLU I 110 -27.64 -3.43 28.57
C GLU I 110 -28.04 -3.37 30.03
N GLY I 111 -27.10 -3.72 30.91
CA GLY I 111 -27.32 -3.67 32.36
C GLY I 111 -27.45 -2.25 32.87
N ARG I 112 -26.54 -1.37 32.48
CA ARG I 112 -26.64 0.03 32.92
C ARG I 112 -27.91 0.69 32.41
N ASN I 113 -28.31 0.38 31.17
CA ASN I 113 -29.55 0.94 30.61
C ASN I 113 -30.75 0.41 31.37
N HIS I 114 -30.70 -0.89 31.72
CA HIS I 114 -31.72 -1.48 32.56
C HIS I 114 -31.87 -0.78 33.91
N LEU I 115 -30.74 -0.42 34.53
CA LEU I 115 -30.75 0.23 35.82
C LEU I 115 -31.36 1.60 35.70
N VAL I 116 -30.85 2.36 34.74
CA VAL I 116 -31.37 3.68 34.38
C VAL I 116 -32.89 3.70 34.31
N LEU I 117 -33.47 2.81 33.52
CA LEU I 117 -34.93 2.70 33.35
C LEU I 117 -35.61 2.28 34.64
N TYR I 118 -35.00 1.33 35.35
CA TYR I 118 -35.50 0.93 36.63
C TYR I 118 -35.73 2.12 37.56
N ARG I 119 -34.75 3.02 37.64
CA ARG I 119 -34.82 4.18 38.51
C ARG I 119 -35.84 5.19 38.04
N GLN I 120 -35.86 5.46 36.75
CA GLN I 120 -36.93 6.24 36.12
C GLN I 120 -38.29 5.68 36.52
N LEU I 121 -38.45 4.38 36.37
CA LEU I 121 -39.71 3.72 36.68
C LEU I 121 -40.00 3.78 38.18
N LEU I 122 -39.01 3.50 39.02
CA LEU I 122 -39.19 3.69 40.47
C LEU I 122 -39.73 5.10 40.73
N LEU I 123 -39.04 6.13 40.24
CA LEU I 123 -39.50 7.53 40.41
C LEU I 123 -40.93 7.78 39.89
N ALA I 124 -41.23 7.26 38.70
CA ALA I 124 -42.58 7.32 38.20
C ALA I 124 -43.55 6.66 39.19
N GLY I 125 -43.12 5.58 39.85
CA GLY I 125 -43.94 4.89 40.83
C GLY I 125 -44.23 5.73 42.05
N LEU I 126 -43.24 6.48 42.52
CA LEU I 126 -43.34 7.22 43.75
C LEU I 126 -44.29 8.35 43.51
N GLN I 127 -44.02 9.09 42.44
CA GLN I 127 -44.88 10.21 42.04
C GLN I 127 -46.35 9.80 41.93
N ASN I 128 -46.63 8.72 41.21
CA ASN I 128 -48.03 8.29 41.06
C ASN I 128 -48.65 7.88 42.39
N ALA I 129 -47.94 7.07 43.17
CA ALA I 129 -48.50 6.55 44.42
C ALA I 129 -48.77 7.70 45.38
N GLY I 130 -47.88 8.69 45.39
CA GLY I 130 -48.06 9.90 46.18
C GLY I 130 -49.43 10.55 46.11
N ARG I 131 -49.96 10.68 44.90
CA ARG I 131 -51.28 11.30 44.67
C ARG I 131 -52.43 10.37 45.10
N PRO J 1 -17.39 -8.08 54.68
CA PRO J 1 -17.92 -7.84 53.35
C PRO J 1 -16.88 -7.98 52.28
N LEU J 2 -17.30 -8.32 51.06
CA LEU J 2 -16.43 -8.39 49.89
C LEU J 2 -17.01 -7.57 48.76
N ARG J 3 -16.14 -7.06 47.91
CA ARG J 3 -16.58 -6.41 46.71
C ARG J 3 -15.46 -6.47 45.69
N LEU J 4 -15.75 -6.09 44.44
CA LEU J 4 -14.72 -6.01 43.40
C LEU J 4 -13.81 -4.83 43.72
N GLY J 5 -12.51 -5.08 43.83
CA GLY J 5 -11.54 -4.01 44.02
C GLY J 5 -10.99 -3.43 42.72
N GLY J 6 -10.27 -2.31 42.84
CA GLY J 6 -9.68 -1.62 41.69
C GLY J 6 -8.61 -2.40 40.95
N ASN J 7 -8.29 -3.60 41.42
CA ASN J 7 -7.40 -4.49 40.67
C ASN J 7 -8.16 -5.66 39.99
N GLY J 8 -9.48 -5.69 40.06
CA GLY J 8 -10.28 -6.79 39.48
C GLY J 8 -10.40 -7.99 40.40
N GLN J 9 -9.59 -8.04 41.47
CA GLN J 9 -9.73 -9.08 42.48
C GLN J 9 -10.70 -8.63 43.59
N LEU J 10 -11.45 -9.62 44.12
CA LEU J 10 -12.34 -9.42 45.26
C LEU J 10 -11.54 -8.95 46.48
N GLN J 11 -12.15 -8.04 47.24
CA GLN J 11 -11.52 -7.37 48.36
C GLN J 11 -12.43 -7.38 49.62
N TYR J 12 -11.79 -7.63 50.75
CA TYR J 12 -12.45 -7.82 52.02
C TYR J 12 -12.31 -6.60 52.94
N TRP J 13 -13.39 -6.26 53.65
CA TRP J 13 -13.34 -5.34 54.79
C TRP J 13 -14.44 -5.81 55.76
N PRO J 14 -14.19 -5.76 57.06
CA PRO J 14 -15.21 -6.22 57.98
C PRO J 14 -16.33 -5.25 58.24
N PHE J 15 -17.42 -5.76 58.82
CA PHE J 15 -18.59 -4.96 59.04
C PHE J 15 -18.23 -3.85 59.97
N SER J 16 -18.83 -2.69 59.74
CA SER J 16 -18.78 -1.62 60.72
C SER J 16 -19.74 -2.00 61.85
N SER J 17 -19.32 -1.93 63.09
CA SER J 17 -20.22 -2.36 64.18
C SER J 17 -21.48 -1.47 64.21
N SER J 18 -21.35 -0.25 63.73
CA SER J 18 -22.51 0.63 63.54
C SER J 18 -23.58 0.08 62.65
N ASP J 19 -23.20 -0.48 61.52
CA ASP J 19 -24.20 -1.03 60.64
C ASP J 19 -24.91 -2.19 61.29
N LEU J 20 -24.17 -3.06 61.96
CA LEU J 20 -24.77 -4.23 62.62
C LEU J 20 -25.70 -3.83 63.80
N TYR J 21 -25.26 -2.96 64.70
CA TYR J 21 -26.12 -2.52 65.78
C TYR J 21 -27.27 -1.60 65.29
N ASN J 22 -27.03 -0.76 64.30
CA ASN J 22 -28.12 0.03 63.72
C ASN J 22 -29.24 -0.84 63.19
N TRP J 23 -28.85 -1.84 62.39
CA TRP J 23 -29.75 -2.85 61.90
C TRP J 23 -30.49 -3.55 63.04
N LYS J 24 -29.81 -3.87 64.13
CA LYS J 24 -30.51 -4.56 65.22
C LYS J 24 -31.59 -3.69 65.84
N ASN J 25 -31.16 -2.47 66.20
CA ASN J 25 -31.97 -1.50 66.90
C ASN J 25 -33.15 -1.00 66.13
N ASN J 26 -33.05 -0.93 64.81
CA ASN J 26 -34.12 -0.33 64.01
C ASN J 26 -35.09 -1.35 63.45
N ASN J 27 -35.08 -2.57 64.00
CA ASN J 27 -36.02 -3.61 63.61
C ASN J 27 -36.56 -4.38 64.82
N PRO J 28 -37.70 -5.07 64.65
CA PRO J 28 -38.11 -6.06 65.64
C PRO J 28 -37.19 -7.27 65.60
N SER J 29 -37.08 -7.99 66.73
CA SER J 29 -36.43 -9.29 66.78
C SER J 29 -36.98 -10.22 65.70
N PHE J 30 -36.21 -11.26 65.42
CA PHE J 30 -36.63 -12.28 64.45
C PHE J 30 -37.99 -12.90 64.81
N SER J 31 -38.25 -13.06 66.10
CA SER J 31 -39.50 -13.67 66.54
C SER J 31 -40.71 -12.74 66.39
N GLU J 32 -40.63 -11.48 66.84
CA GLU J 32 -41.76 -10.53 66.64
C GLU J 32 -42.22 -10.37 65.18
N ASP J 33 -41.26 -10.34 64.24
CA ASP J 33 -41.57 -10.17 62.82
C ASP J 33 -40.40 -10.74 62.02
N PRO J 34 -40.35 -12.07 61.87
CA PRO J 34 -39.20 -12.71 61.20
C PRO J 34 -38.96 -12.23 59.78
N GLY J 35 -40.04 -11.82 59.12
CA GLY J 35 -39.96 -11.42 57.73
C GLY J 35 -39.21 -10.13 57.55
N LYS J 36 -39.24 -9.26 58.55
CA LYS J 36 -38.54 -7.98 58.38
C LYS J 36 -37.02 -8.18 58.48
N LEU J 37 -36.56 -8.92 59.50
CA LEU J 37 -35.12 -9.19 59.65
C LEU J 37 -34.63 -9.99 58.46
N THR J 38 -35.51 -10.83 57.94
CA THR J 38 -35.15 -11.69 56.83
C THR J 38 -34.92 -10.89 55.57
N ALA J 39 -35.79 -9.93 55.28
CA ALA J 39 -35.60 -9.09 54.12
C ALA J 39 -34.35 -8.24 54.29
N LEU J 40 -34.05 -7.84 55.53
CA LEU J 40 -32.83 -7.10 55.77
C LEU J 40 -31.63 -8.00 55.51
N ILE J 41 -31.64 -9.18 56.12
CA ILE J 41 -30.49 -10.08 55.97
C ILE J 41 -30.32 -10.48 54.50
N GLU J 42 -31.44 -10.78 53.86
CA GLU J 42 -31.42 -11.11 52.46
C GLU J 42 -30.75 -10.01 51.67
N SER J 43 -31.12 -8.76 51.92
CA SER J 43 -30.52 -7.68 51.15
C SER J 43 -29.01 -7.66 51.40
N VAL J 44 -28.63 -7.66 52.68
CA VAL J 44 -27.21 -7.59 52.99
C VAL J 44 -26.38 -8.72 52.38
N LEU J 45 -26.95 -9.94 52.40
CA LEU J 45 -26.26 -11.06 51.82
C LEU J 45 -25.89 -10.70 50.40
N THR J 46 -26.78 -10.05 49.63
CA THR J 46 -26.34 -9.61 48.30
C THR J 46 -25.41 -8.38 48.38
N THR J 47 -25.87 -7.28 48.98
CA THR J 47 -25.17 -6.03 48.87
C THR J 47 -23.81 -6.01 49.54
N HIS J 48 -23.65 -6.78 50.63
CA HIS J 48 -22.40 -6.83 51.38
C HIS J 48 -21.50 -8.02 51.07
N GLN J 49 -22.03 -9.00 50.32
CA GLN J 49 -21.27 -10.16 49.81
C GLN J 49 -20.42 -10.78 50.92
N PRO J 50 -21.06 -11.11 52.05
CA PRO J 50 -20.35 -11.56 53.26
C PRO J 50 -19.65 -12.91 53.18
N THR J 51 -18.53 -13.05 53.86
CA THR J 51 -17.81 -14.31 53.97
C THR J 51 -18.51 -15.15 55.01
N TRP J 52 -18.03 -16.38 55.22
CA TRP J 52 -18.56 -17.28 56.27
C TRP J 52 -18.52 -16.62 57.65
N ASP J 53 -17.37 -16.05 57.98
CA ASP J 53 -17.22 -15.36 59.24
C ASP J 53 -18.19 -14.19 59.39
N ASP J 54 -18.36 -13.41 58.31
CA ASP J 54 -19.25 -12.27 58.30
C ASP J 54 -20.65 -12.70 58.65
N CYS J 55 -21.10 -13.83 58.10
CA CYS J 55 -22.45 -14.34 58.39
C CYS J 55 -22.61 -14.67 59.86
N GLN J 56 -21.55 -15.17 60.48
CA GLN J 56 -21.62 -15.52 61.90
C GLN J 56 -21.85 -14.26 62.74
N GLN J 57 -21.14 -13.20 62.37
CA GLN J 57 -21.34 -11.93 62.97
C GLN J 57 -22.75 -11.40 62.72
N LEU J 58 -23.19 -11.36 61.47
CA LEU J 58 -24.57 -10.97 61.20
C LEU J 58 -25.57 -11.69 62.11
N LEU J 59 -25.43 -13.02 62.26
CA LEU J 59 -26.45 -13.83 62.92
C LEU J 59 -26.34 -13.68 64.41
N GLY J 60 -25.11 -13.66 64.91
CA GLY J 60 -24.86 -13.52 66.31
C GLY J 60 -25.48 -12.26 66.82
N THR J 61 -25.40 -11.18 66.04
CA THR J 61 -25.86 -9.87 66.46
C THR J 61 -27.36 -9.70 66.24
N LEU J 62 -27.89 -10.24 65.16
CA LEU J 62 -29.31 -10.07 64.81
C LEU J 62 -30.23 -11.11 65.46
N LEU J 63 -29.67 -12.25 65.87
CA LEU J 63 -30.50 -13.31 66.37
C LEU J 63 -30.08 -13.68 67.78
N THR J 64 -31.08 -14.13 68.54
CA THR J 64 -30.92 -14.75 69.83
C THR J 64 -30.24 -16.12 69.62
N GLY J 65 -29.78 -16.73 70.70
CA GLY J 65 -29.20 -18.07 70.61
C GLY J 65 -30.17 -19.11 70.04
N GLU J 66 -31.44 -19.09 70.43
CA GLU J 66 -32.38 -20.10 69.92
C GLU J 66 -32.56 -19.86 68.42
N GLU J 67 -33.06 -18.68 68.09
CA GLU J 67 -33.35 -18.29 66.71
C GLU J 67 -32.14 -18.66 65.83
N LYS J 68 -30.92 -18.44 66.30
CA LYS J 68 -29.75 -18.80 65.51
C LYS J 68 -29.70 -20.32 65.24
N GLN J 69 -30.01 -21.14 66.23
CA GLN J 69 -29.88 -22.59 66.04
C GLN J 69 -31.01 -23.13 65.17
N ARG J 70 -32.20 -22.54 65.31
CA ARG J 70 -33.32 -22.86 64.44
C ARG J 70 -32.96 -22.60 62.96
N VAL J 71 -32.42 -21.40 62.67
CA VAL J 71 -32.00 -21.04 61.32
C VAL J 71 -30.84 -21.91 60.84
N LEU J 72 -29.90 -22.20 61.73
CA LEU J 72 -28.77 -23.06 61.35
C LEU J 72 -29.30 -24.46 61.03
N LEU J 73 -30.22 -24.96 61.87
CA LEU J 73 -31.00 -26.19 61.62
C LEU J 73 -31.63 -26.26 60.22
N GLU J 74 -32.48 -25.28 59.91
CA GLU J 74 -33.24 -25.30 58.67
C GLU J 74 -32.32 -25.07 57.48
N ALA J 75 -31.31 -24.23 57.62
CA ALA J 75 -30.37 -24.05 56.54
C ALA J 75 -29.84 -25.42 56.15
N ARG J 76 -29.56 -26.24 57.15
CA ARG J 76 -29.01 -27.56 56.92
C ARG J 76 -30.00 -28.60 56.40
N LYS J 77 -31.28 -28.50 56.78
CA LYS J 77 -32.35 -29.30 56.17
C LYS J 77 -32.58 -28.96 54.70
N ALA J 78 -32.18 -27.77 54.25
CA ALA J 78 -32.37 -27.43 52.84
C ALA J 78 -31.19 -27.81 51.95
N VAL J 79 -30.21 -28.60 52.42
CA VAL J 79 -29.07 -28.95 51.54
C VAL J 79 -29.43 -29.98 50.46
N ARG J 80 -28.93 -29.80 49.25
CA ARG J 80 -29.24 -30.66 48.13
CA ARG J 80 -29.24 -30.69 48.15
C ARG J 80 -28.00 -31.44 47.69
N GLY J 81 -28.17 -32.70 47.32
CA GLY J 81 -27.10 -33.47 46.70
C GLY J 81 -26.83 -33.00 45.27
N ASN J 82 -25.90 -33.67 44.57
CA ASN J 82 -25.57 -33.36 43.16
C ASN J 82 -26.72 -33.65 42.20
N ASP J 83 -27.60 -34.57 42.58
CA ASP J 83 -28.87 -34.77 41.87
C ASP J 83 -29.87 -33.59 42.04
N GLY J 84 -29.64 -32.68 42.98
CA GLY J 84 -30.59 -31.60 43.23
C GLY J 84 -31.75 -31.98 44.12
N ARG J 85 -31.68 -33.18 44.69
CA ARG J 85 -32.69 -33.63 45.64
C ARG J 85 -32.19 -33.39 47.09
N PRO J 86 -33.10 -33.35 48.09
CA PRO J 86 -32.67 -33.26 49.48
C PRO J 86 -31.57 -34.24 49.81
N THR J 87 -30.76 -33.92 50.81
CA THR J 87 -29.76 -34.87 51.29
C THR J 87 -29.60 -34.66 52.76
N GLN J 88 -29.36 -35.75 53.47
CA GLN J 88 -29.06 -35.69 54.87
C GLN J 88 -27.74 -36.41 55.13
N LEU J 89 -26.95 -36.61 54.08
CA LEU J 89 -25.63 -37.23 54.23
C LEU J 89 -24.69 -36.21 54.87
N PRO J 90 -24.19 -36.49 56.09
CA PRO J 90 -23.30 -35.59 56.85
C PRO J 90 -22.16 -34.99 56.05
N ASN J 91 -21.41 -35.75 55.28
CA ASN J 91 -20.34 -35.11 54.53
C ASN J 91 -20.89 -34.01 53.62
N GLU J 92 -22.03 -34.25 52.99
CA GLU J 92 -22.62 -33.30 52.04
C GLU J 92 -23.28 -32.10 52.74
N VAL J 93 -23.89 -32.35 53.89
CA VAL J 93 -24.48 -31.28 54.68
C VAL J 93 -23.34 -30.37 55.20
N ASP J 94 -22.29 -30.97 55.77
CA ASP J 94 -21.12 -30.24 56.22
C ASP J 94 -20.40 -29.52 55.11
N ALA J 95 -20.27 -30.12 53.94
CA ALA J 95 -19.52 -29.46 52.87
C ALA J 95 -20.19 -28.14 52.38
N ALA J 96 -21.52 -28.12 52.40
CA ALA J 96 -22.31 -26.97 51.88
C ALA J 96 -22.71 -25.94 52.95
N PHE J 97 -23.04 -26.40 54.17
CA PHE J 97 -23.34 -25.51 55.29
C PHE J 97 -22.57 -25.91 56.57
N PRO J 98 -21.26 -25.65 56.62
CA PRO J 98 -20.45 -26.04 57.77
C PRO J 98 -20.75 -25.21 59.02
N LEU J 99 -20.77 -25.82 60.21
CA LEU J 99 -20.90 -25.05 61.46
C LEU J 99 -19.57 -24.49 61.92
N GLU J 100 -18.46 -25.03 61.39
CA GLU J 100 -17.09 -24.55 61.67
C GLU J 100 -16.48 -23.87 60.45
N ARG J 101 -15.49 -23.00 60.70
CA ARG J 101 -14.87 -22.19 59.65
C ARG J 101 -14.35 -23.07 58.52
N PRO J 102 -14.96 -22.95 57.32
CA PRO J 102 -14.40 -23.60 56.13
C PRO J 102 -13.15 -22.90 55.65
N ASP J 103 -12.43 -23.51 54.72
CA ASP J 103 -11.31 -22.88 54.08
C ASP J 103 -11.73 -22.55 52.66
N TRP J 104 -12.73 -21.71 52.53
CA TRP J 104 -13.13 -21.21 51.22
C TRP J 104 -12.29 -20.02 50.81
N ASP J 105 -11.81 -20.07 49.57
CA ASP J 105 -10.98 -19.06 49.00
C ASP J 105 -11.74 -18.28 47.91
N TYR J 106 -12.12 -17.06 48.23
CA TYR J 106 -12.90 -16.23 47.31
C TYR J 106 -12.12 -15.77 46.07
N THR J 107 -10.85 -16.18 45.96
CA THR J 107 -10.02 -15.91 44.77
C THR J 107 -10.20 -16.97 43.65
N THR J 108 -11.06 -17.96 43.89
CA THR J 108 -11.21 -19.16 43.03
C THR J 108 -12.71 -19.49 42.85
N THR J 109 -13.12 -19.95 41.66
CA THR J 109 -14.56 -20.23 41.40
C THR J 109 -15.13 -21.17 42.46
N GLU J 110 -14.33 -22.12 42.92
CA GLU J 110 -14.75 -23.10 43.90
C GLU J 110 -15.12 -22.41 45.21
N GLY J 111 -14.24 -21.54 45.67
CA GLY J 111 -14.52 -20.77 46.87
C GLY J 111 -15.74 -19.89 46.70
N ARG J 112 -15.73 -19.02 45.70
CA ARG J 112 -16.89 -18.19 45.40
C ARG J 112 -18.22 -18.95 45.40
N ASN J 113 -18.24 -20.11 44.75
CA ASN J 113 -19.47 -20.91 44.64
C ASN J 113 -19.92 -21.49 45.98
N HIS J 114 -18.97 -21.92 46.79
CA HIS J 114 -19.31 -22.29 48.16
C HIS J 114 -19.94 -21.15 48.92
N LEU J 115 -19.46 -19.93 48.66
CA LEU J 115 -20.08 -18.75 49.25
C LEU J 115 -21.50 -18.44 48.73
N VAL J 116 -21.69 -18.34 47.42
CA VAL J 116 -23.04 -18.20 46.91
C VAL J 116 -23.93 -19.20 47.62
N LEU J 117 -23.56 -20.49 47.53
CA LEU J 117 -24.37 -21.57 48.09
C LEU J 117 -24.64 -21.39 49.57
N TYR J 118 -23.61 -21.06 50.35
CA TYR J 118 -23.81 -20.88 51.79
C TYR J 118 -24.86 -19.81 52.04
N ARG J 119 -24.72 -18.70 51.33
CA ARG J 119 -25.69 -17.61 51.43
C ARG J 119 -27.12 -18.00 51.05
N GLN J 120 -27.28 -18.74 49.93
CA GLN J 120 -28.58 -19.25 49.49
C GLN J 120 -29.23 -20.09 50.60
N LEU J 121 -28.44 -20.99 51.16
CA LEU J 121 -28.89 -21.88 52.23
C LEU J 121 -29.22 -21.15 53.51
N LEU J 122 -28.42 -20.15 53.86
CA LEU J 122 -28.71 -19.34 55.05
C LEU J 122 -30.07 -18.66 54.91
N LEU J 123 -30.38 -18.24 53.69
CA LEU J 123 -31.66 -17.54 53.42
C LEU J 123 -32.84 -18.49 53.50
N ALA J 124 -32.69 -19.68 52.89
CA ALA J 124 -33.72 -20.74 52.97
C ALA J 124 -33.99 -21.05 54.41
N GLY J 125 -32.87 -21.12 55.15
CA GLY J 125 -32.87 -21.22 56.60
C GLY J 125 -33.75 -20.17 57.24
N LEU J 126 -33.40 -18.90 57.07
CA LEU J 126 -34.14 -17.80 57.68
C LEU J 126 -35.62 -17.86 57.34
N GLN J 127 -35.93 -18.04 56.07
CA GLN J 127 -37.32 -18.09 55.63
C GLN J 127 -38.15 -19.20 56.24
N ASN J 128 -37.56 -20.39 56.35
CA ASN J 128 -38.31 -21.58 56.80
C ASN J 128 -38.45 -21.60 58.33
N ALA J 129 -37.40 -21.17 59.03
CA ALA J 129 -37.43 -21.04 60.50
C ALA J 129 -38.44 -19.98 60.96
N GLY J 130 -38.68 -18.98 60.11
CA GLY J 130 -39.46 -17.80 60.48
C GLY J 130 -40.92 -18.14 60.46
N ARG J 131 -41.26 -19.13 59.63
CA ARG J 131 -42.62 -19.65 59.57
C ARG J 131 -42.86 -20.51 60.81
N SER J 132 -41.91 -21.41 61.06
CA SER J 132 -41.95 -22.33 62.21
C SER J 132 -41.88 -21.60 63.55
N PRO K 1 -6.08 -3.60 63.01
CA PRO K 1 -6.57 -4.63 62.13
C PRO K 1 -5.74 -4.74 60.86
N LEU K 2 -5.76 -5.91 60.24
CA LEU K 2 -5.06 -6.11 58.99
C LEU K 2 -6.00 -6.54 57.89
N ARG K 3 -5.80 -5.99 56.71
CA ARG K 3 -6.48 -6.46 55.52
C ARG K 3 -5.64 -6.14 54.29
N LEU K 4 -6.02 -6.69 53.14
CA LEU K 4 -5.47 -6.27 51.87
C LEU K 4 -6.27 -5.09 51.33
N GLY K 5 -5.60 -4.14 50.68
CA GLY K 5 -6.32 -3.12 49.90
C GLY K 5 -6.60 -3.65 48.50
N GLY K 6 -7.68 -3.18 47.86
CA GLY K 6 -8.07 -3.65 46.51
C GLY K 6 -7.01 -3.40 45.42
N ASN K 7 -5.75 -3.30 45.86
CA ASN K 7 -4.53 -3.16 45.05
C ASN K 7 -3.45 -4.18 45.45
N GLY K 8 -3.77 -5.13 46.31
CA GLY K 8 -2.86 -6.20 46.66
C GLY K 8 -1.98 -5.98 47.88
N GLN K 9 -1.68 -4.72 48.19
CA GLN K 9 -0.83 -4.36 49.35
C GLN K 9 -1.51 -4.68 50.72
N LEU K 10 -0.86 -5.49 51.57
CA LEU K 10 -1.40 -5.79 52.91
C LEU K 10 -1.33 -4.48 53.70
N GLN K 11 -2.15 -4.36 54.74
CA GLN K 11 -2.41 -3.05 55.29
C GLN K 11 -2.89 -3.02 56.76
N TYR K 12 -2.51 -1.94 57.44
CA TYR K 12 -2.80 -1.73 58.83
C TYR K 12 -3.66 -0.49 59.01
N TRP K 13 -4.69 -0.62 59.84
N TRP K 13 -4.69 -0.61 59.84
CA TRP K 13 -5.44 0.52 60.33
CA TRP K 13 -5.49 0.51 60.30
C TRP K 13 -5.81 0.21 61.80
C TRP K 13 -5.80 0.20 61.78
N PRO K 14 -5.68 1.19 62.70
CA PRO K 14 -6.03 0.90 64.10
C PRO K 14 -7.53 0.70 64.32
N PHE K 15 -7.92 -0.03 65.35
CA PHE K 15 -9.34 -0.12 65.74
C PHE K 15 -9.94 1.29 65.87
N SER K 16 -11.16 1.45 65.41
CA SER K 16 -11.87 2.68 65.65
C SER K 16 -12.49 2.48 67.01
N SER K 17 -12.51 3.52 67.81
CA SER K 17 -12.94 3.36 69.18
C SER K 17 -14.45 3.12 69.24
N SER K 18 -15.17 3.64 68.26
CA SER K 18 -16.59 3.34 68.08
C SER K 18 -16.90 1.87 68.18
N ASP K 19 -16.13 1.06 67.42
CA ASP K 19 -16.28 -0.38 67.42
C ASP K 19 -15.97 -0.94 68.75
N LEU K 20 -14.83 -0.60 69.31
CA LEU K 20 -14.49 -1.13 70.63
C LEU K 20 -15.58 -0.80 71.69
N TYR K 21 -15.93 0.47 71.82
CA TYR K 21 -16.91 0.87 72.82
C TYR K 21 -18.30 0.32 72.50
N ASN K 22 -18.64 0.20 71.21
CA ASN K 22 -19.88 -0.48 70.83
C ASN K 22 -19.86 -1.92 71.25
N TRP K 23 -18.72 -2.60 71.12
CA TRP K 23 -18.63 -4.05 71.46
C TRP K 23 -18.72 -4.18 72.95
N LYS K 24 -18.16 -3.23 73.66
CA LYS K 24 -18.23 -3.34 75.09
C LYS K 24 -19.67 -3.14 75.55
N ASN K 25 -20.28 -2.05 75.12
CA ASN K 25 -21.56 -1.61 75.66
C ASN K 25 -22.73 -2.48 75.23
N ASN K 26 -22.54 -3.30 74.20
CA ASN K 26 -23.61 -4.14 73.69
C ASN K 26 -23.54 -5.57 74.14
N ASN K 27 -22.68 -5.83 75.10
CA ASN K 27 -22.47 -7.16 75.61
C ASN K 27 -22.25 -7.06 77.13
N PRO K 28 -22.37 -8.20 77.85
CA PRO K 28 -22.12 -8.15 79.28
C PRO K 28 -20.63 -8.38 79.53
N SER K 29 -20.17 -8.17 80.76
CA SER K 29 -18.80 -8.49 81.14
C SER K 29 -18.44 -9.97 80.92
N PHE K 30 -17.16 -10.25 80.92
CA PHE K 30 -16.65 -11.57 80.64
C PHE K 30 -16.98 -12.52 81.81
N SER K 31 -16.93 -11.98 83.03
CA SER K 31 -17.34 -12.72 84.22
C SER K 31 -18.85 -12.97 84.28
N GLU K 32 -19.65 -12.04 83.76
CA GLU K 32 -21.12 -12.20 83.76
C GLU K 32 -21.62 -13.24 82.74
N ASP K 33 -20.95 -13.37 81.58
CA ASP K 33 -21.36 -14.30 80.51
C ASP K 33 -20.20 -14.47 79.49
N PRO K 34 -19.16 -15.23 79.87
CA PRO K 34 -17.94 -15.32 79.08
C PRO K 34 -18.12 -15.80 77.63
N GLY K 35 -19.27 -16.42 77.36
CA GLY K 35 -19.52 -17.03 76.06
C GLY K 35 -19.83 -15.99 75.00
N LYS K 36 -20.53 -14.93 75.40
CA LYS K 36 -20.89 -13.91 74.43
C LYS K 36 -19.65 -13.12 74.06
N LEU K 37 -18.92 -12.64 75.07
CA LEU K 37 -17.66 -11.93 74.78
C LEU K 37 -16.65 -12.80 74.04
N THR K 38 -16.49 -14.06 74.41
CA THR K 38 -15.57 -14.94 73.66
C THR K 38 -16.03 -15.11 72.22
N ALA K 39 -17.33 -15.35 72.00
CA ALA K 39 -17.83 -15.52 70.62
C ALA K 39 -17.52 -14.27 69.77
N LEU K 40 -17.73 -13.09 70.36
CA LEU K 40 -17.40 -11.84 69.73
C LEU K 40 -15.93 -11.68 69.47
N ILE K 41 -15.08 -11.91 70.49
CA ILE K 41 -13.63 -11.76 70.32
C ILE K 41 -13.12 -12.74 69.29
N GLU K 42 -13.63 -13.96 69.30
CA GLU K 42 -13.17 -14.98 68.35
C GLU K 42 -13.47 -14.58 66.90
N SER K 43 -14.67 -14.08 66.67
CA SER K 43 -15.04 -13.62 65.35
C SER K 43 -14.13 -12.50 64.90
N VAL K 44 -14.07 -11.43 65.72
CA VAL K 44 -13.14 -10.30 65.53
C VAL K 44 -11.71 -10.77 65.27
N LEU K 45 -11.22 -11.78 66.01
CA LEU K 45 -9.92 -12.38 65.73
C LEU K 45 -9.75 -12.75 64.29
N THR K 46 -10.79 -13.30 63.66
CA THR K 46 -10.70 -13.60 62.23
C THR K 46 -10.98 -12.41 61.36
N THR K 47 -12.03 -11.66 61.66
CA THR K 47 -12.51 -10.70 60.67
C THR K 47 -11.57 -9.51 60.58
N HIS K 48 -11.02 -9.15 61.73
CA HIS K 48 -10.17 -7.97 61.85
C HIS K 48 -8.64 -8.21 61.76
N GLN K 49 -8.22 -9.44 61.93
CA GLN K 49 -6.79 -9.79 61.74
C GLN K 49 -5.91 -8.89 62.60
N PRO K 50 -6.22 -8.82 63.90
CA PRO K 50 -5.57 -7.91 64.85
C PRO K 50 -4.12 -8.22 65.01
N THR K 51 -3.25 -7.23 65.09
CA THR K 51 -1.85 -7.46 65.43
C THR K 51 -1.81 -7.80 66.89
N TRP K 52 -0.61 -7.99 67.42
CA TRP K 52 -0.43 -8.16 68.86
C TRP K 52 -0.98 -6.99 69.63
N ASP K 53 -0.55 -5.80 69.24
CA ASP K 53 -1.00 -4.60 69.93
C ASP K 53 -2.49 -4.46 69.84
N ASP K 54 -3.05 -4.72 68.65
CA ASP K 54 -4.49 -4.67 68.51
C ASP K 54 -5.08 -5.55 69.58
N CYS K 55 -4.62 -6.81 69.70
CA CYS K 55 -5.23 -7.70 70.71
C CYS K 55 -5.19 -7.08 72.09
N GLN K 56 -4.06 -6.44 72.44
CA GLN K 56 -3.95 -5.80 73.79
C GLN K 56 -5.04 -4.76 73.97
N GLN K 57 -5.34 -4.05 72.89
CA GLN K 57 -6.38 -3.05 72.89
C GLN K 57 -7.74 -3.78 73.05
N LEU K 58 -7.97 -4.83 72.27
CA LEU K 58 -9.22 -5.59 72.41
C LEU K 58 -9.41 -6.05 73.83
N LEU K 59 -8.42 -6.77 74.33
CA LEU K 59 -8.50 -7.32 75.66
C LEU K 59 -8.62 -6.18 76.69
N GLY K 60 -7.74 -5.18 76.59
CA GLY K 60 -7.74 -4.04 77.52
C GLY K 60 -9.09 -3.39 77.67
N THR K 61 -9.75 -3.18 76.54
CA THR K 61 -11.00 -2.46 76.50
C THR K 61 -12.18 -3.31 76.96
N LEU K 62 -12.22 -4.57 76.56
CA LEU K 62 -13.39 -5.42 76.76
C LEU K 62 -13.28 -6.25 78.01
N LEU K 63 -12.09 -6.32 78.59
CA LEU K 63 -11.87 -7.07 79.82
C LEU K 63 -11.36 -6.17 80.91
N THR K 64 -11.65 -6.55 82.15
CA THR K 64 -10.91 -6.03 83.32
C THR K 64 -9.46 -6.56 83.30
N GLY K 65 -8.57 -5.89 84.02
CA GLY K 65 -7.20 -6.39 84.21
C GLY K 65 -7.24 -7.74 84.87
N GLU K 66 -8.13 -7.89 85.84
CA GLU K 66 -8.31 -9.16 86.53
C GLU K 66 -8.52 -10.25 85.46
N GLU K 67 -9.64 -10.15 84.75
CA GLU K 67 -10.00 -11.06 83.67
C GLU K 67 -8.85 -11.25 82.64
N LYS K 68 -8.22 -10.15 82.22
CA LYS K 68 -7.13 -10.16 81.22
C LYS K 68 -5.90 -10.95 81.66
N GLN K 69 -5.57 -10.87 82.96
CA GLN K 69 -4.47 -11.67 83.48
C GLN K 69 -4.87 -13.15 83.44
N ARG K 70 -6.03 -13.47 83.97
CA ARG K 70 -6.54 -14.81 83.80
C ARG K 70 -6.35 -15.30 82.36
N VAL K 71 -6.91 -14.58 81.39
CA VAL K 71 -6.89 -15.01 80.00
C VAL K 71 -5.46 -15.24 79.47
N LEU K 72 -4.58 -14.27 79.69
CA LEU K 72 -3.23 -14.40 79.15
C LEU K 72 -2.47 -15.62 79.74
N LEU K 73 -2.68 -15.93 81.01
CA LEU K 73 -2.01 -17.09 81.63
C LEU K 73 -2.51 -18.36 80.99
N GLU K 74 -3.83 -18.50 80.90
CA GLU K 74 -4.37 -19.62 80.16
C GLU K 74 -3.77 -19.68 78.76
N ALA K 75 -3.68 -18.57 78.05
CA ALA K 75 -3.13 -18.64 76.70
C ALA K 75 -1.75 -19.28 76.77
N ARG K 76 -0.97 -18.96 77.80
CA ARG K 76 0.43 -19.43 77.88
C ARG K 76 0.56 -20.92 78.25
N LYS K 77 -0.40 -21.44 79.03
CA LYS K 77 -0.46 -22.87 79.33
C LYS K 77 -0.71 -23.73 78.09
N ALA K 78 -1.47 -23.18 77.15
CA ALA K 78 -1.81 -23.92 75.96
C ALA K 78 -0.71 -23.93 74.90
N VAL K 79 0.48 -23.41 75.19
CA VAL K 79 1.54 -23.39 74.16
C VAL K 79 2.07 -24.81 73.87
N ARG K 80 2.39 -25.06 72.61
CA ARG K 80 2.87 -26.36 72.13
C ARG K 80 4.20 -26.24 71.43
N GLY K 81 5.11 -27.18 71.70
CA GLY K 81 6.43 -27.18 71.12
C GLY K 81 6.39 -27.60 69.67
N ASN K 82 7.53 -27.47 68.99
CA ASN K 82 7.58 -27.71 67.54
C ASN K 82 7.26 -29.17 67.18
N ASP K 83 7.10 -30.02 68.20
CA ASP K 83 6.67 -31.44 68.05
C ASP K 83 5.14 -31.64 68.04
N GLY K 84 4.40 -30.73 68.66
CA GLY K 84 2.94 -30.84 68.71
C GLY K 84 2.42 -31.02 70.12
N ARG K 85 3.34 -31.11 71.08
CA ARG K 85 3.00 -31.54 72.43
C ARG K 85 3.07 -30.35 73.41
N PRO K 86 2.28 -30.38 74.52
CA PRO K 86 2.44 -29.34 75.55
C PRO K 86 3.92 -29.05 75.89
N THR K 87 4.20 -27.78 76.18
CA THR K 87 5.52 -27.36 76.57
C THR K 87 5.37 -26.20 77.54
N GLN K 88 6.09 -26.26 78.64
CA GLN K 88 6.18 -25.15 79.58
C GLN K 88 7.62 -24.63 79.62
N LEU K 89 8.36 -24.87 78.54
CA LEU K 89 9.71 -24.39 78.43
C LEU K 89 9.66 -22.92 78.12
N PRO K 90 10.10 -22.08 79.07
CA PRO K 90 10.07 -20.62 78.94
C PRO K 90 10.45 -20.06 77.58
N ASN K 91 11.50 -20.57 76.98
CA ASN K 91 11.85 -20.08 75.65
C ASN K 91 10.68 -20.32 74.66
N GLU K 92 10.07 -21.50 74.71
CA GLU K 92 9.00 -21.85 73.74
C GLU K 92 7.72 -21.07 74.04
N VAL K 93 7.39 -20.97 75.33
CA VAL K 93 6.22 -20.25 75.78
C VAL K 93 6.28 -18.76 75.41
N ASP K 94 7.44 -18.13 75.51
CA ASP K 94 7.58 -16.69 75.21
C ASP K 94 7.68 -16.37 73.72
N ALA K 95 8.18 -17.28 72.90
CA ALA K 95 8.17 -17.02 71.45
C ALA K 95 6.74 -17.07 70.89
N ALA K 96 5.94 -18.04 71.32
CA ALA K 96 4.60 -18.23 70.81
C ALA K 96 3.60 -17.18 71.30
N PHE K 97 3.62 -16.93 72.61
CA PHE K 97 2.66 -16.09 73.29
C PHE K 97 3.38 -15.17 74.27
N PRO K 98 4.08 -14.16 73.74
CA PRO K 98 4.79 -13.20 74.57
C PRO K 98 3.88 -12.27 75.32
N LEU K 99 4.17 -12.12 76.61
CA LEU K 99 3.62 -11.05 77.41
C LEU K 99 4.09 -9.66 76.97
N GLU K 100 5.26 -9.54 76.36
CA GLU K 100 5.75 -8.20 76.01
C GLU K 100 5.86 -8.06 74.50
N ARG K 101 5.60 -6.86 74.01
CA ARG K 101 5.51 -6.62 72.58
C ARG K 101 6.67 -7.24 71.82
N PRO K 102 6.39 -8.24 70.95
CA PRO K 102 7.40 -8.95 70.19
C PRO K 102 7.69 -8.23 68.92
N ASP K 103 8.78 -8.51 68.24
CA ASP K 103 8.99 -7.71 67.03
C ASP K 103 8.65 -8.58 65.83
N TRP K 104 7.35 -8.64 65.57
CA TRP K 104 6.75 -9.48 64.54
C TRP K 104 6.41 -8.59 63.34
N ASP K 105 6.99 -8.87 62.17
CA ASP K 105 6.79 -8.02 60.99
C ASP K 105 5.64 -8.58 60.15
N TYR K 106 4.45 -7.99 60.22
CA TYR K 106 3.29 -8.56 59.53
C TYR K 106 3.43 -8.65 58.01
N THR K 107 4.36 -7.90 57.42
CA THR K 107 4.66 -7.98 55.98
C THR K 107 5.57 -9.16 55.60
N THR K 108 6.13 -9.86 56.60
CA THR K 108 6.87 -11.11 56.37
C THR K 108 6.00 -12.32 56.68
N THR K 109 6.33 -13.45 56.08
CA THR K 109 5.59 -14.69 56.31
C THR K 109 5.71 -15.21 57.76
N GLU K 110 6.90 -15.14 58.34
CA GLU K 110 7.08 -15.58 59.73
C GLU K 110 6.36 -14.68 60.76
N GLY K 111 6.24 -13.39 60.45
CA GLY K 111 5.42 -12.47 61.25
C GLY K 111 3.94 -12.85 61.27
N ARG K 112 3.39 -13.17 60.09
CA ARG K 112 2.00 -13.66 59.92
C ARG K 112 1.67 -14.91 60.71
N ASN K 113 2.58 -15.87 60.63
CA ASN K 113 2.37 -17.15 61.28
C ASN K 113 2.38 -16.98 62.78
N HIS K 114 3.22 -16.07 63.25
CA HIS K 114 3.27 -15.82 64.67
C HIS K 114 1.95 -15.27 65.13
N LEU K 115 1.42 -14.35 64.37
CA LEU K 115 0.10 -13.79 64.64
C LEU K 115 -0.99 -14.85 64.64
N VAL K 116 -0.96 -15.73 63.64
CA VAL K 116 -1.95 -16.76 63.51
C VAL K 116 -1.89 -17.62 64.72
N LEU K 117 -0.68 -18.02 65.09
CA LEU K 117 -0.45 -18.82 66.29
C LEU K 117 -0.97 -18.10 67.51
N TYR K 118 -0.51 -16.86 67.69
CA TYR K 118 -0.93 -16.03 68.85
C TYR K 118 -2.43 -15.90 69.02
N ARG K 119 -3.12 -15.60 67.94
CA ARG K 119 -4.60 -15.53 67.99
C ARG K 119 -5.32 -16.83 68.39
N GLN K 120 -4.92 -17.96 67.83
CA GLN K 120 -5.44 -19.28 68.29
C GLN K 120 -5.16 -19.53 69.77
N LEU K 121 -3.92 -19.28 70.22
CA LEU K 121 -3.57 -19.40 71.64
C LEU K 121 -4.42 -18.46 72.46
N LEU K 122 -4.55 -17.21 72.02
CA LEU K 122 -5.43 -16.23 72.71
C LEU K 122 -6.90 -16.72 72.86
N LEU K 123 -7.43 -17.37 71.83
CA LEU K 123 -8.77 -17.98 71.87
C LEU K 123 -8.86 -19.11 72.92
N ALA K 124 -7.87 -20.01 72.85
CA ALA K 124 -7.73 -21.05 73.85
C ALA K 124 -7.74 -20.38 75.22
N GLY K 125 -7.00 -19.30 75.34
CA GLY K 125 -6.94 -18.58 76.59
C GLY K 125 -8.30 -18.15 77.10
N LEU K 126 -9.11 -17.58 76.20
CA LEU K 126 -10.44 -17.07 76.57
C LEU K 126 -11.34 -18.21 76.96
N GLN K 127 -11.40 -19.25 76.13
CA GLN K 127 -12.21 -20.45 76.43
C GLN K 127 -11.88 -21.00 77.83
N ASN K 128 -10.59 -21.25 78.06
CA ASN K 128 -10.12 -21.76 79.35
C ASN K 128 -10.44 -20.84 80.49
N ALA K 129 -10.08 -19.57 80.34
CA ALA K 129 -10.34 -18.57 81.38
C ALA K 129 -11.80 -18.55 81.81
N GLY K 130 -12.71 -18.71 80.86
CA GLY K 130 -14.15 -18.77 81.14
C GLY K 130 -14.63 -20.19 81.33
N ARG K 131 -14.19 -20.83 82.41
CA ARG K 131 -14.64 -22.14 82.89
C ARG K 131 -15.37 -22.02 84.22
N PRO L 1 -1.73 10.41 63.50
CA PRO L 1 -1.26 9.04 63.41
C PRO L 1 -0.38 8.78 62.20
N LEU L 2 0.55 7.84 62.36
CA LEU L 2 1.32 7.30 61.23
C LEU L 2 1.04 5.79 61.02
N ARG L 3 1.00 5.38 59.76
CA ARG L 3 1.13 3.96 59.43
C ARG L 3 1.94 3.66 58.17
N LEU L 4 2.22 2.39 57.96
CA LEU L 4 2.91 1.91 56.77
C LEU L 4 1.97 1.94 55.54
N GLY L 5 2.24 2.85 54.61
CA GLY L 5 1.44 2.94 53.36
C GLY L 5 1.69 1.78 52.41
N GLY L 6 0.81 1.61 51.43
CA GLY L 6 0.95 0.53 50.43
C GLY L 6 2.30 0.63 49.70
N ASN L 7 2.61 1.83 49.20
CA ASN L 7 3.91 2.12 48.60
C ASN L 7 5.12 1.80 49.50
N GLY L 8 4.85 1.41 50.74
CA GLY L 8 5.90 1.03 51.66
C GLY L 8 6.39 2.18 52.50
N GLN L 9 6.08 3.42 52.09
CA GLN L 9 6.46 4.62 52.86
CA GLN L 9 6.45 4.61 52.87
C GLN L 9 5.40 4.92 53.96
N LEU L 10 5.86 5.54 55.03
CA LEU L 10 4.97 5.89 56.12
C LEU L 10 4.09 7.06 55.66
N GLN L 11 2.90 7.08 56.22
CA GLN L 11 1.79 7.90 55.80
C GLN L 11 1.07 8.43 57.07
N TYR L 12 0.75 9.73 57.04
CA TYR L 12 0.25 10.42 58.17
C TYR L 12 -1.21 10.75 57.99
N TRP L 13 -1.97 10.65 59.07
CA TRP L 13 -3.27 11.27 59.09
C TRP L 13 -3.69 11.73 60.54
N PRO L 14 -4.48 12.81 60.62
CA PRO L 14 -4.98 13.35 61.88
C PRO L 14 -5.75 12.39 62.71
N PHE L 15 -5.63 12.50 64.01
CA PHE L 15 -6.56 11.81 64.86
C PHE L 15 -7.98 12.21 64.46
N SER L 16 -8.88 11.25 64.52
CA SER L 16 -10.28 11.56 64.49
C SER L 16 -10.64 12.21 65.85
N SER L 17 -11.49 13.23 65.82
CA SER L 17 -11.92 13.91 67.04
C SER L 17 -12.83 13.01 67.85
N SER L 18 -13.50 12.09 67.20
CA SER L 18 -14.37 11.18 67.90
C SER L 18 -13.61 10.14 68.68
N ASP L 19 -12.46 9.74 68.16
CA ASP L 19 -11.56 8.86 68.93
C ASP L 19 -11.16 9.53 70.26
N LEU L 20 -10.61 10.75 70.18
CA LEU L 20 -10.02 11.42 71.37
C LEU L 20 -11.08 11.71 72.43
N TYR L 21 -12.24 12.20 71.98
CA TYR L 21 -13.36 12.42 72.91
C TYR L 21 -14.00 11.13 73.40
N ASN L 22 -14.03 10.07 72.62
CA ASN L 22 -14.41 8.78 73.19
C ASN L 22 -13.47 8.32 74.28
N TRP L 23 -12.17 8.46 74.03
CA TRP L 23 -11.13 8.12 75.01
C TRP L 23 -11.27 8.88 76.35
N LYS L 24 -11.41 10.18 76.28
CA LYS L 24 -11.68 11.03 77.45
C LYS L 24 -12.95 10.55 78.17
N ASN L 25 -14.03 10.41 77.39
CA ASN L 25 -15.35 10.14 77.97
C ASN L 25 -15.62 8.75 78.57
N ASN L 26 -14.82 7.76 78.20
CA ASN L 26 -15.01 6.40 78.69
C ASN L 26 -13.97 6.08 79.72
N ASN L 27 -13.34 7.11 80.26
CA ASN L 27 -12.33 6.91 81.29
C ASN L 27 -12.42 7.99 82.34
N PRO L 28 -11.93 7.69 83.55
CA PRO L 28 -11.85 8.73 84.58
C PRO L 28 -10.72 9.67 84.20
N SER L 29 -10.62 10.81 84.88
CA SER L 29 -9.55 11.78 84.60
C SER L 29 -8.26 11.23 85.19
N PHE L 30 -7.14 11.68 84.66
CA PHE L 30 -5.84 11.18 85.09
C PHE L 30 -5.60 11.31 86.59
N SER L 31 -5.99 12.46 87.16
CA SER L 31 -5.87 12.74 88.61
C SER L 31 -6.71 11.80 89.46
N GLU L 32 -7.96 11.55 89.04
CA GLU L 32 -8.83 10.53 89.66
C GLU L 32 -8.23 9.14 89.64
N ASP L 33 -7.63 8.76 88.51
CA ASP L 33 -7.08 7.42 88.31
C ASP L 33 -6.14 7.39 87.08
N PRO L 34 -4.84 7.51 87.31
CA PRO L 34 -3.77 7.49 86.29
C PRO L 34 -3.52 6.19 85.48
N GLY L 35 -3.72 5.01 86.05
CA GLY L 35 -3.52 3.75 85.30
C GLY L 35 -4.41 3.68 84.07
N LYS L 36 -5.67 4.07 84.24
CA LYS L 36 -6.64 4.04 83.15
C LYS L 36 -6.15 4.80 81.91
N LEU L 37 -6.01 6.13 82.00
CA LEU L 37 -5.54 6.93 80.86
C LEU L 37 -4.13 6.55 80.43
N THR L 38 -3.30 6.10 81.37
CA THR L 38 -1.93 5.70 81.05
C THR L 38 -1.96 4.49 80.15
N ALA L 39 -2.72 3.48 80.55
CA ALA L 39 -2.83 2.24 79.77
C ALA L 39 -3.47 2.53 78.40
N LEU L 40 -4.36 3.50 78.35
CA LEU L 40 -4.99 3.84 77.10
C LEU L 40 -3.95 4.48 76.21
N ILE L 41 -3.19 5.41 76.78
CA ILE L 41 -2.25 6.23 76.04
C ILE L 41 -1.12 5.36 75.51
N GLU L 42 -0.60 4.51 76.40
CA GLU L 42 0.49 3.60 76.03
C GLU L 42 0.15 2.87 74.73
N SER L 43 -1.07 2.34 74.69
CA SER L 43 -1.56 1.52 73.59
C SER L 43 -1.61 2.34 72.33
N VAL L 44 -2.42 3.40 72.38
CA VAL L 44 -2.54 4.36 71.28
C VAL L 44 -1.14 4.76 70.79
N LEU L 45 -0.21 4.98 71.74
CA LEU L 45 1.17 5.24 71.31
C LEU L 45 1.66 4.19 70.33
N THR L 46 1.36 2.91 70.52
CA THR L 46 1.86 1.94 69.53
C THR L 46 0.88 1.74 68.34
N THR L 47 -0.42 1.64 68.57
CA THR L 47 -1.34 1.37 67.45
C THR L 47 -1.43 2.57 66.46
N HIS L 48 -1.43 3.79 66.98
CA HIS L 48 -1.63 4.95 66.12
C HIS L 48 -0.35 5.63 65.72
N GLN L 49 0.75 5.14 66.28
CA GLN L 49 2.12 5.61 65.96
C GLN L 49 2.24 7.14 65.84
N PRO L 50 1.87 7.89 66.89
CA PRO L 50 1.62 9.34 66.74
C PRO L 50 2.86 10.17 66.50
N THR L 51 2.76 11.27 65.77
CA THR L 51 3.87 12.22 65.65
C THR L 51 3.95 13.08 66.90
N TRP L 52 4.94 13.97 66.93
CA TRP L 52 5.11 14.87 68.08
C TRP L 52 3.84 15.69 68.29
N ASP L 53 3.38 16.31 67.22
CA ASP L 53 2.09 16.95 67.24
C ASP L 53 1.00 16.06 67.71
N ASP L 54 0.92 14.83 67.21
CA ASP L 54 -0.18 13.98 67.66
C ASP L 54 -0.16 13.75 69.17
N CYS L 55 0.99 13.74 69.79
CA CYS L 55 1.06 13.56 71.24
C CYS L 55 0.55 14.79 71.94
N GLN L 56 0.93 15.94 71.41
CA GLN L 56 0.49 17.19 71.99
C GLN L 56 -1.03 17.10 72.01
N GLN L 57 -1.63 16.75 70.86
CA GLN L 57 -3.07 16.55 70.78
C GLN L 57 -3.58 15.50 71.75
N LEU L 58 -2.98 14.33 71.81
CA LEU L 58 -3.43 13.38 72.82
C LEU L 58 -3.47 14.08 74.18
N LEU L 59 -2.32 14.61 74.61
CA LEU L 59 -2.18 15.07 75.97
C LEU L 59 -3.06 16.30 76.24
N GLY L 60 -3.18 17.17 75.24
CA GLY L 60 -4.14 18.30 75.26
C GLY L 60 -5.56 17.90 75.57
N THR L 61 -6.05 16.86 74.88
CA THR L 61 -7.45 16.48 74.95
C THR L 61 -7.75 15.70 76.23
N LEU L 62 -6.78 14.92 76.72
CA LEU L 62 -7.04 13.92 77.75
C LEU L 62 -6.61 14.29 79.16
N LEU L 63 -5.73 15.28 79.30
CA LEU L 63 -5.34 15.77 80.59
C LEU L 63 -5.57 17.26 80.71
N THR L 64 -5.69 17.70 81.95
CA THR L 64 -5.68 19.13 82.29
C THR L 64 -4.28 19.69 82.15
N GLY L 65 -4.22 21.01 81.97
CA GLY L 65 -2.97 21.75 81.91
C GLY L 65 -1.99 21.37 83.01
N GLU L 66 -2.45 21.16 84.24
CA GLU L 66 -1.52 20.87 85.35
C GLU L 66 -0.94 19.49 85.20
N GLU L 67 -1.78 18.55 84.79
CA GLU L 67 -1.36 17.16 84.60
C GLU L 67 -0.34 17.06 83.45
N LYS L 68 -0.66 17.62 82.29
CA LYS L 68 0.29 17.64 81.18
C LYS L 68 1.69 18.13 81.61
N GLN L 69 1.77 19.22 82.36
CA GLN L 69 3.07 19.75 82.81
C GLN L 69 3.79 18.79 83.80
N ARG L 70 3.04 18.15 84.69
CA ARG L 70 3.61 17.11 85.56
C ARG L 70 4.21 15.97 84.72
N VAL L 71 3.47 15.53 83.70
CA VAL L 71 3.86 14.38 82.88
C VAL L 71 5.06 14.73 82.02
N LEU L 72 5.07 15.94 81.48
CA LEU L 72 6.15 16.35 80.61
C LEU L 72 7.42 16.58 81.41
N LEU L 73 7.30 17.06 82.63
CA LEU L 73 8.49 17.22 83.48
C LEU L 73 9.08 15.89 83.87
N GLU L 74 8.24 14.88 84.07
CA GLU L 74 8.73 13.55 84.38
C GLU L 74 9.42 12.91 83.21
N ALA L 75 8.86 13.15 82.02
CA ALA L 75 9.40 12.61 80.79
C ALA L 75 10.80 13.10 80.61
N ARG L 76 11.00 14.39 80.82
CA ARG L 76 12.35 14.98 80.77
C ARG L 76 13.27 14.42 81.86
N LYS L 77 12.74 14.19 83.04
CA LYS L 77 13.54 13.64 84.12
C LYS L 77 13.99 12.22 83.78
N ALA L 78 13.23 11.51 82.96
CA ALA L 78 13.64 10.16 82.54
C ALA L 78 14.69 10.12 81.40
N VAL L 79 15.15 11.27 80.90
CA VAL L 79 16.11 11.26 79.80
C VAL L 79 17.44 10.75 80.28
N ARG L 80 18.13 10.01 79.42
CA ARG L 80 19.41 9.36 79.73
C ARG L 80 20.47 9.71 78.70
N GLY L 81 21.73 9.78 79.10
CA GLY L 81 22.86 10.08 78.19
C GLY L 81 23.41 8.84 77.51
N ASN L 82 24.37 9.00 76.60
CA ASN L 82 25.06 7.86 76.03
C ASN L 82 25.71 6.91 77.07
N ASP L 83 25.87 7.35 78.32
CA ASP L 83 26.53 6.53 79.34
C ASP L 83 25.56 5.89 80.30
N GLY L 84 24.26 5.94 79.97
CA GLY L 84 23.24 5.23 80.73
C GLY L 84 22.72 5.97 81.93
N ARG L 85 23.16 7.21 82.11
CA ARG L 85 22.84 7.98 83.34
C ARG L 85 21.92 9.17 83.11
N PRO L 86 21.25 9.63 84.17
CA PRO L 86 20.49 10.84 84.02
C PRO L 86 21.36 11.96 83.43
N THR L 87 20.75 12.75 82.56
CA THR L 87 21.48 13.91 82.08
C THR L 87 20.57 15.04 82.32
N GLN L 88 21.06 16.12 82.94
CA GLN L 88 20.33 17.40 82.93
C GLN L 88 20.89 18.44 81.90
N LEU L 89 21.97 18.11 81.17
CA LEU L 89 22.46 18.97 80.10
C LEU L 89 21.30 19.38 79.18
N PRO L 90 20.89 20.66 79.20
CA PRO L 90 19.73 21.14 78.41
C PRO L 90 19.72 20.75 76.94
N ASN L 91 20.88 20.72 76.28
CA ASN L 91 20.91 20.33 74.87
C ASN L 91 20.58 18.84 74.76
N GLU L 92 21.00 18.06 75.74
CA GLU L 92 20.65 16.64 75.76
C GLU L 92 19.17 16.42 76.05
N VAL L 93 18.64 17.11 77.06
CA VAL L 93 17.24 16.95 77.44
C VAL L 93 16.32 17.30 76.26
N ASP L 94 16.63 18.38 75.54
CA ASP L 94 15.79 18.94 74.48
C ASP L 94 15.87 18.16 73.21
N ALA L 95 17.02 17.56 72.92
CA ALA L 95 17.15 16.67 71.76
C ALA L 95 16.29 15.38 71.92
N ALA L 96 15.98 14.94 73.15
CA ALA L 96 15.24 13.68 73.37
C ALA L 96 13.75 13.90 73.56
N PHE L 97 13.40 14.89 74.37
CA PHE L 97 12.02 15.21 74.70
C PHE L 97 11.86 16.71 74.57
N PRO L 98 11.66 17.22 73.34
CA PRO L 98 11.48 18.66 73.11
C PRO L 98 10.13 19.16 73.63
N LEU L 99 10.07 20.44 73.97
CA LEU L 99 8.79 21.08 74.37
C LEU L 99 8.22 21.92 73.27
N GLU L 100 9.05 22.24 72.28
CA GLU L 100 8.63 22.98 71.10
C GLU L 100 8.83 22.07 69.89
N ARG L 101 7.90 22.18 68.93
CA ARG L 101 7.88 21.30 67.75
C ARG L 101 9.29 21.07 67.21
N PRO L 102 9.78 19.80 67.27
CA PRO L 102 11.00 19.47 66.52
C PRO L 102 10.68 19.31 65.05
N ASP L 103 11.68 19.23 64.20
CA ASP L 103 11.41 18.77 62.84
C ASP L 103 11.98 17.35 62.66
N TRP L 104 11.28 16.40 63.21
CA TRP L 104 11.61 15.00 63.04
C TRP L 104 10.96 14.51 61.75
N ASP L 105 11.75 13.96 60.87
CA ASP L 105 11.24 13.53 59.58
C ASP L 105 11.03 12.02 59.66
N TYR L 106 9.77 11.65 59.87
CA TYR L 106 9.32 10.26 60.01
C TYR L 106 9.58 9.34 58.79
N THR L 107 9.99 9.90 57.67
CA THR L 107 10.45 9.10 56.50
C THR L 107 11.93 8.69 56.58
N THR L 108 12.64 9.10 57.63
CA THR L 108 14.04 8.76 57.79
C THR L 108 14.26 8.08 59.14
N THR L 109 15.28 7.22 59.18
CA THR L 109 15.77 6.57 60.40
C THR L 109 15.95 7.51 61.62
N GLU L 110 16.66 8.61 61.41
CA GLU L 110 16.96 9.51 62.51
C GLU L 110 15.66 10.06 63.10
N GLY L 111 14.73 10.49 62.24
CA GLY L 111 13.40 10.90 62.66
C GLY L 111 12.70 9.77 63.36
N ARG L 112 12.65 8.60 62.70
CA ARG L 112 11.96 7.43 63.27
C ARG L 112 12.43 7.12 64.68
N ASN L 113 13.74 7.18 64.91
CA ASN L 113 14.30 6.93 66.24
C ASN L 113 13.89 7.99 67.23
N HIS L 114 13.94 9.25 66.84
CA HIS L 114 13.49 10.29 67.77
C HIS L 114 12.06 10.06 68.23
N LEU L 115 11.17 9.71 67.29
CA LEU L 115 9.80 9.41 67.65
C LEU L 115 9.70 8.21 68.56
N VAL L 116 10.46 7.12 68.31
CA VAL L 116 10.40 5.96 69.25
C VAL L 116 10.78 6.38 70.67
N LEU L 117 11.85 7.16 70.77
CA LEU L 117 12.36 7.62 72.06
C LEU L 117 11.38 8.51 72.74
N TYR L 118 10.84 9.48 71.98
CA TYR L 118 9.90 10.47 72.52
C TYR L 118 8.76 9.72 73.18
N ARG L 119 8.29 8.73 72.46
CA ARG L 119 7.17 7.93 72.93
C ARG L 119 7.46 7.11 74.18
N GLN L 120 8.65 6.53 74.28
CA GLN L 120 9.07 5.81 75.52
C GLN L 120 9.18 6.81 76.70
N LEU L 121 9.85 7.93 76.47
CA LEU L 121 9.90 8.99 77.48
C LEU L 121 8.52 9.46 77.92
N LEU L 122 7.61 9.66 76.96
CA LEU L 122 6.25 10.13 77.30
C LEU L 122 5.52 9.12 78.14
N LEU L 123 5.78 7.83 77.93
CA LEU L 123 5.21 6.79 78.78
C LEU L 123 5.83 6.83 80.18
N ALA L 124 7.15 6.87 80.25
CA ALA L 124 7.85 7.08 81.53
C ALA L 124 7.16 8.22 82.27
N GLY L 125 7.01 9.36 81.59
CA GLY L 125 6.32 10.52 82.14
C GLY L 125 4.97 10.19 82.73
N LEU L 126 4.09 9.63 81.92
CA LEU L 126 2.76 9.31 82.43
C LEU L 126 2.90 8.43 83.66
N GLN L 127 3.72 7.39 83.59
CA GLN L 127 3.86 6.42 84.71
C GLN L 127 4.30 7.04 86.02
N ASN L 128 5.45 7.70 85.98
CA ASN L 128 6.03 8.33 87.16
C ASN L 128 5.12 9.43 87.73
N ALA L 129 4.58 10.28 86.87
CA ALA L 129 3.69 11.36 87.33
C ALA L 129 2.49 10.81 88.12
N GLY L 130 1.93 9.69 87.67
CA GLY L 130 0.79 9.07 88.31
C GLY L 130 1.12 8.30 89.57
N ARG L 131 2.38 7.84 89.69
CA ARG L 131 2.96 7.40 90.96
C ARG L 131 3.57 8.57 91.72
N PRO M 1 59.10 -9.49 -18.91
CA PRO M 1 58.50 -8.20 -18.92
C PRO M 1 57.42 -7.98 -17.86
N LEU M 2 57.44 -6.79 -17.26
CA LEU M 2 56.36 -6.34 -16.37
C LEU M 2 55.67 -5.14 -16.97
N ARG M 3 54.43 -4.95 -16.54
CA ARG M 3 53.66 -3.74 -16.80
C ARG M 3 52.42 -3.67 -15.87
N LEU M 4 51.78 -2.51 -15.78
CA LEU M 4 50.54 -2.38 -15.01
C LEU M 4 49.35 -3.16 -15.66
N GLY M 5 48.90 -4.22 -14.99
CA GLY M 5 47.75 -4.99 -15.45
C GLY M 5 46.42 -4.33 -15.14
N GLY M 6 45.32 -5.04 -15.38
CA GLY M 6 43.96 -4.53 -15.17
C GLY M 6 43.75 -4.06 -13.74
N ASN M 7 44.04 -4.92 -12.76
CA ASN M 7 44.29 -4.43 -11.40
C ASN M 7 45.56 -3.56 -11.43
N GLY M 8 45.63 -2.54 -10.59
CA GLY M 8 46.85 -1.71 -10.54
C GLY M 8 48.14 -2.46 -10.17
N GLN M 9 48.17 -3.80 -10.33
CA GLN M 9 49.37 -4.61 -10.11
C GLN M 9 50.17 -5.04 -11.37
N LEU M 10 51.46 -5.21 -11.18
CA LEU M 10 52.39 -5.60 -12.24
C LEU M 10 52.08 -7.00 -12.73
N GLN M 11 52.02 -7.15 -14.06
CA GLN M 11 51.86 -8.44 -14.70
C GLN M 11 53.13 -8.79 -15.47
N TYR M 12 53.66 -9.96 -15.16
CA TYR M 12 54.86 -10.48 -15.76
C TYR M 12 54.51 -11.27 -16.98
N TRP M 13 55.26 -11.11 -18.04
CA TRP M 13 55.16 -12.08 -19.12
C TRP M 13 56.56 -12.28 -19.73
N PRO M 14 56.82 -13.46 -20.31
CA PRO M 14 58.17 -13.69 -20.79
C PRO M 14 58.41 -13.08 -22.17
N PHE M 15 59.65 -12.69 -22.41
CA PHE M 15 60.11 -12.29 -23.74
C PHE M 15 59.69 -13.33 -24.77
N SER M 16 59.25 -12.88 -25.94
CA SER M 16 59.13 -13.78 -27.07
C SER M 16 60.54 -13.92 -27.66
N SER M 17 60.97 -15.15 -27.84
CA SER M 17 62.28 -15.40 -28.42
C SER M 17 62.50 -14.53 -29.66
N SER M 18 61.49 -14.46 -30.54
CA SER M 18 61.47 -13.55 -31.70
C SER M 18 62.07 -12.19 -31.49
N ASP M 19 61.60 -11.52 -30.44
CA ASP M 19 62.05 -10.19 -30.15
C ASP M 19 63.55 -10.20 -29.84
N LEU M 20 63.96 -11.15 -29.00
CA LEU M 20 65.37 -11.28 -28.60
C LEU M 20 66.29 -11.54 -29.83
N TYR M 21 65.86 -12.48 -30.67
CA TYR M 21 66.64 -12.81 -31.86
C TYR M 21 66.65 -11.68 -32.88
N ASN M 22 65.51 -11.01 -33.04
CA ASN M 22 65.45 -9.90 -33.98
C ASN M 22 66.42 -8.85 -33.54
N TRP M 23 66.44 -8.54 -32.26
CA TRP M 23 67.33 -7.49 -31.73
C TRP M 23 68.79 -7.89 -31.95
N LYS M 24 69.10 -9.17 -31.76
CA LYS M 24 70.45 -9.68 -32.00
C LYS M 24 70.85 -9.43 -33.46
N ASN M 25 69.98 -9.82 -34.39
CA ASN M 25 70.29 -9.79 -35.82
C ASN M 25 70.31 -8.41 -36.40
N ASN M 26 69.33 -7.60 -36.14
CA ASN M 26 69.37 -6.27 -36.75
C ASN M 26 70.42 -5.38 -36.10
N ASN M 27 71.31 -6.00 -35.32
CA ASN M 27 72.40 -5.27 -34.69
C ASN M 27 73.78 -5.93 -34.76
N PRO M 28 74.83 -5.10 -34.75
CA PRO M 28 76.18 -5.63 -34.65
C PRO M 28 76.44 -6.11 -33.24
N SER M 29 77.49 -6.90 -33.05
CA SER M 29 77.91 -7.30 -31.72
C SER M 29 78.32 -6.09 -30.83
N PHE M 30 78.13 -6.29 -29.54
CA PHE M 30 78.48 -5.31 -28.51
C PHE M 30 79.94 -4.93 -28.62
N SER M 31 80.81 -5.92 -28.77
CA SER M 31 82.23 -5.66 -29.02
C SER M 31 82.47 -4.87 -30.28
N GLU M 32 81.75 -5.20 -31.36
CA GLU M 32 81.87 -4.48 -32.63
C GLU M 32 81.41 -3.03 -32.52
N ASP M 33 80.30 -2.79 -31.84
CA ASP M 33 79.81 -1.42 -31.65
C ASP M 33 78.88 -1.35 -30.44
N PRO M 34 79.42 -0.92 -29.30
CA PRO M 34 78.66 -1.00 -28.05
C PRO M 34 77.50 0.00 -27.99
N GLY M 35 77.63 1.11 -28.72
CA GLY M 35 76.59 2.11 -28.79
C GLY M 35 75.25 1.54 -29.19
N LYS M 36 75.24 0.61 -30.16
CA LYS M 36 73.98 0.12 -30.72
C LYS M 36 73.20 -0.75 -29.71
N LEU M 37 73.77 -1.91 -29.37
CA LEU M 37 73.18 -2.79 -28.36
C LEU M 37 73.05 -2.19 -26.95
N THR M 38 73.78 -1.12 -26.64
CA THR M 38 73.51 -0.35 -25.40
C THR M 38 72.21 0.46 -25.57
N ALA M 39 72.17 1.25 -26.64
CA ALA M 39 70.96 1.98 -27.00
C ALA M 39 69.74 1.06 -26.99
N LEU M 40 69.87 -0.12 -27.58
CA LEU M 40 68.73 -1.02 -27.67
C LEU M 40 68.30 -1.52 -26.30
N ILE M 41 69.26 -2.06 -25.56
CA ILE M 41 68.99 -2.63 -24.25
C ILE M 41 68.46 -1.52 -23.33
N GLU M 42 69.04 -0.32 -23.43
CA GLU M 42 68.64 0.78 -22.58
C GLU M 42 67.17 1.02 -22.74
N SER M 43 66.75 1.11 -23.99
CA SER M 43 65.34 1.31 -24.28
C SER M 43 64.53 0.15 -23.71
N VAL M 44 64.83 -1.06 -24.14
CA VAL M 44 64.10 -2.20 -23.62
C VAL M 44 64.04 -2.20 -22.07
N LEU M 45 65.10 -1.75 -21.39
CA LEU M 45 65.10 -1.68 -19.91
C LEU M 45 63.92 -0.86 -19.38
N THR M 46 63.66 0.30 -20.00
CA THR M 46 62.46 1.08 -19.70
C THR M 46 61.21 0.41 -20.26
N THR M 47 61.17 0.12 -21.55
CA THR M 47 59.90 -0.27 -22.20
C THR M 47 59.34 -1.63 -21.81
N HIS M 48 60.21 -2.58 -21.46
CA HIS M 48 59.79 -3.95 -21.13
C HIS M 48 59.94 -4.27 -19.63
N GLN M 49 60.33 -3.25 -18.84
CA GLN M 49 60.53 -3.38 -17.37
C GLN M 49 60.97 -4.79 -17.00
N PRO M 50 62.12 -5.21 -17.54
CA PRO M 50 62.57 -6.58 -17.36
C PRO M 50 62.79 -6.95 -15.88
N THR M 51 62.38 -8.15 -15.45
CA THR M 51 62.80 -8.65 -14.13
C THR M 51 64.31 -8.92 -14.16
N TRP M 52 64.84 -9.48 -13.08
CA TRP M 52 66.23 -9.91 -13.01
C TRP M 52 66.49 -10.98 -14.03
N ASP M 53 65.61 -11.96 -14.08
CA ASP M 53 65.76 -13.11 -14.97
C ASP M 53 65.67 -12.65 -16.38
N ASP M 54 64.71 -11.77 -16.64
CA ASP M 54 64.51 -11.24 -17.98
C ASP M 54 65.84 -10.68 -18.45
N CYS M 55 66.62 -10.08 -17.55
CA CYS M 55 67.89 -9.48 -17.98
C CYS M 55 69.00 -10.51 -18.20
N GLN M 56 68.92 -11.62 -17.50
CA GLN M 56 69.91 -12.66 -17.74
C GLN M 56 69.69 -13.12 -19.17
N GLN M 57 68.42 -13.23 -19.59
CA GLN M 57 68.08 -13.58 -20.98
C GLN M 57 68.61 -12.52 -21.93
N LEU M 58 68.14 -11.29 -21.78
CA LEU M 58 68.58 -10.17 -22.60
C LEU M 58 70.12 -10.23 -22.83
N LEU M 59 70.88 -10.13 -21.75
CA LEU M 59 72.33 -10.23 -21.81
C LEU M 59 72.78 -11.57 -22.40
N GLY M 60 72.17 -12.65 -21.96
CA GLY M 60 72.61 -14.00 -22.38
C GLY M 60 72.42 -14.24 -23.88
N THR M 61 71.55 -13.46 -24.51
CA THR M 61 71.29 -13.59 -25.93
C THR M 61 72.12 -12.57 -26.72
N LEU M 62 72.11 -11.30 -26.28
CA LEU M 62 72.79 -10.22 -27.00
C LEU M 62 74.29 -10.14 -26.77
N LEU M 63 74.84 -11.02 -25.95
CA LEU M 63 76.23 -10.90 -25.59
C LEU M 63 76.90 -12.24 -25.55
N THR M 64 78.20 -12.20 -25.83
CA THR M 64 79.06 -13.37 -25.76
C THR M 64 79.52 -13.49 -24.32
N GLY M 65 79.77 -14.72 -23.88
CA GLY M 65 80.31 -14.95 -22.54
C GLY M 65 81.32 -13.89 -22.12
N GLU M 66 82.32 -13.62 -22.96
CA GLU M 66 83.40 -12.65 -22.65
C GLU M 66 82.84 -11.25 -22.34
N GLU M 67 81.87 -10.82 -23.15
CA GLU M 67 81.28 -9.48 -22.99
C GLU M 67 80.32 -9.39 -21.78
N LYS M 68 79.47 -10.40 -21.64
CA LYS M 68 78.55 -10.50 -20.50
C LYS M 68 79.32 -10.49 -19.15
N GLN M 69 80.41 -11.26 -19.11
CA GLN M 69 81.26 -11.34 -17.93
C GLN M 69 82.02 -10.03 -17.65
N ARG M 70 82.25 -9.22 -18.68
CA ARG M 70 82.80 -7.86 -18.48
C ARG M 70 81.74 -6.92 -17.91
N VAL M 71 80.52 -6.99 -18.44
CA VAL M 71 79.44 -6.03 -18.08
C VAL M 71 79.01 -6.17 -16.63
N LEU M 72 78.77 -7.41 -16.21
CA LEU M 72 78.43 -7.72 -14.81
C LEU M 72 79.56 -7.29 -13.85
N LEU M 73 80.80 -7.46 -14.25
CA LEU M 73 81.93 -6.96 -13.46
C LEU M 73 81.90 -5.42 -13.31
N GLU M 74 81.63 -4.73 -14.42
CA GLU M 74 81.68 -3.27 -14.48
C GLU M 74 80.46 -2.61 -13.80
N ALA M 75 79.32 -3.29 -13.83
CA ALA M 75 78.15 -2.89 -13.07
C ALA M 75 78.47 -2.92 -11.55
N ARG M 76 78.96 -4.07 -11.08
CA ARG M 76 79.25 -4.29 -9.65
C ARG M 76 80.34 -3.39 -9.09
N LYS M 77 81.17 -2.84 -9.97
CA LYS M 77 82.18 -1.85 -9.63
C LYS M 77 81.68 -0.39 -9.79
N ALA M 78 80.35 -0.23 -9.87
CA ALA M 78 79.72 1.09 -10.04
C ALA M 78 78.80 1.43 -8.87
N VAL M 79 78.61 0.47 -7.96
CA VAL M 79 77.71 0.65 -6.83
C VAL M 79 78.29 1.58 -5.75
N ARG M 80 77.59 2.69 -5.52
CA ARG M 80 77.84 3.57 -4.39
C ARG M 80 77.18 2.93 -3.17
N GLY M 81 77.83 3.03 -2.01
CA GLY M 81 77.19 2.67 -0.73
C GLY M 81 76.20 3.77 -0.35
N ASN M 82 75.65 3.72 0.87
CA ASN M 82 74.75 4.79 1.33
C ASN M 82 75.45 6.16 1.46
N ASP M 83 76.76 6.13 1.64
CA ASP M 83 77.60 7.33 1.70
C ASP M 83 77.96 7.91 0.31
N GLY M 84 77.29 7.45 -0.75
CA GLY M 84 77.51 7.98 -2.11
C GLY M 84 78.83 7.65 -2.78
N ARG M 85 79.79 7.10 -2.03
CA ARG M 85 81.11 6.71 -2.56
C ARG M 85 81.14 5.22 -2.91
N PRO M 86 81.83 4.85 -4.01
CA PRO M 86 81.78 3.46 -4.48
C PRO M 86 82.21 2.43 -3.43
N THR M 87 81.24 1.72 -2.86
CA THR M 87 81.54 0.56 -2.01
C THR M 87 82.18 -0.56 -2.83
N GLN M 88 83.05 -1.32 -2.17
CA GLN M 88 83.51 -2.63 -2.65
C GLN M 88 83.03 -3.76 -1.73
N LEU M 89 82.59 -3.43 -0.51
CA LEU M 89 82.15 -4.41 0.49
C LEU M 89 81.10 -5.39 -0.09
N PRO M 90 81.49 -6.66 -0.30
CA PRO M 90 80.66 -7.72 -0.92
C PRO M 90 79.16 -7.71 -0.59
N ASN M 91 78.80 -7.78 0.70
CA ASN M 91 77.39 -7.78 1.15
C ASN M 91 76.48 -6.75 0.46
N GLU M 92 77.04 -5.57 0.17
CA GLU M 92 76.30 -4.41 -0.33
C GLU M 92 76.26 -4.37 -1.87
N VAL M 93 77.32 -4.88 -2.50
CA VAL M 93 77.38 -5.09 -3.95
C VAL M 93 76.39 -6.19 -4.34
N ASP M 94 76.51 -7.35 -3.69
CA ASP M 94 75.58 -8.48 -3.84
C ASP M 94 74.11 -8.10 -3.56
N ALA M 95 73.90 -7.13 -2.67
CA ALA M 95 72.56 -6.61 -2.38
C ALA M 95 71.96 -5.82 -3.57
N ALA M 96 72.82 -5.04 -4.22
CA ALA M 96 72.38 -4.11 -5.27
C ALA M 96 72.35 -4.78 -6.66
N PHE M 97 73.51 -5.29 -7.09
CA PHE M 97 73.60 -6.04 -8.32
C PHE M 97 74.01 -7.49 -8.01
N PRO M 98 73.03 -8.34 -7.64
CA PRO M 98 73.36 -9.75 -7.38
C PRO M 98 73.72 -10.54 -8.65
N LEU M 99 74.72 -11.41 -8.53
CA LEU M 99 75.08 -12.36 -9.59
C LEU M 99 74.14 -13.57 -9.68
N GLU M 100 73.49 -13.94 -8.57
CA GLU M 100 72.51 -15.02 -8.57
C GLU M 100 71.14 -14.52 -8.18
N ARG M 101 70.11 -15.24 -8.63
CA ARG M 101 68.72 -14.83 -8.52
C ARG M 101 68.35 -14.38 -7.10
N PRO M 102 68.03 -13.08 -6.94
CA PRO M 102 67.56 -12.61 -5.65
C PRO M 102 66.08 -12.86 -5.59
N ASP M 103 65.50 -12.78 -4.41
CA ASP M 103 64.05 -12.95 -4.30
C ASP M 103 63.31 -11.61 -4.18
N TRP M 104 63.57 -10.73 -5.14
CA TRP M 104 62.88 -9.46 -5.23
C TRP M 104 61.43 -9.71 -5.61
N ASP M 105 60.51 -9.13 -4.83
CA ASP M 105 59.08 -9.32 -5.04
C ASP M 105 58.59 -8.13 -5.85
N TYR M 106 58.37 -8.33 -7.15
CA TYR M 106 58.03 -7.19 -8.03
C TYR M 106 56.69 -6.52 -7.68
N THR M 107 55.86 -7.19 -6.86
CA THR M 107 54.59 -6.61 -6.37
C THR M 107 54.77 -5.71 -5.15
N THR M 108 56.00 -5.51 -4.70
CA THR M 108 56.30 -4.74 -3.52
C THR M 108 57.22 -3.61 -3.90
N THR M 109 57.16 -2.51 -3.17
CA THR M 109 57.94 -1.33 -3.51
C THR M 109 59.43 -1.51 -3.16
N GLU M 110 59.72 -2.31 -2.12
CA GLU M 110 61.10 -2.70 -1.82
C GLU M 110 61.63 -3.50 -3.01
N GLY M 111 60.74 -4.30 -3.59
CA GLY M 111 61.06 -5.16 -4.74
C GLY M 111 61.30 -4.34 -5.98
N ARG M 112 60.34 -3.45 -6.28
CA ARG M 112 60.47 -2.57 -7.42
C ARG M 112 61.72 -1.73 -7.30
N ASN M 113 62.00 -1.26 -6.09
CA ASN M 113 63.16 -0.38 -5.88
C ASN M 113 64.51 -1.04 -6.19
N HIS M 114 64.61 -2.34 -5.94
CA HIS M 114 65.79 -3.09 -6.30
C HIS M 114 65.95 -3.25 -7.82
N LEU M 115 64.85 -3.56 -8.50
CA LEU M 115 64.84 -3.69 -9.95
C LEU M 115 65.36 -2.41 -10.59
N VAL M 116 64.75 -1.29 -10.20
CA VAL M 116 65.18 0.02 -10.66
C VAL M 116 66.68 0.21 -10.53
N LEU M 117 67.21 0.00 -9.33
CA LEU M 117 68.64 0.20 -9.07
C LEU M 117 69.40 -0.76 -9.94
N TYR M 118 68.92 -2.00 -9.95
CA TYR M 118 69.52 -3.05 -10.77
C TYR M 118 69.58 -2.65 -12.25
N ARG M 119 68.44 -2.30 -12.82
CA ARG M 119 68.44 -1.88 -14.22
C ARG M 119 69.42 -0.72 -14.46
N GLN M 120 69.40 0.30 -13.58
CA GLN M 120 70.28 1.47 -13.72
C GLN M 120 71.76 1.07 -13.64
N LEU M 121 72.05 0.11 -12.76
CA LEU M 121 73.39 -0.42 -12.61
C LEU M 121 73.82 -1.22 -13.83
N LEU M 122 72.92 -2.02 -14.43
CA LEU M 122 73.26 -2.83 -15.62
C LEU M 122 73.61 -1.91 -16.79
N LEU M 123 72.79 -0.89 -17.02
CA LEU M 123 73.13 0.16 -17.99
C LEU M 123 74.55 0.70 -17.74
N ALA M 124 74.82 1.11 -16.51
CA ALA M 124 76.14 1.61 -16.15
C ALA M 124 77.27 0.66 -16.60
N GLY M 125 77.08 -0.64 -16.33
CA GLY M 125 78.00 -1.69 -16.77
C GLY M 125 78.12 -1.78 -18.30
N LEU M 126 77.01 -1.60 -18.99
CA LEU M 126 77.04 -1.56 -20.45
C LEU M 126 77.89 -0.37 -20.94
N GLN M 127 77.52 0.82 -20.48
CA GLN M 127 78.20 2.05 -20.90
C GLN M 127 79.71 1.92 -20.67
N ASN M 128 80.09 1.31 -19.55
CA ASN M 128 81.49 1.30 -19.10
C ASN M 128 82.37 0.14 -19.56
N ALA M 129 81.78 -1.04 -19.74
CA ALA M 129 82.46 -2.14 -20.42
C ALA M 129 82.67 -1.74 -21.89
N GLY M 130 81.67 -1.05 -22.44
CA GLY M 130 81.74 -0.52 -23.80
C GLY M 130 82.67 0.67 -23.98
N ARG M 131 83.04 1.34 -22.88
CA ARG M 131 84.02 2.44 -22.89
C ARG M 131 85.40 2.01 -23.42
N SER M 132 85.69 0.70 -23.36
CA SER M 132 86.90 0.14 -23.99
C SER M 132 86.74 -0.10 -25.51
N PRO N 1 53.03 -23.06 -20.50
CA PRO N 1 53.53 -22.14 -19.50
C PRO N 1 52.45 -21.62 -18.56
N LEU N 2 52.87 -21.08 -17.42
CA LEU N 2 51.94 -20.49 -16.47
C LEU N 2 52.31 -19.04 -16.16
N ARG N 3 51.30 -18.20 -16.12
CA ARG N 3 51.45 -16.87 -15.57
C ARG N 3 50.14 -16.39 -14.94
N LEU N 4 50.23 -15.27 -14.25
CA LEU N 4 49.08 -14.51 -13.81
C LEU N 4 48.73 -13.56 -14.94
N GLY N 5 47.44 -13.48 -15.25
CA GLY N 5 46.93 -12.42 -16.13
C GLY N 5 46.69 -11.13 -15.35
N GLY N 6 46.38 -10.06 -16.06
CA GLY N 6 46.21 -8.72 -15.46
C GLY N 6 45.11 -8.62 -14.41
N ASN N 7 44.26 -9.64 -14.34
CA ASN N 7 43.24 -9.79 -13.30
C ASN N 7 43.76 -10.65 -12.14
N GLY N 8 45.03 -11.07 -12.22
CA GLY N 8 45.68 -11.85 -11.19
C GLY N 8 45.42 -13.35 -11.28
N GLN N 9 44.70 -13.79 -12.30
CA GLN N 9 44.31 -15.20 -12.39
C GLN N 9 45.35 -16.06 -13.14
N LEU N 10 45.49 -17.30 -12.67
CA LEU N 10 46.47 -18.24 -13.20
C LEU N 10 46.06 -18.69 -14.59
N GLN N 11 47.03 -18.65 -15.51
CA GLN N 11 46.80 -19.06 -16.88
C GLN N 11 47.86 -20.04 -17.33
N TYR N 12 47.39 -21.10 -17.97
CA TYR N 12 48.25 -22.01 -18.67
C TYR N 12 48.06 -21.69 -20.13
N TRP N 13 49.16 -21.49 -20.84
CA TRP N 13 49.11 -21.37 -22.31
C TRP N 13 50.28 -22.21 -22.86
N PRO N 14 50.01 -23.03 -23.91
CA PRO N 14 51.07 -23.93 -24.46
C PRO N 14 52.22 -23.17 -25.07
N PHE N 15 53.40 -23.75 -25.10
CA PHE N 15 54.51 -23.15 -25.84
C PHE N 15 54.08 -22.81 -27.26
N SER N 16 54.62 -21.72 -27.77
CA SER N 16 54.64 -21.44 -29.18
C SER N 16 55.71 -22.34 -29.84
N SER N 17 55.38 -23.02 -30.93
CA SER N 17 56.42 -23.72 -31.67
C SER N 17 57.59 -22.80 -31.93
N SER N 18 57.30 -21.58 -32.43
CA SER N 18 58.30 -20.54 -32.67
C SER N 18 59.39 -20.51 -31.67
N ASP N 19 58.98 -20.41 -30.41
CA ASP N 19 59.93 -20.25 -29.34
C ASP N 19 60.80 -21.49 -29.18
N LEU N 20 60.21 -22.67 -29.36
CA LEU N 20 60.93 -23.93 -29.17
C LEU N 20 61.95 -24.10 -30.29
N TYR N 21 61.47 -23.99 -31.52
CA TYR N 21 62.32 -24.10 -32.68
C TYR N 21 63.35 -22.94 -32.73
N ASN N 22 62.97 -21.74 -32.28
CA ASN N 22 63.91 -20.62 -32.28
C ASN N 22 65.05 -20.88 -31.30
N TRP N 23 64.71 -21.34 -30.11
CA TRP N 23 65.75 -21.70 -29.15
C TRP N 23 66.63 -22.81 -29.74
N LYS N 24 66.02 -23.76 -30.44
CA LYS N 24 66.78 -24.86 -31.04
C LYS N 24 67.77 -24.33 -32.04
N ASN N 25 67.26 -23.53 -32.98
CA ASN N 25 68.08 -23.10 -34.11
C ASN N 25 69.18 -22.14 -33.77
N ASN N 26 69.06 -21.36 -32.71
CA ASN N 26 70.10 -20.37 -32.39
C ASN N 26 71.05 -20.88 -31.31
N ASN N 27 71.10 -22.19 -31.15
CA ASN N 27 71.92 -22.79 -30.13
C ASN N 27 72.40 -24.20 -30.57
N PRO N 28 73.64 -24.56 -30.22
CA PRO N 28 74.12 -25.89 -30.61
C PRO N 28 73.59 -27.00 -29.70
N SER N 29 73.74 -28.24 -30.16
CA SER N 29 73.25 -29.39 -29.45
C SER N 29 73.80 -29.37 -28.03
N PHE N 30 73.07 -30.02 -27.15
CA PHE N 30 73.48 -30.15 -25.77
C PHE N 30 74.88 -30.78 -25.72
N SER N 31 75.07 -31.81 -26.55
CA SER N 31 76.38 -32.46 -26.70
C SER N 31 77.44 -31.53 -27.30
N GLU N 32 77.08 -30.80 -28.35
CA GLU N 32 77.98 -29.78 -28.89
C GLU N 32 78.49 -28.80 -27.81
N ASP N 33 77.60 -27.98 -27.29
CA ASP N 33 77.93 -27.05 -26.19
C ASP N 33 76.84 -27.22 -25.13
N PRO N 34 77.20 -27.75 -23.95
CA PRO N 34 76.16 -28.23 -23.04
C PRO N 34 75.56 -27.09 -22.22
N GLY N 35 76.44 -26.22 -21.72
CA GLY N 35 76.05 -25.07 -20.93
C GLY N 35 75.52 -23.89 -21.72
N LYS N 36 74.95 -24.14 -22.88
CA LYS N 36 74.19 -23.09 -23.54
C LYS N 36 72.71 -23.42 -23.49
N LEU N 37 72.36 -24.64 -23.84
CA LEU N 37 70.99 -25.08 -23.66
C LEU N 37 70.68 -25.17 -22.16
N THR N 38 71.74 -25.34 -21.37
CA THR N 38 71.57 -25.49 -19.93
C THR N 38 71.20 -24.15 -19.32
N ALA N 39 71.90 -23.09 -19.70
CA ALA N 39 71.55 -21.75 -19.26
C ALA N 39 70.20 -21.37 -19.85
N LEU N 40 69.95 -21.76 -21.09
CA LEU N 40 68.68 -21.41 -21.76
C LEU N 40 67.47 -22.01 -21.06
N ILE N 41 67.50 -23.31 -20.84
CA ILE N 41 66.39 -24.00 -20.24
C ILE N 41 66.20 -23.48 -18.84
N GLU N 42 67.28 -23.48 -18.06
CA GLU N 42 67.22 -22.91 -16.71
C GLU N 42 66.42 -21.61 -16.72
N SER N 43 66.80 -20.72 -17.62
CA SER N 43 66.15 -19.44 -17.72
C SER N 43 64.68 -19.62 -18.13
N VAL N 44 64.42 -20.54 -19.04
CA VAL N 44 63.03 -20.78 -19.44
C VAL N 44 62.27 -21.37 -18.27
N LEU N 45 62.84 -22.32 -17.56
CA LEU N 45 62.13 -22.94 -16.46
C LEU N 45 61.61 -21.85 -15.51
N THR N 46 62.45 -20.87 -15.15
CA THR N 46 61.97 -19.70 -14.39
C THR N 46 60.98 -18.86 -15.17
N THR N 47 61.35 -18.35 -16.34
CA THR N 47 60.53 -17.32 -17.03
C THR N 47 59.21 -17.81 -17.62
N HIS N 48 59.12 -19.09 -17.97
CA HIS N 48 57.88 -19.64 -18.56
C HIS N 48 57.06 -20.54 -17.61
N GLN N 49 57.52 -20.71 -16.36
CA GLN N 49 56.84 -21.58 -15.39
C GLN N 49 56.18 -22.82 -16.03
N PRO N 50 56.94 -23.64 -16.77
CA PRO N 50 56.39 -24.75 -17.55
C PRO N 50 55.74 -25.84 -16.69
N THR N 51 54.70 -26.51 -17.18
CA THR N 51 54.17 -27.70 -16.48
C THR N 51 54.99 -28.95 -16.78
N TRP N 52 54.67 -30.07 -16.17
CA TRP N 52 55.41 -31.31 -16.45
C TRP N 52 55.43 -31.53 -17.95
N ASP N 53 54.28 -31.33 -18.56
CA ASP N 53 54.13 -31.51 -19.98
C ASP N 53 54.97 -30.50 -20.76
N ASP N 54 54.96 -29.23 -20.35
CA ASP N 54 55.77 -28.25 -21.05
C ASP N 54 57.25 -28.60 -20.94
N CYS N 55 57.68 -29.04 -19.78
CA CYS N 55 59.01 -29.57 -19.64
C CYS N 55 59.32 -30.73 -20.57
N GLN N 56 58.38 -31.67 -20.74
CA GLN N 56 58.66 -32.79 -21.64
C GLN N 56 58.91 -32.26 -23.07
N GLN N 57 58.10 -31.30 -23.51
CA GLN N 57 58.30 -30.69 -24.83
C GLN N 57 59.64 -30.00 -24.87
N LEU N 58 59.85 -29.05 -23.98
CA LEU N 58 61.11 -28.33 -23.96
C LEU N 58 62.26 -29.31 -24.20
N LEU N 59 62.34 -30.33 -23.34
CA LEU N 59 63.39 -31.34 -23.41
C LEU N 59 63.35 -32.09 -24.76
N GLY N 60 62.21 -32.71 -25.10
CA GLY N 60 62.02 -33.44 -26.38
C GLY N 60 62.29 -32.70 -27.71
N THR N 61 62.49 -31.40 -27.62
CA THR N 61 62.72 -30.55 -28.78
C THR N 61 64.17 -30.10 -28.85
N LEU N 62 64.80 -29.90 -27.70
CA LEU N 62 66.14 -29.34 -27.65
C LEU N 62 67.17 -30.41 -27.40
N LEU N 63 66.71 -31.64 -27.23
CA LEU N 63 67.57 -32.76 -26.91
C LEU N 63 67.26 -33.99 -27.74
N THR N 64 68.34 -34.71 -28.06
CA THR N 64 68.27 -36.07 -28.58
C THR N 64 67.60 -36.98 -27.55
N GLY N 65 67.06 -38.11 -28.01
CA GLY N 65 66.49 -39.11 -27.11
C GLY N 65 67.49 -39.64 -26.12
N GLU N 66 68.78 -39.64 -26.49
CA GLU N 66 69.86 -40.14 -25.63
C GLU N 66 70.18 -39.15 -24.52
N GLU N 67 70.33 -37.89 -24.92
CA GLU N 67 70.57 -36.77 -24.01
C GLU N 67 69.43 -36.66 -22.98
N LYS N 68 68.20 -36.63 -23.47
CA LYS N 68 67.04 -36.55 -22.61
C LYS N 68 67.07 -37.69 -21.57
N GLN N 69 67.43 -38.89 -22.01
CA GLN N 69 67.52 -40.04 -21.11
C GLN N 69 68.52 -39.73 -19.99
N ARG N 70 69.77 -39.46 -20.32
CA ARG N 70 70.76 -39.10 -19.29
C ARG N 70 70.23 -38.05 -18.33
N VAL N 71 69.73 -36.95 -18.89
CA VAL N 71 69.22 -35.82 -18.11
C VAL N 71 68.19 -36.32 -17.10
N LEU N 72 67.16 -37.00 -17.58
CA LEU N 72 66.13 -37.55 -16.71
C LEU N 72 66.72 -38.54 -15.70
N LEU N 73 67.72 -39.31 -16.13
CA LEU N 73 68.31 -40.34 -15.26
C LEU N 73 68.99 -39.65 -14.09
N GLU N 74 69.72 -38.58 -14.38
CA GLU N 74 70.43 -37.79 -13.32
C GLU N 74 69.49 -36.88 -12.52
N ALA N 75 68.31 -36.62 -13.07
CA ALA N 75 67.24 -35.96 -12.32
C ALA N 75 67.01 -36.74 -11.03
N ARG N 76 66.63 -38.00 -11.20
CA ARG N 76 66.18 -38.87 -10.12
C ARG N 76 67.33 -39.15 -9.13
N LYS N 77 68.50 -39.47 -9.69
CA LYS N 77 69.72 -39.57 -8.90
C LYS N 77 69.90 -38.40 -7.93
N ALA N 78 69.34 -37.22 -8.25
CA ALA N 78 69.44 -36.04 -7.36
C ALA N 78 68.35 -35.93 -6.26
N VAL N 79 67.36 -36.82 -6.25
CA VAL N 79 66.22 -36.70 -5.31
C VAL N 79 66.59 -36.80 -3.83
N ARG N 80 66.44 -35.66 -3.15
CA ARG N 80 66.67 -35.53 -1.70
C ARG N 80 65.31 -35.56 -0.96
N ARG N 85 68.12 -35.00 2.83
CA ARG N 85 68.09 -36.47 2.94
C ARG N 85 68.20 -37.11 1.54
N PRO N 86 69.43 -37.44 1.09
CA PRO N 86 69.58 -38.19 -0.19
C PRO N 86 69.00 -39.61 -0.14
N THR N 87 67.82 -39.77 -0.72
CA THR N 87 67.10 -41.04 -0.70
C THR N 87 67.02 -41.70 -2.07
N GLN N 88 67.27 -43.00 -2.11
CA GLN N 88 67.17 -43.78 -3.34
C GLN N 88 65.85 -44.53 -3.42
N LEU N 89 65.06 -44.45 -2.35
CA LEU N 89 63.69 -45.00 -2.32
C LEU N 89 62.86 -44.79 -3.60
N PRO N 90 62.53 -45.89 -4.30
CA PRO N 90 61.66 -45.80 -5.47
C PRO N 90 60.41 -44.94 -5.31
N ASN N 91 59.54 -45.25 -4.35
CA ASN N 91 58.27 -44.49 -4.15
C ASN N 91 58.50 -42.97 -4.05
N GLU N 92 59.59 -42.57 -3.38
CA GLU N 92 59.95 -41.15 -3.24
C GLU N 92 60.47 -40.56 -4.56
N VAL N 93 61.36 -41.29 -5.26
CA VAL N 93 61.88 -40.78 -6.53
C VAL N 93 60.73 -40.54 -7.52
N ASP N 94 59.95 -41.59 -7.78
CA ASP N 94 58.83 -41.57 -8.71
C ASP N 94 57.86 -40.41 -8.43
N ALA N 95 57.66 -40.08 -7.15
CA ALA N 95 56.72 -39.07 -6.74
C ALA N 95 57.26 -37.65 -6.98
N ALA N 96 58.58 -37.50 -6.89
CA ALA N 96 59.23 -36.20 -7.02
C ALA N 96 59.61 -35.95 -8.48
N PHE N 97 60.36 -36.88 -9.07
CA PHE N 97 60.63 -36.82 -10.50
C PHE N 97 60.00 -37.98 -11.27
N PRO N 98 58.67 -37.91 -11.52
CA PRO N 98 57.99 -38.94 -12.32
C PRO N 98 58.41 -38.99 -13.79
N LEU N 99 58.40 -40.18 -14.40
CA LEU N 99 58.59 -40.38 -15.84
C LEU N 99 57.29 -40.51 -16.59
N GLU N 100 56.25 -41.04 -15.93
CA GLU N 100 54.89 -41.06 -16.52
C GLU N 100 54.17 -39.76 -16.11
N ARG N 101 53.27 -39.29 -16.96
CA ARG N 101 52.52 -38.09 -16.62
C ARG N 101 51.86 -38.29 -15.27
N PRO N 102 52.09 -37.36 -14.33
CA PRO N 102 51.38 -37.34 -13.06
C PRO N 102 50.09 -36.52 -13.14
N ASP N 103 49.27 -36.55 -12.09
CA ASP N 103 48.11 -35.63 -12.03
C ASP N 103 48.37 -34.54 -10.98
N TRP N 104 49.08 -33.50 -11.41
CA TRP N 104 49.37 -32.34 -10.59
C TRP N 104 48.47 -31.19 -11.03
N ASP N 105 47.45 -30.91 -10.22
CA ASP N 105 46.57 -29.77 -10.49
C ASP N 105 47.33 -28.49 -10.11
N TYR N 106 47.59 -27.65 -11.11
CA TYR N 106 48.41 -26.42 -10.94
C TYR N 106 47.65 -25.26 -10.26
N THR N 107 46.33 -25.40 -10.13
CA THR N 107 45.53 -24.45 -9.36
C THR N 107 45.50 -24.82 -7.87
N THR N 108 46.63 -25.33 -7.37
CA THR N 108 46.72 -25.95 -6.05
C THR N 108 48.18 -25.95 -5.55
N THR N 109 48.36 -25.74 -4.24
CA THR N 109 49.68 -25.73 -3.57
C THR N 109 50.52 -26.98 -3.84
N GLU N 110 49.85 -28.14 -3.87
CA GLU N 110 50.52 -29.43 -4.07
C GLU N 110 51.10 -29.51 -5.49
N GLY N 111 50.30 -29.20 -6.50
CA GLY N 111 50.80 -29.17 -7.86
C GLY N 111 51.95 -28.19 -7.98
N ARG N 112 51.73 -26.96 -7.53
CA ARG N 112 52.74 -25.90 -7.65
C ARG N 112 54.04 -26.24 -6.93
N ASN N 113 53.96 -26.87 -5.76
CA ASN N 113 55.14 -27.38 -5.06
C ASN N 113 55.83 -28.52 -5.80
N HIS N 114 55.00 -29.44 -6.31
CA HIS N 114 55.52 -30.52 -7.13
C HIS N 114 56.30 -29.99 -8.36
N LEU N 115 55.71 -29.00 -9.06
CA LEU N 115 56.32 -28.35 -10.24
C LEU N 115 57.69 -27.78 -9.88
N VAL N 116 57.69 -26.93 -8.86
CA VAL N 116 58.90 -26.25 -8.41
C VAL N 116 60.00 -27.23 -8.01
N LEU N 117 59.62 -28.36 -7.44
CA LEU N 117 60.59 -29.38 -7.10
C LEU N 117 61.06 -30.07 -8.37
N TYR N 118 60.12 -30.37 -9.27
CA TYR N 118 60.44 -31.01 -10.53
C TYR N 118 61.45 -30.19 -11.31
N ARG N 119 61.16 -28.90 -11.45
CA ARG N 119 62.06 -28.02 -12.18
C ARG N 119 63.46 -27.92 -11.58
N GLN N 120 63.60 -28.14 -10.26
CA GLN N 120 64.91 -28.10 -9.60
C GLN N 120 65.72 -29.34 -9.95
N LEU N 121 65.11 -30.49 -9.66
CA LEU N 121 65.64 -31.77 -10.04
C LEU N 121 66.08 -31.82 -11.53
N LEU N 122 65.20 -31.38 -12.43
CA LEU N 122 65.56 -31.26 -13.86
C LEU N 122 66.82 -30.40 -14.08
N LEU N 123 66.89 -29.24 -13.47
CA LEU N 123 68.09 -28.43 -13.62
C LEU N 123 69.32 -29.26 -13.25
N ALA N 124 69.50 -29.53 -11.96
CA ALA N 124 70.56 -30.40 -11.45
C ALA N 124 70.91 -31.50 -12.45
N GLY N 125 69.88 -32.18 -12.94
CA GLY N 125 70.04 -33.23 -13.94
C GLY N 125 70.72 -32.75 -15.20
N LEU N 126 70.27 -31.59 -15.72
CA LEU N 126 70.84 -31.02 -16.93
C LEU N 126 72.29 -30.84 -16.67
N GLN N 127 72.61 -30.03 -15.68
CA GLN N 127 73.99 -29.82 -15.18
C GLN N 127 74.80 -31.11 -15.09
N ASN N 128 74.31 -32.09 -14.33
CA ASN N 128 75.08 -33.29 -14.06
C ASN N 128 75.31 -34.19 -15.30
N ALA N 129 74.28 -34.39 -16.11
CA ALA N 129 74.49 -35.00 -17.44
C ALA N 129 75.52 -34.17 -18.22
N GLY N 130 75.50 -32.86 -17.99
CA GLY N 130 76.47 -31.93 -18.57
C GLY N 130 77.91 -32.06 -18.12
N ARG N 131 78.27 -33.12 -17.39
CA ARG N 131 79.68 -33.51 -17.23
C ARG N 131 79.93 -34.70 -18.20
N SER N 132 80.29 -34.35 -19.44
CA SER N 132 80.39 -35.29 -20.57
C SER N 132 81.45 -34.81 -21.57
N PRO O 1 42.01 -26.16 -29.50
CA PRO O 1 42.47 -26.50 -28.18
C PRO O 1 41.60 -26.04 -26.98
N LEU O 2 41.82 -26.71 -25.86
CA LEU O 2 41.17 -26.39 -24.59
C LEU O 2 42.17 -26.17 -23.46
N ARG O 3 41.75 -25.26 -22.57
CA ARG O 3 42.47 -24.84 -21.38
C ARG O 3 41.39 -24.57 -20.30
N LEU O 4 41.75 -24.74 -19.02
CA LEU O 4 40.86 -24.40 -17.89
C LEU O 4 40.93 -22.89 -17.60
N LEU O 10 36.00 -24.31 -19.14
CA LEU O 10 36.98 -24.52 -20.19
C LEU O 10 36.83 -23.51 -21.33
N GLN O 11 37.91 -23.32 -22.08
CA GLN O 11 37.84 -22.45 -23.25
C GLN O 11 38.43 -23.09 -24.48
N TYR O 12 37.73 -22.90 -25.60
CA TYR O 12 38.21 -23.38 -26.89
C TYR O 12 38.87 -22.25 -27.67
N TRP O 13 40.03 -22.53 -28.24
CA TRP O 13 40.58 -21.74 -29.34
C TRP O 13 41.19 -22.63 -30.46
N PRO O 14 41.10 -22.16 -31.70
CA PRO O 14 41.66 -22.87 -32.81
C PRO O 14 43.16 -23.01 -32.75
N PHE O 15 43.69 -24.15 -33.14
CA PHE O 15 45.11 -24.29 -33.52
C PHE O 15 45.50 -23.18 -34.47
N SER O 16 46.64 -22.56 -34.25
CA SER O 16 47.20 -21.70 -35.27
C SER O 16 47.94 -22.57 -36.29
N SER O 17 47.95 -22.12 -37.54
CA SER O 17 48.56 -22.88 -38.63
C SER O 17 50.06 -22.92 -38.48
N SER O 18 50.68 -21.80 -38.14
CA SER O 18 52.11 -21.75 -37.86
C SER O 18 52.56 -22.98 -37.11
N ASP O 19 51.87 -23.27 -36.00
CA ASP O 19 52.21 -24.41 -35.15
C ASP O 19 52.03 -25.74 -35.85
N LEU O 20 51.04 -25.83 -36.72
CA LEU O 20 50.81 -27.09 -37.43
C LEU O 20 51.90 -27.29 -38.46
N TYR O 21 52.17 -26.28 -39.25
CA TYR O 21 53.11 -26.48 -40.31
C TYR O 21 54.53 -26.55 -39.72
N ASN O 22 54.77 -25.82 -38.62
CA ASN O 22 56.08 -25.93 -38.02
C ASN O 22 56.30 -27.39 -37.57
N TRP O 23 55.29 -27.95 -36.91
CA TRP O 23 55.39 -29.33 -36.45
C TRP O 23 55.76 -30.27 -37.63
N LYS O 24 55.14 -30.05 -38.78
CA LYS O 24 55.41 -30.90 -39.94
C LYS O 24 56.86 -30.72 -40.44
N ASN O 25 57.19 -29.45 -40.66
CA ASN O 25 58.44 -29.08 -41.26
C ASN O 25 59.64 -29.32 -40.40
N ASN O 26 59.47 -29.67 -39.12
CA ASN O 26 60.63 -29.86 -38.25
C ASN O 26 60.79 -31.28 -37.74
N ASN O 27 59.98 -32.16 -38.31
CA ASN O 27 60.06 -33.57 -38.01
C ASN O 27 59.85 -34.35 -39.31
N PRO O 28 60.33 -35.61 -39.35
CA PRO O 28 59.96 -36.53 -40.45
C PRO O 28 58.47 -36.72 -40.68
N SER O 29 58.17 -37.56 -41.66
CA SER O 29 56.86 -38.16 -41.80
C SER O 29 56.77 -39.33 -40.82
N PHE O 30 55.54 -39.80 -40.60
CA PHE O 30 55.31 -40.94 -39.72
C PHE O 30 56.02 -42.17 -40.27
N SER O 31 55.89 -42.36 -41.59
CA SER O 31 56.54 -43.49 -42.26
C SER O 31 58.02 -43.52 -41.89
N GLU O 32 58.80 -42.57 -42.40
CA GLU O 32 60.26 -42.49 -42.14
C GLU O 32 60.76 -42.76 -40.71
N ASP O 33 59.99 -42.35 -39.69
CA ASP O 33 60.40 -42.43 -38.28
C ASP O 33 59.19 -42.20 -37.39
N PRO O 34 58.41 -43.25 -37.07
CA PRO O 34 57.10 -42.92 -36.50
C PRO O 34 57.21 -42.38 -35.09
N GLY O 35 58.13 -42.96 -34.31
CA GLY O 35 58.45 -42.55 -32.92
C GLY O 35 58.56 -41.05 -32.67
N LYS O 36 59.23 -40.37 -33.61
CA LYS O 36 59.25 -38.89 -33.70
C LYS O 36 57.84 -38.32 -33.74
N LEU O 37 57.15 -38.45 -34.87
CA LEU O 37 55.82 -37.83 -34.98
C LEU O 37 54.76 -38.42 -34.06
N THR O 38 55.10 -39.46 -33.30
CA THR O 38 54.20 -40.04 -32.31
C THR O 38 54.38 -39.26 -31.01
N ALA O 39 55.67 -39.04 -30.67
CA ALA O 39 56.06 -38.36 -29.42
C ALA O 39 55.67 -36.88 -29.43
N LEU O 40 55.60 -36.27 -30.62
CA LEU O 40 55.18 -34.88 -30.77
C LEU O 40 53.68 -34.76 -30.63
N ILE O 41 52.98 -35.68 -31.29
CA ILE O 41 51.54 -35.65 -31.25
C ILE O 41 51.17 -35.99 -29.82
N GLU O 42 51.78 -37.03 -29.27
CA GLU O 42 51.41 -37.46 -27.94
C GLU O 42 51.28 -36.22 -27.06
N SER O 43 52.35 -35.43 -27.03
CA SER O 43 52.49 -34.29 -26.13
C SER O 43 51.49 -33.14 -26.43
N VAL O 44 51.17 -32.92 -27.70
CA VAL O 44 50.15 -31.96 -28.12
C VAL O 44 48.78 -32.39 -27.61
N LEU O 45 48.50 -33.68 -27.65
CA LEU O 45 47.24 -34.15 -27.11
C LEU O 45 47.08 -33.69 -25.64
N THR O 46 48.18 -33.67 -24.89
CA THR O 46 48.11 -33.23 -23.49
C THR O 46 48.17 -31.69 -23.36
N THR O 47 49.23 -31.05 -23.85
CA THR O 47 49.37 -29.59 -23.71
C THR O 47 48.22 -28.76 -24.33
N HIS O 48 47.61 -29.28 -25.39
CA HIS O 48 46.57 -28.57 -26.15
C HIS O 48 45.19 -29.18 -26.00
N GLN O 49 45.09 -30.30 -25.28
CA GLN O 49 43.79 -30.95 -25.03
C GLN O 49 42.79 -30.75 -26.17
N PRO O 50 43.12 -31.28 -27.35
CA PRO O 50 42.33 -31.00 -28.55
C PRO O 50 40.92 -31.55 -28.44
N THR O 51 39.95 -30.84 -29.04
CA THR O 51 38.63 -31.41 -29.27
C THR O 51 38.83 -32.56 -30.25
N TRP O 52 37.75 -33.10 -30.78
CA TRP O 52 37.84 -34.13 -31.82
C TRP O 52 38.25 -33.44 -33.14
N ASP O 53 37.58 -32.35 -33.45
CA ASP O 53 37.81 -31.62 -34.67
C ASP O 53 39.28 -31.25 -34.71
N ASP O 54 39.77 -30.60 -33.66
CA ASP O 54 41.20 -30.32 -33.55
C ASP O 54 42.05 -31.50 -33.98
N CYS O 55 41.69 -32.68 -33.49
CA CYS O 55 42.43 -33.90 -33.82
C CYS O 55 42.48 -34.20 -35.31
N GLN O 56 41.35 -33.96 -35.98
CA GLN O 56 41.30 -34.15 -37.41
C GLN O 56 42.39 -33.28 -38.04
N GLN O 57 42.52 -32.05 -37.57
CA GLN O 57 43.57 -31.17 -38.13
C GLN O 57 44.99 -31.68 -37.82
N LEU O 58 45.26 -32.15 -36.61
CA LEU O 58 46.56 -32.79 -36.34
C LEU O 58 46.82 -33.98 -37.27
N LEU O 59 45.82 -34.84 -37.42
CA LEU O 59 45.98 -36.03 -38.25
C LEU O 59 46.11 -35.61 -39.72
N GLY O 60 45.25 -34.68 -40.12
CA GLY O 60 45.29 -34.11 -41.47
C GLY O 60 46.66 -33.65 -41.89
N THR O 61 47.34 -32.91 -41.04
CA THR O 61 48.49 -32.12 -41.47
C THR O 61 49.80 -32.88 -41.34
N LEU O 62 49.84 -33.85 -40.43
CA LEU O 62 51.11 -34.44 -40.06
C LEU O 62 51.26 -35.87 -40.58
N LEU O 63 50.20 -36.38 -41.17
CA LEU O 63 50.04 -37.77 -41.41
C LEU O 63 49.49 -37.89 -42.82
N THR O 64 50.13 -38.69 -43.65
CA THR O 64 49.70 -38.91 -45.03
C THR O 64 48.40 -39.72 -45.06
N GLY O 65 47.55 -39.50 -46.07
CA GLY O 65 46.29 -40.25 -46.19
C GLY O 65 46.46 -41.72 -45.80
N GLU O 66 47.41 -42.39 -46.44
CA GLU O 66 47.72 -43.80 -46.16
C GLU O 66 48.17 -44.00 -44.71
N GLU O 67 48.98 -43.06 -44.22
CA GLU O 67 49.39 -43.04 -42.81
C GLU O 67 48.13 -42.84 -41.93
N LYS O 68 47.27 -41.90 -42.29
CA LYS O 68 46.08 -41.61 -41.47
C LYS O 68 45.22 -42.85 -41.23
N GLN O 69 45.05 -43.67 -42.26
CA GLN O 69 44.14 -44.81 -42.18
C GLN O 69 44.71 -45.93 -41.32
N ARG O 70 45.95 -46.31 -41.55
CA ARG O 70 46.54 -47.32 -40.69
C ARG O 70 46.42 -46.91 -39.22
N VAL O 71 46.47 -45.60 -38.94
CA VAL O 71 46.38 -45.11 -37.55
C VAL O 71 44.94 -45.12 -37.03
N LEU O 72 43.97 -44.61 -37.81
CA LEU O 72 42.56 -44.64 -37.38
C LEU O 72 42.08 -46.07 -37.14
N LEU O 73 42.34 -46.94 -38.11
CA LEU O 73 42.02 -48.36 -38.01
C LEU O 73 42.63 -48.99 -36.76
N GLU O 74 43.95 -48.92 -36.60
CA GLU O 74 44.62 -49.50 -35.40
C GLU O 74 44.12 -48.96 -34.04
N ALA O 75 43.56 -47.75 -34.03
CA ALA O 75 43.04 -47.14 -32.81
C ALA O 75 41.66 -47.72 -32.48
N ARG O 76 40.86 -47.89 -33.53
CA ARG O 76 39.59 -48.58 -33.45
C ARG O 76 39.84 -50.06 -33.08
N LYS O 77 40.82 -50.69 -33.73
CA LYS O 77 41.25 -52.06 -33.39
C LYS O 77 41.67 -52.24 -31.92
N ALA O 78 42.13 -51.17 -31.27
CA ALA O 78 42.50 -51.21 -29.84
C ALA O 78 41.33 -50.97 -28.84
N VAL O 79 40.11 -50.74 -29.33
CA VAL O 79 38.97 -50.73 -28.41
C VAL O 79 38.74 -52.15 -27.92
N GLN O 88 35.86 -55.84 -31.09
CA GLN O 88 35.77 -55.77 -32.55
C GLN O 88 34.35 -55.41 -33.02
N LEU O 89 33.34 -55.50 -32.13
CA LEU O 89 31.94 -55.28 -32.48
C LEU O 89 31.70 -53.85 -32.92
N PRO O 90 30.76 -53.62 -33.91
CA PRO O 90 30.65 -52.26 -34.50
C PRO O 90 30.19 -51.15 -33.53
N ASN O 91 28.96 -51.23 -33.03
CA ASN O 91 28.34 -50.10 -32.29
C ASN O 91 29.26 -49.53 -31.22
N GLU O 92 29.90 -50.45 -30.52
CA GLU O 92 30.77 -50.15 -29.39
C GLU O 92 31.98 -49.32 -29.86
N VAL O 93 32.77 -49.88 -30.81
CA VAL O 93 33.86 -49.17 -31.49
C VAL O 93 33.47 -47.76 -31.97
N ASP O 94 32.23 -47.60 -32.43
CA ASP O 94 31.81 -46.36 -33.12
C ASP O 94 31.64 -45.20 -32.16
N ALA O 95 30.77 -45.38 -31.18
CA ALA O 95 30.51 -44.36 -30.20
C ALA O 95 31.81 -43.86 -29.50
N ALA O 96 32.82 -44.74 -29.40
CA ALA O 96 34.06 -44.46 -28.66
C ALA O 96 35.14 -43.75 -29.47
N PHE O 97 35.28 -44.18 -30.72
CA PHE O 97 36.22 -43.59 -31.65
C PHE O 97 35.49 -43.48 -32.97
N PRO O 98 34.53 -42.55 -33.05
CA PRO O 98 33.82 -42.37 -34.30
C PRO O 98 34.70 -41.88 -35.45
N LEU O 99 34.10 -41.70 -36.61
CA LEU O 99 34.83 -41.26 -37.80
C LEU O 99 34.20 -39.99 -38.35
N GLU O 100 32.97 -39.71 -37.98
CA GLU O 100 32.43 -38.39 -38.21
C GLU O 100 32.29 -37.68 -36.88
N ARG O 101 32.32 -36.36 -36.94
CA ARG O 101 32.13 -35.48 -35.80
C ARG O 101 31.05 -36.03 -34.83
N PRO O 102 31.45 -36.40 -33.61
CA PRO O 102 30.47 -36.69 -32.59
C PRO O 102 29.92 -35.42 -31.97
N ASP O 103 28.70 -35.48 -31.43
CA ASP O 103 28.13 -34.34 -30.70
C ASP O 103 28.48 -34.50 -29.22
N TRP O 104 29.59 -33.89 -28.83
CA TRP O 104 30.07 -33.94 -27.45
C TRP O 104 30.14 -32.55 -26.86
N ASP O 105 29.67 -32.42 -25.63
CA ASP O 105 29.80 -31.18 -24.89
C ASP O 105 30.96 -31.31 -23.92
N TYR O 106 32.00 -30.53 -24.15
CA TYR O 106 33.18 -30.57 -23.28
C TYR O 106 32.95 -29.85 -21.96
N THR O 107 31.79 -29.21 -21.81
CA THR O 107 31.40 -28.72 -20.48
C THR O 107 30.96 -29.90 -19.56
N THR O 108 30.45 -30.99 -20.13
CA THR O 108 29.97 -32.15 -19.34
C THR O 108 31.04 -33.21 -19.02
N THR O 109 30.67 -34.19 -18.19
CA THR O 109 31.59 -35.24 -17.71
C THR O 109 31.62 -36.43 -18.67
N GLU O 110 30.49 -36.69 -19.30
CA GLU O 110 30.43 -37.75 -20.31
C GLU O 110 31.12 -37.31 -21.62
N GLY O 111 30.88 -36.08 -22.05
CA GLY O 111 31.58 -35.50 -23.20
C GLY O 111 33.09 -35.53 -23.00
N ARG O 112 33.54 -35.00 -21.86
CA ARG O 112 34.99 -34.96 -21.58
C ARG O 112 35.65 -36.33 -21.48
N ASN O 113 34.90 -37.33 -21.02
CA ASN O 113 35.47 -38.69 -20.91
C ASN O 113 35.62 -39.35 -22.27
N HIS O 114 34.71 -39.04 -23.19
CA HIS O 114 34.89 -39.47 -24.57
C HIS O 114 36.17 -38.82 -25.13
N LEU O 115 36.34 -37.52 -24.90
CA LEU O 115 37.57 -36.84 -25.35
C LEU O 115 38.81 -37.55 -24.78
N VAL O 116 38.85 -37.72 -23.45
CA VAL O 116 39.98 -38.44 -22.84
C VAL O 116 40.13 -39.85 -23.43
N LEU O 117 39.02 -40.59 -23.62
CA LEU O 117 39.10 -41.94 -24.17
C LEU O 117 39.62 -41.92 -25.61
N TYR O 118 39.00 -41.09 -26.44
CA TYR O 118 39.41 -40.91 -27.85
C TYR O 118 40.91 -40.66 -27.96
N ARG O 119 41.41 -39.71 -27.18
CA ARG O 119 42.84 -39.36 -27.19
C ARG O 119 43.72 -40.58 -26.97
N GLN O 120 43.39 -41.37 -25.95
CA GLN O 120 44.26 -42.48 -25.59
C GLN O 120 44.25 -43.51 -26.70
N LEU O 121 43.06 -43.77 -27.26
CA LEU O 121 42.93 -44.72 -28.37
C LEU O 121 43.70 -44.21 -29.62
N LEU O 122 43.60 -42.92 -29.90
CA LEU O 122 44.44 -42.33 -30.91
C LEU O 122 45.90 -42.75 -30.64
N LEU O 123 46.42 -42.38 -29.47
CA LEU O 123 47.79 -42.74 -29.09
C LEU O 123 48.05 -44.23 -29.29
N ALA O 124 47.06 -45.08 -28.98
CA ALA O 124 47.21 -46.52 -29.22
C ALA O 124 47.57 -46.72 -30.68
N GLY O 125 46.66 -46.26 -31.55
CA GLY O 125 46.87 -46.23 -32.99
C GLY O 125 48.28 -45.80 -33.35
N LEU O 126 48.58 -44.52 -33.23
CA LEU O 126 49.91 -44.04 -33.58
C LEU O 126 50.93 -45.12 -33.20
N GLN O 127 50.99 -45.48 -31.94
CA GLN O 127 51.89 -46.55 -31.48
C GLN O 127 51.70 -47.86 -32.26
N ASN O 128 50.48 -48.43 -32.21
CA ASN O 128 50.16 -49.69 -32.91
C ASN O 128 50.55 -49.69 -34.39
N ALA O 129 50.07 -48.69 -35.12
CA ALA O 129 50.43 -48.50 -36.53
C ALA O 129 51.92 -48.20 -36.73
N GLY O 130 52.61 -47.78 -35.67
CA GLY O 130 54.07 -47.60 -35.71
C GLY O 130 54.88 -48.90 -35.63
N ARG O 131 54.22 -50.04 -35.57
CA ARG O 131 54.87 -51.34 -35.73
C ARG O 131 54.37 -52.04 -37.00
N PRO P 1 36.57 -15.26 -37.18
CA PRO P 1 36.14 -16.35 -36.32
C PRO P 1 35.33 -15.91 -35.07
N LEU P 2 34.72 -16.88 -34.39
CA LEU P 2 33.92 -16.70 -33.17
C LEU P 2 34.30 -17.73 -32.11
N ARG P 3 34.80 -17.27 -30.98
CA ARG P 3 35.03 -18.14 -29.83
C ARG P 3 34.32 -17.60 -28.56
N LEU P 4 34.04 -18.49 -27.59
CA LEU P 4 33.13 -18.19 -26.45
C LEU P 4 33.54 -16.93 -25.69
N GLY P 5 34.85 -16.83 -25.40
CA GLY P 5 35.44 -15.65 -24.73
C GLY P 5 36.69 -15.93 -23.89
N LEU P 10 29.27 -14.37 -27.39
CA LEU P 10 30.39 -14.82 -28.20
C LEU P 10 31.34 -13.63 -28.47
N GLN P 11 32.63 -13.92 -28.68
CA GLN P 11 33.63 -12.92 -29.09
C GLN P 11 34.02 -13.17 -30.54
N TYR P 12 34.03 -12.10 -31.33
CA TYR P 12 34.49 -12.14 -32.71
C TYR P 12 35.92 -11.68 -32.82
N TRP P 13 36.76 -12.51 -33.44
CA TRP P 13 38.11 -12.10 -33.88
C TRP P 13 38.26 -12.39 -35.40
N PRO P 14 38.85 -11.46 -36.16
CA PRO P 14 39.13 -11.71 -37.55
C PRO P 14 40.29 -12.69 -37.75
N PHE P 15 40.31 -13.35 -38.92
CA PHE P 15 41.44 -14.18 -39.35
C PHE P 15 42.70 -13.35 -39.42
N SER P 16 43.82 -13.98 -39.15
CA SER P 16 45.09 -13.37 -39.49
C SER P 16 45.49 -13.96 -40.85
N SER P 17 45.98 -13.09 -41.71
CA SER P 17 46.46 -13.49 -43.02
C SER P 17 47.45 -14.64 -42.90
N SER P 18 48.32 -14.61 -41.92
CA SER P 18 49.21 -15.75 -41.73
C SER P 18 48.47 -17.07 -41.85
N ASP P 19 47.28 -17.21 -41.27
CA ASP P 19 46.57 -18.50 -41.36
C ASP P 19 45.97 -18.77 -42.74
N LEU P 20 45.36 -17.75 -43.35
CA LEU P 20 44.66 -17.91 -44.65
C LEU P 20 45.75 -18.28 -45.70
N TYR P 21 46.79 -17.47 -45.78
CA TYR P 21 47.88 -17.71 -46.73
C TYR P 21 48.61 -19.02 -46.44
N ASN P 22 48.77 -19.40 -45.16
CA ASN P 22 49.39 -20.69 -44.84
C ASN P 22 48.59 -21.83 -45.43
N TRP P 23 47.27 -21.72 -45.26
CA TRP P 23 46.36 -22.69 -45.82
C TRP P 23 46.39 -22.73 -47.36
N LYS P 24 46.60 -21.57 -47.97
CA LYS P 24 46.74 -21.51 -49.42
C LYS P 24 48.02 -22.23 -49.88
N ASN P 25 49.17 -21.71 -49.46
CA ASN P 25 50.46 -22.22 -49.89
C ASN P 25 50.80 -23.63 -49.38
N ASN P 26 49.97 -24.23 -48.54
CA ASN P 26 50.27 -25.60 -48.11
C ASN P 26 49.26 -26.62 -48.61
N ASN P 27 48.42 -26.22 -49.55
CA ASN P 27 47.52 -27.18 -50.18
C ASN P 27 47.37 -26.85 -51.69
N PRO P 28 46.78 -27.78 -52.48
CA PRO P 28 46.59 -27.52 -53.90
C PRO P 28 45.53 -26.47 -54.07
N SER P 29 45.33 -26.00 -55.31
CA SER P 29 44.13 -25.19 -55.64
C SER P 29 42.92 -26.13 -55.63
N PHE P 30 41.73 -25.59 -55.85
CA PHE P 30 40.50 -26.40 -55.66
C PHE P 30 40.32 -27.42 -56.80
N SER P 31 40.52 -26.97 -58.06
CA SER P 31 40.47 -27.84 -59.26
C SER P 31 41.59 -28.91 -59.24
N GLU P 32 42.84 -28.45 -59.06
CA GLU P 32 43.99 -29.33 -58.83
C GLU P 32 43.64 -30.61 -58.01
N ASP P 33 43.13 -30.44 -56.78
CA ASP P 33 42.59 -31.54 -55.97
C ASP P 33 41.51 -31.00 -55.03
N PRO P 34 40.22 -31.18 -55.37
CA PRO P 34 39.06 -30.85 -54.51
C PRO P 34 39.11 -31.32 -53.05
N GLY P 35 39.28 -32.62 -52.86
CA GLY P 35 39.20 -33.26 -51.53
C GLY P 35 40.14 -32.72 -50.47
N LYS P 36 41.26 -32.14 -50.90
CA LYS P 36 42.22 -31.54 -49.98
C LYS P 36 41.69 -30.22 -49.41
N LEU P 37 41.19 -29.34 -50.27
CA LEU P 37 40.67 -28.05 -49.78
C LEU P 37 39.28 -28.16 -49.16
N THR P 38 38.52 -29.18 -49.51
CA THR P 38 37.18 -29.30 -48.94
C THR P 38 37.30 -29.79 -47.48
N ALA P 39 38.10 -30.84 -47.26
CA ALA P 39 38.32 -31.39 -45.90
C ALA P 39 38.92 -30.35 -44.97
N LEU P 40 39.74 -29.45 -45.51
CA LEU P 40 40.24 -28.30 -44.75
C LEU P 40 39.13 -27.26 -44.48
N ILE P 41 38.45 -26.77 -45.53
CA ILE P 41 37.42 -25.75 -45.30
C ILE P 41 36.28 -26.30 -44.44
N GLU P 42 35.96 -27.60 -44.55
CA GLU P 42 34.93 -28.17 -43.70
C GLU P 42 35.42 -28.07 -42.27
N SER P 43 36.72 -28.27 -42.07
CA SER P 43 37.35 -28.32 -40.76
C SER P 43 37.46 -26.93 -40.12
N VAL P 44 37.85 -25.93 -40.91
CA VAL P 44 37.91 -24.57 -40.42
C VAL P 44 36.51 -23.96 -40.22
N LEU P 45 35.49 -24.60 -40.76
CA LEU P 45 34.12 -24.11 -40.63
C LEU P 45 33.66 -24.35 -39.20
N THR P 46 33.99 -25.52 -38.64
CA THR P 46 33.79 -25.80 -37.21
C THR P 46 34.86 -25.10 -36.37
N THR P 47 36.14 -25.43 -36.59
CA THR P 47 37.12 -24.98 -35.63
C THR P 47 37.09 -23.46 -35.48
N HIS P 48 36.74 -22.73 -36.55
CA HIS P 48 36.87 -21.25 -36.53
C HIS P 48 35.53 -20.50 -36.48
N GLN P 49 34.43 -21.27 -36.52
CA GLN P 49 33.09 -20.72 -36.39
C GLN P 49 33.04 -19.32 -37.01
N PRO P 50 33.22 -19.25 -38.34
CA PRO P 50 33.28 -18.00 -39.06
C PRO P 50 31.94 -17.40 -39.35
N THR P 51 31.86 -16.08 -39.23
CA THR P 51 30.74 -15.27 -39.66
C THR P 51 30.55 -15.42 -41.16
N TRP P 52 29.53 -14.73 -41.68
CA TRP P 52 29.30 -14.72 -43.10
C TRP P 52 30.49 -14.11 -43.87
N ASP P 53 30.97 -12.94 -43.44
CA ASP P 53 32.09 -12.29 -44.10
C ASP P 53 33.37 -13.11 -43.99
N ASP P 54 33.64 -13.66 -42.82
CA ASP P 54 34.79 -14.57 -42.68
C ASP P 54 34.72 -15.65 -43.79
N CYS P 55 33.52 -16.14 -44.08
CA CYS P 55 33.36 -17.14 -45.12
C CYS P 55 33.76 -16.59 -46.47
N GLN P 56 33.31 -15.39 -46.82
CA GLN P 56 33.74 -14.76 -48.06
C GLN P 56 35.27 -14.73 -48.13
N GLN P 57 35.91 -14.10 -47.14
CA GLN P 57 37.36 -14.05 -47.04
C GLN P 57 38.01 -15.44 -47.16
N LEU P 58 37.54 -16.39 -46.37
CA LEU P 58 38.08 -17.73 -46.48
C LEU P 58 38.01 -18.14 -47.96
N LEU P 59 36.83 -17.97 -48.57
CA LEU P 59 36.64 -18.39 -49.97
C LEU P 59 37.52 -17.56 -50.92
N GLY P 60 37.46 -16.24 -50.82
CA GLY P 60 38.26 -15.35 -51.71
C GLY P 60 39.74 -15.66 -51.82
N THR P 61 40.29 -16.33 -50.80
CA THR P 61 41.73 -16.56 -50.66
C THR P 61 42.10 -17.98 -51.09
N LEU P 62 41.35 -18.97 -50.59
CA LEU P 62 41.53 -20.36 -51.03
C LEU P 62 40.94 -20.68 -52.42
N LEU P 63 40.17 -19.74 -52.98
CA LEU P 63 39.48 -20.03 -54.25
C LEU P 63 39.73 -18.99 -55.31
N THR P 64 39.76 -19.51 -56.55
CA THR P 64 39.57 -18.70 -57.77
C THR P 64 38.11 -18.17 -57.84
N GLY P 65 37.91 -16.94 -58.33
CA GLY P 65 36.55 -16.41 -58.55
C GLY P 65 35.67 -17.35 -59.39
N GLU P 66 36.31 -18.01 -60.37
CA GLU P 66 35.68 -19.08 -61.17
C GLU P 66 35.09 -20.11 -60.22
N GLU P 67 35.98 -20.73 -59.43
CA GLU P 67 35.63 -21.84 -58.56
C GLU P 67 34.73 -21.38 -57.43
N LYS P 68 34.96 -20.15 -56.95
CA LYS P 68 34.11 -19.51 -55.95
C LYS P 68 32.65 -19.48 -56.41
N GLN P 69 32.39 -18.77 -57.51
CA GLN P 69 31.00 -18.56 -57.94
C GLN P 69 30.27 -19.87 -58.25
N ARG P 70 31.01 -20.91 -58.64
CA ARG P 70 30.43 -22.23 -58.80
C ARG P 70 30.04 -22.80 -57.43
N VAL P 71 30.86 -22.53 -56.41
CA VAL P 71 30.62 -23.06 -55.07
C VAL P 71 29.32 -22.46 -54.56
N LEU P 72 29.31 -21.14 -54.43
CA LEU P 72 28.09 -20.40 -54.09
C LEU P 72 26.87 -21.00 -54.81
N LEU P 73 26.95 -21.06 -56.15
CA LEU P 73 25.84 -21.55 -56.98
C LEU P 73 25.36 -22.93 -56.52
N GLU P 74 26.28 -23.90 -56.47
CA GLU P 74 25.95 -25.29 -56.12
C GLU P 74 25.30 -25.34 -54.73
N ALA P 75 25.75 -24.44 -53.86
CA ALA P 75 25.25 -24.31 -52.47
C ALA P 75 23.85 -23.70 -52.44
N ARG P 76 23.58 -22.75 -53.34
CA ARG P 76 22.22 -22.21 -53.48
C ARG P 76 21.26 -23.37 -53.87
N LYS P 77 21.70 -24.20 -54.80
CA LYS P 77 20.92 -25.37 -55.25
C LYS P 77 20.53 -26.27 -54.08
N ALA P 78 21.43 -26.38 -53.10
CA ALA P 78 21.24 -27.27 -51.95
C ALA P 78 20.16 -26.84 -50.96
N VAL P 79 19.52 -25.67 -51.14
CA VAL P 79 18.56 -25.11 -50.15
C VAL P 79 17.28 -25.95 -49.94
N ARG P 80 16.83 -26.06 -48.69
CA ARG P 80 15.62 -26.82 -48.34
C ARG P 80 14.65 -25.92 -47.58
N THR P 87 13.26 -26.82 -52.65
CA THR P 87 12.70 -25.49 -52.93
C THR P 87 13.53 -24.75 -53.99
N GLN P 88 12.87 -23.88 -54.76
CA GLN P 88 13.56 -23.03 -55.76
C GLN P 88 13.12 -21.57 -55.61
N LEU P 89 12.31 -21.30 -54.58
CA LEU P 89 11.69 -19.99 -54.38
C LEU P 89 12.77 -18.96 -54.06
N PRO P 90 13.01 -17.98 -54.97
CA PRO P 90 14.05 -16.96 -54.79
C PRO P 90 14.08 -16.29 -53.40
N ASN P 91 12.93 -15.79 -52.95
CA ASN P 91 12.78 -15.28 -51.58
C ASN P 91 13.35 -16.22 -50.49
N GLU P 92 13.01 -17.51 -50.58
CA GLU P 92 13.30 -18.49 -49.52
C GLU P 92 14.72 -19.04 -49.58
N VAL P 93 15.46 -18.69 -50.63
CA VAL P 93 16.89 -19.03 -50.79
C VAL P 93 17.82 -17.87 -50.38
N ASP P 94 17.27 -16.65 -50.27
CA ASP P 94 18.06 -15.48 -49.83
C ASP P 94 18.11 -15.36 -48.31
N ALA P 95 17.14 -15.97 -47.62
CA ALA P 95 17.18 -16.09 -46.15
C ALA P 95 18.23 -17.13 -45.72
N ALA P 96 18.38 -18.19 -46.51
CA ALA P 96 19.29 -19.30 -46.20
C ALA P 96 20.69 -19.12 -46.77
N PHE P 97 20.82 -18.38 -47.89
CA PHE P 97 22.12 -18.24 -48.55
C PHE P 97 22.21 -16.95 -49.36
N PRO P 98 22.21 -15.80 -48.70
CA PRO P 98 22.22 -14.54 -49.42
C PRO P 98 23.60 -14.27 -50.02
N LEU P 99 23.66 -13.80 -51.27
CA LEU P 99 24.96 -13.43 -51.86
C LEU P 99 25.36 -12.05 -51.39
N GLU P 100 24.45 -11.38 -50.69
CA GLU P 100 24.74 -10.08 -50.09
C GLU P 100 24.87 -10.25 -48.57
N ARG P 101 25.94 -9.66 -48.01
CA ARG P 101 26.11 -9.48 -46.56
C ARG P 101 24.75 -9.27 -45.86
N PRO P 102 24.26 -10.27 -45.10
CA PRO P 102 22.94 -10.18 -44.51
C PRO P 102 22.93 -9.56 -43.13
N ASP P 103 21.71 -9.47 -42.61
CA ASP P 103 21.39 -8.83 -41.36
C ASP P 103 21.80 -9.58 -40.09
N TRP P 104 22.22 -10.84 -40.21
CA TRP P 104 22.33 -11.73 -39.03
C TRP P 104 23.21 -11.19 -37.92
N ASP P 105 22.80 -11.45 -36.68
CA ASP P 105 23.53 -11.05 -35.46
C ASP P 105 23.97 -12.33 -34.75
N TYR P 106 25.29 -12.52 -34.65
CA TYR P 106 25.89 -13.73 -34.07
C TYR P 106 25.73 -13.83 -32.54
N THR P 107 25.36 -12.69 -31.93
CA THR P 107 25.06 -12.60 -30.49
C THR P 107 23.70 -13.23 -30.14
N THR P 108 22.75 -13.20 -31.08
CA THR P 108 21.38 -13.71 -30.88
C THR P 108 21.31 -15.23 -31.08
N THR P 109 20.10 -15.80 -31.10
CA THR P 109 19.87 -17.21 -31.49
C THR P 109 19.41 -17.32 -32.95
N GLU P 110 18.66 -16.33 -33.43
CA GLU P 110 18.36 -16.21 -34.86
C GLU P 110 19.65 -16.39 -35.63
N GLY P 111 20.62 -15.52 -35.33
CA GLY P 111 21.89 -15.46 -36.04
C GLY P 111 22.65 -16.78 -36.03
N ARG P 112 22.85 -17.33 -34.84
CA ARG P 112 23.68 -18.54 -34.69
C ARG P 112 23.16 -19.68 -35.57
N ASN P 113 21.83 -19.87 -35.56
CA ASN P 113 21.15 -20.88 -36.37
C ASN P 113 21.22 -20.65 -37.89
N HIS P 114 21.14 -19.39 -38.31
CA HIS P 114 21.35 -19.04 -39.72
C HIS P 114 22.79 -19.33 -40.17
N LEU P 115 23.74 -19.06 -39.28
CA LEU P 115 25.16 -19.26 -39.56
C LEU P 115 25.43 -20.75 -39.62
N VAL P 116 24.80 -21.52 -38.73
CA VAL P 116 24.91 -22.96 -38.81
C VAL P 116 24.43 -23.35 -40.23
N LEU P 117 23.22 -22.97 -40.60
CA LEU P 117 22.68 -23.36 -41.91
C LEU P 117 23.51 -22.88 -43.11
N TYR P 118 24.07 -21.67 -43.04
CA TYR P 118 24.87 -21.17 -44.16
C TYR P 118 26.08 -22.07 -44.38
N ARG P 119 26.72 -22.48 -43.28
CA ARG P 119 27.94 -23.28 -43.37
C ARG P 119 27.68 -24.69 -43.83
N GLN P 120 26.53 -25.24 -43.45
CA GLN P 120 26.16 -26.60 -43.87
C GLN P 120 25.95 -26.65 -45.38
N LEU P 121 25.35 -25.59 -45.91
CA LEU P 121 25.12 -25.47 -47.35
C LEU P 121 26.43 -25.18 -48.09
N LEU P 122 27.22 -24.22 -47.57
CA LEU P 122 28.58 -23.96 -48.07
C LEU P 122 29.33 -25.29 -48.26
N LEU P 123 29.33 -26.13 -47.23
CA LEU P 123 29.96 -27.47 -47.26
C LEU P 123 29.30 -28.44 -48.27
N ALA P 124 28.01 -28.25 -48.55
CA ALA P 124 27.38 -28.95 -49.65
C ALA P 124 27.94 -28.38 -50.96
N GLY P 125 28.14 -27.07 -51.02
CA GLY P 125 28.64 -26.39 -52.23
C GLY P 125 29.99 -26.92 -52.68
N LEU P 126 31.01 -26.62 -51.89
CA LEU P 126 32.31 -27.30 -51.98
C LEU P 126 32.21 -28.77 -52.41
N GLN P 127 31.41 -29.56 -51.70
CA GLN P 127 31.36 -31.00 -51.97
C GLN P 127 30.74 -31.29 -53.33
N ASN P 128 29.67 -30.57 -53.67
CA ASN P 128 29.04 -30.70 -54.98
C ASN P 128 29.96 -30.29 -56.13
N ALA P 129 30.34 -29.01 -56.18
CA ALA P 129 31.07 -28.48 -57.33
C ALA P 129 32.51 -29.00 -57.49
N GLY P 130 32.83 -30.12 -56.83
CA GLY P 130 34.06 -30.87 -57.14
C GLY P 130 33.70 -32.00 -58.09
N ARG P 131 32.74 -32.83 -57.66
CA ARG P 131 32.17 -33.91 -58.45
C ARG P 131 31.22 -33.36 -59.51
N PRO Q 1 41.93 -1.54 -35.85
CA PRO Q 1 40.69 -2.30 -36.02
C PRO Q 1 39.81 -2.23 -34.78
N LEU Q 2 38.49 -2.28 -34.99
CA LEU Q 2 37.52 -2.27 -33.89
C LEU Q 2 36.87 -3.64 -33.84
N ARG Q 3 36.52 -4.09 -32.64
CA ARG Q 3 35.69 -5.29 -32.50
C ARG Q 3 34.73 -5.18 -31.33
N LEU Q 4 33.67 -5.99 -31.39
CA LEU Q 4 32.72 -6.13 -30.30
C LEU Q 4 33.38 -6.80 -29.12
N GLY Q 5 33.45 -6.10 -27.99
CA GLY Q 5 33.95 -6.67 -26.74
C GLY Q 5 32.90 -7.49 -26.00
N GLY Q 6 33.27 -8.02 -24.83
CA GLY Q 6 32.38 -8.91 -24.06
C GLY Q 6 31.40 -8.21 -23.12
N ASN Q 7 30.79 -7.12 -23.59
CA ASN Q 7 30.06 -6.17 -22.71
C ASN Q 7 29.36 -5.04 -23.49
N GLY Q 8 29.12 -5.28 -24.78
CA GLY Q 8 28.68 -4.25 -25.72
C GLY Q 8 29.73 -3.17 -25.98
N GLN Q 9 30.95 -3.36 -25.47
CA GLN Q 9 31.96 -2.30 -25.60
C GLN Q 9 32.91 -2.50 -26.77
N LEU Q 10 33.00 -1.42 -27.57
CA LEU Q 10 33.89 -1.34 -28.72
C LEU Q 10 35.31 -1.34 -28.22
N GLN Q 11 36.09 -2.25 -28.76
CA GLN Q 11 37.48 -2.38 -28.40
C GLN Q 11 38.36 -2.07 -29.64
N TYR Q 12 39.46 -1.33 -29.44
CA TYR Q 12 40.39 -0.99 -30.53
C TYR Q 12 41.75 -1.72 -30.43
N TRP Q 13 42.29 -2.06 -31.60
CA TRP Q 13 43.71 -2.45 -31.74
C TRP Q 13 44.24 -2.16 -33.17
N PRO Q 14 45.50 -1.73 -33.27
CA PRO Q 14 46.06 -1.34 -34.56
C PRO Q 14 46.42 -2.58 -35.40
N PHE Q 15 46.35 -2.41 -36.72
CA PHE Q 15 46.71 -3.47 -37.68
C PHE Q 15 48.08 -4.01 -37.33
N SER Q 16 48.17 -5.33 -37.24
CA SER Q 16 49.47 -6.00 -37.27
C SER Q 16 50.21 -5.65 -38.56
N SER Q 17 51.46 -5.21 -38.45
CA SER Q 17 52.20 -4.86 -39.66
C SER Q 17 52.23 -6.03 -40.63
N SER Q 18 52.42 -7.25 -40.14
CA SER Q 18 52.47 -8.38 -41.06
C SER Q 18 51.21 -8.52 -41.92
N ASP Q 19 50.00 -8.41 -41.34
CA ASP Q 19 48.75 -8.49 -42.13
C ASP Q 19 48.82 -7.51 -43.30
N LEU Q 20 49.12 -6.26 -42.98
CA LEU Q 20 49.14 -5.20 -44.00
C LEU Q 20 50.14 -5.56 -45.10
N TYR Q 21 51.39 -5.81 -44.74
CA TYR Q 21 52.39 -6.17 -45.73
C TYR Q 21 52.06 -7.51 -46.40
N ASN Q 22 51.58 -8.50 -45.65
CA ASN Q 22 51.18 -9.78 -46.27
C ASN Q 22 50.14 -9.53 -47.35
N TRP Q 23 49.29 -8.55 -47.13
CA TRP Q 23 48.25 -8.29 -48.11
C TRP Q 23 48.82 -7.68 -49.40
N LYS Q 24 49.89 -6.91 -49.27
CA LYS Q 24 50.52 -6.27 -50.43
C LYS Q 24 51.23 -7.33 -51.24
N ASN Q 25 52.22 -7.96 -50.61
CA ASN Q 25 53.06 -9.01 -51.16
C ASN Q 25 52.40 -10.26 -51.68
N ASN Q 26 51.10 -10.44 -51.42
CA ASN Q 26 50.32 -11.59 -51.93
C ASN Q 26 49.29 -11.15 -52.97
N ASN Q 27 49.26 -9.86 -53.30
CA ASN Q 27 48.33 -9.36 -54.34
C ASN Q 27 49.05 -8.48 -55.33
N PRO Q 28 48.56 -8.44 -56.60
CA PRO Q 28 49.12 -7.51 -57.57
C PRO Q 28 48.70 -6.09 -57.24
N SER Q 29 49.54 -5.11 -57.60
CA SER Q 29 49.25 -3.70 -57.36
C SER Q 29 47.86 -3.26 -57.90
N PHE Q 30 47.39 -2.13 -57.36
CA PHE Q 30 46.11 -1.52 -57.74
C PHE Q 30 46.04 -1.32 -59.25
N SER Q 31 47.06 -0.67 -59.78
CA SER Q 31 47.21 -0.44 -61.21
C SER Q 31 47.15 -1.77 -61.99
N GLU Q 32 48.14 -2.66 -61.79
CA GLU Q 32 48.16 -4.02 -62.42
C GLU Q 32 46.81 -4.79 -62.39
N ASP Q 33 46.13 -4.82 -61.25
CA ASP Q 33 44.71 -5.24 -61.20
C ASP Q 33 44.00 -4.68 -59.95
N PRO Q 34 43.07 -3.70 -60.15
CA PRO Q 34 42.33 -3.08 -59.04
C PRO Q 34 41.20 -3.94 -58.43
N GLY Q 35 40.68 -4.90 -59.18
CA GLY Q 35 39.65 -5.81 -58.67
C GLY Q 35 40.08 -6.66 -57.48
N LYS Q 36 41.31 -7.16 -57.48
CA LYS Q 36 41.80 -7.94 -56.35
C LYS Q 36 41.87 -7.02 -55.11
N LEU Q 37 42.84 -6.09 -55.05
CA LEU Q 37 42.95 -5.13 -53.93
C LEU Q 37 41.64 -4.40 -53.52
N THR Q 38 40.56 -4.55 -54.29
CA THR Q 38 39.28 -3.94 -53.91
C THR Q 38 38.46 -4.95 -53.12
N ALA Q 39 38.45 -6.19 -53.62
CA ALA Q 39 37.90 -7.36 -52.89
C ALA Q 39 38.52 -7.48 -51.48
N LEU Q 40 39.86 -7.41 -51.39
CA LEU Q 40 40.58 -7.43 -50.11
C LEU Q 40 40.27 -6.25 -49.22
N ILE Q 41 40.30 -5.03 -49.75
CA ILE Q 41 40.06 -3.86 -48.91
C ILE Q 41 38.61 -3.83 -48.45
N GLU Q 42 37.66 -4.00 -49.35
CA GLU Q 42 36.27 -4.21 -48.95
C GLU Q 42 36.07 -5.27 -47.85
N SER Q 43 36.88 -6.33 -47.85
CA SER Q 43 36.70 -7.40 -46.87
C SER Q 43 37.26 -6.93 -45.55
N VAL Q 44 38.50 -6.43 -45.57
CA VAL Q 44 39.09 -5.83 -44.39
C VAL Q 44 38.15 -4.78 -43.79
N LEU Q 45 37.51 -3.95 -44.63
CA LEU Q 45 36.67 -2.85 -44.10
C LEU Q 45 35.44 -3.36 -43.32
N THR Q 46 35.01 -4.60 -43.55
CA THR Q 46 33.99 -5.19 -42.66
C THR Q 46 34.57 -6.10 -41.57
N THR Q 47 35.46 -7.03 -41.92
CA THR Q 47 36.04 -7.87 -40.91
C THR Q 47 36.67 -6.99 -39.84
N HIS Q 48 37.58 -6.11 -40.21
CA HIS Q 48 38.37 -5.39 -39.20
C HIS Q 48 37.78 -4.11 -38.69
N GLN Q 49 36.64 -3.66 -39.20
CA GLN Q 49 36.01 -2.38 -38.78
C GLN Q 49 36.98 -1.24 -38.49
N PRO Q 50 37.78 -0.86 -39.49
CA PRO Q 50 38.87 0.04 -39.22
C PRO Q 50 38.37 1.43 -39.01
N THR Q 51 39.08 2.15 -38.16
CA THR Q 51 38.81 3.53 -37.86
C THR Q 51 39.25 4.37 -39.06
N TRP Q 52 39.22 5.69 -38.90
CA TRP Q 52 39.65 6.59 -39.97
C TRP Q 52 41.15 6.42 -40.23
N ASP Q 53 41.91 6.60 -39.16
CA ASP Q 53 43.36 6.53 -39.25
C ASP Q 53 43.74 5.15 -39.74
N ASP Q 54 42.99 4.14 -39.30
CA ASP Q 54 43.19 2.80 -39.79
C ASP Q 54 43.08 2.75 -41.29
N CYS Q 55 42.17 3.53 -41.87
CA CYS Q 55 42.01 3.56 -43.35
C CYS Q 55 43.20 4.22 -44.07
N GLN Q 56 43.81 5.23 -43.47
CA GLN Q 56 45.00 5.87 -44.07
C GLN Q 56 46.22 4.97 -43.96
N GLN Q 57 46.22 4.07 -43.00
CA GLN Q 57 47.30 3.11 -42.88
C GLN Q 57 47.09 1.96 -43.90
N LEU Q 58 45.84 1.52 -44.04
CA LEU Q 58 45.48 0.53 -45.05
C LEU Q 58 46.00 1.10 -46.35
N LEU Q 59 45.47 2.26 -46.70
CA LEU Q 59 45.64 2.80 -48.04
C LEU Q 59 47.08 3.17 -48.35
N GLY Q 60 47.80 3.75 -47.37
CA GLY Q 60 49.21 4.08 -47.50
C GLY Q 60 49.99 2.85 -47.90
N THR Q 61 49.81 1.77 -47.14
CA THR Q 61 50.59 0.56 -47.33
C THR Q 61 50.23 -0.21 -48.60
N LEU Q 62 49.00 -0.09 -49.08
CA LEU Q 62 48.57 -0.96 -50.19
C LEU Q 62 48.55 -0.26 -51.55
N LEU Q 63 48.34 1.06 -51.52
CA LEU Q 63 48.30 1.90 -52.70
C LEU Q 63 49.56 2.76 -52.78
N THR Q 64 49.76 3.38 -53.94
CA THR Q 64 50.84 4.38 -54.12
C THR Q 64 50.25 5.76 -53.96
N GLY Q 65 51.06 6.70 -53.50
CA GLY Q 65 50.66 8.10 -53.37
C GLY Q 65 49.65 8.57 -54.41
N GLU Q 66 49.95 8.32 -55.69
CA GLU Q 66 49.07 8.71 -56.79
C GLU Q 66 47.77 7.90 -56.77
N GLU Q 67 47.90 6.60 -56.53
CA GLU Q 67 46.74 5.70 -56.55
C GLU Q 67 45.64 6.10 -55.51
N LYS Q 68 46.07 6.55 -54.35
CA LYS Q 68 45.13 6.84 -53.23
C LYS Q 68 44.60 8.27 -53.30
N GLN Q 69 45.40 9.18 -53.85
CA GLN Q 69 44.88 10.50 -54.21
C GLN Q 69 43.67 10.41 -55.15
N ARG Q 70 43.67 9.41 -56.04
CA ARG Q 70 42.55 9.25 -56.96
C ARG Q 70 41.36 8.61 -56.27
N VAL Q 71 41.64 7.59 -55.48
CA VAL Q 71 40.62 6.90 -54.68
C VAL Q 71 39.95 7.90 -53.75
N LEU Q 72 40.77 8.69 -53.05
CA LEU Q 72 40.23 9.69 -52.12
C LEU Q 72 39.30 10.65 -52.85
N LEU Q 73 39.79 11.27 -53.94
CA LEU Q 73 38.95 12.21 -54.69
C LEU Q 73 37.74 11.51 -55.29
N GLU Q 74 37.95 10.36 -55.92
CA GLU Q 74 36.83 9.54 -56.43
C GLU Q 74 35.81 9.22 -55.34
N ALA Q 75 36.28 9.05 -54.10
CA ALA Q 75 35.39 8.88 -52.96
C ALA Q 75 34.54 10.14 -52.84
N ARG Q 76 35.20 11.27 -52.62
CA ARG Q 76 34.51 12.54 -52.35
C ARG Q 76 33.50 13.02 -53.41
N LYS Q 77 33.47 12.38 -54.59
CA LYS Q 77 32.44 12.69 -55.60
C LYS Q 77 31.10 12.07 -55.18
N ALA Q 78 31.15 10.85 -54.67
CA ALA Q 78 29.94 10.10 -54.34
C ALA Q 78 29.28 10.53 -53.04
N VAL Q 79 29.37 11.82 -52.70
CA VAL Q 79 28.78 12.33 -51.44
C VAL Q 79 27.34 12.80 -51.65
N ARG Q 80 26.40 11.94 -51.25
CA ARG Q 80 24.96 12.19 -51.39
C ARG Q 80 24.43 12.78 -50.09
N THR Q 87 24.60 16.42 -53.77
CA THR Q 87 25.47 17.43 -53.12
C THR Q 87 26.92 17.30 -53.56
N GLN Q 88 27.62 18.43 -53.63
CA GLN Q 88 29.08 18.48 -53.70
C GLN Q 88 29.58 19.85 -53.21
N LEU Q 89 28.92 20.37 -52.15
CA LEU Q 89 29.28 21.64 -51.51
C LEU Q 89 30.49 21.44 -50.60
N PRO Q 90 31.51 22.31 -50.72
CA PRO Q 90 32.79 22.15 -49.99
C PRO Q 90 32.69 21.51 -48.61
N ASN Q 91 31.81 22.04 -47.76
CA ASN Q 91 31.75 21.62 -46.35
C ASN Q 91 31.17 20.22 -46.11
N GLU Q 92 30.10 19.87 -46.82
CA GLU Q 92 29.41 18.58 -46.58
C GLU Q 92 30.12 17.41 -47.29
N VAL Q 93 30.97 17.74 -48.25
CA VAL Q 93 32.00 16.83 -48.75
C VAL Q 93 32.95 16.52 -47.59
N ASP Q 94 33.30 17.54 -46.81
CA ASP Q 94 34.27 17.39 -45.75
C ASP Q 94 33.71 16.80 -44.45
N ALA Q 95 32.42 17.02 -44.15
CA ALA Q 95 31.77 16.41 -43.00
C ALA Q 95 31.68 14.88 -43.15
N ALA Q 96 31.73 14.42 -44.40
CA ALA Q 96 31.48 13.01 -44.73
C ALA Q 96 32.77 12.27 -45.04
N PHE Q 97 33.60 12.86 -45.91
CA PHE Q 97 34.86 12.23 -46.31
C PHE Q 97 36.03 13.19 -46.22
N PRO Q 98 36.47 13.52 -44.99
CA PRO Q 98 37.55 14.47 -44.80
C PRO Q 98 38.96 13.92 -45.15
N LEU Q 99 39.85 14.81 -45.57
CA LEU Q 99 41.21 14.43 -45.83
C LEU Q 99 42.00 14.57 -44.52
N GLU Q 100 41.73 15.64 -43.78
CA GLU Q 100 42.32 15.83 -42.45
C GLU Q 100 41.57 14.95 -41.46
N ARG Q 101 42.25 14.65 -40.37
CA ARG Q 101 41.75 13.73 -39.36
C ARG Q 101 40.50 14.26 -38.66
N PRO Q 102 39.36 13.57 -38.82
CA PRO Q 102 38.13 14.02 -38.17
C PRO Q 102 38.17 13.82 -36.64
N ASP Q 103 37.32 14.53 -35.92
CA ASP Q 103 37.30 14.44 -34.45
C ASP Q 103 36.61 13.16 -33.91
N TRP Q 104 36.13 12.31 -34.83
CA TRP Q 104 35.18 11.21 -34.54
C TRP Q 104 35.52 10.26 -33.41
N ASP Q 105 34.55 10.13 -32.52
CA ASP Q 105 34.62 9.32 -31.32
C ASP Q 105 33.84 8.04 -31.58
N TYR Q 106 34.57 6.95 -31.88
CA TYR Q 106 33.94 5.66 -32.19
C TYR Q 106 33.10 5.08 -31.05
N THR Q 107 33.37 5.53 -29.82
CA THR Q 107 32.57 5.09 -28.66
C THR Q 107 31.17 5.72 -28.64
N THR Q 108 30.88 6.64 -29.56
CA THR Q 108 29.59 7.32 -29.58
C THR Q 108 28.74 6.94 -30.79
N THR Q 109 27.51 7.45 -30.84
CA THR Q 109 26.61 7.06 -31.92
C THR Q 109 27.06 7.77 -33.16
N GLU Q 110 26.87 9.09 -33.19
CA GLU Q 110 27.29 9.90 -34.34
C GLU Q 110 28.69 9.52 -34.81
N GLY Q 111 29.56 9.22 -33.86
CA GLY Q 111 30.94 8.84 -34.14
C GLY Q 111 31.04 7.52 -34.87
N ARG Q 112 30.18 6.55 -34.52
CA ARG Q 112 30.13 5.29 -35.25
C ARG Q 112 29.54 5.49 -36.64
N ASN Q 113 28.49 6.31 -36.73
CA ASN Q 113 27.76 6.55 -37.99
C ASN Q 113 28.62 7.17 -39.06
N HIS Q 114 29.42 8.17 -38.70
CA HIS Q 114 30.37 8.70 -39.62
C HIS Q 114 31.24 7.54 -40.09
N LEU Q 115 31.91 6.88 -39.14
CA LEU Q 115 32.74 5.73 -39.48
C LEU Q 115 32.04 4.79 -40.48
N VAL Q 116 30.75 4.48 -40.28
CA VAL Q 116 30.04 3.63 -41.28
C VAL Q 116 29.97 4.33 -42.63
N LEU Q 117 29.59 5.61 -42.62
CA LEU Q 117 29.42 6.35 -43.86
C LEU Q 117 30.71 6.41 -44.67
N TYR Q 118 31.80 6.81 -44.03
CA TYR Q 118 33.13 6.84 -44.63
C TYR Q 118 33.46 5.53 -45.37
N ARG Q 119 33.42 4.42 -44.63
CA ARG Q 119 33.65 3.10 -45.23
C ARG Q 119 32.72 2.71 -46.41
N GLN Q 120 31.69 3.52 -46.71
CA GLN Q 120 30.85 3.31 -47.91
C GLN Q 120 31.46 4.18 -48.98
N LEU Q 121 31.57 5.47 -48.66
CA LEU Q 121 32.26 6.45 -49.50
C LEU Q 121 33.64 5.99 -50.01
N LEU Q 122 34.34 5.18 -49.23
CA LEU Q 122 35.69 4.78 -49.62
C LEU Q 122 35.68 3.53 -50.48
N LEU Q 123 34.75 2.62 -50.28
CA LEU Q 123 34.57 1.53 -51.24
C LEU Q 123 34.18 2.18 -52.59
N ALA Q 124 33.15 3.03 -52.57
CA ALA Q 124 32.77 3.75 -53.77
C ALA Q 124 34.00 4.32 -54.48
N GLY Q 125 34.89 4.99 -53.74
CA GLY Q 125 36.12 5.53 -54.34
C GLY Q 125 36.97 4.45 -54.99
N LEU Q 126 37.27 3.41 -54.23
CA LEU Q 126 38.03 2.25 -54.72
C LEU Q 126 37.42 1.64 -55.98
N GLN Q 127 36.10 1.46 -55.97
CA GLN Q 127 35.42 0.85 -57.11
C GLN Q 127 35.56 1.72 -58.36
N ASN Q 128 35.26 3.01 -58.21
CA ASN Q 128 35.24 3.94 -59.35
C ASN Q 128 36.63 4.25 -59.92
N ALA Q 129 37.60 4.53 -59.08
CA ALA Q 129 38.98 4.59 -59.54
C ALA Q 129 39.34 3.29 -60.31
N GLY Q 130 38.52 2.24 -60.16
CA GLY Q 130 38.69 0.99 -60.92
C GLY Q 130 37.88 0.84 -62.22
N ARG Q 131 36.64 1.40 -62.30
CA ARG Q 131 35.85 1.37 -63.52
C ARG Q 131 36.37 2.39 -64.53
N PRO R 1 53.17 1.38 -26.75
CA PRO R 1 51.83 1.73 -27.17
C PRO R 1 50.76 1.79 -26.06
N LEU R 2 49.88 2.79 -26.19
CA LEU R 2 48.77 2.98 -25.28
C LEU R 2 47.49 2.72 -26.06
N ARG R 3 46.65 1.83 -25.53
CA ARG R 3 45.30 1.62 -26.01
C ARG R 3 44.44 1.40 -24.75
N LEU R 4 43.12 1.33 -24.91
CA LEU R 4 42.24 0.99 -23.79
C LEU R 4 42.20 -0.54 -23.66
N GLY R 5 42.61 -1.06 -22.51
CA GLY R 5 42.58 -2.51 -22.27
C GLY R 5 41.15 -3.06 -22.34
N GLY R 6 41.01 -4.34 -22.03
CA GLY R 6 39.68 -4.95 -21.96
C GLY R 6 38.71 -4.32 -20.94
N ASN R 7 39.20 -3.49 -20.01
CA ASN R 7 38.33 -2.86 -18.99
C ASN R 7 38.05 -1.35 -19.17
N GLY R 8 38.51 -0.74 -20.26
CA GLY R 8 38.16 0.66 -20.56
C GLY R 8 39.12 1.69 -19.99
N GLN R 9 40.11 1.22 -19.24
CA GLN R 9 41.21 2.09 -18.80
C GLN R 9 42.32 2.09 -19.83
N LEU R 10 42.93 3.26 -20.03
CA LEU R 10 44.11 3.34 -20.86
C LEU R 10 45.18 2.41 -20.27
N GLN R 11 46.04 1.90 -21.15
CA GLN R 11 46.96 0.78 -20.84
C GLN R 11 48.17 0.75 -21.81
N TYR R 12 49.20 -0.01 -21.43
CA TYR R 12 50.45 -0.02 -22.17
C TYR R 12 50.82 -1.41 -22.75
N TRP R 13 51.41 -1.41 -23.94
CA TRP R 13 52.11 -2.61 -24.47
C TRP R 13 53.26 -2.12 -25.36
N PRO R 14 54.46 -2.74 -25.22
CA PRO R 14 55.63 -2.21 -25.94
C PRO R 14 55.50 -2.57 -27.39
N PHE R 15 56.13 -1.82 -28.29
CA PHE R 15 56.16 -2.23 -29.71
C PHE R 15 56.61 -3.68 -29.86
N SER R 16 56.00 -4.38 -30.80
CA SER R 16 56.57 -5.62 -31.30
C SER R 16 57.81 -5.32 -32.18
N SER R 17 58.89 -6.07 -32.01
CA SER R 17 60.11 -5.74 -32.79
C SER R 17 59.86 -6.02 -34.26
N SER R 18 59.02 -7.03 -34.52
CA SER R 18 58.50 -7.30 -35.87
C SER R 18 57.95 -6.05 -36.53
N ASP R 19 56.99 -5.40 -35.89
CA ASP R 19 56.42 -4.20 -36.51
C ASP R 19 57.47 -3.14 -36.78
N LEU R 20 58.35 -2.86 -35.83
CA LEU R 20 59.37 -1.83 -36.06
C LEU R 20 60.38 -2.17 -37.20
N TYR R 21 60.82 -3.42 -37.30
CA TYR R 21 61.74 -3.83 -38.36
C TYR R 21 61.01 -4.02 -39.71
N ASN R 22 59.77 -4.56 -39.73
CA ASN R 22 58.99 -4.57 -40.98
C ASN R 22 58.86 -3.11 -41.46
N TRP R 23 58.62 -2.20 -40.53
CA TRP R 23 58.49 -0.78 -40.92
C TRP R 23 59.82 -0.18 -41.48
N LYS R 24 60.95 -0.75 -41.07
CA LYS R 24 62.26 -0.28 -41.52
C LYS R 24 62.54 -0.91 -42.89
N ASN R 25 62.33 -2.23 -42.95
CA ASN R 25 62.64 -3.08 -44.08
C ASN R 25 61.70 -3.00 -45.25
N ASN R 26 60.83 -2.00 -45.28
CA ASN R 26 59.79 -1.87 -46.30
C ASN R 26 59.64 -0.43 -46.71
N ASN R 27 60.67 0.35 -46.42
CA ASN R 27 60.64 1.76 -46.71
C ASN R 27 62.07 2.31 -46.93
N PRO R 28 62.16 3.44 -47.62
CA PRO R 28 63.45 4.03 -47.85
C PRO R 28 63.99 4.70 -46.60
N SER R 29 65.30 4.98 -46.58
CA SER R 29 65.91 5.76 -45.51
C SER R 29 65.22 7.12 -45.46
N PHE R 30 65.12 7.67 -44.27
CA PHE R 30 64.42 8.94 -44.10
C PHE R 30 65.04 9.98 -45.01
N SER R 31 66.38 10.05 -45.06
CA SER R 31 67.07 10.95 -46.00
C SER R 31 66.69 10.63 -47.46
N GLU R 32 67.02 9.41 -47.91
CA GLU R 32 66.72 8.92 -49.28
C GLU R 32 65.38 9.39 -49.83
N ASP R 33 64.29 8.89 -49.27
CA ASP R 33 62.96 9.47 -49.44
C ASP R 33 62.39 9.67 -48.03
N PRO R 34 62.22 10.93 -47.59
CA PRO R 34 61.65 11.15 -46.27
C PRO R 34 60.19 10.75 -46.25
N GLY R 35 59.35 11.56 -46.90
CA GLY R 35 57.89 11.38 -46.89
C GLY R 35 57.36 9.99 -46.55
N LYS R 36 57.72 9.00 -47.35
CA LYS R 36 57.29 7.63 -47.12
C LYS R 36 57.35 7.35 -45.59
N LEU R 37 58.52 6.99 -45.04
CA LEU R 37 58.71 6.91 -43.59
C LEU R 37 57.96 7.99 -42.80
N THR R 38 58.08 9.24 -43.24
CA THR R 38 57.52 10.36 -42.50
C THR R 38 56.03 10.14 -42.22
N ALA R 39 55.29 9.65 -43.20
CA ALA R 39 53.84 9.46 -43.07
C ALA R 39 53.50 8.20 -42.29
N LEU R 40 54.30 7.14 -42.46
CA LEU R 40 54.19 5.95 -41.62
C LEU R 40 54.41 6.36 -40.17
N ILE R 41 55.52 7.02 -39.87
CA ILE R 41 55.75 7.44 -38.50
C ILE R 41 54.54 8.24 -38.03
N GLU R 42 53.96 9.05 -38.92
CA GLU R 42 52.81 9.90 -38.55
C GLU R 42 51.58 9.08 -38.20
N SER R 43 51.27 8.08 -39.04
CA SER R 43 50.15 7.19 -38.79
C SER R 43 50.31 6.48 -37.44
N VAL R 44 51.44 5.80 -37.27
CA VAL R 44 51.74 5.05 -36.05
C VAL R 44 51.55 5.92 -34.80
N LEU R 45 52.07 7.15 -34.82
CA LEU R 45 51.90 8.09 -33.71
C LEU R 45 50.45 8.21 -33.29
N THR R 46 49.56 8.23 -34.27
CA THR R 46 48.12 8.24 -33.96
C THR R 46 47.65 6.83 -33.63
N THR R 47 48.01 5.89 -34.49
CA THR R 47 47.48 4.52 -34.37
C THR R 47 48.06 3.66 -33.21
N HIS R 48 49.25 4.01 -32.73
CA HIS R 48 49.88 3.27 -31.65
C HIS R 48 50.06 4.12 -30.38
N GLN R 49 49.79 5.43 -30.47
CA GLN R 49 49.83 6.35 -29.33
C GLN R 49 51.03 6.09 -28.47
N PRO R 50 52.21 6.16 -29.09
CA PRO R 50 53.44 5.89 -28.39
C PRO R 50 53.68 6.79 -27.19
N THR R 51 54.15 6.19 -26.10
CA THR R 51 54.77 6.94 -25.02
C THR R 51 56.02 7.69 -25.56
N TRP R 52 56.78 8.30 -24.67
CA TRP R 52 57.95 9.07 -25.06
C TRP R 52 59.06 8.07 -25.32
N ASP R 53 59.13 7.05 -24.49
CA ASP R 53 60.10 5.99 -24.68
C ASP R 53 59.75 5.31 -25.97
N ASP R 54 58.50 4.84 -26.10
CA ASP R 54 58.05 4.26 -27.37
C ASP R 54 58.64 5.03 -28.57
N CYS R 55 58.59 6.36 -28.51
CA CYS R 55 58.97 7.20 -29.64
C CYS R 55 60.45 7.10 -29.94
N GLN R 56 61.27 7.32 -28.91
CA GLN R 56 62.70 7.09 -29.00
C GLN R 56 62.95 5.77 -29.73
N GLN R 57 62.24 4.74 -29.32
CA GLN R 57 62.35 3.44 -29.95
C GLN R 57 61.96 3.42 -31.43
N LEU R 58 60.92 4.15 -31.81
CA LEU R 58 60.53 4.27 -33.23
C LEU R 58 61.65 4.96 -33.99
N LEU R 59 62.02 6.14 -33.53
CA LEU R 59 62.98 6.95 -34.24
C LEU R 59 64.35 6.23 -34.36
N GLY R 60 64.83 5.68 -33.26
CA GLY R 60 66.13 5.02 -33.23
C GLY R 60 66.21 3.74 -34.03
N THR R 61 65.09 3.11 -34.34
CA THR R 61 65.08 1.94 -35.21
C THR R 61 64.91 2.38 -36.65
N LEU R 62 64.29 3.53 -36.87
CA LEU R 62 63.96 4.00 -38.22
C LEU R 62 64.84 5.13 -38.77
N LEU R 63 65.74 5.65 -37.95
CA LEU R 63 66.56 6.77 -38.37
C LEU R 63 68.02 6.57 -37.92
N THR R 64 68.94 7.22 -38.63
CA THR R 64 70.36 7.24 -38.28
C THR R 64 70.63 8.32 -37.25
N GLY R 65 71.72 8.19 -36.49
CA GLY R 65 72.13 9.24 -35.56
C GLY R 65 71.93 10.63 -36.12
N GLU R 66 72.38 10.85 -37.35
CA GLU R 66 72.22 12.15 -38.04
C GLU R 66 70.76 12.53 -38.12
N GLU R 67 69.98 11.67 -38.75
CA GLU R 67 68.56 11.95 -38.98
C GLU R 67 67.87 12.28 -37.65
N LYS R 68 68.00 11.38 -36.69
CA LYS R 68 67.36 11.57 -35.39
C LYS R 68 67.77 12.93 -34.78
N GLN R 69 69.00 13.37 -35.06
CA GLN R 69 69.49 14.67 -34.60
C GLN R 69 68.65 15.83 -35.15
N ARG R 70 68.48 15.87 -36.47
CA ARG R 70 67.72 16.94 -37.13
C ARG R 70 66.25 16.89 -36.75
N VAL R 71 65.71 15.70 -36.69
CA VAL R 71 64.31 15.52 -36.36
C VAL R 71 64.00 16.07 -34.96
N LEU R 72 64.88 15.83 -33.98
CA LEU R 72 64.66 16.36 -32.61
C LEU R 72 64.96 17.87 -32.53
N LEU R 73 66.04 18.33 -33.19
CA LEU R 73 66.33 19.77 -33.25
C LEU R 73 65.13 20.57 -33.78
N GLU R 74 64.48 20.04 -34.82
CA GLU R 74 63.37 20.75 -35.47
C GLU R 74 62.12 20.72 -34.58
N ALA R 75 61.75 19.53 -34.12
CA ALA R 75 60.64 19.41 -33.18
C ALA R 75 60.74 20.50 -32.13
N ARG R 76 61.93 20.67 -31.57
CA ARG R 76 62.21 21.73 -30.59
C ARG R 76 61.93 23.15 -31.13
N LYS R 77 62.43 23.42 -32.35
CA LYS R 77 62.24 24.71 -33.00
C LYS R 77 60.80 25.22 -32.92
N ALA R 78 59.82 24.38 -33.27
CA ALA R 78 58.42 24.81 -33.28
C ALA R 78 57.75 24.65 -31.91
N VAL R 79 57.80 25.70 -31.08
CA VAL R 79 56.99 25.74 -29.84
C VAL R 79 56.53 27.17 -29.48
N GLN R 88 60.99 31.66 -27.79
CA GLN R 88 61.20 30.24 -27.52
C GLN R 88 62.18 30.05 -26.35
N LEU R 89 61.60 30.04 -25.14
CA LEU R 89 62.35 30.05 -23.87
C LEU R 89 62.92 28.66 -23.48
N PRO R 90 64.20 28.62 -22.99
CA PRO R 90 64.84 27.34 -22.58
C PRO R 90 63.97 26.38 -21.72
N ASN R 91 63.60 26.74 -20.49
CA ASN R 91 62.78 25.84 -19.66
C ASN R 91 61.27 25.88 -19.99
N GLU R 92 60.96 25.96 -21.27
CA GLU R 92 59.60 25.66 -21.75
C GLU R 92 59.65 24.98 -23.13
N VAL R 93 60.77 25.11 -23.85
CA VAL R 93 61.12 24.15 -24.90
C VAL R 93 61.27 22.77 -24.24
N ASP R 94 62.00 22.72 -23.13
CA ASP R 94 62.25 21.47 -22.41
C ASP R 94 60.98 20.96 -21.74
N ALA R 95 60.07 21.85 -21.37
CA ALA R 95 58.74 21.44 -20.87
C ALA R 95 57.92 20.65 -21.93
N ALA R 96 58.03 21.06 -23.18
CA ALA R 96 57.14 20.59 -24.25
C ALA R 96 57.71 19.40 -25.04
N PHE R 97 59.00 19.45 -25.37
CA PHE R 97 59.67 18.43 -26.19
C PHE R 97 61.06 18.15 -25.60
N PRO R 98 61.16 17.28 -24.58
CA PRO R 98 62.44 17.08 -23.89
C PRO R 98 63.39 16.03 -24.54
N LEU R 99 64.70 16.27 -24.43
CA LEU R 99 65.68 15.29 -24.91
C LEU R 99 65.86 14.14 -23.92
N GLU R 100 65.93 14.42 -22.62
CA GLU R 100 66.01 13.37 -21.60
C GLU R 100 64.62 12.94 -21.15
N ARG R 101 64.48 11.84 -20.45
CA ARG R 101 63.20 11.21 -20.16
C ARG R 101 62.36 12.07 -19.22
N PRO R 102 61.09 12.39 -19.63
CA PRO R 102 60.16 13.11 -18.77
C PRO R 102 59.55 12.14 -17.78
N ASP R 103 58.35 12.45 -17.26
CA ASP R 103 57.72 11.64 -16.21
C ASP R 103 56.22 11.88 -16.26
N TRP R 104 55.66 11.70 -17.44
CA TRP R 104 54.30 12.12 -17.72
C TRP R 104 53.30 11.09 -17.21
N ASP R 105 52.27 11.56 -16.50
CA ASP R 105 51.21 10.69 -15.96
C ASP R 105 50.25 10.41 -17.11
N TYR R 106 50.46 9.30 -17.82
CA TYR R 106 49.59 8.98 -18.97
C TYR R 106 48.19 8.50 -18.54
N THR R 107 47.98 8.46 -17.21
CA THR R 107 46.64 8.22 -16.64
C THR R 107 45.81 9.54 -16.44
N THR R 108 46.45 10.72 -16.36
CA THR R 108 45.74 12.03 -16.28
C THR R 108 45.86 12.87 -17.57
N THR R 109 44.88 13.75 -17.80
CA THR R 109 44.96 14.77 -18.88
C THR R 109 46.13 15.78 -18.71
N GLU R 110 46.81 15.71 -17.57
CA GLU R 110 48.05 16.47 -17.32
C GLU R 110 49.13 15.86 -18.21
N GLY R 111 49.23 14.52 -18.16
CA GLY R 111 50.16 13.78 -19.03
C GLY R 111 49.74 13.71 -20.49
N ARG R 112 48.54 13.20 -20.76
CA ARG R 112 48.04 13.06 -22.14
C ARG R 112 48.21 14.32 -22.99
N ASN R 113 48.03 15.48 -22.35
CA ASN R 113 48.30 16.78 -22.99
C ASN R 113 49.75 16.86 -23.42
N HIS R 114 50.65 16.52 -22.50
CA HIS R 114 52.06 16.56 -22.82
C HIS R 114 52.40 15.53 -23.93
N LEU R 115 51.77 14.35 -23.91
CA LEU R 115 52.00 13.40 -25.00
C LEU R 115 51.54 14.05 -26.28
N VAL R 116 50.24 14.32 -26.36
CA VAL R 116 49.66 15.08 -27.48
C VAL R 116 50.59 16.18 -28.03
N LEU R 117 51.05 17.10 -27.19
CA LEU R 117 51.95 18.14 -27.73
C LEU R 117 53.15 17.45 -28.34
N TYR R 118 53.77 16.54 -27.60
CA TYR R 118 55.00 15.84 -28.06
C TYR R 118 54.85 15.13 -29.42
N ARG R 119 53.88 14.23 -29.52
CA ARG R 119 53.58 13.56 -30.79
C ARG R 119 53.38 14.57 -31.93
N GLN R 120 52.59 15.61 -31.66
CA GLN R 120 52.42 16.68 -32.64
C GLN R 120 53.75 17.29 -33.02
N LEU R 121 54.59 17.55 -32.02
CA LEU R 121 55.87 18.21 -32.24
C LEU R 121 56.88 17.34 -32.98
N LEU R 122 56.86 16.03 -32.76
CA LEU R 122 57.83 15.18 -33.44
C LEU R 122 57.47 15.12 -34.90
N LEU R 123 56.18 15.28 -35.18
CA LEU R 123 55.68 15.28 -36.56
C LEU R 123 56.09 16.56 -37.29
N ALA R 124 56.09 17.68 -36.58
CA ALA R 124 56.69 18.89 -37.12
C ALA R 124 58.14 18.60 -37.46
N GLY R 125 58.86 18.06 -36.47
CA GLY R 125 60.29 17.80 -36.61
C GLY R 125 60.60 16.98 -37.86
N LEU R 126 59.91 15.84 -37.98
CA LEU R 126 60.02 14.97 -39.15
C LEU R 126 59.79 15.70 -40.48
N GLN R 127 58.64 16.38 -40.58
CA GLN R 127 58.32 17.21 -41.74
C GLN R 127 59.43 18.24 -41.97
N ASN R 128 59.59 19.14 -41.01
CA ASN R 128 60.51 20.28 -41.19
C ASN R 128 61.98 19.91 -41.40
N ALA R 129 62.35 18.66 -41.17
CA ALA R 129 63.70 18.18 -41.41
C ALA R 129 63.85 17.72 -42.87
N GLY R 130 62.71 17.39 -43.50
CA GLY R 130 62.68 17.12 -44.95
C GLY R 130 63.11 18.35 -45.76
N ARG R 131 62.46 19.49 -45.48
CA ARG R 131 62.77 20.77 -46.11
C ARG R 131 64.15 21.30 -45.67
N PRO S 1 2.41 -13.61 -28.70
CA PRO S 1 1.69 -14.17 -29.82
C PRO S 1 2.47 -14.22 -31.13
N LEU S 2 2.17 -15.24 -31.94
CA LEU S 2 2.71 -15.34 -33.29
C LEU S 2 1.61 -15.51 -34.33
N ARG S 3 2.03 -15.22 -35.56
CA ARG S 3 1.16 -14.90 -36.67
C ARG S 3 2.03 -15.04 -37.94
N LEU S 4 1.47 -15.58 -39.02
CA LEU S 4 2.20 -15.63 -40.29
C LEU S 4 2.26 -14.19 -40.84
N GLY S 5 3.42 -13.55 -40.67
CA GLY S 5 3.63 -12.19 -41.17
C GLY S 5 3.59 -12.09 -42.69
N GLY S 6 3.47 -10.87 -43.19
CA GLY S 6 3.36 -10.62 -44.62
C GLY S 6 4.56 -11.16 -45.35
N ASN S 7 5.73 -11.09 -44.70
CA ASN S 7 6.96 -11.62 -45.31
C ASN S 7 7.06 -13.16 -45.33
N GLY S 8 6.02 -13.87 -44.90
CA GLY S 8 6.03 -15.34 -44.88
C GLY S 8 6.61 -15.92 -43.58
N GLN S 9 7.22 -15.04 -42.77
CA GLN S 9 7.78 -15.40 -41.48
C GLN S 9 6.86 -15.02 -40.29
N LEU S 10 6.74 -15.96 -39.36
CA LEU S 10 6.14 -15.75 -38.06
C LEU S 10 6.57 -14.40 -37.49
N GLN S 11 5.58 -13.68 -36.95
CA GLN S 11 5.78 -12.39 -36.32
C GLN S 11 5.23 -12.38 -34.91
N TYR S 12 6.06 -11.87 -33.99
CA TYR S 12 5.77 -11.82 -32.58
C TYR S 12 5.16 -10.50 -32.21
N TRP S 13 4.18 -10.55 -31.32
CA TRP S 13 3.76 -9.34 -30.63
C TRP S 13 3.30 -9.72 -29.21
N PRO S 14 3.42 -8.78 -28.25
CA PRO S 14 3.00 -9.12 -26.89
C PRO S 14 1.49 -9.08 -26.69
N PHE S 15 0.99 -9.96 -25.85
CA PHE S 15 -0.33 -9.78 -25.24
C PHE S 15 -0.50 -8.33 -24.79
N SER S 16 -1.68 -7.79 -25.04
CA SER S 16 -2.07 -6.57 -24.36
C SER S 16 -2.58 -6.98 -22.97
N SER S 17 -2.12 -6.27 -21.96
CA SER S 17 -2.63 -6.43 -20.63
C SER S 17 -4.14 -6.60 -20.68
N SER S 18 -4.83 -5.70 -21.40
CA SER S 18 -6.31 -5.76 -21.57
C SER S 18 -6.94 -7.14 -21.81
N ASP S 19 -6.38 -7.89 -22.75
CA ASP S 19 -6.95 -9.18 -23.05
C ASP S 19 -6.77 -10.10 -21.84
N LEU S 20 -5.61 -10.01 -21.21
CA LEU S 20 -5.23 -10.87 -20.10
C LEU S 20 -6.10 -10.57 -18.87
N TYR S 21 -6.23 -9.29 -18.56
CA TYR S 21 -7.03 -8.91 -17.43
C TYR S 21 -8.51 -9.17 -17.68
N ASN S 22 -8.98 -9.01 -18.93
CA ASN S 22 -10.37 -9.31 -19.23
C ASN S 22 -10.61 -10.76 -19.01
N TRP S 23 -9.69 -11.62 -19.49
CA TRP S 23 -9.90 -13.07 -19.38
C TRP S 23 -10.00 -13.49 -17.91
N LYS S 24 -9.22 -12.85 -17.06
CA LYS S 24 -9.25 -13.13 -15.63
C LYS S 24 -10.59 -12.73 -15.02
N ASN S 25 -11.04 -11.53 -15.35
CA ASN S 25 -12.29 -10.96 -14.82
C ASN S 25 -13.53 -11.63 -15.33
N ASN S 26 -13.58 -12.02 -16.58
CA ASN S 26 -14.82 -12.59 -17.06
C ASN S 26 -14.91 -14.07 -16.76
N ASN S 27 -13.98 -14.59 -15.98
CA ASN S 27 -13.98 -15.97 -15.59
C ASN S 27 -13.73 -16.12 -14.10
N PRO S 28 -14.16 -17.26 -13.53
CA PRO S 28 -13.86 -17.59 -12.13
C PRO S 28 -12.51 -18.24 -12.02
N SER S 29 -11.98 -18.34 -10.81
CA SER S 29 -10.68 -18.96 -10.61
C SER S 29 -10.61 -20.38 -11.21
N PHE S 30 -9.38 -20.82 -11.48
CA PHE S 30 -9.14 -22.17 -11.97
C PHE S 30 -9.59 -23.19 -10.96
N SER S 31 -9.23 -22.98 -9.70
CA SER S 31 -9.68 -23.84 -8.62
C SER S 31 -11.20 -23.94 -8.54
N GLU S 32 -11.89 -22.81 -8.67
CA GLU S 32 -13.36 -22.77 -8.56
C GLU S 32 -14.08 -23.45 -9.73
N ASP S 33 -13.52 -23.38 -10.92
CA ASP S 33 -14.12 -24.00 -12.09
C ASP S 33 -13.06 -24.08 -13.17
N PRO S 34 -12.32 -25.21 -13.19
CA PRO S 34 -11.19 -25.41 -14.09
C PRO S 34 -11.60 -25.56 -15.53
N GLY S 35 -12.82 -26.02 -15.77
CA GLY S 35 -13.35 -26.14 -17.12
C GLY S 35 -13.35 -24.84 -17.90
N LYS S 36 -13.57 -23.70 -17.24
CA LYS S 36 -13.75 -22.42 -17.95
C LYS S 36 -12.40 -21.86 -18.43
N LEU S 37 -11.54 -21.51 -17.49
CA LEU S 37 -10.20 -21.03 -17.81
C LEU S 37 -9.36 -22.06 -18.59
N THR S 38 -9.71 -23.34 -18.51
CA THR S 38 -9.08 -24.34 -19.40
C THR S 38 -9.53 -24.14 -20.85
N ALA S 39 -10.85 -24.10 -21.06
CA ALA S 39 -11.44 -23.84 -22.40
C ALA S 39 -10.90 -22.57 -22.98
N LEU S 40 -10.81 -21.53 -22.16
CA LEU S 40 -10.32 -20.27 -22.63
C LEU S 40 -8.88 -20.39 -23.09
N ILE S 41 -8.02 -20.80 -22.18
CA ILE S 41 -6.59 -20.95 -22.45
C ILE S 41 -6.39 -21.81 -23.69
N GLU S 42 -7.13 -22.92 -23.83
CA GLU S 42 -7.03 -23.84 -24.98
C GLU S 42 -7.29 -23.15 -26.30
N SER S 43 -8.29 -22.30 -26.32
CA SER S 43 -8.56 -21.48 -27.48
C SER S 43 -7.38 -20.50 -27.66
N VAL S 44 -7.08 -19.75 -26.61
CA VAL S 44 -5.99 -18.80 -26.76
C VAL S 44 -4.67 -19.48 -27.21
N LEU S 45 -4.47 -20.74 -26.83
CA LEU S 45 -3.27 -21.47 -27.27
C LEU S 45 -3.21 -21.61 -28.79
N THR S 46 -4.38 -21.69 -29.44
CA THR S 46 -4.38 -21.81 -30.88
C THR S 46 -4.41 -20.44 -31.51
N THR S 47 -5.33 -19.59 -31.06
CA THR S 47 -5.62 -18.36 -31.78
C THR S 47 -4.50 -17.36 -31.61
N HIS S 48 -3.74 -17.45 -30.52
CA HIS S 48 -2.67 -16.50 -30.24
C HIS S 48 -1.28 -17.12 -30.38
N GLN S 49 -1.22 -18.39 -30.77
CA GLN S 49 0.05 -19.11 -31.00
C GLN S 49 1.15 -18.62 -30.06
N PRO S 50 0.91 -18.73 -28.75
CA PRO S 50 1.79 -18.11 -27.78
C PRO S 50 3.20 -18.70 -27.75
N THR S 51 4.23 -17.87 -27.54
CA THR S 51 5.58 -18.39 -27.24
C THR S 51 5.65 -18.97 -25.84
N TRP S 52 6.82 -19.48 -25.46
CA TRP S 52 7.03 -20.05 -24.12
C TRP S 52 6.89 -18.98 -23.08
N ASP S 53 7.49 -17.81 -23.34
CA ASP S 53 7.30 -16.65 -22.47
C ASP S 53 5.85 -16.22 -22.42
N ASP S 54 5.18 -16.18 -23.58
CA ASP S 54 3.78 -15.76 -23.62
C ASP S 54 2.97 -16.63 -22.66
N CYS S 55 3.28 -17.92 -22.56
CA CYS S 55 2.52 -18.80 -21.68
C CYS S 55 2.80 -18.57 -20.20
N GLN S 56 3.95 -18.01 -19.88
CA GLN S 56 4.22 -17.72 -18.47
C GLN S 56 3.33 -16.56 -18.07
N GLN S 57 3.03 -15.66 -19.02
CA GLN S 57 2.09 -14.59 -18.76
C GLN S 57 0.68 -15.16 -18.60
N LEU S 58 0.19 -15.91 -19.57
CA LEU S 58 -1.10 -16.55 -19.39
C LEU S 58 -1.26 -17.21 -18.02
N LEU S 59 -0.36 -18.12 -17.71
CA LEU S 59 -0.40 -18.88 -16.47
C LEU S 59 -0.18 -17.95 -15.26
N GLY S 60 0.80 -17.06 -15.35
CA GLY S 60 1.07 -16.08 -14.28
C GLY S 60 -0.10 -15.15 -13.96
N THR S 61 -0.96 -14.90 -14.93
CA THR S 61 -2.05 -13.95 -14.74
C THR S 61 -3.33 -14.69 -14.33
N LEU S 62 -3.66 -15.77 -15.00
CA LEU S 62 -4.94 -16.49 -14.80
C LEU S 62 -4.95 -17.51 -13.65
N LEU S 63 -3.78 -17.82 -13.11
CA LEU S 63 -3.68 -18.82 -12.08
C LEU S 63 -2.89 -18.29 -10.90
N THR S 64 -3.19 -18.84 -9.72
CA THR S 64 -2.45 -18.56 -8.49
C THR S 64 -1.25 -19.46 -8.44
N GLY S 65 -0.23 -19.07 -7.68
CA GLY S 65 0.91 -19.93 -7.40
C GLY S 65 0.54 -21.40 -7.23
N GLU S 66 -0.35 -21.70 -6.29
CA GLU S 66 -0.77 -23.09 -6.04
C GLU S 66 -1.21 -23.78 -7.33
N GLU S 67 -2.09 -23.10 -8.09
CA GLU S 67 -2.66 -23.64 -9.34
C GLU S 67 -1.62 -23.82 -10.43
N LYS S 68 -0.81 -22.78 -10.62
CA LYS S 68 0.28 -22.78 -11.60
C LYS S 68 1.32 -23.87 -11.30
N GLN S 69 1.65 -24.09 -10.02
CA GLN S 69 2.64 -25.10 -9.65
C GLN S 69 2.07 -26.53 -9.80
N ARG S 70 0.78 -26.71 -9.54
CA ARG S 70 0.12 -27.97 -9.90
C ARG S 70 0.26 -28.17 -11.41
N VAL S 71 -0.28 -27.24 -12.19
CA VAL S 71 -0.32 -27.38 -13.66
C VAL S 71 1.03 -27.72 -14.27
N LEU S 72 2.07 -26.99 -13.90
CA LEU S 72 3.40 -27.29 -14.43
C LEU S 72 3.81 -28.75 -14.13
N LEU S 73 3.76 -29.16 -12.87
CA LEU S 73 4.12 -30.55 -12.48
C LEU S 73 3.29 -31.63 -13.19
N GLU S 74 2.02 -31.34 -13.48
CA GLU S 74 1.12 -32.30 -14.12
C GLU S 74 1.39 -32.45 -15.62
N ALA S 75 1.79 -31.36 -16.26
CA ALA S 75 2.22 -31.38 -17.65
C ALA S 75 3.52 -32.19 -17.78
N ARG S 76 4.42 -32.05 -16.83
CA ARG S 76 5.69 -32.78 -16.86
C ARG S 76 5.52 -34.25 -16.46
N LYS S 77 4.44 -34.55 -15.75
CA LYS S 77 4.03 -35.92 -15.43
C LYS S 77 3.27 -36.57 -16.63
N ALA S 78 3.34 -35.93 -17.80
CA ALA S 78 2.63 -36.37 -19.01
C ALA S 78 3.59 -36.71 -20.18
N VAL S 79 4.69 -35.96 -20.29
CA VAL S 79 5.73 -36.21 -21.28
C VAL S 79 6.10 -37.70 -21.52
N ARG S 80 6.36 -37.98 -22.80
CA ARG S 80 6.62 -39.32 -23.27
C ARG S 80 7.92 -39.29 -24.04
N GLY S 81 8.79 -40.29 -23.82
CA GLY S 81 9.96 -40.51 -24.67
C GLY S 81 9.53 -40.96 -26.07
N ASN S 82 10.51 -41.24 -26.93
CA ASN S 82 10.22 -41.68 -28.31
C ASN S 82 9.47 -43.05 -28.41
N ASP S 83 9.54 -43.85 -27.35
CA ASP S 83 8.93 -45.19 -27.32
C ASP S 83 7.42 -45.18 -27.00
N GLY S 84 6.82 -43.99 -26.88
CA GLY S 84 5.38 -43.87 -26.69
C GLY S 84 4.94 -44.02 -25.24
N ARG S 85 5.66 -44.84 -24.46
CA ARG S 85 5.43 -44.95 -23.00
C ARG S 85 5.92 -43.67 -22.32
N PRO S 86 5.37 -43.33 -21.14
CA PRO S 86 5.71 -42.05 -20.52
C PRO S 86 7.11 -42.04 -19.89
N THR S 87 7.95 -41.07 -20.24
CA THR S 87 9.27 -40.95 -19.65
C THR S 87 9.19 -40.17 -18.33
N GLN S 88 10.17 -40.45 -17.47
CA GLN S 88 10.47 -39.63 -16.29
C GLN S 88 11.91 -39.09 -16.34
N LEU S 89 12.73 -39.58 -17.28
CA LEU S 89 14.12 -39.11 -17.44
C LEU S 89 14.22 -37.58 -17.47
N PRO S 90 14.80 -36.95 -16.41
CA PRO S 90 14.97 -35.49 -16.34
C PRO S 90 15.17 -34.76 -17.66
N ASN S 91 16.26 -35.06 -18.38
CA ASN S 91 16.62 -34.30 -19.60
C ASN S 91 15.56 -34.38 -20.73
N GLU S 92 14.75 -35.44 -20.73
CA GLU S 92 13.62 -35.57 -21.66
C GLU S 92 12.39 -34.74 -21.25
N VAL S 93 12.12 -34.71 -19.93
CA VAL S 93 11.07 -33.87 -19.36
C VAL S 93 11.48 -32.40 -19.54
N ASP S 94 12.68 -32.04 -19.11
CA ASP S 94 13.18 -30.67 -19.28
C ASP S 94 13.32 -30.26 -20.76
N ALA S 95 13.47 -31.24 -21.65
CA ALA S 95 13.56 -30.99 -23.11
C ALA S 95 12.21 -30.57 -23.64
N ALA S 96 11.18 -31.24 -23.13
CA ALA S 96 9.84 -31.12 -23.67
C ALA S 96 9.06 -29.95 -23.02
N PHE S 97 8.92 -30.01 -21.70
CA PHE S 97 8.28 -28.96 -20.96
C PHE S 97 9.27 -28.31 -20.00
N PRO S 98 10.18 -27.46 -20.53
CA PRO S 98 11.13 -26.81 -19.64
C PRO S 98 10.48 -25.84 -18.65
N LEU S 99 10.94 -25.90 -17.40
CA LEU S 99 10.59 -24.93 -16.37
C LEU S 99 11.31 -23.57 -16.58
N GLU S 100 12.49 -23.57 -17.19
CA GLU S 100 13.17 -22.29 -17.50
C GLU S 100 13.28 -22.04 -18.99
N ARG S 101 13.39 -20.76 -19.33
CA ARG S 101 13.27 -20.27 -20.70
C ARG S 101 14.18 -21.02 -21.66
N PRO S 102 13.58 -21.80 -22.59
CA PRO S 102 14.40 -22.54 -23.52
C PRO S 102 14.69 -21.64 -24.69
N ASP S 103 15.75 -21.94 -25.43
CA ASP S 103 16.14 -21.14 -26.59
C ASP S 103 15.51 -21.66 -27.90
N TRP S 104 14.20 -21.89 -27.88
CA TRP S 104 13.48 -22.28 -29.06
C TRP S 104 13.38 -21.09 -30.03
N ASP S 105 13.56 -21.34 -31.33
CA ASP S 105 13.67 -20.29 -32.35
C ASP S 105 12.49 -20.43 -33.30
N TYR S 106 11.48 -19.58 -33.15
CA TYR S 106 10.19 -19.78 -33.85
C TYR S 106 10.29 -19.74 -35.39
N THR S 107 11.33 -19.12 -35.94
CA THR S 107 11.54 -19.10 -37.40
C THR S 107 11.97 -20.46 -37.98
N THR S 108 12.51 -21.34 -37.13
CA THR S 108 12.99 -22.65 -37.57
C THR S 108 11.95 -23.71 -37.23
N THR S 109 11.97 -24.81 -37.98
CA THR S 109 10.94 -25.83 -37.87
C THR S 109 11.09 -26.73 -36.63
N GLU S 110 12.30 -26.91 -36.10
CA GLU S 110 12.45 -27.70 -34.86
C GLU S 110 12.04 -26.81 -33.69
N GLY S 111 12.21 -25.50 -33.88
CA GLY S 111 11.72 -24.51 -32.93
C GLY S 111 10.21 -24.47 -32.87
N ARG S 112 9.55 -24.63 -34.02
CA ARG S 112 8.11 -24.60 -34.05
C ARG S 112 7.56 -25.88 -33.48
N ASN S 113 8.25 -26.99 -33.73
CA ASN S 113 7.72 -28.29 -33.28
C ASN S 113 7.80 -28.43 -31.77
N HIS S 114 8.79 -27.79 -31.16
CA HIS S 114 8.87 -27.71 -29.70
C HIS S 114 7.67 -26.97 -29.09
N LEU S 115 7.33 -25.80 -29.66
CA LEU S 115 6.20 -25.00 -29.20
C LEU S 115 4.92 -25.82 -29.18
N VAL S 116 4.61 -26.39 -30.34
CA VAL S 116 3.46 -27.28 -30.49
C VAL S 116 3.42 -28.25 -29.33
N LEU S 117 4.49 -29.00 -29.14
CA LEU S 117 4.51 -30.04 -28.11
C LEU S 117 4.29 -29.45 -26.73
N TYR S 118 5.01 -28.36 -26.46
CA TYR S 118 4.85 -27.58 -25.23
C TYR S 118 3.42 -27.10 -24.98
N ARG S 119 2.86 -26.40 -25.98
CA ARG S 119 1.45 -26.01 -25.93
C ARG S 119 0.56 -27.20 -25.59
N GLN S 120 0.73 -28.32 -26.30
CA GLN S 120 -0.11 -29.52 -26.06
C GLN S 120 0.08 -30.06 -24.65
N LEU S 121 1.31 -29.98 -24.15
CA LEU S 121 1.66 -30.48 -22.84
C LEU S 121 1.09 -29.58 -21.74
N LEU S 122 1.06 -28.28 -21.97
CA LEU S 122 0.43 -27.34 -21.03
C LEU S 122 -1.09 -27.56 -20.96
N LEU S 123 -1.76 -27.69 -22.10
CA LEU S 123 -3.21 -28.06 -22.12
C LEU S 123 -3.46 -29.37 -21.36
N ALA S 124 -2.54 -30.31 -21.48
CA ALA S 124 -2.61 -31.54 -20.74
C ALA S 124 -2.53 -31.29 -19.24
N GLY S 125 -1.66 -30.36 -18.86
CA GLY S 125 -1.52 -29.97 -17.45
C GLY S 125 -2.80 -29.34 -16.92
N LEU S 126 -3.39 -28.43 -17.70
CA LEU S 126 -4.65 -27.83 -17.31
C LEU S 126 -5.72 -28.86 -17.05
N GLN S 127 -5.85 -29.84 -17.95
CA GLN S 127 -6.95 -30.80 -17.85
C GLN S 127 -6.77 -31.66 -16.61
N ASN S 128 -5.53 -32.06 -16.34
CA ASN S 128 -5.26 -33.04 -15.28
C ASN S 128 -5.14 -32.48 -13.88
N ALA S 129 -4.61 -31.26 -13.75
CA ALA S 129 -4.65 -30.55 -12.46
C ALA S 129 -6.11 -30.26 -12.10
N GLY S 130 -6.96 -30.05 -13.12
CA GLY S 130 -8.40 -29.87 -12.96
C GLY S 130 -9.19 -31.11 -12.49
N ARG S 131 -9.06 -32.23 -13.21
CA ARG S 131 -9.64 -33.52 -12.76
C ARG S 131 -9.31 -33.65 -11.28
N SER S 132 -8.03 -33.43 -10.94
CA SER S 132 -7.59 -33.20 -9.56
C SER S 132 -8.19 -31.90 -8.94
N PRO T 1 8.87 -0.19 -26.53
CA PRO T 1 9.20 -1.56 -26.86
C PRO T 1 9.82 -1.71 -28.23
N LEU T 2 10.34 -2.89 -28.53
CA LEU T 2 10.91 -3.18 -29.84
C LEU T 2 10.33 -4.48 -30.41
N ARG T 3 10.00 -4.45 -31.68
CA ARG T 3 9.64 -5.68 -32.33
C ARG T 3 9.97 -5.69 -33.82
N LEU T 4 9.86 -6.88 -34.41
CA LEU T 4 10.01 -7.07 -35.84
C LEU T 4 8.63 -6.93 -36.41
N GLY T 5 8.53 -6.17 -37.49
CA GLY T 5 7.28 -5.98 -38.19
C GLY T 5 6.90 -7.16 -39.07
N GLY T 6 6.02 -6.92 -40.02
CA GLY T 6 5.53 -7.96 -40.90
C GLY T 6 6.59 -8.31 -41.94
N ASN T 7 7.38 -7.31 -42.33
CA ASN T 7 8.51 -7.52 -43.25
C ASN T 7 9.70 -8.16 -42.54
N GLY T 8 9.78 -7.93 -41.22
CA GLY T 8 10.98 -8.26 -40.45
C GLY T 8 11.80 -7.01 -40.17
N GLN T 9 11.21 -5.86 -40.42
CA GLN T 9 11.86 -4.59 -40.08
C GLN T 9 11.67 -4.24 -38.59
N LEU T 10 12.75 -3.74 -37.99
CA LEU T 10 12.81 -3.39 -36.58
C LEU T 10 11.91 -2.19 -36.33
N GLN T 11 11.08 -2.28 -35.29
CA GLN T 11 10.08 -1.28 -34.98
C GLN T 11 10.15 -0.97 -33.49
N TYR T 12 10.29 0.31 -33.17
CA TYR T 12 10.15 0.79 -31.81
C TYR T 12 8.79 1.43 -31.69
N TRP T 13 8.12 1.16 -30.60
CA TRP T 13 6.87 1.85 -30.31
C TRP T 13 6.72 1.94 -28.78
N PRO T 14 6.27 3.11 -28.27
CA PRO T 14 6.34 3.34 -26.82
C PRO T 14 5.25 2.56 -26.10
N PHE T 15 5.46 2.28 -24.81
CA PHE T 15 4.42 1.68 -23.98
C PHE T 15 3.08 2.41 -24.08
N SER T 16 2.03 1.64 -24.24
CA SER T 16 0.72 2.15 -23.96
C SER T 16 0.62 2.46 -22.45
N SER T 17 0.17 3.67 -22.11
CA SER T 17 -0.05 4.02 -20.71
C SER T 17 -0.84 2.91 -20.06
N SER T 18 -1.91 2.50 -20.72
CA SER T 18 -2.88 1.60 -20.15
C SER T 18 -2.33 0.22 -19.82
N ASP T 19 -1.25 -0.20 -20.46
CA ASP T 19 -0.57 -1.43 -20.07
C ASP T 19 0.19 -1.23 -18.74
N LEU T 20 0.79 -0.06 -18.60
CA LEU T 20 1.59 0.24 -17.42
C LEU T 20 0.66 0.34 -16.19
N TYR T 21 -0.36 1.20 -16.30
CA TYR T 21 -1.30 1.33 -15.21
C TYR T 21 -2.00 0.02 -14.92
N ASN T 22 -2.36 -0.71 -15.97
CA ASN T 22 -2.97 -2.04 -15.80
C ASN T 22 -2.08 -2.95 -14.99
N TRP T 23 -0.79 -2.95 -15.33
CA TRP T 23 0.15 -3.74 -14.57
C TRP T 23 0.21 -3.22 -13.12
N LYS T 24 0.15 -1.90 -12.95
CA LYS T 24 0.20 -1.29 -11.61
C LYS T 24 -0.98 -1.72 -10.77
N ASN T 25 -2.17 -1.50 -11.34
CA ASN T 25 -3.42 -1.72 -10.62
C ASN T 25 -3.84 -3.16 -10.49
N ASN T 26 -3.02 -4.13 -10.79
CA ASN T 26 -3.43 -5.50 -10.55
C ASN T 26 -2.38 -6.30 -9.83
N ASN T 27 -1.46 -5.56 -9.25
CA ASN T 27 -0.42 -6.09 -8.41
C ASN T 27 -0.15 -5.06 -7.30
N PRO T 28 0.33 -5.53 -6.12
CA PRO T 28 0.66 -4.64 -5.02
C PRO T 28 2.10 -4.11 -5.08
N SER T 29 2.46 -3.33 -4.06
CA SER T 29 3.75 -2.66 -4.06
C SER T 29 4.86 -3.69 -4.22
N PHE T 30 5.98 -3.24 -4.75
CA PHE T 30 7.18 -4.06 -4.76
C PHE T 30 7.45 -4.44 -3.31
N SER T 31 7.44 -3.43 -2.43
CA SER T 31 7.59 -3.62 -0.98
C SER T 31 6.65 -4.68 -0.36
N GLU T 32 5.38 -4.74 -0.78
CA GLU T 32 4.41 -5.70 -0.20
C GLU T 32 4.54 -7.15 -0.67
N ASP T 33 4.37 -7.37 -1.97
CA ASP T 33 4.69 -8.66 -2.58
C ASP T 33 5.74 -8.31 -3.63
N PRO T 34 7.00 -8.65 -3.36
CA PRO T 34 8.06 -8.19 -4.25
C PRO T 34 8.17 -9.10 -5.47
N GLY T 35 8.05 -10.41 -5.24
CA GLY T 35 8.14 -11.43 -6.28
C GLY T 35 7.02 -11.39 -7.32
N LYS T 36 5.90 -10.73 -7.02
CA LYS T 36 4.83 -10.69 -8.00
C LYS T 36 5.16 -9.63 -9.04
N LEU T 37 5.69 -8.48 -8.64
CA LEU T 37 6.10 -7.44 -9.62
C LEU T 37 7.45 -7.76 -10.24
N THR T 38 8.18 -8.67 -9.61
CA THR T 38 9.47 -9.07 -10.15
C THR T 38 9.20 -10.01 -11.33
N ALA T 39 8.35 -10.99 -11.11
CA ALA T 39 7.93 -11.93 -12.17
C ALA T 39 7.34 -11.18 -13.35
N LEU T 40 6.56 -10.12 -13.10
CA LEU T 40 5.93 -9.37 -14.17
C LEU T 40 6.96 -8.63 -15.03
N ILE T 41 7.78 -7.82 -14.38
CA ILE T 41 8.75 -7.03 -15.07
C ILE T 41 9.69 -7.94 -15.85
N GLU T 42 10.21 -8.97 -15.17
CA GLU T 42 11.07 -9.95 -15.81
C GLU T 42 10.43 -10.38 -17.14
N SER T 43 9.19 -10.84 -17.02
CA SER T 43 8.41 -11.32 -18.14
C SER T 43 8.19 -10.23 -19.18
N VAL T 44 7.97 -8.98 -18.76
CA VAL T 44 7.83 -7.90 -19.73
C VAL T 44 9.17 -7.62 -20.38
N LEU T 45 10.25 -7.69 -19.60
CA LEU T 45 11.55 -7.34 -20.16
C LEU T 45 11.81 -8.18 -21.41
N THR T 46 11.51 -9.49 -21.36
CA THR T 46 11.56 -10.29 -22.58
C THR T 46 10.42 -9.99 -23.55
N THR T 47 9.17 -9.99 -23.09
CA THR T 47 8.06 -9.92 -24.05
C THR T 47 7.97 -8.61 -24.81
N HIS T 48 8.46 -7.53 -24.23
CA HIS T 48 8.36 -6.19 -24.82
C HIS T 48 9.74 -5.63 -25.27
N GLN T 49 10.80 -6.40 -25.07
CA GLN T 49 12.17 -5.92 -25.30
C GLN T 49 12.35 -4.42 -25.12
N PRO T 50 12.12 -3.89 -23.91
CA PRO T 50 12.15 -2.44 -23.68
C PRO T 50 13.50 -1.81 -23.99
N THR T 51 13.50 -0.53 -24.35
CA THR T 51 14.74 0.24 -24.43
C THR T 51 15.11 0.79 -23.06
N TRP T 52 16.26 1.43 -22.94
CA TRP T 52 16.68 1.98 -21.65
C TRP T 52 15.56 2.94 -21.18
N ASP T 53 15.02 3.72 -22.09
CA ASP T 53 13.94 4.62 -21.74
C ASP T 53 12.67 3.90 -21.31
N ASP T 54 12.35 2.79 -21.97
CA ASP T 54 11.15 2.06 -21.61
C ASP T 54 11.33 1.47 -20.22
N CYS T 55 12.50 0.95 -19.94
CA CYS T 55 12.81 0.48 -18.62
C CYS T 55 12.63 1.55 -17.56
N GLN T 56 13.05 2.78 -17.87
CA GLN T 56 12.92 3.84 -16.89
C GLN T 56 11.42 4.03 -16.53
N GLN T 57 10.56 4.18 -17.52
CA GLN T 57 9.11 4.30 -17.28
C GLN T 57 8.57 3.10 -16.54
N LEU T 58 8.93 1.92 -17.02
CA LEU T 58 8.46 0.69 -16.43
C LEU T 58 8.76 0.78 -14.95
N LEU T 59 10.02 0.95 -14.59
CA LEU T 59 10.40 1.08 -13.20
C LEU T 59 9.70 2.28 -12.50
N GLY T 60 9.67 3.47 -13.12
CA GLY T 60 9.09 4.68 -12.47
C GLY T 60 7.56 4.68 -12.25
N THR T 61 6.91 3.62 -12.67
CA THR T 61 5.47 3.56 -12.63
C THR T 61 5.03 2.45 -11.71
N LEU T 62 5.77 1.36 -11.69
CA LEU T 62 5.45 0.23 -10.83
C LEU T 62 6.18 0.28 -9.48
N LEU T 63 7.23 1.09 -9.38
CA LEU T 63 8.05 1.19 -8.16
C LEU T 63 8.00 2.59 -7.59
N THR T 64 8.08 2.67 -6.26
CA THR T 64 8.18 3.95 -5.57
C THR T 64 9.56 4.57 -5.87
N GLY T 65 9.66 5.90 -5.78
CA GLY T 65 10.95 6.55 -6.01
C GLY T 65 12.00 5.90 -5.14
N GLU T 66 11.56 5.47 -3.96
CA GLU T 66 12.41 4.83 -2.96
C GLU T 66 12.88 3.44 -3.45
N GLU T 67 11.92 2.59 -3.81
CA GLU T 67 12.19 1.22 -4.31
C GLU T 67 13.13 1.18 -5.53
N LYS T 68 13.01 2.18 -6.41
CA LYS T 68 13.77 2.25 -7.63
C LYS T 68 15.25 2.44 -7.34
N GLN T 69 15.57 3.18 -6.29
CA GLN T 69 16.97 3.40 -5.92
C GLN T 69 17.58 2.10 -5.41
N ARG T 70 16.90 1.42 -4.49
CA ARG T 70 17.34 0.09 -4.08
C ARG T 70 17.66 -0.67 -5.36
N VAL T 71 16.68 -0.77 -6.26
CA VAL T 71 16.81 -1.61 -7.46
C VAL T 71 18.02 -1.24 -8.34
N LEU T 72 18.10 0.01 -8.80
CA LEU T 72 19.23 0.45 -9.62
C LEU T 72 20.55 0.19 -8.92
N LEU T 73 20.59 0.41 -7.61
CA LEU T 73 21.82 0.21 -6.82
C LEU T 73 22.35 -1.21 -6.90
N GLU T 74 21.44 -2.18 -6.77
CA GLU T 74 21.78 -3.62 -6.78
C GLU T 74 22.10 -4.14 -8.19
N ALA T 75 21.57 -3.45 -9.19
CA ALA T 75 21.92 -3.69 -10.58
C ALA T 75 23.40 -3.36 -10.81
N ARG T 76 23.79 -2.16 -10.37
CA ARG T 76 25.18 -1.68 -10.49
C ARG T 76 26.19 -2.52 -9.68
N LYS T 77 25.71 -3.30 -8.71
CA LYS T 77 26.56 -4.21 -7.95
C LYS T 77 26.61 -5.60 -8.60
N ALA T 78 25.78 -5.83 -9.61
CA ALA T 78 25.84 -7.10 -10.36
C ALA T 78 26.87 -7.03 -11.47
N VAL T 79 27.32 -5.82 -11.81
CA VAL T 79 28.13 -5.60 -13.01
C VAL T 79 29.42 -6.41 -13.00
N ARG T 80 29.46 -7.43 -13.86
CA ARG T 80 30.69 -8.18 -14.12
C ARG T 80 31.47 -7.51 -15.26
N GLY T 81 32.80 -7.65 -15.23
CA GLY T 81 33.66 -6.99 -16.24
C GLY T 81 33.77 -7.79 -17.53
N ASN T 82 34.43 -7.21 -18.53
CA ASN T 82 34.73 -7.94 -19.79
C ASN T 82 35.42 -9.28 -19.48
N ASP T 83 36.26 -9.30 -18.45
CA ASP T 83 36.92 -10.53 -18.00
C ASP T 83 35.95 -11.61 -17.47
N GLY T 84 34.72 -11.21 -17.10
CA GLY T 84 33.67 -12.14 -16.62
C GLY T 84 33.45 -12.17 -15.11
N ARG T 85 34.31 -11.47 -14.37
CA ARG T 85 34.33 -11.49 -12.90
C ARG T 85 33.78 -10.17 -12.32
N PRO T 86 33.38 -10.18 -11.02
CA PRO T 86 32.87 -8.95 -10.42
C PRO T 86 33.89 -7.83 -10.36
N THR T 87 33.60 -6.76 -11.08
CA THR T 87 34.36 -5.51 -11.02
C THR T 87 33.49 -4.46 -10.37
N GLN T 88 34.10 -3.45 -9.77
CA GLN T 88 33.35 -2.28 -9.34
C GLN T 88 33.91 -1.00 -9.97
N LEU T 89 34.78 -1.17 -10.95
CA LEU T 89 35.38 -0.04 -11.67
C LEU T 89 34.30 0.90 -12.20
N PRO T 90 34.40 2.20 -11.86
CA PRO T 90 33.35 3.11 -12.29
C PRO T 90 33.06 3.03 -13.78
N ASN T 91 34.08 3.21 -14.60
CA ASN T 91 33.90 3.27 -16.06
C ASN T 91 33.15 2.04 -16.64
N GLU T 92 33.47 0.85 -16.13
CA GLU T 92 32.77 -0.37 -16.57
C GLU T 92 31.29 -0.34 -16.13
N VAL T 93 31.03 0.08 -14.89
CA VAL T 93 29.67 0.05 -14.36
C VAL T 93 28.77 1.12 -14.96
N ASP T 94 29.28 2.33 -15.17
CA ASP T 94 28.53 3.38 -15.87
C ASP T 94 28.24 2.99 -17.34
N ALA T 95 29.03 2.07 -17.90
CA ALA T 95 28.91 1.68 -19.32
C ALA T 95 27.93 0.53 -19.52
N ALA T 96 27.82 -0.34 -18.52
CA ALA T 96 26.97 -1.50 -18.58
C ALA T 96 25.60 -1.15 -18.02
N PHE T 97 25.60 -0.51 -16.86
CA PHE T 97 24.36 -0.02 -16.27
C PHE T 97 24.44 1.47 -16.04
N PRO T 98 24.20 2.26 -17.11
CA PRO T 98 24.20 3.71 -16.93
C PRO T 98 23.00 4.21 -16.12
N LEU T 99 23.20 5.27 -15.33
CA LEU T 99 22.11 6.00 -14.65
C LEU T 99 21.58 7.14 -15.52
N GLU T 100 22.46 7.85 -16.23
CA GLU T 100 22.02 8.86 -17.20
C GLU T 100 21.74 8.18 -18.53
N ARG T 101 20.87 8.73 -19.35
CA ARG T 101 20.53 8.06 -20.61
C ARG T 101 21.75 7.93 -21.51
N PRO T 102 22.01 6.72 -22.02
CA PRO T 102 23.09 6.52 -22.99
C PRO T 102 22.61 6.80 -24.42
N ASP T 103 23.55 6.88 -25.37
CA ASP T 103 23.17 6.86 -26.80
C ASP T 103 23.51 5.49 -27.35
N TRP T 104 22.60 4.56 -27.08
CA TRP T 104 22.60 3.22 -27.63
C TRP T 104 21.64 3.21 -28.82
N ASP T 105 22.13 2.78 -29.98
CA ASP T 105 21.33 2.76 -31.20
C ASP T 105 20.82 1.33 -31.41
N TYR T 106 19.49 1.18 -31.38
CA TYR T 106 18.87 -0.13 -31.33
C TYR T 106 18.87 -0.81 -32.70
N THR T 107 19.19 -0.03 -33.74
CA THR T 107 19.40 -0.56 -35.09
C THR T 107 20.84 -1.02 -35.30
N THR T 108 21.44 -1.63 -34.28
CA THR T 108 22.87 -2.01 -34.26
C THR T 108 23.15 -3.19 -33.30
N THR T 109 24.33 -3.79 -33.44
CA THR T 109 24.78 -4.90 -32.60
C THR T 109 25.23 -4.43 -31.22
N GLU T 110 25.80 -3.23 -31.16
CA GLU T 110 26.37 -2.70 -29.92
C GLU T 110 25.20 -2.28 -29.01
N GLY T 111 24.31 -1.45 -29.54
CA GLY T 111 23.10 -1.07 -28.81
C GLY T 111 22.36 -2.28 -28.27
N ARG T 112 22.07 -3.24 -29.13
CA ARG T 112 21.28 -4.42 -28.75
C ARG T 112 21.98 -5.29 -27.71
N ASN T 113 23.31 -5.41 -27.81
CA ASN T 113 24.09 -6.09 -26.76
C ASN T 113 24.07 -5.34 -25.44
N HIS T 114 24.26 -4.03 -25.50
CA HIS T 114 24.17 -3.19 -24.30
C HIS T 114 22.84 -3.37 -23.59
N LEU T 115 21.78 -3.41 -24.40
CA LEU T 115 20.36 -3.49 -23.97
C LEU T 115 20.10 -4.81 -23.27
N VAL T 116 20.55 -5.91 -23.88
CA VAL T 116 20.36 -7.24 -23.30
C VAL T 116 21.12 -7.42 -21.98
N LEU T 117 22.27 -6.75 -21.87
CA LEU T 117 23.07 -6.71 -20.65
C LEU T 117 22.35 -5.86 -19.60
N TYR T 118 21.81 -4.71 -20.03
CA TYR T 118 21.04 -3.86 -19.12
C TYR T 118 19.93 -4.70 -18.49
N ARG T 119 19.08 -5.28 -19.32
CA ARG T 119 17.97 -6.09 -18.82
C ARG T 119 18.34 -7.32 -17.96
N GLN T 120 19.60 -7.76 -18.01
CA GLN T 120 20.01 -8.87 -17.17
C GLN T 120 20.34 -8.35 -15.79
N LEU T 121 21.12 -7.27 -15.77
CA LEU T 121 21.50 -6.58 -14.53
C LEU T 121 20.28 -5.97 -13.76
N LEU T 122 19.31 -5.39 -14.48
CA LEU T 122 18.05 -4.97 -13.86
C LEU T 122 17.29 -6.13 -13.17
N LEU T 123 17.08 -7.25 -13.85
CA LEU T 123 16.54 -8.45 -13.20
C LEU T 123 17.34 -8.88 -11.95
N ALA T 124 18.64 -8.67 -12.00
CA ALA T 124 19.52 -8.93 -10.88
C ALA T 124 19.13 -7.95 -9.77
N GLY T 125 19.11 -6.68 -10.12
CA GLY T 125 18.80 -5.62 -9.17
C GLY T 125 17.46 -5.85 -8.53
N LEU T 126 16.50 -6.33 -9.32
CA LEU T 126 15.12 -6.48 -8.84
C LEU T 126 15.12 -7.61 -7.85
N GLN T 127 15.63 -8.75 -8.29
CA GLN T 127 15.69 -9.96 -7.47
C GLN T 127 16.49 -9.74 -6.18
N ASN T 128 17.69 -9.19 -6.29
CA ASN T 128 18.51 -8.87 -5.11
C ASN T 128 17.81 -7.89 -4.17
N ALA T 129 17.32 -6.76 -4.70
CA ALA T 129 16.51 -5.81 -3.92
C ALA T 129 15.33 -6.53 -3.25
N GLY T 130 14.78 -7.51 -3.96
CA GLY T 130 13.78 -8.44 -3.42
C GLY T 130 14.09 -9.10 -2.07
N ARG T 131 15.30 -8.94 -1.53
CA ARG T 131 15.61 -9.22 -0.13
C ARG T 131 15.81 -7.93 0.65
N SER T 132 14.65 -7.32 0.99
CA SER T 132 14.52 -6.11 1.83
C SER T 132 13.02 -5.90 2.09
N PRO U 1 3.99 12.54 -31.94
CA PRO U 1 5.21 11.80 -31.72
C PRO U 1 6.00 11.48 -32.99
N LEU U 2 7.28 11.16 -32.80
CA LEU U 2 8.17 10.74 -33.87
C LEU U 2 8.89 9.44 -33.52
N ARG U 3 8.95 8.51 -34.45
CA ARG U 3 10.02 7.50 -34.44
C ARG U 3 10.57 7.17 -35.84
N LEU U 4 11.67 6.41 -35.85
CA LEU U 4 12.28 5.90 -37.10
C LEU U 4 11.30 4.95 -37.74
N GLY U 5 10.94 5.21 -39.00
CA GLY U 5 10.00 4.36 -39.73
C GLY U 5 10.73 3.27 -40.50
N GLY U 6 9.98 2.43 -41.22
CA GLY U 6 10.54 1.44 -42.15
C GLY U 6 11.51 2.10 -43.12
N ASN U 7 11.00 3.09 -43.85
CA ASN U 7 11.81 3.85 -44.84
C ASN U 7 13.10 4.54 -44.34
N GLY U 8 13.38 4.46 -43.03
CA GLY U 8 14.55 5.11 -42.43
C GLY U 8 14.45 6.63 -42.26
N GLN U 9 13.22 7.16 -42.32
CA GLN U 9 12.95 8.58 -42.03
C GLN U 9 12.00 8.68 -40.82
N LEU U 10 11.98 9.85 -40.19
CA LEU U 10 11.16 10.03 -39.00
C LEU U 10 9.70 10.05 -39.44
N GLN U 11 8.87 9.24 -38.78
CA GLN U 11 7.43 9.14 -39.06
C GLN U 11 6.67 9.86 -37.95
N TYR U 12 5.58 10.57 -38.31
CA TYR U 12 4.77 11.26 -37.29
C TYR U 12 3.42 10.57 -37.06
N TRP U 13 3.06 10.45 -35.79
CA TRP U 13 1.65 10.21 -35.42
C TRP U 13 1.28 10.96 -34.16
N PRO U 14 -0.02 11.26 -34.01
CA PRO U 14 -0.43 12.07 -32.89
C PRO U 14 -0.62 11.26 -31.65
N PHE U 15 -0.33 11.88 -30.50
CA PHE U 15 -0.70 11.35 -29.18
C PHE U 15 -2.11 10.88 -29.16
N SER U 16 -2.35 9.76 -28.51
CA SER U 16 -3.72 9.38 -28.29
C SER U 16 -4.18 10.09 -27.01
N SER U 17 -5.42 10.56 -27.00
CA SER U 17 -6.01 11.23 -25.84
C SER U 17 -5.88 10.37 -24.60
N SER U 18 -6.19 9.09 -24.72
CA SER U 18 -6.04 8.16 -23.60
C SER U 18 -4.74 8.32 -22.82
N ASP U 19 -3.63 8.45 -23.54
CA ASP U 19 -2.34 8.53 -22.87
C ASP U 19 -2.26 9.82 -22.12
N LEU U 20 -2.83 10.86 -22.69
CA LEU U 20 -2.71 12.17 -22.10
C LEU U 20 -3.56 12.17 -20.84
N TYR U 21 -4.83 11.89 -21.00
CA TYR U 21 -5.71 11.89 -19.85
C TYR U 21 -5.32 10.81 -18.79
N ASN U 22 -4.79 9.65 -19.18
CA ASN U 22 -4.34 8.69 -18.17
C ASN U 22 -3.16 9.29 -17.34
N TRP U 23 -2.18 9.88 -18.04
CA TRP U 23 -1.03 10.51 -17.36
C TRP U 23 -1.49 11.60 -16.35
N LYS U 24 -2.60 12.28 -16.66
CA LYS U 24 -3.10 13.33 -15.77
C LYS U 24 -3.73 12.67 -14.53
N ASN U 25 -4.67 11.79 -14.83
CA ASN U 25 -5.48 11.11 -13.85
C ASN U 25 -4.70 10.13 -13.01
N ASN U 26 -3.43 9.94 -13.27
CA ASN U 26 -2.67 9.00 -12.46
C ASN U 26 -1.47 9.67 -11.78
N ASN U 27 -1.48 11.00 -11.84
CA ASN U 27 -0.50 11.81 -11.15
C ASN U 27 -1.13 13.00 -10.48
N PRO U 28 -0.49 13.53 -9.42
CA PRO U 28 -0.78 14.90 -8.98
C PRO U 28 -0.62 15.93 -10.07
N SER U 29 -0.94 17.17 -9.73
CA SER U 29 -0.53 18.31 -10.55
C SER U 29 0.94 18.64 -10.24
N PHE U 30 1.46 19.57 -11.04
CA PHE U 30 2.78 20.12 -10.83
C PHE U 30 2.90 20.69 -9.41
N SER U 31 1.90 21.48 -9.00
CA SER U 31 1.99 22.21 -7.75
C SER U 31 2.00 21.29 -6.52
N GLU U 32 1.05 20.38 -6.43
CA GLU U 32 1.02 19.44 -5.32
C GLU U 32 2.38 18.75 -5.08
N ASP U 33 3.04 18.36 -6.17
CA ASP U 33 4.32 17.64 -6.10
C ASP U 33 4.92 17.53 -7.47
N PRO U 34 5.75 18.51 -7.87
CA PRO U 34 6.16 18.73 -9.27
C PRO U 34 7.17 17.73 -9.78
N GLY U 35 7.96 17.17 -8.85
CA GLY U 35 8.88 16.07 -9.12
C GLY U 35 8.25 14.89 -9.84
N LYS U 36 6.97 14.61 -9.55
CA LYS U 36 6.15 13.56 -10.22
C LYS U 36 5.92 13.88 -11.68
N LEU U 37 5.13 14.90 -11.96
CA LEU U 37 4.83 15.22 -13.36
C LEU U 37 6.08 15.52 -14.17
N THR U 38 7.08 16.12 -13.54
CA THR U 38 8.32 16.42 -14.23
C THR U 38 9.06 15.13 -14.60
N ALA U 39 9.00 14.14 -13.71
CA ALA U 39 9.58 12.82 -14.00
C ALA U 39 8.86 12.17 -15.19
N LEU U 40 7.52 12.15 -15.18
CA LEU U 40 6.75 11.57 -16.29
C LEU U 40 6.96 12.32 -17.62
N ILE U 41 6.95 13.65 -17.58
CA ILE U 41 7.11 14.45 -18.79
C ILE U 41 8.49 14.19 -19.37
N GLU U 42 9.52 14.32 -18.55
CA GLU U 42 10.88 14.12 -19.03
C GLU U 42 10.93 12.88 -19.91
N SER U 43 10.35 11.78 -19.40
CA SER U 43 10.43 10.47 -20.04
C SER U 43 9.71 10.47 -21.40
N VAL U 44 8.49 11.01 -21.44
CA VAL U 44 7.70 11.11 -22.69
C VAL U 44 8.38 11.97 -23.76
N LEU U 45 9.11 12.99 -23.34
CA LEU U 45 9.94 13.75 -24.30
C LEU U 45 10.88 12.78 -25.05
N THR U 46 11.39 11.79 -24.31
CA THR U 46 12.35 10.86 -24.88
C THR U 46 11.66 9.76 -25.69
N THR U 47 10.73 9.05 -25.05
CA THR U 47 10.05 7.91 -25.67
C THR U 47 9.16 8.27 -26.87
N HIS U 48 8.59 9.46 -26.86
CA HIS U 48 7.61 9.88 -27.89
C HIS U 48 8.18 10.96 -28.78
N GLN U 49 9.39 11.41 -28.47
CA GLN U 49 10.09 12.36 -29.32
C GLN U 49 9.10 13.37 -29.91
N PRO U 50 8.39 14.11 -29.03
CA PRO U 50 7.30 14.96 -29.46
C PRO U 50 7.77 16.09 -30.39
N THR U 51 6.93 16.45 -31.37
CA THR U 51 7.16 17.65 -32.17
C THR U 51 7.02 18.85 -31.25
N TRP U 52 6.85 20.04 -31.82
CA TRP U 52 6.61 21.23 -30.98
C TRP U 52 5.14 21.23 -30.57
N ASP U 53 4.27 21.00 -31.54
CA ASP U 53 2.84 21.04 -31.31
C ASP U 53 2.54 19.99 -30.25
N ASP U 54 2.86 18.73 -30.54
CA ASP U 54 2.83 17.67 -29.51
C ASP U 54 3.11 18.21 -28.09
N CYS U 55 4.19 18.99 -27.92
CA CYS U 55 4.54 19.56 -26.62
C CYS U 55 3.46 20.42 -26.00
N GLN U 56 2.81 21.23 -26.84
CA GLN U 56 1.72 22.06 -26.39
C GLN U 56 0.65 21.23 -25.76
N GLN U 57 0.40 20.04 -26.31
CA GLN U 57 -0.60 19.10 -25.73
C GLN U 57 -0.15 18.51 -24.39
N LEU U 58 1.10 18.11 -24.27
CA LEU U 58 1.66 17.75 -22.95
C LEU U 58 1.54 18.91 -21.96
N LEU U 59 1.94 20.11 -22.38
CA LEU U 59 1.89 21.28 -21.50
C LEU U 59 0.43 21.65 -21.22
N GLY U 60 -0.37 21.73 -22.28
CA GLY U 60 -1.78 22.06 -22.16
C GLY U 60 -2.58 21.21 -21.20
N THR U 61 -2.22 19.95 -21.00
CA THR U 61 -3.12 19.04 -20.27
C THR U 61 -2.58 18.64 -18.91
N LEU U 62 -1.28 18.48 -18.82
CA LEU U 62 -0.69 18.15 -17.55
C LEU U 62 -0.60 19.35 -16.59
N LEU U 63 -0.44 20.55 -17.15
CA LEU U 63 -0.14 21.75 -16.38
C LEU U 63 -1.32 22.69 -16.42
N THR U 64 -1.54 23.39 -15.32
CA THR U 64 -2.53 24.47 -15.26
C THR U 64 -1.99 25.74 -15.97
N GLY U 65 -2.88 26.64 -16.40
CA GLY U 65 -2.44 27.92 -16.99
C GLY U 65 -1.29 28.53 -16.21
N GLU U 66 -1.51 28.75 -14.92
CA GLU U 66 -0.50 29.35 -14.03
C GLU U 66 0.76 28.49 -13.92
N GLU U 67 0.59 27.17 -13.85
CA GLU U 67 1.73 26.23 -13.85
C GLU U 67 2.44 26.26 -15.24
N LYS U 68 1.67 26.16 -16.32
CA LYS U 68 2.25 26.23 -17.67
C LYS U 68 3.11 27.50 -17.85
N GLN U 69 2.63 28.64 -17.34
CA GLN U 69 3.23 29.93 -17.66
C GLN U 69 4.57 30.11 -16.97
N ARG U 70 4.63 29.73 -15.71
CA ARG U 70 5.92 29.65 -15.03
C ARG U 70 6.89 28.78 -15.86
N VAL U 71 6.47 27.54 -16.15
CA VAL U 71 7.31 26.57 -16.85
C VAL U 71 7.77 27.10 -18.19
N LEU U 72 6.88 27.77 -18.94
CA LEU U 72 7.31 28.39 -20.21
C LEU U 72 8.43 29.38 -19.95
N LEU U 73 8.17 30.37 -19.08
CA LEU U 73 9.15 31.45 -18.85
C LEU U 73 10.49 30.85 -18.46
N GLU U 74 10.48 30.06 -17.38
CA GLU U 74 11.71 29.46 -16.84
C GLU U 74 12.59 28.80 -17.91
N ALA U 75 11.96 28.18 -18.90
CA ALA U 75 12.68 27.61 -20.04
C ALA U 75 13.37 28.72 -20.83
N ARG U 76 12.62 29.80 -21.07
CA ARG U 76 13.15 30.97 -21.77
C ARG U 76 14.28 31.66 -20.98
N LYS U 77 14.16 31.69 -19.65
CA LYS U 77 15.24 32.15 -18.76
C LYS U 77 16.57 31.36 -18.91
N ALA U 78 16.51 30.10 -19.36
CA ALA U 78 17.71 29.27 -19.57
C ALA U 78 18.20 29.19 -21.03
N VAL U 79 17.70 30.06 -21.90
CA VAL U 79 18.29 30.21 -23.23
C VAL U 79 19.67 30.87 -23.05
N ARG U 80 20.54 30.79 -24.06
CA ARG U 80 21.96 31.19 -23.92
C ARG U 80 22.53 31.81 -25.20
N GLU U 92 15.79 37.40 -30.40
CA GLU U 92 16.62 36.28 -30.86
C GLU U 92 16.29 34.98 -30.15
N VAL U 93 16.03 35.07 -28.84
CA VAL U 93 15.62 33.92 -28.00
C VAL U 93 14.42 33.16 -28.56
N ASP U 94 13.55 33.86 -29.29
CA ASP U 94 12.35 33.25 -29.82
C ASP U 94 12.68 32.03 -30.68
N ALA U 95 13.67 32.15 -31.56
CA ALA U 95 14.09 31.01 -32.38
C ALA U 95 14.49 29.78 -31.53
N ALA U 96 14.89 30.01 -30.28
CA ALA U 96 15.31 28.93 -29.36
C ALA U 96 14.11 28.20 -28.75
N PHE U 97 13.22 28.99 -28.13
CA PHE U 97 12.03 28.47 -27.50
C PHE U 97 10.84 29.33 -27.90
N PRO U 98 10.43 29.26 -29.16
CA PRO U 98 9.38 30.20 -29.54
C PRO U 98 8.09 29.89 -28.76
N LEU U 99 7.29 30.92 -28.53
CA LEU U 99 6.02 30.73 -27.82
C LEU U 99 4.94 30.45 -28.83
N GLU U 100 5.24 30.72 -30.10
CA GLU U 100 4.29 30.54 -31.18
C GLU U 100 4.91 29.59 -32.19
N ARG U 101 4.06 28.82 -32.86
CA ARG U 101 4.54 27.66 -33.61
C ARG U 101 5.68 28.01 -34.57
N PRO U 102 6.80 27.27 -34.48
CA PRO U 102 7.92 27.46 -35.38
C PRO U 102 7.71 26.70 -36.64
N ASP U 103 8.37 27.14 -37.71
CA ASP U 103 8.26 26.48 -39.01
C ASP U 103 9.49 25.58 -39.21
N TRP U 104 9.47 24.44 -38.55
CA TRP U 104 10.57 23.49 -38.58
C TRP U 104 10.25 22.30 -39.45
N ASP U 105 11.29 21.53 -39.75
CA ASP U 105 11.17 20.35 -40.59
C ASP U 105 11.92 19.19 -39.94
N TYR U 106 11.17 18.23 -39.40
CA TYR U 106 11.85 17.15 -38.67
C TYR U 106 12.71 16.27 -39.58
N THR U 107 12.56 16.40 -40.91
CA THR U 107 13.44 15.67 -41.84
C THR U 107 14.89 16.17 -41.75
N THR U 108 15.08 17.48 -41.52
CA THR U 108 16.39 18.16 -41.63
C THR U 108 17.14 18.23 -40.27
N THR U 109 18.47 18.18 -40.30
CA THR U 109 19.26 17.98 -39.05
C THR U 109 19.26 19.20 -38.11
N GLU U 110 18.95 20.38 -38.63
CA GLU U 110 18.85 21.57 -37.75
C GLU U 110 17.42 21.72 -37.18
N GLY U 111 16.39 21.51 -38.00
CA GLY U 111 15.02 21.38 -37.49
C GLY U 111 14.99 20.43 -36.30
N ARG U 112 15.65 19.28 -36.47
CA ARG U 112 15.83 18.31 -35.40
C ARG U 112 16.66 18.83 -34.21
N ASN U 113 17.67 19.66 -34.47
CA ASN U 113 18.49 20.22 -33.36
C ASN U 113 17.76 21.32 -32.58
N HIS U 114 16.85 22.03 -33.26
CA HIS U 114 15.97 22.98 -32.57
C HIS U 114 15.06 22.14 -31.68
N LEU U 115 14.42 21.14 -32.27
CA LEU U 115 13.61 20.18 -31.49
C LEU U 115 14.40 19.62 -30.28
N VAL U 116 15.57 19.02 -30.52
CA VAL U 116 16.41 18.55 -29.42
C VAL U 116 16.65 19.63 -28.36
N LEU U 117 16.92 20.86 -28.79
CA LEU U 117 17.18 21.98 -27.89
C LEU U 117 15.93 22.43 -27.13
N TYR U 118 14.81 22.59 -27.86
CA TYR U 118 13.51 22.97 -27.27
C TYR U 118 13.15 22.00 -26.15
N ARG U 119 13.32 20.71 -26.40
CA ARG U 119 13.08 19.68 -25.39
C ARG U 119 13.93 19.84 -24.13
N GLN U 120 15.20 20.17 -24.31
CA GLN U 120 16.08 20.31 -23.16
C GLN U 120 15.68 21.52 -22.35
N LEU U 121 15.44 22.64 -23.04
CA LEU U 121 15.08 23.90 -22.38
C LEU U 121 13.72 23.78 -21.67
N LEU U 122 12.76 23.13 -22.30
CA LEU U 122 11.51 22.84 -21.63
C LEU U 122 11.76 22.04 -20.35
N LEU U 123 12.67 21.07 -20.39
CA LEU U 123 12.96 20.26 -19.21
C LEU U 123 13.57 21.17 -18.17
N ALA U 124 14.53 21.99 -18.61
CA ALA U 124 15.13 23.01 -17.72
C ALA U 124 13.96 23.67 -17.00
N GLY U 125 13.13 24.34 -17.79
CA GLY U 125 11.87 24.91 -17.33
C GLY U 125 11.20 24.08 -16.28
N LEU U 126 10.55 22.99 -16.67
CA LEU U 126 9.88 22.14 -15.68
C LEU U 126 10.68 22.14 -14.36
N GLN U 127 11.84 21.48 -14.36
CA GLN U 127 12.73 21.49 -13.19
C GLN U 127 12.89 22.88 -12.60
N ASN U 128 13.20 23.88 -13.43
CA ASN U 128 13.45 25.26 -12.97
C ASN U 128 12.27 25.89 -12.21
N ALA U 129 11.01 25.61 -12.60
CA ALA U 129 9.86 26.01 -11.78
C ALA U 129 9.74 25.07 -10.57
N GLY U 130 10.80 25.07 -9.75
CA GLY U 130 10.84 24.44 -8.42
C GLY U 130 10.95 25.57 -7.40
N ARG U 131 10.12 26.60 -7.61
CA ARG U 131 10.08 27.82 -6.80
C ARG U 131 9.48 27.54 -5.42
N PRO V 1 -8.08 11.93 -39.85
CA PRO V 1 -6.82 12.64 -39.99
C PRO V 1 -5.95 12.15 -41.15
N LEU V 2 -4.81 12.82 -41.32
CA LEU V 2 -3.82 12.47 -42.33
C LEU V 2 -2.43 12.41 -41.71
N ARG V 3 -1.72 11.32 -42.00
CA ARG V 3 -0.27 11.23 -41.73
C ARG V 3 0.46 10.43 -42.83
N LEU V 4 1.75 10.69 -42.99
CA LEU V 4 2.62 9.83 -43.78
C LEU V 4 2.70 8.54 -42.98
N GLY V 5 2.66 7.38 -43.65
CA GLY V 5 2.66 6.08 -42.92
C GLY V 5 3.52 4.94 -43.45
N GLY V 6 4.82 5.00 -43.19
CA GLY V 6 5.73 3.90 -43.53
C GLY V 6 6.42 4.17 -44.85
N ASN V 7 5.62 4.14 -45.91
CA ASN V 7 6.09 4.45 -47.28
C ASN V 7 6.52 5.91 -47.47
N GLY V 8 5.91 6.80 -46.71
CA GLY V 8 6.12 8.24 -46.88
C GLY V 8 4.91 8.97 -47.44
N GLN V 9 4.09 8.26 -48.23
CA GLN V 9 2.83 8.84 -48.78
C GLN V 9 1.85 9.25 -47.66
N LEU V 10 1.20 10.42 -47.82
CA LEU V 10 0.19 10.90 -46.87
C LEU V 10 -1.12 10.15 -47.11
N GLN V 11 -1.60 9.50 -46.06
CA GLN V 11 -2.84 8.75 -46.15
C GLN V 11 -3.74 8.86 -44.91
N TYR V 12 -4.91 8.27 -45.00
CA TYR V 12 -6.04 8.68 -44.20
C TYR V 12 -6.58 7.59 -43.31
N TRP V 13 -6.55 7.83 -42.01
CA TRP V 13 -7.35 7.07 -41.04
C TRP V 13 -8.44 8.01 -40.45
N PRO V 14 -9.61 7.46 -40.13
CA PRO V 14 -10.65 8.25 -39.47
C PRO V 14 -10.35 8.44 -37.98
N PHE V 15 -11.03 9.42 -37.37
CA PHE V 15 -10.97 9.68 -35.90
C PHE V 15 -11.46 8.48 -35.12
N SER V 16 -10.80 8.24 -34.01
CA SER V 16 -11.30 7.34 -33.01
C SER V 16 -12.31 8.12 -32.15
N SER V 17 -13.53 7.60 -32.05
CA SER V 17 -14.55 8.13 -31.13
C SER V 17 -14.02 8.28 -29.70
N SER V 18 -13.17 7.38 -29.23
CA SER V 18 -12.61 7.57 -27.89
C SER V 18 -11.98 8.96 -27.79
N ASP V 19 -11.03 9.25 -28.69
CA ASP V 19 -10.37 10.58 -28.70
C ASP V 19 -11.30 11.79 -28.73
N LEU V 20 -12.44 11.65 -29.43
CA LEU V 20 -13.40 12.75 -29.60
C LEU V 20 -14.14 12.99 -28.29
N TYR V 21 -14.84 11.97 -27.85
CA TYR V 21 -15.55 12.02 -26.60
C TYR V 21 -14.61 12.40 -25.47
N ASN V 22 -13.35 11.92 -25.51
CA ASN V 22 -12.38 12.29 -24.47
C ASN V 22 -12.20 13.79 -24.42
N TRP V 23 -11.91 14.35 -25.60
CA TRP V 23 -11.72 15.77 -25.75
C TRP V 23 -12.96 16.55 -25.27
N LYS V 24 -14.13 16.02 -25.59
CA LYS V 24 -15.38 16.63 -25.16
C LYS V 24 -15.49 16.62 -23.61
N ASN V 25 -15.61 15.43 -23.05
CA ASN V 25 -15.72 15.23 -21.61
C ASN V 25 -14.57 15.73 -20.72
N ASN V 26 -13.46 16.21 -21.27
CA ASN V 26 -12.40 16.78 -20.44
C ASN V 26 -12.18 18.27 -20.74
N ASN V 27 -13.12 18.88 -21.45
CA ASN V 27 -13.07 20.32 -21.61
C ASN V 27 -14.48 20.92 -21.50
N PRO V 28 -14.58 22.23 -21.24
CA PRO V 28 -15.91 22.86 -21.14
C PRO V 28 -16.55 22.84 -22.50
N SER V 29 -17.89 22.86 -22.57
CA SER V 29 -18.60 23.10 -23.84
C SER V 29 -18.25 24.51 -24.34
N PHE V 30 -18.69 24.85 -25.55
CA PHE V 30 -18.06 25.98 -26.26
C PHE V 30 -18.14 27.31 -25.48
N SER V 31 -19.36 27.81 -25.32
CA SER V 31 -19.63 29.11 -24.65
C SER V 31 -19.09 29.26 -23.19
N GLU V 32 -19.07 28.16 -22.45
CA GLU V 32 -18.62 28.14 -21.06
C GLU V 32 -17.21 28.71 -20.93
N ASP V 33 -16.33 28.29 -21.85
CA ASP V 33 -14.98 28.84 -22.00
C ASP V 33 -14.43 28.41 -23.37
N PRO V 34 -14.67 29.22 -24.43
CA PRO V 34 -14.07 29.04 -25.76
C PRO V 34 -12.54 28.87 -25.84
N GLY V 35 -11.78 29.77 -25.21
CA GLY V 35 -10.30 29.64 -25.13
C GLY V 35 -9.75 28.24 -24.79
N LYS V 36 -10.52 27.45 -24.05
CA LYS V 36 -10.18 26.04 -23.85
C LYS V 36 -10.34 25.32 -25.18
N LEU V 37 -11.57 25.15 -25.67
CA LEU V 37 -11.77 24.44 -26.95
C LEU V 37 -10.94 25.02 -28.09
N THR V 38 -10.90 26.34 -28.24
CA THR V 38 -10.14 26.90 -29.37
C THR V 38 -8.70 26.34 -29.39
N ALA V 39 -8.01 26.38 -28.25
CA ALA V 39 -6.65 25.81 -28.16
C ALA V 39 -6.63 24.28 -28.42
N LEU V 40 -7.71 23.55 -28.09
CA LEU V 40 -7.79 22.13 -28.43
C LEU V 40 -7.89 21.96 -29.95
N ILE V 41 -8.92 22.53 -30.58
CA ILE V 41 -9.12 22.28 -32.01
C ILE V 41 -7.90 22.76 -32.78
N GLU V 42 -7.43 23.97 -32.48
CA GLU V 42 -6.26 24.52 -33.18
C GLU V 42 -5.06 23.57 -33.13
N SER V 43 -4.87 22.93 -31.98
CA SER V 43 -3.82 21.92 -31.81
C SER V 43 -4.12 20.66 -32.62
N VAL V 44 -5.39 20.25 -32.59
CA VAL V 44 -5.82 19.07 -33.33
C VAL V 44 -5.86 19.34 -34.84
N LEU V 45 -5.90 20.62 -35.21
CA LEU V 45 -5.96 20.99 -36.62
C LEU V 45 -4.59 20.67 -37.21
N THR V 46 -3.53 21.08 -36.52
CA THR V 46 -2.16 20.69 -36.90
C THR V 46 -1.92 19.20 -36.65
N THR V 47 -2.00 18.76 -35.39
CA THR V 47 -1.44 17.46 -35.06
C THR V 47 -2.10 16.35 -35.84
N HIS V 48 -3.39 16.51 -36.20
CA HIS V 48 -4.16 15.43 -36.86
C HIS V 48 -4.46 15.68 -38.35
N GLN V 49 -4.08 16.84 -38.87
CA GLN V 49 -4.35 17.16 -40.27
C GLN V 49 -5.70 16.63 -40.73
N PRO V 50 -6.80 17.17 -40.17
CA PRO V 50 -8.09 16.65 -40.57
C PRO V 50 -8.44 17.07 -41.96
N THR V 51 -9.12 16.18 -42.66
CA THR V 51 -9.74 16.41 -43.97
C THR V 51 -11.00 17.24 -43.77
N TRP V 52 -11.74 17.51 -44.85
CA TRP V 52 -12.95 18.34 -44.72
C TRP V 52 -13.96 17.65 -43.83
N ASP V 53 -14.30 16.41 -44.16
CA ASP V 53 -15.31 15.68 -43.42
C ASP V 53 -14.88 15.54 -41.96
N ASP V 54 -13.61 15.21 -41.71
CA ASP V 54 -13.10 15.10 -40.33
C ASP V 54 -13.50 16.33 -39.53
N CYS V 55 -13.18 17.49 -40.09
CA CYS V 55 -13.50 18.78 -39.49
C CYS V 55 -14.97 18.92 -39.10
N GLN V 56 -15.89 18.39 -39.91
CA GLN V 56 -17.31 18.34 -39.47
C GLN V 56 -17.33 17.51 -38.19
N GLN V 57 -17.12 16.21 -38.37
CA GLN V 57 -17.14 15.24 -37.29
C GLN V 57 -16.56 15.85 -36.02
N LEU V 58 -15.42 16.55 -36.14
CA LEU V 58 -14.82 17.23 -34.99
C LEU V 58 -15.74 18.32 -34.40
N LEU V 59 -16.09 19.32 -35.20
CA LEU V 59 -17.01 20.39 -34.79
C LEU V 59 -18.34 19.81 -34.26
N GLY V 60 -19.01 19.01 -35.08
CA GLY V 60 -20.34 18.50 -34.74
C GLY V 60 -20.43 17.67 -33.47
N THR V 61 -19.27 17.41 -32.87
CA THR V 61 -19.15 16.54 -31.72
C THR V 61 -18.81 17.39 -30.51
N LEU V 62 -17.85 18.31 -30.66
CA LEU V 62 -17.48 19.26 -29.60
C LEU V 62 -18.34 20.56 -29.54
N LEU V 63 -19.11 20.86 -30.59
CA LEU V 63 -19.86 22.15 -30.64
C LEU V 63 -21.32 21.93 -30.39
N THR V 64 -21.98 22.96 -29.84
CA THR V 64 -23.45 23.00 -29.79
C THR V 64 -23.97 23.10 -31.24
N GLY V 65 -25.01 22.32 -31.58
CA GLY V 65 -25.48 22.23 -32.96
C GLY V 65 -25.55 23.57 -33.69
N GLU V 66 -26.05 24.59 -32.98
CA GLU V 66 -26.16 25.96 -33.53
C GLU V 66 -25.08 26.90 -32.96
N GLU V 67 -24.11 26.36 -32.22
CA GLU V 67 -22.82 27.04 -31.92
C GLU V 67 -21.80 26.68 -33.00
N LYS V 68 -22.11 25.59 -33.71
CA LYS V 68 -21.35 25.18 -34.89
C LYS V 68 -21.61 26.17 -36.05
N GLN V 69 -22.88 26.32 -36.46
CA GLN V 69 -23.19 27.17 -37.63
C GLN V 69 -22.66 28.60 -37.50
N ARG V 70 -22.51 29.07 -36.26
CA ARG V 70 -21.91 30.37 -36.02
C ARG V 70 -20.42 30.34 -36.30
N VAL V 71 -19.73 29.29 -35.88
CA VAL V 71 -18.30 29.18 -36.16
C VAL V 71 -18.10 29.25 -37.67
N LEU V 72 -18.85 28.41 -38.39
CA LEU V 72 -18.83 28.39 -39.85
C LEU V 72 -18.97 29.79 -40.46
N LEU V 73 -20.11 30.43 -40.22
CA LEU V 73 -20.40 31.81 -40.72
C LEU V 73 -19.29 32.83 -40.45
N GLU V 74 -18.70 32.76 -39.25
CA GLU V 74 -17.54 33.59 -38.90
C GLU V 74 -16.32 33.27 -39.77
N ALA V 75 -16.17 31.99 -40.12
CA ALA V 75 -15.05 31.52 -40.93
C ALA V 75 -15.22 31.93 -42.41
N ARG V 76 -16.46 31.88 -42.92
CA ARG V 76 -16.78 32.47 -44.25
C ARG V 76 -16.49 33.99 -44.21
N LYS V 77 -17.02 34.63 -43.17
CA LYS V 77 -16.75 36.04 -42.87
C LYS V 77 -15.26 36.42 -43.04
N ALA V 78 -14.36 35.44 -42.92
CA ALA V 78 -12.93 35.70 -42.83
C ALA V 78 -12.17 35.77 -44.16
N VAL V 79 -12.84 35.49 -45.28
CA VAL V 79 -12.14 35.19 -46.56
C VAL V 79 -11.57 36.44 -47.28
N GLU V 92 -16.42 32.93 -54.84
CA GLU V 92 -15.09 32.59 -54.35
C GLU V 92 -15.12 32.32 -52.84
N VAL V 93 -16.19 32.54 -52.13
CA VAL V 93 -16.35 32.15 -50.70
C VAL V 93 -16.54 30.64 -50.53
N ASP V 94 -17.18 30.03 -51.54
CA ASP V 94 -17.30 28.56 -51.62
C ASP V 94 -15.96 27.91 -51.92
N ALA V 95 -15.05 28.65 -52.56
CA ALA V 95 -13.74 28.12 -52.91
C ALA V 95 -12.89 27.85 -51.67
N ALA V 96 -12.82 28.83 -50.77
CA ALA V 96 -11.98 28.73 -49.58
C ALA V 96 -12.64 27.95 -48.43
N PHE V 97 -13.98 28.05 -48.33
CA PHE V 97 -14.72 27.51 -47.19
C PHE V 97 -16.09 27.00 -47.58
N PRO V 98 -16.14 25.94 -48.40
CA PRO V 98 -17.43 25.38 -48.83
C PRO V 98 -18.33 24.86 -47.68
N LEU V 99 -19.56 25.33 -47.59
CA LEU V 99 -20.52 24.79 -46.64
C LEU V 99 -20.90 23.35 -46.98
N GLU V 100 -20.55 22.87 -48.17
CA GLU V 100 -20.81 21.47 -48.51
C GLU V 100 -19.52 20.82 -48.98
N ARG V 101 -19.38 19.52 -48.67
CA ARG V 101 -18.14 18.79 -48.92
C ARG V 101 -17.67 18.94 -50.36
N PRO V 102 -16.49 19.55 -50.58
CA PRO V 102 -16.00 19.76 -51.93
C PRO V 102 -15.28 18.55 -52.42
N ASP V 103 -14.92 18.53 -53.71
CA ASP V 103 -14.26 17.37 -54.31
C ASP V 103 -12.71 17.41 -54.21
N TRP V 104 -12.17 18.07 -53.17
CA TRP V 104 -10.71 18.15 -52.93
C TRP V 104 -10.02 16.80 -52.73
N ASP V 105 -8.81 16.65 -53.28
CA ASP V 105 -8.00 15.43 -53.14
C ASP V 105 -6.80 15.73 -52.28
N TYR V 106 -6.70 15.02 -51.16
CA TYR V 106 -5.59 15.22 -50.22
C TYR V 106 -4.25 14.72 -50.77
N THR V 107 -4.30 13.88 -51.80
CA THR V 107 -3.07 13.36 -52.41
C THR V 107 -2.45 14.38 -53.38
N THR V 108 -3.27 15.30 -53.89
CA THR V 108 -2.84 16.35 -54.82
C THR V 108 -2.42 17.64 -54.07
N THR V 109 -1.32 18.27 -54.47
CA THR V 109 -0.88 19.56 -53.88
C THR V 109 -1.95 20.65 -53.96
N GLU V 110 -2.84 20.52 -54.94
CA GLU V 110 -3.97 21.39 -55.08
C GLU V 110 -4.89 21.22 -53.86
N GLY V 111 -5.23 19.96 -53.57
CA GLY V 111 -6.08 19.65 -52.42
C GLY V 111 -5.43 20.05 -51.11
N ARG V 112 -4.15 19.76 -50.97
CA ARG V 112 -3.48 20.04 -49.69
C ARG V 112 -3.51 21.52 -49.28
N ASN V 113 -3.39 22.41 -50.27
CA ASN V 113 -3.42 23.87 -50.03
C ASN V 113 -4.82 24.43 -49.71
N HIS V 114 -5.84 23.84 -50.33
CA HIS V 114 -7.22 24.18 -49.99
C HIS V 114 -7.52 23.74 -48.58
N LEU V 115 -6.98 22.59 -48.17
CA LEU V 115 -7.21 22.08 -46.82
C LEU V 115 -6.49 23.01 -45.87
N VAL V 116 -5.22 23.30 -46.15
CA VAL V 116 -4.47 24.24 -45.32
C VAL V 116 -5.37 25.45 -45.13
N LEU V 117 -5.80 26.06 -46.22
CA LEU V 117 -6.55 27.31 -46.11
C LEU V 117 -7.81 27.14 -45.24
N TYR V 118 -8.64 26.15 -45.57
CA TYR V 118 -9.86 25.85 -44.80
C TYR V 118 -9.62 25.79 -43.29
N ARG V 119 -8.50 25.22 -42.87
CA ARG V 119 -8.23 25.15 -41.44
C ARG V 119 -7.90 26.52 -40.89
N GLN V 120 -7.14 27.32 -41.63
CA GLN V 120 -6.76 28.68 -41.18
C GLN V 120 -8.02 29.48 -40.91
N LEU V 121 -8.96 29.41 -41.85
CA LEU V 121 -10.23 30.12 -41.78
C LEU V 121 -11.13 29.52 -40.70
N LEU V 122 -11.14 28.19 -40.56
CA LEU V 122 -11.88 27.50 -39.50
C LEU V 122 -11.31 27.77 -38.10
N LEU V 123 -10.07 28.25 -38.02
CA LEU V 123 -9.47 28.71 -36.75
C LEU V 123 -9.70 30.23 -36.53
N ALA V 124 -10.13 30.92 -37.59
CA ALA V 124 -10.60 32.27 -37.45
C ALA V 124 -12.03 32.21 -36.92
N GLY V 125 -12.80 31.25 -37.40
CA GLY V 125 -14.19 31.07 -36.96
C GLY V 125 -14.29 30.76 -35.47
N LEU V 126 -13.43 29.87 -34.99
CA LEU V 126 -13.38 29.54 -33.57
C LEU V 126 -12.81 30.66 -32.70
N GLN V 127 -12.10 31.62 -33.32
CA GLN V 127 -11.51 32.72 -32.55
C GLN V 127 -12.54 33.82 -32.42
N ASN V 128 -13.06 34.27 -33.56
CA ASN V 128 -14.10 35.31 -33.59
C ASN V 128 -15.32 34.91 -32.80
N ALA V 129 -15.93 33.78 -33.17
CA ALA V 129 -17.19 33.36 -32.58
C ALA V 129 -17.18 33.20 -31.05
N GLY V 130 -16.02 33.42 -30.41
CA GLY V 130 -15.91 33.57 -28.95
C GLY V 130 -15.90 35.04 -28.55
N ARG V 131 -14.90 35.77 -29.05
CA ARG V 131 -14.86 37.23 -28.97
C ARG V 131 -16.02 37.86 -29.72
N PRO W 1 -15.00 -0.87 -42.42
CA PRO W 1 -14.60 0.35 -43.08
C PRO W 1 -13.61 0.10 -44.23
N LEU W 2 -13.71 0.90 -45.29
CA LEU W 2 -12.77 0.85 -46.40
C LEU W 2 -11.97 2.10 -46.30
N ARG W 3 -10.70 2.02 -46.69
CA ARG W 3 -9.90 3.20 -46.89
C ARG W 3 -8.90 3.04 -48.05
N LEU W 4 -8.36 4.19 -48.46
CA LEU W 4 -7.35 4.26 -49.48
C LEU W 4 -6.00 4.07 -48.85
N GLY W 5 -5.39 2.89 -49.09
CA GLY W 5 -4.03 2.61 -48.64
C GLY W 5 -2.98 3.26 -49.54
N ASN W 7 -0.99 3.51 -52.42
CA ASN W 7 -0.84 2.54 -53.49
C ASN W 7 -2.09 2.40 -54.35
N GLY W 8 -3.10 3.22 -54.06
CA GLY W 8 -4.39 3.12 -54.72
C GLY W 8 -5.22 1.90 -54.36
N GLN W 9 -4.73 1.11 -53.39
CA GLN W 9 -5.43 -0.13 -53.02
C GLN W 9 -6.31 0.04 -51.76
N LEU W 10 -7.55 -0.42 -51.93
CA LEU W 10 -8.58 -0.36 -50.93
C LEU W 10 -8.29 -1.34 -49.80
N GLN W 11 -8.48 -0.85 -48.59
CA GLN W 11 -8.18 -1.61 -47.40
C GLN W 11 -9.44 -1.71 -46.54
N TYR W 12 -9.82 -2.94 -46.19
CA TYR W 12 -10.96 -3.18 -45.29
C TYR W 12 -10.51 -3.51 -43.86
N TRP W 13 -11.19 -2.90 -42.91
CA TRP W 13 -11.08 -3.34 -41.52
C TRP W 13 -12.44 -3.13 -40.88
N PRO W 14 -12.81 -4.00 -39.95
CA PRO W 14 -14.14 -3.87 -39.35
C PRO W 14 -14.17 -2.77 -38.29
N PHE W 15 -15.39 -2.24 -38.09
CA PHE W 15 -15.71 -1.34 -36.98
C PHE W 15 -15.20 -1.97 -35.70
N SER W 16 -14.39 -1.26 -34.95
CA SER W 16 -14.12 -1.68 -33.58
C SER W 16 -15.46 -1.55 -32.81
N SER W 17 -15.79 -2.56 -31.98
CA SER W 17 -17.00 -2.51 -31.18
C SER W 17 -17.08 -1.22 -30.38
N SER W 18 -15.97 -0.77 -29.83
CA SER W 18 -16.04 0.43 -29.01
C SER W 18 -16.43 1.71 -29.81
N ASP W 19 -16.34 1.69 -31.13
CA ASP W 19 -16.79 2.85 -31.90
C ASP W 19 -18.29 2.78 -32.05
N LEU W 20 -18.82 1.61 -32.41
CA LEU W 20 -20.25 1.49 -32.60
C LEU W 20 -20.94 1.72 -31.24
N TYR W 21 -20.51 1.01 -30.21
CA TYR W 21 -21.19 1.12 -28.94
C TYR W 21 -20.97 2.47 -28.29
N ASN W 22 -19.86 3.15 -28.56
CA ASN W 22 -19.70 4.51 -28.05
C ASN W 22 -20.69 5.40 -28.75
N TRP W 23 -20.91 5.16 -30.04
CA TRP W 23 -21.85 6.01 -30.77
C TRP W 23 -23.30 5.91 -30.28
N LYS W 24 -23.71 4.78 -29.72
CA LYS W 24 -25.06 4.63 -29.19
C LYS W 24 -25.14 5.43 -27.88
N ASN W 25 -24.39 4.95 -26.89
CA ASN W 25 -24.36 5.49 -25.54
C ASN W 25 -24.12 6.96 -25.40
N ASN W 26 -23.54 7.60 -26.40
CA ASN W 26 -23.32 9.09 -26.40
C ASN W 26 -24.39 9.88 -27.14
N ASN W 27 -25.37 9.21 -27.75
CA ASN W 27 -26.43 9.93 -28.49
C ASN W 27 -27.78 9.33 -28.16
N PRO W 28 -28.83 10.17 -28.15
CA PRO W 28 -30.18 9.63 -27.90
C PRO W 28 -30.65 8.79 -29.07
N SER W 29 -31.51 7.81 -28.79
CA SER W 29 -32.10 6.96 -29.82
C SER W 29 -32.76 7.77 -30.96
N PHE W 30 -32.86 7.08 -32.10
CA PHE W 30 -33.40 7.60 -33.36
C PHE W 30 -34.78 8.20 -33.17
N SER W 31 -35.65 7.47 -32.50
CA SER W 31 -36.94 7.98 -32.08
C SER W 31 -36.77 9.29 -31.25
N GLU W 32 -36.27 9.20 -30.01
CA GLU W 32 -36.03 10.40 -29.12
C GLU W 32 -35.50 11.66 -29.85
N ASP W 33 -34.50 11.47 -30.72
CA ASP W 33 -34.09 12.49 -31.70
C ASP W 33 -33.31 11.89 -32.92
N PRO W 34 -33.96 11.86 -34.12
CA PRO W 34 -33.37 11.29 -35.35
C PRO W 34 -32.26 12.10 -36.05
N GLY W 35 -32.37 13.42 -36.05
CA GLY W 35 -31.29 14.28 -36.59
C GLY W 35 -29.90 14.08 -35.96
N LYS W 36 -29.85 13.76 -34.66
CA LYS W 36 -28.59 13.34 -34.03
C LYS W 36 -28.05 12.11 -34.77
N LEU W 37 -28.73 10.95 -34.61
CA LEU W 37 -28.27 9.69 -35.22
C LEU W 37 -28.18 9.71 -36.74
N THR W 38 -28.58 10.80 -37.39
CA THR W 38 -28.46 10.91 -38.84
C THR W 38 -27.18 11.64 -39.15
N ALA W 39 -26.88 12.67 -38.35
CA ALA W 39 -25.68 13.50 -38.52
C ALA W 39 -24.42 12.71 -38.18
N LEU W 40 -24.57 11.66 -37.36
CA LEU W 40 -23.48 10.76 -37.02
C LEU W 40 -23.31 9.69 -38.06
N ILE W 41 -24.43 9.11 -38.52
CA ILE W 41 -24.37 8.10 -39.59
C ILE W 41 -23.91 8.72 -40.92
N GLU W 42 -24.44 9.87 -41.28
CA GLU W 42 -23.87 10.59 -42.42
C GLU W 42 -22.34 10.78 -42.30
N SER W 43 -21.86 11.23 -41.14
CA SER W 43 -20.43 11.55 -41.01
C SER W 43 -19.63 10.27 -41.21
N VAL W 44 -20.08 9.21 -40.56
CA VAL W 44 -19.41 7.92 -40.60
C VAL W 44 -19.46 7.38 -42.03
N LEU W 45 -20.63 7.51 -42.68
CA LEU W 45 -20.82 6.95 -44.05
C LEU W 45 -19.82 7.55 -45.02
N THR W 46 -19.20 8.66 -44.64
CA THR W 46 -18.21 9.27 -45.50
C THR W 46 -16.78 9.02 -45.02
N THR W 47 -16.54 9.06 -43.72
CA THR W 47 -15.20 8.93 -43.21
C THR W 47 -14.75 7.48 -43.09
N HIS W 48 -15.68 6.55 -42.93
CA HIS W 48 -15.32 5.14 -42.77
C HIS W 48 -15.66 4.35 -44.01
N GLN W 49 -16.09 5.02 -45.07
CA GLN W 49 -16.40 4.35 -46.36
C GLN W 49 -16.89 2.88 -46.20
N PRO W 50 -17.98 2.66 -45.44
CA PRO W 50 -18.39 1.33 -45.01
C PRO W 50 -18.97 0.49 -46.09
N THR W 51 -18.65 -0.80 -46.08
CA THR W 51 -19.22 -1.77 -46.98
C THR W 51 -20.71 -1.93 -46.75
N TRP W 52 -21.35 -2.76 -47.56
CA TRP W 52 -22.75 -3.14 -47.30
C TRP W 52 -22.89 -3.72 -45.90
N ASP W 53 -22.16 -4.80 -45.63
CA ASP W 53 -22.26 -5.46 -44.34
C ASP W 53 -21.96 -4.46 -43.24
N ASP W 54 -20.94 -3.62 -43.44
CA ASP W 54 -20.66 -2.54 -42.51
C ASP W 54 -21.90 -1.70 -42.15
N CYS W 55 -22.77 -1.43 -43.12
CA CYS W 55 -24.00 -0.68 -42.87
C CYS W 55 -25.02 -1.48 -42.06
N GLN W 56 -25.08 -2.79 -42.29
CA GLN W 56 -25.99 -3.66 -41.52
C GLN W 56 -25.57 -3.75 -40.06
N GLN W 57 -24.28 -3.55 -39.79
CA GLN W 57 -23.81 -3.45 -38.41
C GLN W 57 -24.02 -2.05 -37.84
N LEU W 58 -23.74 -1.01 -38.63
CA LEU W 58 -24.01 0.35 -38.18
C LEU W 58 -25.42 0.28 -37.67
N LEU W 59 -26.33 -0.03 -38.59
CA LEU W 59 -27.76 0.12 -38.34
C LEU W 59 -28.24 -0.77 -37.20
N GLY W 60 -27.89 -2.06 -37.22
CA GLY W 60 -28.27 -2.99 -36.15
C GLY W 60 -27.94 -2.44 -34.76
N THR W 61 -26.70 -2.00 -34.59
CA THR W 61 -26.23 -1.53 -33.29
C THR W 61 -26.83 -0.16 -32.88
N LEU W 62 -27.24 0.68 -33.81
CA LEU W 62 -27.65 2.04 -33.44
C LEU W 62 -29.17 2.20 -33.38
N LEU W 63 -29.88 1.42 -34.22
CA LEU W 63 -31.32 1.50 -34.36
C LEU W 63 -31.97 0.21 -33.84
N THR W 64 -33.28 0.26 -33.59
CA THR W 64 -34.08 -0.90 -33.21
C THR W 64 -34.65 -1.49 -34.47
N GLY W 65 -35.21 -2.69 -34.34
CA GLY W 65 -35.79 -3.39 -35.49
C GLY W 65 -36.81 -2.58 -36.26
N GLU W 66 -37.65 -1.84 -35.54
CA GLU W 66 -38.71 -1.09 -36.20
C GLU W 66 -38.10 0.10 -36.93
N GLU W 67 -37.10 0.70 -36.30
CA GLU W 67 -36.41 1.86 -36.87
C GLU W 67 -35.60 1.51 -38.13
N LYS W 68 -35.00 0.32 -38.13
CA LYS W 68 -34.19 -0.16 -39.26
C LYS W 68 -35.07 -0.52 -40.45
N GLN W 69 -36.18 -1.20 -40.18
CA GLN W 69 -37.13 -1.60 -41.23
C GLN W 69 -37.70 -0.35 -41.95
N ARG W 70 -37.97 0.70 -41.20
CA ARG W 70 -38.50 1.94 -41.77
C ARG W 70 -37.46 2.63 -42.66
N VAL W 71 -36.23 2.68 -42.18
CA VAL W 71 -35.15 3.31 -42.94
C VAL W 71 -34.96 2.61 -44.26
N LEU W 72 -34.88 1.28 -44.21
CA LEU W 72 -34.64 0.48 -45.41
C LEU W 72 -35.70 0.80 -46.47
N LEU W 73 -36.95 0.47 -46.15
CA LEU W 73 -38.09 0.77 -47.02
C LEU W 73 -38.05 2.19 -47.55
N GLU W 74 -37.82 3.16 -46.67
CA GLU W 74 -37.78 4.56 -47.08
C GLU W 74 -36.66 4.83 -48.08
N ALA W 75 -35.47 4.25 -47.80
CA ALA W 75 -34.33 4.33 -48.71
C ALA W 75 -34.78 3.82 -50.06
N ARG W 76 -35.36 2.62 -50.04
CA ARG W 76 -35.89 1.97 -51.24
C ARG W 76 -36.80 2.91 -52.06
N LYS W 77 -37.71 3.62 -51.40
CA LYS W 77 -38.62 4.56 -52.09
C LYS W 77 -37.95 5.67 -52.90
N ALA W 78 -36.65 5.90 -52.73
CA ALA W 78 -35.91 6.91 -53.50
C ALA W 78 -34.99 6.32 -54.59
N VAL W 79 -35.31 5.11 -55.09
CA VAL W 79 -34.57 4.54 -56.21
C VAL W 79 -35.09 5.16 -57.52
N ARG W 80 -34.32 6.10 -58.08
CA ARG W 80 -34.67 6.81 -59.31
C ARG W 80 -33.87 6.21 -60.48
N GLN W 88 -37.51 1.67 -61.37
CA GLN W 88 -38.53 1.71 -60.33
C GLN W 88 -39.31 0.38 -60.18
N LEU W 89 -39.00 -0.60 -61.04
CA LEU W 89 -39.58 -1.95 -60.93
C LEU W 89 -38.95 -2.69 -59.74
N PRO W 90 -39.61 -3.76 -59.25
CA PRO W 90 -39.03 -4.60 -58.20
C PRO W 90 -37.55 -4.97 -58.40
N ASN W 91 -37.17 -5.36 -59.62
CA ASN W 91 -35.78 -5.76 -59.90
C ASN W 91 -34.78 -4.60 -59.82
N GLU W 92 -35.19 -3.40 -60.25
CA GLU W 92 -34.32 -2.22 -60.25
C GLU W 92 -34.14 -1.68 -58.83
N VAL W 93 -35.11 -1.96 -57.97
CA VAL W 93 -35.05 -1.63 -56.54
C VAL W 93 -34.03 -2.55 -55.85
N ASP W 94 -34.17 -3.86 -56.07
CA ASP W 94 -33.27 -4.85 -55.50
C ASP W 94 -31.82 -4.64 -55.94
N ALA W 95 -31.59 -4.10 -57.13
CA ALA W 95 -30.23 -3.87 -57.66
C ALA W 95 -29.53 -2.67 -57.00
N ALA W 96 -30.32 -1.69 -56.58
CA ALA W 96 -29.77 -0.47 -55.99
C ALA W 96 -29.72 -0.57 -54.48
N PHE W 97 -30.81 -1.05 -53.88
CA PHE W 97 -30.90 -1.17 -52.43
C PHE W 97 -31.34 -2.54 -51.90
N PRO W 98 -30.47 -3.57 -52.04
CA PRO W 98 -30.77 -4.96 -51.65
C PRO W 98 -30.91 -5.27 -50.13
N LEU W 99 -31.94 -6.06 -49.78
CA LEU W 99 -32.11 -6.54 -48.43
C LEU W 99 -31.19 -7.74 -48.19
N GLU W 100 -31.10 -8.63 -49.18
CA GLU W 100 -30.15 -9.74 -49.11
C GLU W 100 -28.77 -9.16 -49.45
N ARG W 101 -27.73 -9.76 -48.88
CA ARG W 101 -26.33 -9.36 -49.14
C ARG W 101 -26.04 -9.42 -50.65
N PRO W 102 -25.60 -8.30 -51.25
CA PRO W 102 -25.23 -8.32 -52.66
C PRO W 102 -23.81 -8.87 -52.92
N ASP W 103 -23.50 -9.13 -54.19
CA ASP W 103 -22.23 -9.73 -54.62
C ASP W 103 -21.11 -8.72 -54.90
N TRP W 104 -21.29 -7.48 -54.43
CA TRP W 104 -20.41 -6.37 -54.77
C TRP W 104 -18.99 -6.53 -54.25
N ASP W 105 -18.05 -6.53 -55.19
CA ASP W 105 -16.62 -6.57 -54.92
C ASP W 105 -16.10 -5.15 -54.84
N TYR W 106 -15.66 -4.71 -53.67
CA TYR W 106 -15.11 -3.34 -53.50
C TYR W 106 -13.81 -3.04 -54.27
N THR W 107 -13.09 -4.08 -54.70
CA THR W 107 -11.85 -3.88 -55.45
C THR W 107 -12.15 -3.61 -56.93
N THR W 108 -13.41 -3.80 -57.35
CA THR W 108 -13.85 -3.51 -58.72
C THR W 108 -14.54 -2.15 -58.85
N THR W 109 -14.86 -1.77 -60.07
CA THR W 109 -15.36 -0.41 -60.34
C THR W 109 -16.85 -0.36 -60.08
N GLU W 110 -17.59 -1.29 -60.67
CA GLU W 110 -19.04 -1.36 -60.49
C GLU W 110 -19.41 -1.68 -59.02
N GLY W 111 -18.51 -2.37 -58.33
CA GLY W 111 -18.72 -2.74 -56.95
C GLY W 111 -18.74 -1.50 -56.09
N ARG W 112 -17.71 -0.67 -56.26
CA ARG W 112 -17.62 0.61 -55.54
C ARG W 112 -18.73 1.56 -55.94
N ASN W 113 -19.14 1.49 -57.21
CA ASN W 113 -20.25 2.30 -57.73
C ASN W 113 -21.57 2.06 -57.03
N HIS W 114 -21.89 0.78 -56.92
CA HIS W 114 -23.03 0.36 -56.15
C HIS W 114 -22.87 0.93 -54.73
N LEU W 115 -21.84 0.47 -54.02
CA LEU W 115 -21.53 1.03 -52.72
C LEU W 115 -21.84 2.53 -52.60
N VAL W 116 -21.37 3.35 -53.54
CA VAL W 116 -21.64 4.81 -53.48
C VAL W 116 -23.15 5.09 -53.63
N LEU W 117 -23.78 4.51 -54.64
CA LEU W 117 -25.22 4.68 -54.79
C LEU W 117 -25.94 4.30 -53.50
N TYR W 118 -25.75 3.06 -53.07
CA TYR W 118 -26.38 2.52 -51.86
C TYR W 118 -26.29 3.48 -50.67
N ARG W 119 -25.13 4.07 -50.47
CA ARG W 119 -24.90 5.02 -49.37
C ARG W 119 -25.63 6.36 -49.49
N GLN W 120 -26.02 6.76 -50.69
CA GLN W 120 -26.89 7.93 -50.86
C GLN W 120 -28.27 7.50 -50.47
N LEU W 121 -28.68 6.37 -51.02
CA LEU W 121 -30.01 5.80 -50.75
C LEU W 121 -30.25 5.57 -49.25
N LEU W 122 -29.22 5.11 -48.55
CA LEU W 122 -29.35 4.79 -47.13
C LEU W 122 -29.48 6.11 -46.36
N LEU W 123 -28.78 7.15 -46.81
CA LEU W 123 -28.98 8.48 -46.19
C LEU W 123 -30.42 9.00 -46.46
N ALA W 124 -30.87 8.89 -47.71
CA ALA W 124 -32.23 9.31 -48.06
C ALA W 124 -33.24 8.63 -47.13
N GLY W 125 -33.12 7.32 -46.99
CA GLY W 125 -34.02 6.55 -46.14
C GLY W 125 -33.93 7.00 -44.70
N LEU W 126 -32.70 7.21 -44.24
CA LEU W 126 -32.46 7.63 -42.86
C LEU W 126 -33.08 9.00 -42.62
N GLN W 127 -33.03 9.85 -43.66
CA GLN W 127 -33.59 11.20 -43.61
C GLN W 127 -35.12 11.23 -43.75
N ASN W 128 -35.67 10.57 -44.77
CA ASN W 128 -37.14 10.50 -44.93
C ASN W 128 -37.78 9.89 -43.70
N ALA W 129 -37.37 8.67 -43.38
CA ALA W 129 -37.93 7.95 -42.23
C ALA W 129 -37.89 8.75 -40.93
N GLY W 130 -37.00 9.74 -40.86
CA GLY W 130 -36.92 10.61 -39.70
C GLY W 130 -37.73 11.89 -39.83
N ARG W 131 -38.65 11.94 -40.80
CA ARG W 131 -39.61 13.05 -40.93
C ARG W 131 -40.75 12.80 -39.92
N SER W 132 -41.43 11.66 -40.10
CA SER W 132 -42.52 11.20 -39.22
C SER W 132 -42.25 11.38 -37.71
N PRO X 1 -9.95 -13.64 -37.00
CA PRO X 1 -10.31 -12.78 -38.08
C PRO X 1 -9.35 -12.83 -39.28
N LEU X 2 -9.95 -12.92 -40.47
CA LEU X 2 -9.22 -12.91 -41.72
C LEU X 2 -9.59 -11.63 -42.45
N ARG X 3 -8.58 -10.91 -42.88
CA ARG X 3 -8.75 -9.82 -43.81
C ARG X 3 -7.51 -9.82 -44.73
N LEU X 4 -7.60 -9.10 -45.84
CA LEU X 4 -6.43 -8.86 -46.70
C LEU X 4 -5.52 -7.89 -45.97
N GLY X 5 -4.38 -8.39 -45.50
CA GLY X 5 -3.40 -7.55 -44.79
C GLY X 5 -2.92 -6.42 -45.68
N GLY X 6 -1.94 -5.66 -45.18
CA GLY X 6 -1.37 -4.54 -45.94
C GLY X 6 -0.73 -4.85 -47.30
N ASN X 7 -0.81 -6.10 -47.77
CA ASN X 7 -0.17 -6.48 -49.03
C ASN X 7 -1.07 -7.28 -50.01
N GLY X 8 -2.39 -7.16 -49.88
CA GLY X 8 -3.33 -7.81 -50.80
C GLY X 8 -3.59 -9.30 -50.53
N GLN X 9 -2.67 -9.92 -49.78
CA GLN X 9 -2.79 -11.34 -49.41
C GLN X 9 -3.57 -11.52 -48.13
N LEU X 10 -4.30 -12.61 -48.05
CA LEU X 10 -5.16 -12.87 -46.94
C LEU X 10 -4.30 -13.15 -45.72
N GLN X 11 -4.76 -12.67 -44.57
CA GLN X 11 -3.99 -12.70 -43.33
C GLN X 11 -4.93 -12.75 -42.10
N TYR X 12 -4.34 -13.05 -40.96
CA TYR X 12 -5.08 -13.43 -39.76
C TYR X 12 -4.73 -12.54 -38.55
N TRP X 13 -5.74 -12.21 -37.74
CA TRP X 13 -5.53 -11.62 -36.40
C TRP X 13 -6.64 -12.15 -35.47
N PRO X 14 -6.32 -12.39 -34.19
CA PRO X 14 -7.32 -13.01 -33.32
C PRO X 14 -8.27 -11.93 -32.88
N PHE X 15 -9.45 -12.31 -32.38
CA PHE X 15 -10.41 -11.32 -31.88
C PHE X 15 -9.79 -10.54 -30.73
N SER X 16 -10.04 -9.23 -30.70
CA SER X 16 -9.98 -8.43 -29.45
C SER X 16 -11.03 -8.99 -28.45
N SER X 17 -10.57 -9.34 -27.24
CA SER X 17 -11.50 -9.77 -26.19
C SER X 17 -12.41 -8.60 -25.84
N SER X 18 -11.88 -7.39 -25.93
CA SER X 18 -12.74 -6.21 -25.78
C SER X 18 -13.94 -6.30 -26.69
N ASP X 19 -13.74 -6.71 -27.94
CA ASP X 19 -14.86 -6.84 -28.85
C ASP X 19 -15.77 -7.99 -28.47
N LEU X 20 -15.24 -9.13 -28.04
CA LEU X 20 -16.13 -10.29 -27.78
C LEU X 20 -17.00 -10.11 -26.52
N TYR X 21 -16.46 -9.43 -25.51
CA TYR X 21 -17.18 -9.24 -24.26
C TYR X 21 -18.17 -8.07 -24.38
N ASN X 22 -17.82 -7.03 -25.15
CA ASN X 22 -18.78 -5.96 -25.48
C ASN X 22 -19.97 -6.59 -26.19
N TRP X 23 -19.70 -7.44 -27.16
CA TRP X 23 -20.78 -8.13 -27.85
C TRP X 23 -21.67 -8.93 -26.85
N LYS X 24 -21.07 -9.44 -25.77
CA LYS X 24 -21.82 -10.22 -24.78
C LYS X 24 -22.64 -9.28 -23.91
N ASN X 25 -21.97 -8.20 -23.48
CA ASN X 25 -22.46 -7.25 -22.49
C ASN X 25 -23.36 -6.17 -22.98
N ASN X 26 -23.81 -6.24 -24.24
CA ASN X 26 -24.77 -5.27 -24.79
C ASN X 26 -25.84 -6.04 -25.51
N ASN X 27 -26.08 -7.25 -25.05
CA ASN X 27 -27.15 -8.04 -25.63
C ASN X 27 -27.70 -9.05 -24.60
N PRO X 28 -28.97 -9.39 -24.75
CA PRO X 28 -29.48 -10.42 -23.88
C PRO X 28 -28.89 -11.75 -24.27
N SER X 29 -29.05 -12.74 -23.40
CA SER X 29 -28.55 -14.08 -23.63
C SER X 29 -29.17 -14.61 -24.92
N PHE X 30 -28.60 -15.68 -25.45
CA PHE X 30 -29.08 -16.26 -26.69
C PHE X 30 -30.52 -16.73 -26.47
N SER X 31 -30.73 -17.67 -25.54
CA SER X 31 -32.08 -18.20 -25.27
C SER X 31 -33.11 -17.10 -24.93
N GLU X 32 -32.73 -16.17 -24.03
CA GLU X 32 -33.57 -15.01 -23.62
C GLU X 32 -34.13 -14.19 -24.78
N ASP X 33 -33.37 -14.13 -25.88
CA ASP X 33 -33.81 -13.57 -27.17
C ASP X 33 -32.74 -13.91 -28.24
N PRO X 34 -33.00 -14.92 -29.09
CA PRO X 34 -32.04 -15.36 -30.12
C PRO X 34 -31.62 -14.31 -31.14
N GLY X 35 -32.61 -13.69 -31.78
CA GLY X 35 -32.38 -12.81 -32.92
C GLY X 35 -31.20 -11.90 -32.72
N LYS X 36 -31.24 -11.16 -31.61
CA LYS X 36 -30.19 -10.21 -31.28
C LYS X 36 -28.79 -10.80 -31.55
N LEU X 37 -28.25 -11.55 -30.60
CA LEU X 37 -26.95 -12.20 -30.80
C LEU X 37 -26.86 -12.90 -32.15
N THR X 38 -27.97 -13.51 -32.61
CA THR X 38 -27.95 -14.22 -33.89
C THR X 38 -27.58 -13.30 -35.04
N ALA X 39 -28.14 -12.09 -35.07
CA ALA X 39 -27.86 -11.17 -36.15
C ALA X 39 -26.46 -10.60 -35.96
N LEU X 40 -26.04 -10.42 -34.71
CA LEU X 40 -24.68 -9.93 -34.42
C LEU X 40 -23.71 -10.99 -34.89
N ILE X 41 -23.88 -12.20 -34.38
CA ILE X 41 -23.04 -13.30 -34.83
C ILE X 41 -23.11 -13.39 -36.37
N GLU X 42 -24.24 -12.97 -36.94
CA GLU X 42 -24.46 -13.09 -38.38
C GLU X 42 -23.56 -12.16 -39.18
N SER X 43 -23.59 -10.88 -38.84
CA SER X 43 -22.71 -9.90 -39.49
C SER X 43 -21.21 -10.08 -39.13
N VAL X 44 -20.91 -10.50 -37.91
CA VAL X 44 -19.50 -10.70 -37.52
C VAL X 44 -18.89 -11.81 -38.38
N LEU X 45 -19.67 -12.89 -38.56
CA LEU X 45 -19.27 -14.01 -39.41
C LEU X 45 -18.78 -13.51 -40.74
N THR X 46 -19.43 -12.48 -41.27
CA THR X 46 -18.98 -11.96 -42.54
C THR X 46 -17.93 -10.90 -42.38
N THR X 47 -18.20 -9.85 -41.62
CA THR X 47 -17.24 -8.75 -41.53
C THR X 47 -15.89 -9.07 -40.83
N HIS X 48 -15.83 -10.19 -40.11
CA HIS X 48 -14.61 -10.64 -39.47
C HIS X 48 -14.10 -11.97 -40.06
N GLN X 49 -14.94 -12.67 -40.82
CA GLN X 49 -14.48 -13.81 -41.59
C GLN X 49 -13.65 -14.70 -40.68
N PRO X 50 -14.27 -15.10 -39.55
CA PRO X 50 -13.60 -15.89 -38.53
C PRO X 50 -13.15 -17.24 -39.04
N THR X 51 -11.96 -17.69 -38.63
CA THR X 51 -11.55 -19.07 -38.86
C THR X 51 -12.43 -20.01 -38.03
N TRP X 52 -12.15 -21.32 -38.05
CA TRP X 52 -12.90 -22.32 -37.27
C TRP X 52 -12.65 -22.11 -35.77
N ASP X 53 -11.41 -21.84 -35.42
CA ASP X 53 -11.07 -21.58 -34.04
C ASP X 53 -11.75 -20.29 -33.63
N ASP X 54 -11.60 -19.24 -34.43
CA ASP X 54 -12.30 -17.97 -34.15
C ASP X 54 -13.78 -18.20 -33.77
N CYS X 55 -14.44 -19.19 -34.38
CA CYS X 55 -15.89 -19.39 -34.18
C CYS X 55 -16.17 -20.00 -32.83
N GLN X 56 -15.48 -21.11 -32.57
CA GLN X 56 -15.43 -21.72 -31.24
C GLN X 56 -15.36 -20.64 -30.17
N GLN X 57 -14.41 -19.74 -30.36
CA GLN X 57 -14.18 -18.67 -29.43
C GLN X 57 -15.34 -17.65 -29.39
N LEU X 58 -15.86 -17.28 -30.55
CA LEU X 58 -17.01 -16.36 -30.64
C LEU X 58 -18.18 -16.96 -29.84
N LEU X 59 -18.49 -18.23 -30.12
CA LEU X 59 -19.64 -18.89 -29.50
C LEU X 59 -19.39 -19.12 -28.01
N GLY X 60 -18.19 -19.62 -27.68
CA GLY X 60 -17.83 -19.88 -26.29
C GLY X 60 -17.96 -18.68 -25.35
N THR X 61 -17.70 -17.48 -25.88
CA THR X 61 -17.85 -16.26 -25.13
C THR X 61 -19.28 -15.78 -25.10
N LEU X 62 -20.11 -16.26 -26.04
CA LEU X 62 -21.47 -15.74 -26.23
C LEU X 62 -22.60 -16.75 -25.99
N LEU X 63 -22.26 -18.01 -25.79
CA LEU X 63 -23.27 -19.03 -25.57
C LEU X 63 -22.89 -19.86 -24.33
N THR X 64 -23.90 -20.42 -23.67
CA THR X 64 -23.74 -21.36 -22.53
C THR X 64 -23.45 -22.75 -23.06
N GLY X 65 -22.78 -23.59 -22.27
CA GLY X 65 -22.55 -24.99 -22.66
C GLY X 65 -23.74 -25.51 -23.47
N GLU X 66 -24.93 -25.49 -22.87
CA GLU X 66 -26.17 -25.97 -23.54
C GLU X 66 -26.44 -25.32 -24.91
N GLU X 67 -26.30 -23.99 -24.97
CA GLU X 67 -26.54 -23.26 -26.22
C GLU X 67 -25.56 -23.71 -27.33
N LYS X 68 -24.26 -23.70 -27.04
CA LYS X 68 -23.28 -24.21 -28.00
C LYS X 68 -23.58 -25.67 -28.40
N GLN X 69 -24.09 -26.46 -27.45
CA GLN X 69 -24.60 -27.82 -27.74
C GLN X 69 -25.66 -27.81 -28.83
N ARG X 70 -26.73 -27.06 -28.56
CA ARG X 70 -27.91 -26.99 -29.44
C ARG X 70 -27.53 -26.40 -30.80
N VAL X 71 -26.83 -25.28 -30.78
CA VAL X 71 -26.43 -24.61 -31.98
C VAL X 71 -25.68 -25.56 -32.94
N LEU X 72 -24.61 -26.20 -32.45
CA LEU X 72 -23.80 -27.09 -33.31
C LEU X 72 -24.53 -28.37 -33.73
N LEU X 73 -25.55 -28.80 -32.97
CA LEU X 73 -26.33 -29.99 -33.37
C LEU X 73 -27.19 -29.68 -34.60
N GLU X 74 -27.82 -28.50 -34.58
CA GLU X 74 -28.67 -28.09 -35.71
C GLU X 74 -27.80 -27.84 -36.95
N ALA X 75 -26.64 -27.19 -36.74
CA ALA X 75 -25.65 -26.98 -37.81
C ALA X 75 -25.36 -28.29 -38.51
N ARG X 76 -25.21 -29.34 -37.71
CA ARG X 76 -25.05 -30.71 -38.22
C ARG X 76 -26.32 -31.19 -38.95
N LYS X 77 -27.49 -30.93 -38.34
CA LYS X 77 -28.78 -31.20 -39.00
C LYS X 77 -28.80 -30.67 -40.44
N ALA X 78 -28.60 -29.37 -40.61
CA ALA X 78 -28.79 -28.72 -41.94
C ALA X 78 -27.65 -28.89 -42.94
N VAL X 79 -26.84 -29.94 -42.79
CA VAL X 79 -25.61 -30.06 -43.57
C VAL X 79 -25.97 -30.29 -45.03
N THR X 87 -28.24 -35.58 -46.67
CA THR X 87 -27.41 -35.02 -45.60
C THR X 87 -27.61 -35.82 -44.29
N GLN X 88 -27.13 -37.06 -44.29
CA GLN X 88 -27.07 -37.92 -43.09
C GLN X 88 -25.79 -38.80 -43.02
N LEU X 89 -24.98 -38.80 -44.08
CA LEU X 89 -23.72 -39.58 -44.13
C LEU X 89 -22.67 -39.00 -43.17
N PRO X 90 -22.16 -39.80 -42.21
CA PRO X 90 -21.16 -39.29 -41.24
C PRO X 90 -19.95 -38.59 -41.89
N ASN X 91 -19.31 -39.26 -42.85
CA ASN X 91 -18.08 -38.75 -43.50
C ASN X 91 -18.17 -37.33 -44.09
N GLU X 92 -19.34 -36.93 -44.58
CA GLU X 92 -19.47 -35.57 -45.12
C GLU X 92 -20.16 -34.58 -44.16
N VAL X 93 -20.79 -35.10 -43.10
CA VAL X 93 -21.36 -34.25 -42.03
C VAL X 93 -20.24 -33.56 -41.27
N ASP X 94 -19.13 -34.28 -41.11
CA ASP X 94 -17.93 -33.74 -40.49
C ASP X 94 -17.13 -32.94 -41.51
N ALA X 95 -16.91 -33.50 -42.71
CA ALA X 95 -16.25 -32.78 -43.81
C ALA X 95 -16.68 -31.31 -43.87
N ALA X 96 -17.99 -31.09 -43.80
CA ALA X 96 -18.61 -29.76 -43.92
C ALA X 96 -18.63 -28.99 -42.60
N PHE X 97 -18.85 -29.69 -41.48
CA PHE X 97 -19.05 -29.06 -40.16
C PHE X 97 -18.42 -29.89 -39.03
N PRO X 98 -17.09 -29.83 -38.91
CA PRO X 98 -16.40 -30.68 -37.93
C PRO X 98 -16.48 -30.11 -36.50
N LEU X 99 -16.81 -30.95 -35.52
CA LEU X 99 -16.84 -30.51 -34.13
C LEU X 99 -15.41 -30.29 -33.57
N GLU X 100 -14.43 -31.01 -34.10
CA GLU X 100 -13.03 -30.84 -33.67
C GLU X 100 -12.20 -30.20 -34.73
N ARG X 101 -11.08 -29.64 -34.30
CA ARG X 101 -10.28 -28.78 -35.16
C ARG X 101 -9.96 -29.46 -36.49
N PRO X 102 -10.43 -28.87 -37.61
CA PRO X 102 -9.95 -29.33 -38.92
C PRO X 102 -8.65 -28.61 -39.23
N ASP X 103 -8.06 -28.90 -40.38
CA ASP X 103 -6.84 -28.19 -40.84
C ASP X 103 -7.12 -27.64 -42.21
N TRP X 104 -8.07 -26.71 -42.24
CA TRP X 104 -8.47 -26.02 -43.44
C TRP X 104 -7.39 -25.01 -43.81
N ASP X 105 -7.10 -24.90 -45.11
CA ASP X 105 -6.07 -24.00 -45.62
C ASP X 105 -6.74 -22.77 -46.19
N TYR X 106 -6.87 -21.75 -45.33
CA TYR X 106 -7.49 -20.48 -45.71
C TYR X 106 -6.70 -19.69 -46.75
N THR X 107 -5.49 -20.16 -47.09
CA THR X 107 -4.73 -19.60 -48.23
C THR X 107 -5.28 -20.09 -49.58
N THR X 108 -5.69 -21.35 -49.67
CA THR X 108 -6.30 -21.90 -50.90
C THR X 108 -7.83 -21.78 -50.93
N THR X 109 -8.41 -22.02 -52.11
CA THR X 109 -9.88 -22.18 -52.30
C THR X 109 -10.35 -23.58 -51.90
N GLU X 110 -9.42 -24.42 -51.41
CA GLU X 110 -9.78 -25.62 -50.68
C GLU X 110 -10.43 -25.13 -49.39
N GLY X 111 -9.61 -24.54 -48.52
CA GLY X 111 -10.06 -24.08 -47.22
C GLY X 111 -11.05 -22.94 -47.28
N ARG X 112 -10.69 -21.89 -48.02
CA ARG X 112 -11.53 -20.68 -48.10
C ARG X 112 -12.97 -21.01 -48.46
N ASN X 113 -13.15 -22.02 -49.32
CA ASN X 113 -14.48 -22.60 -49.55
C ASN X 113 -15.07 -23.18 -48.28
N HIS X 114 -14.33 -24.13 -47.68
CA HIS X 114 -14.79 -24.80 -46.46
C HIS X 114 -15.24 -23.83 -45.33
N LEU X 115 -14.49 -22.76 -45.10
CA LEU X 115 -14.89 -21.79 -44.09
C LEU X 115 -16.31 -21.34 -44.36
N VAL X 116 -16.54 -20.82 -45.58
CA VAL X 116 -17.86 -20.28 -45.98
C VAL X 116 -19.00 -21.27 -45.71
N LEU X 117 -18.80 -22.53 -46.07
CA LEU X 117 -19.79 -23.55 -45.75
C LEU X 117 -20.02 -23.53 -44.25
N TYR X 118 -18.95 -23.72 -43.48
CA TYR X 118 -19.01 -23.76 -42.00
C TYR X 118 -19.75 -22.57 -41.42
N ARG X 119 -19.43 -21.38 -41.91
CA ARG X 119 -20.16 -20.17 -41.50
C ARG X 119 -21.67 -20.21 -41.83
N GLN X 120 -22.02 -20.32 -43.12
CA GLN X 120 -23.42 -20.48 -43.54
C GLN X 120 -24.10 -21.58 -42.76
N LEU X 121 -23.34 -22.63 -42.46
CA LEU X 121 -23.86 -23.75 -41.64
C LEU X 121 -24.01 -23.42 -40.15
N LEU X 122 -23.10 -22.60 -39.60
CA LEU X 122 -23.22 -22.17 -38.21
C LEU X 122 -24.45 -21.29 -38.08
N LEU X 123 -24.64 -20.46 -39.10
CA LEU X 123 -25.78 -19.56 -39.15
C LEU X 123 -27.10 -20.31 -39.15
N ALA X 124 -27.17 -21.38 -39.91
CA ALA X 124 -28.33 -22.26 -39.82
C ALA X 124 -28.50 -22.65 -38.37
N GLY X 125 -27.41 -23.16 -37.79
CA GLY X 125 -27.45 -23.66 -36.40
C GLY X 125 -28.19 -22.71 -35.50
N LEU X 126 -27.61 -21.51 -35.37
CA LEU X 126 -28.17 -20.38 -34.61
C LEU X 126 -29.67 -20.16 -34.85
N GLN X 127 -30.03 -19.92 -36.12
CA GLN X 127 -31.43 -19.82 -36.55
C GLN X 127 -32.25 -20.99 -35.98
N ASN X 128 -31.89 -22.20 -36.36
CA ASN X 128 -32.71 -23.36 -35.99
C ASN X 128 -32.85 -23.66 -34.51
N ALA X 129 -31.84 -23.31 -33.70
CA ALA X 129 -31.94 -23.55 -32.26
C ALA X 129 -32.99 -22.63 -31.66
N GLY X 130 -33.15 -21.45 -32.26
CA GLY X 130 -34.13 -20.47 -31.80
C GLY X 130 -35.52 -20.73 -32.35
N ARG X 131 -35.86 -20.04 -33.46
CA ARG X 131 -37.16 -20.15 -34.12
C ARG X 131 -37.24 -21.40 -34.99
#